data_8DKC
#
_entry.id   8DKC
#
_cell.length_a   1.00
_cell.length_b   1.00
_cell.length_c   1.00
_cell.angle_alpha   90.00
_cell.angle_beta   90.00
_cell.angle_gamma   90.00
#
_symmetry.space_group_name_H-M   'P 1'
#
loop_
_entity.id
_entity.type
_entity.pdbx_description
1 polymer 'DNA-directed RNA polymerase subunit alpha'
2 polymer 'DNA-directed RNA polymerase subunit beta'
3 polymer "DNA-directed RNA polymerase subunit beta'"
4 polymer 'RNA polymerase Rpb6'
#
loop_
_entity_poly.entity_id
_entity_poly.type
_entity_poly.pdbx_seq_one_letter_code
_entity_poly.pdbx_strand_id
1 'polypeptide(L)'
;MAILAFQKPENVLMMETSDSIAKFEFKPLEPGYGITIGNALRRILLSSLEGFAITAIKIEGVEHEFATIPGVLEDVTNII
LNLKQVRFKQIVPNADVEKATIVISNSEVFRAGDLNAQLSNFEVLNSNLVICHLDKSATLTMEFSINKGRGYVSAEENRA
EHNELSTIAIDSIYTPIRNVKYAVENFRVEQKTDYEKLLMEVTTDGSIRPVDALREAAQILISHFSLFAENKIAIEYVDI
VDTDEFDEDSLHMRQLLKSKLSGLDLSVRALNCLNAAGVDTLGDLVSLSRSDLMKIRNFGKKSLTELDELLATLNLSFGM
DISKYKLDKD
;
A,B
2 'polypeptide(L)'
;MTPTTNNKRINFASIKNPLFYPDFLEVQLKSFHDFLQLDTPPERRKKEGLYKVFAENFPITDTRNNFVLEFLDYYIDPPK
YSIEECLSRGLTYSVPLKAKLKLYCTDPDHEDFATVIQDVFLGPIPYMTSSGTFVINGAERVIVSQLHRSPGVFFGQSLH
TNGTKLYSARIIPFKGSWIEFATDINNVMYAYIDRKKKLPVTTLLRAIGFEADKDILDIFNLADEVKVTKANLKKCIGRK
LAARVINTYIDDLSDEDTGEVVSMERITVVVDREVELTEDNIEAILNSNAQTILLHRNDSNTSDYSIIFNTLQKDPCNSE
KEALYYVYRQLRNAEPADDASAREVITNLFFSDKRYDLGDVGRYRINKKLNLNIDPDIKVLTNEDIIEIIKYLIELVNSK
ASVDDIDHLSNRRVRTVGEQLYNQFGIGLARMARTVRDRMNVRDNEVFTPIDLVNAKTISSVVNSFFGTNALSQFMDQTN
PLAEITHKRRLSALGPGGLSRERAGFEVRDVHYTHYGRLCPIETPEGPNIGLISSLCVYAKISDLGFITTPYREVKNGKV
DFSDNGLKYYTAEEEEEKTVAQGNAPLDENGRFVRERVKARYESDFPLVTPDEVDLMDVSPTQIASIAAALIPFLEHDDA
NRALMGSNMMRQAVPLLRPESPIVGTGIEGKLVKDSRTQIVAERGGEVVFVDASCIKIRYDRTADEEFVSFDDAIVTYYL
PKYRKTNQSTTIDLHPICSKGDRVEAGQILTEGYSTQGGELALGRNVQVAYMPWKGYNYEDAIVLNERMVREDFFTSVHV
DEYILEVRETKRGLEELTSDIPNVSEDATRDLDENGIVRIGAHIEPGDILIGKITPKGESDPTPEEKLLRAIFGDKAGDV
KDASLKATPSLRGVVIDTKLFSKAAKKKSRTSTKEAVSKLDETYAKRQQQLHERLIEKLTELTKGKTCCGVKDYLNVELI
KAGSKFTKKDLEALDFNVIQLSDWTNDAHTNELIKAVAVNYLKHSKEIEAELRRRKLDETIGDELPAGIVQMAKVYIAKK
RKIQVGDKMAGRHGNKGIVSKIVRQEDMPFLADGTPVDICLNPLGVPSRMNLGQIFEAVLAWAGRKMNVKFATPIFDGAS
LNDMNEWTDKAGLPRDGKTYLYDGGTGERFDQPATVGVTYFLKLGHMVDDKMHARSIGPYSLITQQPLGGKAQFGGQRFG
EMEVWALEAFGASHILQEILTVKSDDVVGRSKAYEAIVKGDPMPTPGIPESLNVLLHELKGLGLSFSLD
;
C
3 'polypeptide(L)'
;MAFRKENKIKNNFSKIRITLASPEEILENSFGEVLKPETINYRTYKPERDGLFCERIFGPVKDFECHCGKYKRIRYRGIV
CDRCGVEVTEKKVRRERMGHIHLVVPVAHIWYFRSLPNKIGYLLGLPTKKLDAIIYYERYVVIQPGVAEGLSQLDLLSEE
EYLDKLDEIERTHKGNQNLEDTNPDKFIAKIGAEAIYDLLCRVDLDSISYELRDRANTDGSQQRKTEALKRLQVVESFRA
SKGVNRPEWMVMKVIPVIPPDLRPLVPLDGGRFATSDLNDLYRRVIIRNNRLKRLIEIKAPEVILRNEKRMLQEAVDSLF
DNSRKSSAVKSDNNRPLKSLSDSLKGKQGRFRQNLLGKRVDYSARSVIVVGPELKMHECGLPKDMAAELYKPFIIRKLIE
RGIVKTVKSAKKIVDRKEPVIWDILEYVMKGHPVLLNRAPTLHRLGIQAFQPKLIEGKAIQLHPLSCTAFNADFDGDQMA
VHLPLSNEAILEAQLLMLASHNILNPANGAPITVPSQDMVLGLYYITKLRPNTKGHGLIFYGPEEATIAYNEGKVDIHAP
IKVYVEDYENGELVRRMVETSVGRLMVNEYVPKKVGYVNEVLGKKALRDIIGSVIKICGVATTAKFLDDIKNLGYYMAFK
GGLSFNLADVLIPDEKDQLIQEGYTAVEQIMQDYSMGFITFNERYNQIIDTWTHINGRLSNVLIKQLSSDNDGFNSVFMM
MDSGARGSKEQIRQLSGMRGLMAKPQKSGAEGGQIIENPILSNFKEGLSVLEYFISTHGARKGLADTALKTADAGYLTRR
LVDVSHDVIITEEDCGTLRGLLTTELKQNEDVVASLYERILGRVSVHDIIHPTTGDIIVRAGEEIREQAAQIIEDSPIEA
VEIRSVLTCESKKGVCAKCYGRNLATNRMVQRGEVVGVIAAQSIGEPGTQLTLRTFHVGGIASNVATENSLLSKYDGILE
FEELRAVDATDESHQVVVSRMTELRIADPNTGIILANHNIPYGAKLFFRQGDAVKKGDKIIEWDPFNAVIVSEVAGTLSF
EGVVENVTFKMESDETTGLKEKIIIESKDKTMAPYARIIDENGEMLKNYSLPMGAHVVKDDGDTVKVGEILVKIPRSVGK
AGDITGGLPRVTELFEARNPSNPAIVSEIDGEIGFGKLKRGNREITVTSKLGEEKKYLIPLSKQLLVQENDFVRAGTPLS
DGAITPADILAIKGPTAVQEYIVNEVQDVYRLQGVKINDKHFEVIVRQMMRKVEIVDPGDTLFLEQQVVDKFEVMEENDR
IWGKKVVIDAGDSQVLKAGQIVTARKLRDENSMLKRKDLKIVKVRDAKSATASQILQGITRAALQTKSFMSAASFQETTK
VLNEAAICGKTDYLEGLKENVICGHLIPAGTGLRDYEKLVVMHRDDYEKATAERKSFLSEPTAEPAMEEAPSEHHHHHH
;
D
4 'polypeptide(L)'
;MELKKMNVPMDTITRDMVRLSEDTENVYETVMIIAKRANQIGQQMKQDLEKKLQDFSSSNDNLEEVFENREQIEISRYYE
HLPKPGLIATAEYEQDKLYHRMPGATSTND
;
E
#
# COMPACT_ATOMS: atom_id res chain seq x y z
N ALA A 5 47.15 -49.18 -9.72
CA ALA A 5 47.86 -48.45 -8.67
C ALA A 5 46.89 -47.51 -7.96
N PHE A 6 47.12 -47.34 -6.66
CA PHE A 6 46.24 -46.52 -5.84
C PHE A 6 47.00 -46.19 -4.56
N GLN A 7 47.39 -44.94 -4.38
CA GLN A 7 48.25 -44.59 -3.26
C GLN A 7 47.44 -44.58 -1.98
N LYS A 8 47.29 -45.74 -1.35
CA LYS A 8 46.43 -45.87 -0.18
C LYS A 8 47.12 -45.28 1.04
N PRO A 9 46.43 -44.45 1.82
CA PRO A 9 46.98 -44.03 3.10
C PRO A 9 46.75 -45.10 4.16
N GLU A 10 47.53 -44.99 5.23
CA GLU A 10 47.32 -45.81 6.41
C GLU A 10 47.42 -44.98 7.68
N ASN A 11 47.82 -43.73 7.57
CA ASN A 11 48.15 -42.89 8.73
C ASN A 11 46.88 -42.18 9.18
N VAL A 12 46.27 -42.71 10.24
CA VAL A 12 45.13 -42.11 10.93
C VAL A 12 45.54 -41.98 12.40
N LEU A 13 45.85 -40.76 12.84
CA LEU A 13 46.32 -40.58 14.20
C LEU A 13 45.40 -39.66 15.00
N MET A 14 45.25 -39.99 16.28
CA MET A 14 44.42 -39.28 17.24
C MET A 14 45.30 -38.70 18.34
N MET A 15 44.93 -37.54 18.87
CA MET A 15 45.78 -36.97 19.90
C MET A 15 45.03 -36.57 21.17
N GLU A 16 43.81 -36.03 21.05
CA GLU A 16 42.83 -35.97 22.15
C GLU A 16 43.35 -35.19 23.36
N THR A 17 43.44 -33.86 23.18
CA THR A 17 43.83 -32.98 24.28
C THR A 17 42.92 -33.10 25.49
N SER A 18 41.66 -33.48 25.32
CA SER A 18 40.73 -33.52 26.44
C SER A 18 39.67 -34.57 26.16
N ASP A 19 38.74 -34.70 27.11
CA ASP A 19 37.63 -35.62 26.93
C ASP A 19 36.67 -35.17 25.85
N SER A 20 36.73 -33.90 25.45
CA SER A 20 35.75 -33.39 24.49
C SER A 20 36.34 -32.84 23.21
N ILE A 21 37.55 -32.29 23.24
CA ILE A 21 38.20 -31.76 22.04
C ILE A 21 39.20 -32.78 21.56
N ALA A 22 39.14 -33.12 20.27
CA ALA A 22 40.13 -34.04 19.73
C ALA A 22 40.57 -33.59 18.35
N LYS A 23 41.78 -34.02 17.99
CA LYS A 23 42.33 -33.83 16.66
C LYS A 23 42.47 -35.19 15.97
N PHE A 24 42.62 -35.13 14.65
CA PHE A 24 42.89 -36.31 13.85
C PHE A 24 43.74 -35.89 12.67
N GLU A 25 44.61 -36.79 12.22
CA GLU A 25 45.34 -36.53 10.99
C GLU A 25 45.34 -37.74 10.08
N PHE A 26 45.22 -37.45 8.78
CA PHE A 26 45.13 -38.41 7.69
C PHE A 26 46.30 -38.16 6.74
N LYS A 27 47.08 -39.22 6.47
CA LYS A 27 48.35 -39.17 5.76
C LYS A 27 48.52 -40.53 5.08
N PRO A 28 49.06 -40.60 3.85
CA PRO A 28 49.31 -39.62 2.80
C PRO A 28 48.22 -39.77 1.77
N LEU A 29 47.97 -38.76 0.94
CA LEU A 29 46.78 -38.83 0.11
C LEU A 29 47.08 -38.39 -1.32
N GLU A 30 46.25 -38.88 -2.24
CA GLU A 30 46.25 -38.51 -3.65
C GLU A 30 45.58 -37.16 -3.83
N PRO A 31 46.05 -36.34 -4.77
CA PRO A 31 45.66 -34.93 -4.78
C PRO A 31 44.17 -34.73 -4.96
N GLY A 32 43.68 -33.60 -4.46
CA GLY A 32 42.32 -33.19 -4.68
C GLY A 32 41.27 -34.11 -4.10
N TYR A 33 41.65 -35.00 -3.19
CA TYR A 33 40.80 -36.08 -2.76
C TYR A 33 40.40 -35.91 -1.29
N GLY A 34 41.30 -35.33 -0.50
CA GLY A 34 41.00 -35.07 0.89
C GLY A 34 39.95 -34.00 1.10
N ILE A 35 39.94 -32.96 0.26
CA ILE A 35 38.89 -31.95 0.37
C ILE A 35 37.54 -32.62 0.30
N THR A 36 37.38 -33.51 -0.66
CA THR A 36 36.16 -34.29 -0.76
C THR A 36 35.88 -35.02 0.54
N ILE A 37 36.87 -35.78 1.02
CA ILE A 37 36.63 -36.61 2.20
C ILE A 37 36.17 -35.76 3.36
N GLY A 38 36.92 -34.69 3.62
CA GLY A 38 36.69 -33.87 4.80
C GLY A 38 35.40 -33.09 4.75
N ASN A 39 35.07 -32.52 3.59
CA ASN A 39 33.86 -31.73 3.52
C ASN A 39 32.64 -32.63 3.66
N ALA A 40 32.71 -33.85 3.13
CA ALA A 40 31.64 -34.80 3.38
C ALA A 40 31.50 -35.08 4.88
N LEU A 41 32.63 -35.31 5.55
CA LEU A 41 32.55 -35.56 6.99
C LEU A 41 31.97 -34.37 7.73
N ARG A 42 32.39 -33.16 7.39
CA ARG A 42 31.92 -31.98 8.09
C ARG A 42 30.41 -31.85 7.97
N ARG A 43 29.89 -31.97 6.76
CA ARG A 43 28.44 -31.89 6.61
C ARG A 43 27.75 -32.93 7.48
N ILE A 44 28.13 -34.20 7.35
CA ILE A 44 27.33 -35.21 8.04
C ILE A 44 27.46 -35.06 9.55
N LEU A 45 28.67 -34.83 10.06
CA LEU A 45 28.86 -34.62 11.49
C LEU A 45 27.98 -33.50 12.01
N LEU A 46 28.06 -32.33 11.38
CA LEU A 46 27.40 -31.17 11.92
C LEU A 46 25.91 -31.18 11.64
N SER A 47 25.40 -32.12 10.86
CA SER A 47 23.98 -32.12 10.55
C SER A 47 23.14 -33.10 11.35
N SER A 48 23.56 -34.36 11.46
CA SER A 48 22.59 -35.43 11.67
C SER A 48 23.02 -36.38 12.78
N LEU A 49 23.37 -35.85 13.94
CA LEU A 49 23.68 -36.67 15.09
C LEU A 49 22.50 -36.68 16.05
N GLU A 50 22.67 -37.36 17.18
CA GLU A 50 21.56 -37.60 18.10
C GLU A 50 21.92 -37.15 19.50
N GLY A 51 20.93 -36.57 20.21
CA GLY A 51 21.14 -36.08 21.55
C GLY A 51 19.91 -36.11 22.44
N PHE A 52 19.97 -35.43 23.59
CA PHE A 52 18.86 -35.38 24.53
C PHE A 52 18.61 -33.94 24.96
N ALA A 53 17.41 -33.68 25.46
CA ALA A 53 17.12 -32.40 26.10
C ALA A 53 15.80 -32.53 26.84
N ILE A 54 15.42 -31.46 27.51
CA ILE A 54 14.17 -31.36 28.27
C ILE A 54 13.08 -30.79 27.39
N THR A 55 11.85 -31.24 27.61
CA THR A 55 10.72 -30.78 26.80
C THR A 55 9.58 -30.17 27.58
N ALA A 56 9.17 -30.80 28.68
CA ALA A 56 7.94 -30.42 29.36
C ALA A 56 8.25 -29.98 30.80
N ILE A 57 7.43 -29.09 31.32
CA ILE A 57 7.60 -28.56 32.66
C ILE A 57 6.24 -28.44 33.32
N LYS A 58 6.18 -28.78 34.61
CA LYS A 58 5.01 -28.53 35.44
C LYS A 58 5.46 -27.89 36.75
N ILE A 59 5.20 -26.59 36.89
CA ILE A 59 5.53 -25.85 38.10
C ILE A 59 4.29 -25.85 38.99
N GLU A 60 4.49 -25.91 40.30
CA GLU A 60 3.36 -25.79 41.20
C GLU A 60 3.03 -24.32 41.43
N GLY A 61 1.75 -23.98 41.34
CA GLY A 61 1.31 -22.63 41.57
C GLY A 61 1.41 -21.70 40.39
N VAL A 62 1.70 -22.20 39.20
CA VAL A 62 1.71 -21.41 37.99
C VAL A 62 1.04 -22.20 36.89
N GLU A 63 0.26 -21.50 36.06
CA GLU A 63 -0.61 -22.14 35.08
C GLU A 63 -0.30 -21.81 33.64
N HIS A 64 0.55 -20.82 33.38
CA HIS A 64 0.79 -20.41 32.01
C HIS A 64 2.12 -19.68 31.93
N GLU A 65 2.58 -19.48 30.70
CA GLU A 65 3.94 -19.00 30.45
C GLU A 65 4.12 -17.53 30.72
N PHE A 66 3.25 -16.89 31.47
CA PHE A 66 3.47 -15.49 31.76
C PHE A 66 3.24 -15.17 33.24
N ALA A 67 3.21 -16.17 34.10
CA ALA A 67 2.96 -16.00 35.51
C ALA A 67 4.21 -15.49 36.23
N THR A 68 4.18 -15.53 37.56
CA THR A 68 5.36 -15.24 38.38
C THR A 68 5.18 -15.93 39.71
N ILE A 69 6.27 -16.46 40.25
CA ILE A 69 6.22 -17.20 41.51
C ILE A 69 6.66 -16.28 42.63
N PRO A 70 5.97 -16.26 43.77
CA PRO A 70 6.38 -15.38 44.87
C PRO A 70 7.77 -15.75 45.38
N GLY A 71 8.63 -14.75 45.51
CA GLY A 71 9.94 -14.96 46.09
C GLY A 71 11.00 -15.47 45.14
N VAL A 72 10.74 -15.52 43.84
CA VAL A 72 11.71 -15.96 42.86
C VAL A 72 12.01 -14.80 41.91
N LEU A 73 13.29 -14.50 41.74
CA LEU A 73 13.65 -13.23 41.11
C LEU A 73 13.36 -13.21 39.61
N GLU A 74 13.20 -14.35 38.97
CA GLU A 74 12.94 -14.39 37.53
C GLU A 74 11.50 -14.78 37.25
N ASP A 75 11.06 -14.46 36.04
CA ASP A 75 9.75 -14.90 35.55
C ASP A 75 9.73 -16.42 35.42
N VAL A 76 8.60 -16.97 34.98
CA VAL A 76 8.64 -18.36 34.55
C VAL A 76 9.23 -18.45 33.16
N THR A 77 9.04 -17.40 32.36
CA THR A 77 9.61 -17.41 31.01
C THR A 77 11.10 -17.62 31.05
N ASN A 78 11.81 -16.87 31.89
CA ASN A 78 13.26 -17.01 31.92
C ASN A 78 13.70 -18.34 32.52
N ILE A 79 12.93 -18.89 33.47
CA ILE A 79 13.23 -20.24 33.94
C ILE A 79 13.22 -21.21 32.79
N ILE A 80 12.16 -21.19 31.99
CA ILE A 80 12.09 -22.10 30.86
C ILE A 80 13.21 -21.80 29.87
N LEU A 81 13.44 -20.53 29.58
CA LEU A 81 14.42 -20.14 28.58
C LEU A 81 15.81 -20.63 28.95
N ASN A 82 16.21 -20.49 30.20
CA ASN A 82 17.55 -20.96 30.55
C ASN A 82 17.57 -22.46 30.80
N LEU A 83 16.46 -23.07 31.22
CA LEU A 83 16.42 -24.52 31.26
C LEU A 83 16.66 -25.12 29.89
N LYS A 84 16.33 -24.36 28.85
CA LYS A 84 16.61 -24.81 27.49
C LYS A 84 18.08 -25.14 27.28
N GLN A 85 18.99 -24.43 27.95
CA GLN A 85 20.41 -24.45 27.62
C GLN A 85 21.21 -25.53 28.34
N VAL A 86 20.58 -26.42 29.10
CA VAL A 86 21.32 -27.33 29.96
C VAL A 86 21.61 -28.64 29.22
N ARG A 87 22.89 -28.89 28.95
CA ARG A 87 23.33 -30.03 28.16
C ARG A 87 23.57 -31.23 29.06
N PHE A 88 23.28 -32.41 28.55
CA PHE A 88 23.12 -33.60 29.37
C PHE A 88 24.08 -34.71 28.94
N LYS A 89 23.85 -35.92 29.47
CA LYS A 89 24.64 -37.07 29.05
C LYS A 89 23.95 -38.34 29.54
N GLN A 90 24.14 -39.45 28.79
CA GLN A 90 23.77 -40.73 29.36
C GLN A 90 24.90 -41.33 30.16
N ILE A 91 24.55 -42.40 30.87
CA ILE A 91 25.53 -43.30 31.46
C ILE A 91 25.13 -44.72 31.12
N VAL A 92 23.89 -44.88 30.67
CA VAL A 92 23.36 -46.20 30.37
C VAL A 92 22.68 -46.13 29.01
N PRO A 93 22.75 -47.17 28.19
CA PRO A 93 21.92 -47.24 26.99
C PRO A 93 20.48 -47.60 27.34
N ASN A 94 19.61 -47.43 26.36
CA ASN A 94 18.20 -47.82 26.39
C ASN A 94 17.34 -46.87 27.22
N ALA A 95 17.87 -45.74 27.65
CA ALA A 95 17.09 -44.77 28.42
C ALA A 95 16.25 -43.94 27.45
N ASP A 96 14.96 -44.24 27.38
CA ASP A 96 14.09 -43.61 26.39
C ASP A 96 13.68 -42.19 26.79
N VAL A 97 12.88 -42.08 27.85
CA VAL A 97 12.34 -40.81 28.31
C VAL A 97 12.28 -40.88 29.82
N GLU A 98 12.43 -39.72 30.47
CA GLU A 98 12.48 -39.70 31.91
C GLU A 98 11.72 -38.50 32.49
N LYS A 99 11.18 -38.70 33.69
CA LYS A 99 10.51 -37.67 34.46
C LYS A 99 11.22 -37.47 35.79
N ALA A 100 11.36 -36.21 36.20
CA ALA A 100 12.13 -35.82 37.36
C ALA A 100 11.30 -34.96 38.29
N THR A 101 11.61 -34.99 39.58
CA THR A 101 10.90 -34.20 40.58
C THR A 101 11.91 -33.48 41.47
N ILE A 102 12.06 -32.18 41.29
CA ILE A 102 12.94 -31.36 42.12
C ILE A 102 12.09 -30.64 43.14
N VAL A 103 12.53 -30.65 44.39
CA VAL A 103 11.86 -29.94 45.48
C VAL A 103 12.94 -29.08 46.14
N ILE A 104 13.12 -27.87 45.64
CA ILE A 104 14.05 -26.94 46.28
C ILE A 104 13.30 -26.23 47.38
N SER A 105 13.79 -26.38 48.62
CA SER A 105 13.05 -25.94 49.80
C SER A 105 13.97 -25.29 50.82
N ASN A 106 14.97 -24.54 50.37
CA ASN A 106 15.90 -23.94 51.31
C ASN A 106 16.44 -22.66 50.68
N SER A 107 17.01 -21.81 51.53
CA SER A 107 17.52 -20.50 51.14
C SER A 107 18.73 -20.72 50.25
N GLU A 108 18.55 -20.61 48.95
CA GLU A 108 19.54 -21.12 48.02
C GLU A 108 19.65 -20.20 46.82
N VAL A 109 20.60 -20.53 45.95
CA VAL A 109 20.62 -20.09 44.56
C VAL A 109 20.56 -21.34 43.72
N PHE A 110 19.49 -21.50 42.95
CA PHE A 110 19.20 -22.79 42.32
C PHE A 110 20.02 -22.90 41.04
N ARG A 111 20.92 -23.88 41.00
CA ARG A 111 21.88 -24.04 39.92
C ARG A 111 21.68 -25.38 39.23
N ALA A 112 22.39 -25.55 38.11
CA ALA A 112 22.20 -26.71 37.25
C ALA A 112 22.55 -28.00 37.98
N GLY A 113 23.82 -28.16 38.35
CA GLY A 113 24.23 -29.38 39.02
C GLY A 113 23.46 -29.65 40.27
N ASP A 114 22.92 -28.61 40.91
CA ASP A 114 21.96 -28.79 41.99
C ASP A 114 20.86 -29.74 41.58
N LEU A 115 20.59 -29.86 40.29
CA LEU A 115 19.72 -30.94 39.87
C LEU A 115 20.36 -32.24 40.28
N ASN A 116 19.77 -32.90 41.27
CA ASN A 116 20.13 -34.28 41.53
C ASN A 116 19.74 -35.08 40.31
N ALA A 117 20.72 -35.65 39.63
CA ALA A 117 20.38 -36.59 38.57
C ALA A 117 19.80 -37.84 39.22
N GLN A 118 18.67 -37.66 39.91
CA GLN A 118 18.18 -38.67 40.83
C GLN A 118 17.75 -39.94 40.12
N LEU A 119 17.37 -39.84 38.85
CA LEU A 119 17.19 -41.06 38.07
C LEU A 119 18.54 -41.67 37.80
N SER A 120 18.65 -42.98 38.01
CA SER A 120 19.89 -43.69 37.77
C SER A 120 20.27 -43.72 36.31
N ASN A 121 19.37 -43.33 35.41
CA ASN A 121 19.53 -43.60 33.99
C ASN A 121 20.29 -42.51 33.24
N PHE A 122 20.82 -41.50 33.92
CA PHE A 122 21.11 -40.34 33.10
C PHE A 122 21.83 -39.33 33.98
N GLU A 123 22.55 -38.39 33.37
CA GLU A 123 23.22 -37.37 34.17
C GLU A 123 23.31 -36.04 33.45
N VAL A 124 23.87 -35.08 34.19
CA VAL A 124 24.11 -33.72 33.73
C VAL A 124 25.60 -33.52 33.55
N LEU A 125 25.99 -32.96 32.41
CA LEU A 125 27.37 -32.55 32.24
C LEU A 125 27.63 -31.21 32.92
N ASN A 126 26.96 -30.17 32.46
CA ASN A 126 27.25 -28.81 32.92
C ASN A 126 26.52 -28.59 34.24
N SER A 127 27.26 -28.63 35.33
CA SER A 127 26.69 -28.51 36.67
C SER A 127 26.63 -27.08 37.17
N ASN A 128 27.53 -26.22 36.69
CA ASN A 128 27.77 -24.92 37.31
C ASN A 128 27.01 -23.79 36.63
N LEU A 129 25.80 -24.04 36.15
CA LEU A 129 24.99 -23.00 35.54
C LEU A 129 23.93 -22.53 36.53
N VAL A 130 23.64 -21.23 36.49
CA VAL A 130 22.70 -20.60 37.41
C VAL A 130 21.31 -20.66 36.80
N ILE A 131 20.46 -21.55 37.31
CA ILE A 131 19.06 -21.52 36.93
C ILE A 131 18.43 -20.20 37.38
N CYS A 132 18.43 -19.96 38.68
CA CYS A 132 17.68 -18.83 39.22
C CYS A 132 18.23 -18.43 40.59
N HIS A 133 17.85 -17.24 41.02
CA HIS A 133 18.19 -16.72 42.34
C HIS A 133 16.94 -16.70 43.21
N LEU A 134 16.88 -17.59 44.19
CA LEU A 134 15.77 -17.52 45.14
C LEU A 134 16.06 -16.44 46.17
N ASP A 135 15.04 -16.13 46.97
CA ASP A 135 15.21 -15.30 48.14
C ASP A 135 15.66 -16.19 49.29
N LYS A 136 15.59 -15.68 50.52
CA LYS A 136 15.86 -16.55 51.66
C LYS A 136 14.75 -17.54 51.91
N SER A 137 13.57 -17.36 51.32
CA SER A 137 12.41 -18.09 51.78
C SER A 137 11.59 -18.78 50.70
N ALA A 138 11.99 -18.71 49.43
CA ALA A 138 11.15 -19.27 48.37
C ALA A 138 11.15 -20.79 48.44
N THR A 139 9.99 -21.39 48.17
CA THR A 139 9.83 -22.83 48.06
C THR A 139 9.35 -23.16 46.66
N LEU A 140 10.06 -24.05 45.97
CA LEU A 140 9.77 -24.30 44.57
C LEU A 140 9.77 -25.81 44.29
N THR A 141 8.78 -26.24 43.52
CA THR A 141 8.64 -27.63 43.11
C THR A 141 8.54 -27.68 41.59
N MET A 142 9.37 -28.51 40.97
CA MET A 142 9.43 -28.59 39.53
C MET A 142 9.45 -30.05 39.10
N GLU A 143 8.95 -30.30 37.89
CA GLU A 143 8.89 -31.66 37.35
C GLU A 143 9.37 -31.62 35.91
N PHE A 144 10.30 -32.50 35.58
CA PHE A 144 11.00 -32.52 34.30
C PHE A 144 10.63 -33.73 33.44
N SER A 145 10.78 -33.53 32.14
CA SER A 145 10.79 -34.62 31.17
C SER A 145 11.96 -34.40 30.22
N ILE A 146 12.82 -35.43 30.13
CA ILE A 146 13.98 -35.41 29.25
C ILE A 146 13.83 -36.54 28.25
N ASN A 147 14.12 -36.24 26.98
CA ASN A 147 13.91 -37.19 25.90
C ASN A 147 14.94 -36.95 24.81
N LYS A 148 15.08 -37.97 23.95
CA LYS A 148 16.10 -38.04 22.90
C LYS A 148 15.54 -37.65 21.54
N GLY A 149 16.39 -37.06 20.72
CA GLY A 149 15.96 -36.61 19.41
C GLY A 149 17.11 -36.04 18.62
N ARG A 150 16.76 -35.51 17.45
CA ARG A 150 17.70 -35.16 16.40
C ARG A 150 17.39 -33.77 15.88
N GLY A 151 18.43 -33.06 15.46
CA GLY A 151 18.23 -31.80 14.75
C GLY A 151 17.67 -30.68 15.60
N TYR A 152 16.40 -30.33 15.39
CA TYR A 152 15.73 -29.28 16.15
C TYR A 152 14.23 -29.41 15.98
N VAL A 153 13.50 -29.13 17.06
CA VAL A 153 12.04 -29.14 17.06
C VAL A 153 11.58 -27.90 17.80
N SER A 154 10.54 -27.24 17.29
CA SER A 154 10.00 -26.08 17.97
C SER A 154 9.01 -26.50 19.05
N ALA A 155 8.34 -25.52 19.63
CA ALA A 155 7.49 -25.78 20.79
C ALA A 155 6.19 -26.45 20.38
N GLU A 156 5.43 -25.79 19.53
CA GLU A 156 4.02 -26.15 19.32
C GLU A 156 3.85 -27.58 18.82
N GLU A 157 4.86 -28.15 18.18
CA GLU A 157 4.80 -29.58 17.90
C GLU A 157 4.78 -30.37 19.19
N ASN A 158 5.57 -29.94 20.17
CA ASN A 158 5.53 -30.58 21.46
C ASN A 158 4.28 -30.30 22.20
N ARG A 159 3.25 -29.72 21.59
CA ARG A 159 1.97 -29.67 22.27
C ARG A 159 1.30 -31.03 22.29
N ALA A 160 1.92 -32.04 21.67
CA ALA A 160 1.31 -33.36 21.61
C ALA A 160 1.06 -33.95 22.98
N GLU A 161 1.92 -33.67 23.96
CA GLU A 161 1.91 -34.42 25.22
C GLU A 161 1.07 -33.70 26.29
N HIS A 162 -0.24 -33.66 26.04
CA HIS A 162 -1.25 -33.71 27.10
C HIS A 162 -0.99 -32.66 28.19
N ASN A 163 -1.18 -31.39 27.80
CA ASN A 163 -0.88 -30.29 28.70
C ASN A 163 -1.56 -30.44 30.06
N GLU A 164 -2.78 -31.00 30.08
CA GLU A 164 -3.48 -31.27 31.33
C GLU A 164 -3.61 -30.00 32.17
N LEU A 165 -3.84 -28.88 31.48
CA LEU A 165 -4.12 -27.59 32.10
C LEU A 165 -2.91 -27.02 32.83
N SER A 166 -1.82 -27.78 32.92
CA SER A 166 -0.67 -27.30 33.65
C SER A 166 0.62 -27.40 32.85
N THR A 167 0.77 -28.48 32.08
CA THR A 167 2.04 -28.75 31.43
C THR A 167 2.37 -27.66 30.44
N ILE A 168 3.62 -27.21 30.45
CA ILE A 168 4.12 -26.26 29.50
C ILE A 168 5.20 -26.94 28.67
N ALA A 169 5.03 -26.93 27.35
CA ALA A 169 6.05 -27.45 26.47
C ALA A 169 7.09 -26.39 26.13
N ILE A 170 8.32 -26.82 25.91
CA ILE A 170 9.43 -25.92 25.68
C ILE A 170 10.16 -26.34 24.42
N ASP A 171 10.93 -25.39 23.86
CA ASP A 171 11.77 -25.70 22.72
C ASP A 171 12.84 -26.71 23.11
N SER A 172 13.52 -27.28 22.11
CA SER A 172 14.49 -28.33 22.40
C SER A 172 15.51 -28.39 21.28
N ILE A 173 16.76 -28.08 21.59
CA ILE A 173 17.86 -28.17 20.63
C ILE A 173 18.64 -29.44 20.96
N TYR A 174 18.60 -30.42 20.06
CA TYR A 174 19.12 -31.74 20.38
C TYR A 174 20.56 -31.96 19.98
N THR A 175 21.10 -31.13 19.11
CA THR A 175 22.37 -31.45 18.48
C THR A 175 23.44 -31.64 19.54
N PRO A 176 24.27 -32.68 19.44
CA PRO A 176 25.38 -32.88 20.38
C PRO A 176 26.73 -32.33 19.94
N ILE A 177 26.80 -31.56 18.87
CA ILE A 177 28.08 -31.09 18.35
C ILE A 177 28.11 -29.57 18.40
N ARG A 178 29.31 -29.02 18.51
CA ARG A 178 29.50 -27.58 18.57
C ARG A 178 30.46 -27.01 17.55
N ASN A 179 31.53 -27.71 17.20
CA ASN A 179 32.43 -27.12 16.20
C ASN A 179 33.21 -28.23 15.50
N VAL A 180 33.50 -27.99 14.22
CA VAL A 180 34.20 -28.96 13.38
C VAL A 180 35.23 -28.24 12.52
N LYS A 181 36.36 -28.92 12.28
CA LYS A 181 37.45 -28.45 11.44
C LYS A 181 38.02 -29.52 10.53
N TYR A 182 38.40 -29.08 9.34
CA TYR A 182 39.34 -29.80 8.50
C TYR A 182 40.18 -28.79 7.73
N ALA A 183 41.42 -29.16 7.48
CA ALA A 183 42.32 -28.36 6.66
C ALA A 183 43.31 -29.30 5.99
N VAL A 184 43.87 -28.85 4.86
CA VAL A 184 44.73 -29.69 4.04
C VAL A 184 45.97 -28.91 3.66
N GLU A 185 47.09 -29.61 3.57
CA GLU A 185 48.28 -28.98 3.00
C GLU A 185 49.23 -30.05 2.49
N ASN A 186 49.95 -29.71 1.43
CA ASN A 186 50.81 -30.66 0.74
C ASN A 186 51.96 -31.11 1.65
N PHE A 187 52.42 -32.35 1.45
CA PHE A 187 53.75 -32.66 1.93
C PHE A 187 54.40 -33.50 0.84
N ARG A 188 55.72 -33.46 0.83
CA ARG A 188 56.51 -33.76 -0.35
C ARG A 188 57.77 -34.50 0.01
N VAL A 189 58.35 -35.16 -0.98
CA VAL A 189 59.76 -35.50 -1.00
C VAL A 189 60.34 -34.86 -2.26
N GLU A 190 61.66 -34.73 -2.28
CA GLU A 190 62.33 -34.11 -3.41
C GLU A 190 61.98 -34.82 -4.71
N GLN A 191 61.44 -34.05 -5.66
CA GLN A 191 61.08 -34.45 -7.01
C GLN A 191 59.85 -35.34 -7.06
N LYS A 192 59.39 -35.89 -5.94
CA LYS A 192 58.25 -36.78 -5.98
C LYS A 192 57.18 -36.26 -5.04
N THR A 193 55.97 -36.12 -5.58
CA THR A 193 54.89 -35.32 -5.06
C THR A 193 53.75 -36.20 -4.55
N ASP A 194 52.61 -35.57 -4.30
CA ASP A 194 51.35 -36.29 -4.11
C ASP A 194 51.41 -36.84 -2.68
N TYR A 195 51.89 -36.04 -1.75
CA TYR A 195 51.67 -36.33 -0.34
C TYR A 195 50.72 -35.30 0.23
N GLU A 196 49.74 -35.73 1.00
CA GLU A 196 48.73 -34.80 1.48
C GLU A 196 48.50 -34.94 2.98
N LYS A 197 48.38 -33.79 3.64
CA LYS A 197 48.07 -33.71 5.06
C LYS A 197 46.62 -33.31 5.19
N LEU A 198 45.83 -34.13 5.87
CA LEU A 198 44.52 -33.73 6.35
C LEU A 198 44.57 -33.63 7.86
N LEU A 199 44.20 -32.46 8.40
CA LEU A 199 44.18 -32.23 9.84
C LEU A 199 42.80 -31.76 10.24
N MET A 200 42.19 -32.47 11.18
CA MET A 200 40.77 -32.33 11.50
C MET A 200 40.58 -32.18 12.99
N GLU A 201 39.52 -31.46 13.38
CA GLU A 201 39.24 -31.14 14.78
C GLU A 201 37.77 -31.33 15.09
N VAL A 202 37.48 -31.96 16.23
CA VAL A 202 36.10 -32.19 16.66
C VAL A 202 35.95 -31.62 18.06
N THR A 203 34.96 -30.72 18.24
CA THR A 203 34.66 -30.10 19.52
C THR A 203 33.19 -30.34 19.85
N THR A 204 32.95 -31.11 20.91
CA THR A 204 31.62 -31.56 21.29
C THR A 204 31.22 -30.97 22.63
N ASP A 205 30.08 -31.45 23.14
CA ASP A 205 29.57 -31.02 24.43
C ASP A 205 30.12 -31.85 25.57
N GLY A 206 30.84 -32.91 25.28
CA GLY A 206 31.23 -33.86 26.29
C GLY A 206 30.29 -35.02 26.47
N SER A 207 29.12 -35.00 25.83
CA SER A 207 28.23 -36.14 25.94
C SER A 207 28.79 -37.39 25.27
N ILE A 208 29.79 -37.22 24.40
CA ILE A 208 30.41 -38.36 23.75
C ILE A 208 31.74 -37.89 23.17
N ARG A 209 32.75 -38.76 23.27
CA ARG A 209 34.07 -38.45 22.75
C ARG A 209 33.98 -38.30 21.24
N PRO A 210 34.91 -37.56 20.64
CA PRO A 210 34.84 -37.35 19.18
C PRO A 210 34.83 -38.63 18.37
N VAL A 211 35.50 -39.68 18.84
CA VAL A 211 35.68 -40.87 18.01
C VAL A 211 34.35 -41.54 17.71
N ASP A 212 33.45 -41.63 18.69
CA ASP A 212 32.19 -42.32 18.44
C ASP A 212 31.37 -41.60 17.39
N ALA A 213 31.27 -40.27 17.50
CA ALA A 213 30.49 -39.51 16.53
C ALA A 213 31.10 -39.62 15.14
N LEU A 214 32.42 -39.53 15.05
CA LEU A 214 33.08 -39.59 13.76
C LEU A 214 32.83 -40.95 13.10
N ARG A 215 32.96 -42.01 13.89
CA ARG A 215 32.64 -43.35 13.42
C ARG A 215 31.20 -43.45 12.93
N GLU A 216 30.25 -42.89 13.67
CA GLU A 216 28.85 -43.02 13.28
C GLU A 216 28.56 -42.28 11.99
N ALA A 217 29.13 -41.09 11.82
CA ALA A 217 28.96 -40.34 10.58
C ALA A 217 29.47 -41.14 9.39
N ALA A 218 30.66 -41.71 9.52
CA ALA A 218 31.17 -42.51 8.42
C ALA A 218 30.31 -43.75 8.18
N GLN A 219 29.78 -44.36 9.24
CA GLN A 219 28.93 -45.53 9.04
C GLN A 219 27.71 -45.18 8.20
N ILE A 220 27.07 -44.04 8.49
CA ILE A 220 25.91 -43.65 7.71
C ILE A 220 26.29 -43.35 6.27
N LEU A 221 27.40 -42.65 6.05
CA LEU A 221 27.77 -42.28 4.69
C LEU A 221 28.10 -43.50 3.83
N ILE A 222 28.83 -44.47 4.39
CA ILE A 222 29.08 -45.70 3.68
C ILE A 222 27.78 -46.46 3.44
N SER A 223 26.86 -46.41 4.41
CA SER A 223 25.58 -47.09 4.22
C SER A 223 24.81 -46.49 3.06
N HIS A 224 24.96 -45.19 2.83
CA HIS A 224 24.34 -44.60 1.65
C HIS A 224 25.00 -45.09 0.37
N PHE A 225 26.32 -44.91 0.24
CA PHE A 225 26.97 -45.27 -1.03
C PHE A 225 26.87 -46.75 -1.35
N SER A 226 26.67 -47.61 -0.34
CA SER A 226 26.67 -49.05 -0.59
C SER A 226 25.61 -49.44 -1.62
N LEU A 227 24.37 -49.02 -1.41
CA LEU A 227 23.31 -49.35 -2.35
C LEU A 227 23.57 -48.71 -3.71
N PHE A 228 24.02 -47.47 -3.70
CA PHE A 228 24.16 -46.67 -4.90
C PHE A 228 25.37 -47.06 -5.74
N ALA A 229 26.19 -47.99 -5.27
CA ALA A 229 27.26 -48.54 -6.09
C ALA A 229 26.97 -49.95 -6.60
N GLU A 230 26.51 -50.85 -5.72
CA GLU A 230 26.39 -52.25 -6.12
C GLU A 230 25.08 -52.52 -6.86
N ASN A 231 23.95 -52.34 -6.19
CA ASN A 231 22.66 -52.64 -6.81
C ASN A 231 22.37 -51.66 -7.94
N LYS A 232 21.86 -52.20 -9.05
CA LYS A 232 21.77 -51.44 -10.29
C LYS A 232 20.44 -51.70 -11.00
N ILE A 233 19.33 -51.63 -10.25
CA ILE A 233 18.03 -51.86 -10.86
C ILE A 233 17.81 -50.91 -12.01
N ALA A 234 17.20 -51.41 -13.08
CA ALA A 234 17.13 -50.70 -14.35
C ALA A 234 15.68 -50.39 -14.74
N ILE A 235 15.53 -49.32 -15.51
CA ILE A 235 14.23 -48.96 -16.08
C ILE A 235 14.03 -49.72 -17.38
N ALA B 5 10.99 -41.12 10.95
CA ALA B 5 12.22 -41.89 11.00
C ALA B 5 13.20 -41.40 9.94
N PHE B 6 14.39 -41.98 9.93
CA PHE B 6 15.39 -41.62 8.93
C PHE B 6 15.10 -42.42 7.67
N GLN B 7 14.85 -41.73 6.57
CA GLN B 7 14.22 -42.31 5.39
C GLN B 7 15.26 -42.47 4.28
N LYS B 8 15.46 -43.75 3.82
CA LYS B 8 16.45 -44.25 2.88
C LYS B 8 15.95 -44.17 1.44
N PRO B 9 16.84 -43.83 0.51
CA PRO B 9 16.50 -43.96 -0.91
C PRO B 9 16.85 -45.33 -1.46
N GLU B 10 15.92 -45.96 -2.16
CA GLU B 10 16.12 -47.31 -2.69
C GLU B 10 16.03 -47.32 -4.20
N ASN B 11 16.72 -48.29 -4.81
CA ASN B 11 16.50 -48.66 -6.20
C ASN B 11 16.77 -47.50 -7.15
N VAL B 12 18.05 -47.13 -7.21
CA VAL B 12 18.50 -46.12 -8.16
C VAL B 12 18.06 -46.47 -9.57
N LEU B 13 17.66 -45.47 -10.33
CA LEU B 13 17.16 -45.71 -11.68
C LEU B 13 18.08 -45.12 -12.75
N MET B 14 18.12 -45.76 -13.91
CA MET B 14 18.83 -45.20 -15.05
C MET B 14 18.01 -45.36 -16.31
N MET B 15 18.21 -44.46 -17.26
CA MET B 15 17.40 -44.40 -18.46
C MET B 15 18.11 -44.87 -19.72
N GLU B 16 19.42 -44.69 -19.82
CA GLU B 16 20.24 -45.35 -20.85
C GLU B 16 19.79 -44.97 -22.26
N THR B 17 20.01 -43.70 -22.59
CA THR B 17 19.67 -43.23 -23.93
C THR B 17 20.52 -43.89 -25.01
N SER B 18 21.76 -44.25 -24.70
CA SER B 18 22.66 -44.85 -25.68
C SER B 18 23.87 -45.39 -24.94
N ASP B 19 24.87 -45.83 -25.71
CA ASP B 19 26.10 -46.38 -25.16
C ASP B 19 27.12 -45.31 -24.81
N SER B 20 26.82 -44.04 -25.06
CA SER B 20 27.75 -42.97 -24.72
C SER B 20 27.17 -41.95 -23.76
N ILE B 21 25.86 -41.99 -23.48
CA ILE B 21 25.21 -41.03 -22.59
C ILE B 21 24.20 -41.78 -21.74
N ALA B 22 24.05 -41.36 -20.48
CA ALA B 22 23.06 -42.01 -19.62
C ALA B 22 22.57 -41.05 -18.54
N LYS B 23 21.41 -41.41 -17.97
CA LYS B 23 20.70 -40.61 -16.99
C LYS B 23 20.42 -41.45 -15.74
N PHE B 24 20.31 -40.77 -14.59
CA PHE B 24 20.27 -41.41 -13.29
C PHE B 24 19.33 -40.70 -12.33
N GLU B 25 18.67 -41.49 -11.49
CA GLU B 25 17.63 -41.08 -10.56
C GLU B 25 17.94 -41.59 -9.17
N PHE B 26 17.92 -40.68 -8.17
CA PHE B 26 18.00 -41.08 -6.76
C PHE B 26 16.79 -40.58 -5.98
N LYS B 27 15.99 -41.52 -5.45
CA LYS B 27 14.74 -41.35 -4.71
C LYS B 27 14.64 -42.16 -3.44
N PRO B 28 14.22 -41.55 -2.32
CA PRO B 28 14.15 -40.11 -2.04
C PRO B 28 15.27 -39.70 -1.08
N LEU B 29 15.75 -38.46 -1.15
CA LEU B 29 16.81 -38.03 -0.25
C LEU B 29 16.28 -37.12 0.84
N GLU B 30 16.94 -37.15 1.98
CA GLU B 30 16.70 -36.25 3.09
C GLU B 30 17.53 -34.99 2.94
N PRO B 31 17.11 -33.89 3.55
CA PRO B 31 17.61 -32.57 3.12
C PRO B 31 19.11 -32.46 3.27
N GLY B 32 19.70 -31.64 2.41
CA GLY B 32 21.13 -31.37 2.43
C GLY B 32 21.96 -32.49 1.84
N TYR B 33 21.37 -33.68 1.74
CA TYR B 33 22.08 -34.82 1.19
C TYR B 33 22.29 -34.69 -0.31
N GLY B 34 21.47 -33.89 -0.97
CA GLY B 34 21.64 -33.68 -2.39
C GLY B 34 23.04 -33.25 -2.73
N ILE B 35 23.46 -32.11 -2.20
CA ILE B 35 24.78 -31.59 -2.52
C ILE B 35 25.85 -32.59 -2.11
N THR B 36 25.69 -33.20 -0.94
CA THR B 36 26.70 -34.13 -0.45
C THR B 36 26.93 -35.27 -1.43
N ILE B 37 25.89 -36.07 -1.66
CA ILE B 37 26.05 -37.24 -2.51
C ILE B 37 26.50 -36.81 -3.90
N GLY B 38 25.86 -35.77 -4.45
CA GLY B 38 26.18 -35.37 -5.80
C GLY B 38 27.62 -34.95 -5.95
N ASN B 39 28.09 -34.07 -5.06
CA ASN B 39 29.45 -33.57 -5.19
C ASN B 39 30.47 -34.67 -4.96
N ALA B 40 30.17 -35.58 -4.03
CA ALA B 40 31.08 -36.71 -3.81
C ALA B 40 31.22 -37.52 -5.09
N LEU B 41 30.10 -37.95 -5.66
CA LEU B 41 30.18 -38.77 -6.85
C LEU B 41 30.83 -38.01 -7.99
N ARG B 42 30.57 -36.71 -8.09
CA ARG B 42 31.13 -35.93 -9.17
C ARG B 42 32.65 -35.90 -9.11
N ARG B 43 33.19 -35.53 -7.96
CA ARG B 43 34.64 -35.44 -7.88
C ARG B 43 35.29 -36.81 -7.99
N ILE B 44 34.63 -37.87 -7.53
CA ILE B 44 35.21 -39.19 -7.69
C ILE B 44 35.28 -39.57 -9.16
N LEU B 45 34.15 -39.45 -9.88
CA LEU B 45 34.10 -39.84 -11.28
C LEU B 45 35.00 -38.98 -12.13
N LEU B 46 35.28 -37.75 -11.71
CA LEU B 46 36.21 -36.90 -12.42
C LEU B 46 37.61 -36.97 -11.83
N SER B 47 37.85 -37.86 -10.87
CA SER B 47 39.08 -37.85 -10.10
C SER B 47 40.15 -38.85 -10.56
N SER B 48 39.81 -40.13 -10.71
CA SER B 48 40.81 -41.21 -10.59
C SER B 48 40.74 -42.22 -11.73
N LEU B 49 40.81 -41.78 -12.98
CA LEU B 49 40.68 -42.73 -14.09
C LEU B 49 42.02 -42.91 -14.82
N GLU B 50 42.00 -43.72 -15.88
CA GLU B 50 43.21 -44.18 -16.54
C GLU B 50 42.97 -44.22 -18.05
N GLY B 51 44.06 -44.16 -18.83
CA GLY B 51 43.91 -44.20 -20.27
C GLY B 51 45.24 -44.30 -20.99
N PHE B 52 45.16 -44.36 -22.32
CA PHE B 52 46.34 -44.36 -23.19
C PHE B 52 46.08 -43.45 -24.38
N ALA B 53 47.17 -42.90 -24.94
CA ALA B 53 47.02 -42.02 -26.09
C ALA B 53 48.38 -41.78 -26.74
N ILE B 54 48.34 -41.04 -27.84
CA ILE B 54 49.54 -40.69 -28.60
C ILE B 54 50.32 -39.64 -27.84
N THR B 55 51.65 -39.73 -27.92
CA THR B 55 52.52 -38.75 -27.28
C THR B 55 53.34 -37.95 -28.29
N ALA B 56 54.12 -38.62 -29.13
CA ALA B 56 55.04 -37.93 -30.03
C ALA B 56 55.17 -38.73 -31.32
N ILE B 57 55.13 -38.02 -32.44
CA ILE B 57 55.20 -38.63 -33.76
C ILE B 57 56.21 -37.87 -34.61
N LYS B 58 56.78 -38.56 -35.57
CA LYS B 58 57.62 -37.96 -36.59
C LYS B 58 57.07 -38.33 -37.95
N ILE B 59 56.91 -37.34 -38.81
CA ILE B 59 56.34 -37.51 -40.14
C ILE B 59 57.47 -37.39 -41.15
N GLU B 60 57.53 -38.31 -42.10
CA GLU B 60 58.57 -38.22 -43.10
C GLU B 60 58.37 -36.98 -43.96
N GLY B 61 59.44 -36.58 -44.64
CA GLY B 61 59.35 -35.47 -45.55
C GLY B 61 59.04 -34.15 -44.89
N VAL B 62 59.29 -34.04 -43.59
CA VAL B 62 58.93 -32.86 -42.82
C VAL B 62 60.21 -32.11 -42.47
N GLU B 63 60.27 -30.83 -42.86
CA GLU B 63 61.39 -29.99 -42.48
C GLU B 63 61.37 -29.73 -40.98
N HIS B 64 60.21 -29.34 -40.47
CA HIS B 64 59.98 -28.99 -39.08
C HIS B 64 58.49 -28.76 -38.93
N GLU B 65 58.08 -28.17 -37.80
CA GLU B 65 56.71 -28.33 -37.30
C GLU B 65 55.65 -28.01 -38.36
N PHE B 66 55.75 -26.87 -39.03
CA PHE B 66 54.70 -26.40 -39.94
C PHE B 66 55.22 -26.13 -41.36
N ALA B 67 55.91 -27.11 -41.95
CA ALA B 67 56.04 -27.12 -43.40
C ALA B 67 54.72 -27.53 -44.03
N THR B 68 54.65 -27.50 -45.36
CA THR B 68 53.46 -27.95 -46.08
C THR B 68 53.87 -29.11 -46.99
N ILE B 69 53.22 -30.25 -46.81
CA ILE B 69 53.54 -31.45 -47.57
C ILE B 69 52.62 -31.50 -48.80
N PRO B 70 53.17 -31.56 -50.01
CA PRO B 70 52.33 -31.65 -51.20
C PRO B 70 51.63 -33.00 -51.30
N GLY B 71 50.49 -33.00 -51.98
CA GLY B 71 49.74 -34.21 -52.23
C GLY B 71 48.70 -34.55 -51.18
N VAL B 72 48.69 -33.83 -50.07
CA VAL B 72 47.67 -33.99 -49.04
C VAL B 72 47.00 -32.64 -48.84
N LEU B 73 45.67 -32.66 -48.75
CA LEU B 73 44.90 -31.43 -48.72
C LEU B 73 44.96 -30.71 -47.37
N GLU B 74 45.44 -31.38 -46.32
CA GLU B 74 45.26 -30.91 -44.95
C GLU B 74 46.60 -30.52 -44.35
N ASP B 75 46.65 -29.34 -43.74
CA ASP B 75 47.89 -28.83 -43.18
C ASP B 75 48.31 -29.66 -41.97
N VAL B 76 49.55 -29.42 -41.54
CA VAL B 76 50.12 -30.17 -40.42
C VAL B 76 49.25 -30.01 -39.19
N THR B 77 48.85 -28.78 -38.90
CA THR B 77 48.07 -28.50 -37.70
C THR B 77 46.84 -29.38 -37.65
N ASN B 78 46.07 -29.39 -38.74
CA ASN B 78 44.82 -30.15 -38.73
C ASN B 78 45.08 -31.63 -38.61
N ILE B 79 46.16 -32.14 -39.19
CA ILE B 79 46.50 -33.55 -39.00
C ILE B 79 46.73 -33.83 -37.53
N ILE B 80 47.52 -32.97 -36.87
CA ILE B 80 47.76 -33.14 -35.44
C ILE B 80 46.43 -33.19 -34.71
N LEU B 81 45.55 -32.25 -35.03
CA LEU B 81 44.28 -32.17 -34.34
C LEU B 81 43.48 -33.44 -34.55
N ASN B 82 43.47 -33.97 -35.76
CA ASN B 82 42.69 -35.17 -36.01
C ASN B 82 43.24 -36.36 -35.24
N LEU B 83 44.56 -36.54 -35.23
CA LEU B 83 45.12 -37.62 -34.43
C LEU B 83 44.78 -37.47 -32.96
N LYS B 84 44.60 -36.24 -32.49
CA LYS B 84 44.17 -36.08 -31.10
C LYS B 84 42.88 -36.84 -30.83
N GLN B 85 42.09 -37.11 -31.85
CA GLN B 85 40.81 -37.77 -31.66
C GLN B 85 40.86 -39.29 -31.76
N VAL B 86 42.02 -39.87 -32.03
CA VAL B 86 42.09 -41.31 -32.17
C VAL B 86 41.98 -41.93 -30.78
N ARG B 87 41.12 -42.93 -30.65
CA ARG B 87 40.86 -43.55 -29.35
C ARG B 87 41.37 -44.99 -29.36
N PHE B 88 42.08 -45.35 -28.30
CA PHE B 88 42.81 -46.60 -28.22
C PHE B 88 42.15 -47.56 -27.25
N LYS B 89 42.61 -48.80 -27.28
CA LYS B 89 42.19 -49.77 -26.27
C LYS B 89 43.22 -50.89 -26.22
N GLN B 90 43.17 -51.64 -25.13
CA GLN B 90 44.12 -52.73 -24.88
C GLN B 90 43.37 -54.06 -24.96
N ILE B 91 44.05 -55.08 -25.47
CA ILE B 91 43.56 -56.44 -25.34
C ILE B 91 44.49 -57.31 -24.52
N VAL B 92 45.75 -56.93 -24.34
CA VAL B 92 46.73 -57.72 -23.60
C VAL B 92 47.21 -56.87 -22.42
N PRO B 93 47.20 -57.40 -21.21
CA PRO B 93 47.61 -56.60 -20.04
C PRO B 93 49.09 -56.25 -20.10
N ASN B 94 49.43 -55.16 -19.42
CA ASN B 94 50.78 -54.73 -19.07
C ASN B 94 51.53 -54.11 -20.24
N ALA B 95 50.98 -54.13 -21.45
CA ALA B 95 51.64 -53.52 -22.60
C ALA B 95 51.52 -52.01 -22.50
N ASP B 96 52.29 -51.45 -21.57
CA ASP B 96 52.13 -50.05 -21.19
C ASP B 96 52.51 -49.09 -22.31
N VAL B 97 53.64 -49.32 -22.97
CA VAL B 97 54.19 -48.37 -23.93
C VAL B 97 54.41 -49.08 -25.25
N GLU B 98 54.04 -48.43 -26.34
CA GLU B 98 54.12 -49.06 -27.65
C GLU B 98 54.59 -48.06 -28.69
N LYS B 99 55.12 -48.59 -29.78
CA LYS B 99 55.47 -47.79 -30.95
C LYS B 99 55.06 -48.53 -32.21
N ALA B 100 54.78 -47.76 -33.26
CA ALA B 100 54.29 -48.33 -34.52
C ALA B 100 54.76 -47.46 -35.67
N THR B 101 54.47 -47.93 -36.89
CA THR B 101 54.83 -47.18 -38.08
C THR B 101 53.75 -47.38 -39.13
N ILE B 102 53.47 -46.31 -39.89
CA ILE B 102 52.40 -46.28 -40.86
C ILE B 102 52.93 -45.74 -42.18
N VAL B 103 52.59 -46.42 -43.28
CA VAL B 103 52.94 -46.00 -44.63
C VAL B 103 51.69 -46.07 -45.49
N ILE B 104 51.35 -44.95 -46.14
CA ILE B 104 50.24 -44.89 -47.09
C ILE B 104 50.71 -44.18 -48.36
N SER B 105 50.40 -44.77 -49.52
CA SER B 105 50.97 -44.27 -50.77
C SER B 105 50.00 -44.32 -51.94
N ASN B 106 48.70 -44.14 -51.70
CA ASN B 106 47.74 -44.21 -52.80
C ASN B 106 46.65 -43.17 -52.58
N SER B 107 45.79 -43.02 -53.57
CA SER B 107 44.76 -42.00 -53.55
C SER B 107 43.60 -42.47 -52.69
N GLU B 108 43.46 -41.86 -51.52
CA GLU B 108 42.47 -42.32 -50.56
C GLU B 108 42.25 -41.24 -49.53
N VAL B 109 41.05 -41.23 -48.95
CA VAL B 109 40.81 -40.50 -47.72
C VAL B 109 41.33 -41.38 -46.59
N PHE B 110 42.43 -40.95 -45.98
CA PHE B 110 43.01 -41.69 -44.86
C PHE B 110 42.08 -41.56 -43.67
N ARG B 111 41.64 -42.71 -43.15
CA ARG B 111 40.70 -42.81 -42.05
C ARG B 111 41.38 -43.51 -40.87
N ALA B 112 40.65 -43.60 -39.76
CA ALA B 112 41.18 -44.25 -38.57
C ALA B 112 41.25 -45.76 -38.74
N GLY B 113 40.25 -46.34 -39.41
CA GLY B 113 40.29 -47.78 -39.64
C GLY B 113 41.43 -48.20 -40.51
N ASP B 114 41.96 -47.30 -41.34
CA ASP B 114 43.10 -47.65 -42.18
C ASP B 114 44.36 -47.90 -41.38
N LEU B 115 44.38 -47.53 -40.10
CA LEU B 115 45.60 -47.69 -39.33
C LEU B 115 45.95 -49.16 -39.18
N ASN B 116 47.25 -49.42 -39.25
CA ASN B 116 47.76 -50.78 -39.33
C ASN B 116 47.63 -51.42 -37.96
N ALA B 117 46.56 -52.20 -37.80
CA ALA B 117 46.39 -52.95 -36.57
C ALA B 117 47.48 -54.02 -36.53
N GLN B 118 48.73 -53.57 -36.49
CA GLN B 118 49.94 -54.36 -36.63
C GLN B 118 50.53 -54.77 -35.30
N LEU B 119 50.42 -53.93 -34.29
CA LEU B 119 51.01 -54.20 -32.98
C LEU B 119 49.90 -54.82 -32.14
N SER B 120 50.07 -56.10 -31.80
CA SER B 120 48.95 -56.96 -31.44
C SER B 120 48.25 -56.56 -30.15
N ASN B 121 48.93 -55.87 -29.24
CA ASN B 121 48.36 -55.66 -27.92
C ASN B 121 47.29 -54.57 -27.89
N PHE B 122 47.05 -53.92 -29.03
CA PHE B 122 46.45 -52.61 -29.06
C PHE B 122 45.45 -52.53 -30.20
N GLU B 123 44.33 -51.86 -29.97
CA GLU B 123 43.30 -51.73 -31.00
C GLU B 123 42.74 -50.31 -30.99
N VAL B 124 41.96 -50.03 -32.04
CA VAL B 124 41.22 -48.78 -32.18
C VAL B 124 39.77 -49.12 -32.45
N LEU B 125 38.85 -48.40 -31.80
CA LEU B 125 37.43 -48.64 -31.98
C LEU B 125 36.80 -47.72 -33.02
N ASN B 126 37.03 -46.42 -32.92
CA ASN B 126 36.41 -45.47 -33.83
C ASN B 126 37.08 -45.57 -35.20
N SER B 127 36.78 -46.64 -35.93
CA SER B 127 37.52 -46.96 -37.15
C SER B 127 37.26 -45.95 -38.26
N ASN B 128 36.01 -45.57 -38.48
CA ASN B 128 35.68 -44.74 -39.63
C ASN B 128 36.09 -43.28 -39.47
N LEU B 129 36.77 -42.94 -38.39
CA LEU B 129 37.20 -41.57 -38.19
C LEU B 129 38.15 -41.16 -39.30
N VAL B 130 37.85 -40.04 -39.94
CA VAL B 130 38.62 -39.58 -41.08
C VAL B 130 39.87 -38.85 -40.61
N ILE B 131 40.98 -39.04 -41.32
CA ILE B 131 42.20 -38.31 -41.01
C ILE B 131 42.45 -37.22 -42.04
N CYS B 132 42.63 -37.59 -43.30
CA CYS B 132 43.09 -36.62 -44.28
C CYS B 132 42.72 -37.08 -45.69
N HIS B 133 43.06 -36.23 -46.67
CA HIS B 133 42.78 -36.48 -48.08
C HIS B 133 44.09 -36.77 -48.81
N LEU B 134 44.15 -37.87 -49.55
CA LEU B 134 45.38 -38.26 -50.22
C LEU B 134 45.11 -38.73 -51.64
N ASP B 135 46.05 -38.43 -52.53
CA ASP B 135 46.04 -38.79 -53.94
C ASP B 135 47.19 -39.75 -54.26
N LYS B 136 47.38 -40.01 -55.55
CA LYS B 136 48.53 -40.77 -56.03
C LYS B 136 49.85 -40.07 -55.72
N SER B 137 49.90 -38.75 -55.84
CA SER B 137 51.17 -38.05 -55.97
C SER B 137 51.96 -37.96 -54.67
N ALA B 138 51.34 -38.19 -53.52
CA ALA B 138 52.05 -38.13 -52.26
C ALA B 138 52.15 -39.50 -51.60
N THR B 139 53.17 -39.64 -50.77
CA THR B 139 53.35 -40.81 -49.92
C THR B 139 53.68 -40.33 -48.52
N LEU B 140 53.19 -41.05 -47.51
CA LEU B 140 53.42 -40.66 -46.14
C LEU B 140 53.88 -41.87 -45.34
N THR B 141 54.89 -41.65 -44.51
CA THR B 141 55.33 -42.64 -43.53
C THR B 141 55.60 -41.92 -42.23
N MET B 142 55.24 -42.55 -41.12
CA MET B 142 55.26 -41.85 -39.85
C MET B 142 55.31 -42.86 -38.70
N GLU B 143 55.66 -42.35 -37.53
CA GLU B 143 55.93 -43.14 -36.35
C GLU B 143 54.92 -42.80 -35.25
N PHE B 144 54.49 -43.83 -34.53
CA PHE B 144 53.55 -43.69 -33.43
C PHE B 144 54.21 -44.06 -32.12
N SER B 145 54.00 -43.23 -31.11
CA SER B 145 54.35 -43.55 -29.73
C SER B 145 53.08 -43.42 -28.90
N ILE B 146 52.67 -44.53 -28.28
CA ILE B 146 51.45 -44.56 -27.49
C ILE B 146 51.82 -44.93 -26.07
N ASN B 147 51.37 -44.10 -25.12
CA ASN B 147 51.75 -44.19 -23.73
C ASN B 147 50.52 -44.10 -22.83
N LYS B 148 50.67 -44.64 -21.63
CA LYS B 148 49.64 -44.65 -20.61
C LYS B 148 49.72 -43.37 -19.77
N GLY B 149 48.57 -42.99 -19.22
CA GLY B 149 48.52 -41.79 -18.40
C GLY B 149 47.15 -41.56 -17.82
N ARG B 150 47.02 -40.41 -17.13
CA ARG B 150 45.79 -39.93 -16.52
C ARG B 150 45.70 -38.42 -16.62
N GLY B 151 44.51 -37.94 -16.96
CA GLY B 151 44.21 -36.52 -16.92
C GLY B 151 44.25 -35.85 -18.28
N TYR B 152 44.76 -34.63 -18.30
CA TYR B 152 44.96 -33.90 -19.55
C TYR B 152 46.32 -33.23 -19.45
N VAL B 153 47.13 -33.41 -20.48
CA VAL B 153 48.54 -33.07 -20.41
C VAL B 153 48.88 -32.09 -21.52
N SER B 154 49.50 -30.98 -21.14
CA SER B 154 49.85 -29.96 -22.12
C SER B 154 51.05 -30.40 -22.95
N ALA B 155 51.41 -29.57 -23.93
CA ALA B 155 52.48 -29.90 -24.84
C ALA B 155 53.83 -29.94 -24.14
N GLU B 156 54.05 -29.02 -23.19
CA GLU B 156 55.34 -28.96 -22.51
C GLU B 156 55.63 -30.24 -21.74
N GLU B 157 54.61 -30.81 -21.08
CA GLU B 157 54.84 -31.82 -20.06
C GLU B 157 55.47 -33.09 -20.63
N ASN B 158 54.99 -33.54 -21.79
CA ASN B 158 55.40 -34.83 -22.31
C ASN B 158 56.70 -34.81 -23.08
N ARG B 159 57.40 -33.67 -23.14
CA ARG B 159 58.65 -33.63 -23.87
C ARG B 159 59.71 -34.52 -23.24
N ALA B 160 59.49 -34.99 -22.01
CA ALA B 160 60.42 -35.94 -21.41
C ALA B 160 60.47 -37.26 -22.18
N GLU B 161 59.37 -37.64 -22.83
CA GLU B 161 59.28 -38.94 -23.50
C GLU B 161 59.88 -38.85 -24.90
N HIS B 162 61.20 -38.95 -24.96
CA HIS B 162 61.94 -39.10 -26.23
C HIS B 162 61.65 -37.94 -27.17
N ASN B 163 62.10 -36.75 -26.75
CA ASN B 163 61.86 -35.55 -27.53
C ASN B 163 62.72 -35.52 -28.80
N GLU B 164 64.04 -35.49 -28.65
CA GLU B 164 65.00 -35.58 -29.75
C GLU B 164 64.92 -34.40 -30.72
N LEU B 165 63.96 -33.50 -30.54
CA LEU B 165 63.80 -32.23 -31.26
C LEU B 165 63.37 -32.35 -32.71
N SER B 166 63.21 -33.56 -33.25
CA SER B 166 62.60 -33.74 -34.56
C SER B 166 61.32 -34.55 -34.52
N THR B 167 61.08 -35.29 -33.45
CA THR B 167 59.81 -35.95 -33.21
C THR B 167 58.92 -34.99 -32.44
N ILE B 168 57.87 -34.51 -33.09
CA ILE B 168 57.00 -33.52 -32.48
C ILE B 168 56.02 -34.22 -31.55
N ALA B 169 55.96 -33.75 -30.31
CA ALA B 169 55.08 -34.33 -29.31
C ALA B 169 53.75 -33.58 -29.25
N ILE B 170 52.72 -34.29 -28.82
CA ILE B 170 51.36 -33.76 -28.81
C ILE B 170 50.74 -34.00 -27.45
N ASP B 171 49.67 -33.25 -27.18
CA ASP B 171 48.88 -33.45 -25.99
C ASP B 171 48.17 -34.80 -26.05
N SER B 172 47.53 -35.16 -24.95
CA SER B 172 46.82 -36.43 -24.92
C SER B 172 45.69 -36.35 -23.91
N ILE B 173 44.48 -36.57 -24.39
CA ILE B 173 43.31 -36.64 -23.52
C ILE B 173 43.15 -38.10 -23.10
N TYR B 174 43.77 -38.44 -21.97
CA TYR B 174 43.71 -39.80 -21.45
C TYR B 174 42.37 -40.11 -20.80
N THR B 175 41.60 -39.09 -20.45
CA THR B 175 40.43 -39.28 -19.62
C THR B 175 39.32 -39.97 -20.39
N PRO B 176 38.79 -41.10 -19.90
CA PRO B 176 37.70 -41.77 -20.62
C PRO B 176 36.33 -41.18 -20.41
N ILE B 177 36.13 -40.31 -19.41
CA ILE B 177 34.84 -39.66 -19.20
C ILE B 177 34.90 -38.23 -19.71
N ARG B 178 33.94 -37.85 -20.55
CA ARG B 178 34.02 -36.58 -21.25
C ARG B 178 33.22 -35.48 -20.59
N ASN B 179 32.01 -35.74 -20.11
CA ASN B 179 31.39 -34.72 -19.26
C ASN B 179 30.23 -35.32 -18.48
N VAL B 180 30.09 -34.87 -17.22
CA VAL B 180 29.08 -35.37 -16.31
C VAL B 180 28.44 -34.18 -15.60
N LYS B 181 27.12 -34.16 -15.54
CA LYS B 181 26.41 -33.08 -14.85
C LYS B 181 25.31 -33.64 -13.98
N TYR B 182 24.77 -32.78 -13.13
CA TYR B 182 23.86 -33.22 -12.08
C TYR B 182 22.93 -32.09 -11.71
N ALA B 183 21.85 -32.46 -11.03
CA ALA B 183 20.90 -31.45 -10.56
C ALA B 183 20.22 -31.95 -9.31
N VAL B 184 19.74 -31.00 -8.52
CA VAL B 184 19.06 -31.26 -7.26
C VAL B 184 17.70 -30.60 -7.28
N GLU B 185 16.70 -31.32 -6.81
CA GLU B 185 15.33 -30.86 -6.91
C GLU B 185 14.61 -31.05 -5.59
N ASN B 186 13.60 -30.22 -5.37
CA ASN B 186 12.71 -30.36 -4.23
C ASN B 186 11.57 -31.31 -4.58
N PHE B 187 11.08 -32.03 -3.58
CA PHE B 187 9.78 -32.67 -3.76
C PHE B 187 9.25 -33.05 -2.38
N ARG B 188 8.10 -33.70 -2.38
CA ARG B 188 7.20 -33.78 -1.25
C ARG B 188 7.24 -35.15 -0.59
N VAL B 189 6.87 -35.16 0.69
CA VAL B 189 6.21 -36.28 1.32
C VAL B 189 5.17 -35.70 2.26
N GLU B 190 4.14 -36.49 2.55
CA GLU B 190 3.00 -36.01 3.32
C GLU B 190 3.44 -35.25 4.57
N GLN B 191 2.70 -34.19 4.89
CA GLN B 191 3.01 -33.22 5.95
C GLN B 191 4.16 -32.29 5.64
N LYS B 192 4.96 -32.59 4.63
CA LYS B 192 6.24 -31.93 4.51
C LYS B 192 6.52 -31.59 3.06
N THR B 193 7.51 -30.74 2.85
CA THR B 193 8.16 -30.62 1.57
C THR B 193 9.66 -30.65 1.80
N ASP B 194 10.43 -30.32 0.77
CA ASP B 194 11.88 -30.22 0.85
C ASP B 194 12.47 -31.59 1.22
N TYR B 195 12.29 -32.53 0.31
CA TYR B 195 13.10 -33.73 0.25
C TYR B 195 13.74 -33.79 -1.13
N GLU B 196 14.92 -34.37 -1.20
CA GLU B 196 15.80 -34.09 -2.34
C GLU B 196 15.70 -35.13 -3.44
N LYS B 197 15.80 -34.65 -4.66
CA LYS B 197 15.88 -35.44 -5.87
C LYS B 197 17.24 -35.20 -6.50
N LEU B 198 17.97 -36.27 -6.80
CA LEU B 198 19.27 -36.12 -7.42
C LEU B 198 19.23 -36.75 -8.80
N LEU B 199 19.67 -35.96 -9.78
CA LEU B 199 19.57 -36.25 -11.21
C LEU B 199 20.97 -36.27 -11.78
N MET B 200 21.31 -37.33 -12.51
CA MET B 200 22.67 -37.45 -13.00
C MET B 200 22.69 -37.70 -14.50
N GLU B 201 23.70 -37.18 -15.18
CA GLU B 201 23.93 -37.46 -16.58
C GLU B 201 25.42 -37.66 -16.82
N VAL B 202 25.76 -38.70 -17.59
CA VAL B 202 27.15 -39.08 -17.84
C VAL B 202 27.37 -39.23 -19.33
N THR B 203 28.53 -38.74 -19.81
CA THR B 203 28.92 -38.81 -21.22
C THR B 203 30.38 -39.24 -21.32
N THR B 204 30.61 -40.47 -21.76
CA THR B 204 31.92 -41.09 -21.86
C THR B 204 32.43 -41.06 -23.29
N ASP B 205 33.52 -41.78 -23.55
CA ASP B 205 34.12 -41.90 -24.88
C ASP B 205 33.65 -43.11 -25.65
N GLY B 206 32.74 -43.89 -25.09
CA GLY B 206 32.32 -45.13 -25.72
C GLY B 206 33.17 -46.33 -25.41
N SER B 207 34.35 -46.14 -24.82
CA SER B 207 35.17 -47.28 -24.45
C SER B 207 34.63 -48.06 -23.25
N ILE B 208 33.62 -47.53 -22.56
CA ILE B 208 33.06 -48.19 -21.39
C ILE B 208 31.69 -47.60 -21.11
N ARG B 209 30.76 -48.45 -20.72
CA ARG B 209 29.43 -47.98 -20.36
C ARG B 209 29.55 -47.07 -19.14
N PRO B 210 28.91 -45.89 -19.15
CA PRO B 210 29.00 -44.99 -18.00
C PRO B 210 28.56 -45.60 -16.68
N VAL B 211 27.59 -46.52 -16.69
CA VAL B 211 27.19 -47.17 -15.45
C VAL B 211 28.39 -47.85 -14.80
N ASP B 212 29.31 -48.36 -15.62
CA ASP B 212 30.50 -49.02 -15.07
C ASP B 212 31.42 -48.01 -14.41
N ALA B 213 31.64 -46.87 -15.07
CA ALA B 213 32.45 -45.83 -14.46
C ALA B 213 31.88 -45.40 -13.11
N LEU B 214 30.57 -45.18 -13.06
CA LEU B 214 29.96 -44.75 -11.80
C LEU B 214 30.10 -45.80 -10.72
N ARG B 215 29.79 -47.06 -11.05
CA ARG B 215 29.87 -48.12 -10.05
C ARG B 215 31.28 -48.20 -9.48
N GLU B 216 32.27 -48.19 -10.37
CA GLU B 216 33.65 -48.29 -9.93
C GLU B 216 34.06 -47.09 -9.06
N ALA B 217 33.62 -45.89 -9.45
CA ALA B 217 33.96 -44.69 -8.69
C ALA B 217 33.39 -44.73 -7.27
N ALA B 218 32.11 -45.09 -7.15
CA ALA B 218 31.50 -45.18 -5.83
C ALA B 218 32.15 -46.26 -4.98
N GLN B 219 32.55 -47.36 -5.61
CA GLN B 219 33.24 -48.38 -4.84
C GLN B 219 34.58 -47.85 -4.31
N ILE B 220 35.29 -47.04 -5.10
CA ILE B 220 36.51 -46.40 -4.59
C ILE B 220 36.20 -45.60 -3.34
N LEU B 221 35.21 -44.73 -3.42
CA LEU B 221 35.00 -43.83 -2.28
C LEU B 221 34.58 -44.58 -1.03
N ILE B 222 33.81 -45.66 -1.17
CA ILE B 222 33.51 -46.51 -0.03
C ILE B 222 34.80 -47.06 0.57
N SER B 223 35.64 -47.65 -0.27
CA SER B 223 36.87 -48.22 0.26
C SER B 223 37.78 -47.15 0.83
N HIS B 224 37.52 -45.88 0.54
CA HIS B 224 38.43 -44.87 1.04
C HIS B 224 37.99 -44.32 2.39
N PHE B 225 36.68 -44.08 2.58
CA PHE B 225 36.19 -43.81 3.94
C PHE B 225 36.42 -44.96 4.90
N SER B 226 36.43 -46.20 4.43
CA SER B 226 36.51 -47.30 5.39
C SER B 226 37.71 -47.13 6.33
N LEU B 227 38.84 -46.68 5.77
CA LEU B 227 40.07 -46.64 6.56
C LEU B 227 40.13 -45.40 7.45
N PHE B 228 39.83 -44.22 6.92
CA PHE B 228 39.80 -43.02 7.76
C PHE B 228 38.68 -43.03 8.78
N ALA B 229 37.72 -43.95 8.66
CA ALA B 229 36.74 -44.13 9.72
C ALA B 229 37.21 -45.17 10.73
N GLU B 230 37.84 -46.23 10.26
CA GLU B 230 37.97 -47.43 11.07
C GLU B 230 39.39 -47.99 11.04
N ASN B 231 40.38 -47.10 10.92
CA ASN B 231 41.77 -47.54 11.08
C ASN B 231 41.96 -48.15 12.46
N LYS B 232 41.40 -47.51 13.48
CA LYS B 232 41.30 -48.06 14.82
C LYS B 232 39.82 -48.39 15.01
N ILE B 233 39.44 -49.59 14.60
CA ILE B 233 38.04 -49.97 14.42
C ILE B 233 37.53 -50.75 15.62
N ALA B 234 36.35 -50.37 16.09
CA ALA B 234 35.57 -51.16 17.03
C ALA B 234 34.17 -51.29 16.46
N ILE B 235 33.50 -52.40 16.78
CA ILE B 235 32.15 -52.68 16.27
C ILE B 235 32.16 -52.72 14.75
N THR C 2 24.49 -13.01 41.18
CA THR C 2 25.12 -13.20 39.88
C THR C 2 26.33 -12.28 39.72
N PRO C 3 27.45 -12.84 39.29
CA PRO C 3 28.58 -12.00 38.89
C PRO C 3 28.26 -11.25 37.60
N THR C 4 27.41 -10.24 37.70
CA THR C 4 27.06 -9.44 36.53
C THR C 4 28.28 -8.68 36.04
N THR C 5 28.29 -8.37 34.75
CA THR C 5 29.44 -7.73 34.14
C THR C 5 29.74 -6.39 34.80
N ASN C 6 28.72 -5.56 35.00
CA ASN C 6 28.85 -4.26 35.67
C ASN C 6 29.97 -3.44 35.01
N ASN C 7 29.77 -3.18 33.73
CA ASN C 7 30.84 -2.74 32.85
C ASN C 7 30.68 -1.25 32.52
N LYS C 8 31.80 -0.62 32.14
CA LYS C 8 31.85 0.81 31.85
C LYS C 8 32.47 1.03 30.48
N ARG C 9 31.80 1.80 29.64
CA ARG C 9 32.10 1.90 28.22
C ARG C 9 33.31 2.83 27.98
N ILE C 10 33.82 2.82 26.75
CA ILE C 10 34.89 3.72 26.33
C ILE C 10 34.29 4.94 25.68
N ASN C 11 34.49 6.09 26.30
CA ASN C 11 34.36 7.35 25.59
C ASN C 11 35.55 7.53 24.66
N PHE C 12 35.29 8.17 23.53
CA PHE C 12 36.37 8.61 22.65
C PHE C 12 35.93 9.91 21.99
N ALA C 13 36.53 11.01 22.41
CA ALA C 13 36.23 12.31 21.83
C ALA C 13 37.54 12.99 21.43
N SER C 14 37.42 14.23 21.00
CA SER C 14 38.58 15.08 20.73
C SER C 14 38.55 16.37 21.53
N ILE C 15 37.46 16.64 22.23
CA ILE C 15 37.28 17.88 22.99
C ILE C 15 36.51 17.51 24.25
N LYS C 16 36.71 18.28 25.32
CA LYS C 16 35.89 18.18 26.52
C LYS C 16 34.41 18.27 26.19
N ASN C 17 33.53 17.88 27.11
CA ASN C 17 32.09 18.09 26.99
C ASN C 17 31.61 19.02 28.09
N PRO C 18 32.10 20.26 28.14
CA PRO C 18 31.83 21.13 29.27
C PRO C 18 30.42 21.73 29.25
N LEU C 19 29.43 20.88 28.95
CA LEU C 19 28.03 21.26 29.12
C LEU C 19 27.18 20.01 29.12
N PHE C 20 26.22 19.97 30.03
CA PHE C 20 25.43 18.78 30.28
C PHE C 20 24.24 18.71 29.33
N TYR C 21 23.44 17.69 29.55
CA TYR C 21 22.12 17.43 28.99
C TYR C 21 21.03 18.15 29.75
N PRO C 22 20.41 19.18 29.18
CA PRO C 22 19.14 19.67 29.74
C PRO C 22 18.11 18.56 29.67
N ASP C 23 17.34 18.43 30.74
CA ASP C 23 16.41 17.31 30.85
C ASP C 23 15.40 17.35 29.72
N PHE C 24 14.81 16.20 29.42
CA PHE C 24 13.81 16.18 28.36
C PHE C 24 12.51 16.83 28.78
N LEU C 25 11.94 16.39 29.90
CA LEU C 25 10.54 16.67 30.16
C LEU C 25 10.33 18.06 30.71
N GLU C 26 11.22 18.99 30.34
CA GLU C 26 11.10 20.37 30.79
C GLU C 26 9.74 20.95 30.40
N VAL C 27 9.37 20.83 29.13
CA VAL C 27 8.22 21.58 28.62
C VAL C 27 6.95 21.17 29.36
N GLN C 28 6.57 19.89 29.27
CA GLN C 28 5.27 19.46 29.76
C GLN C 28 5.14 19.62 31.26
N LEU C 29 6.08 19.07 32.01
CA LEU C 29 5.93 19.07 33.45
C LEU C 29 6.21 20.46 34.03
N LYS C 30 7.12 21.22 33.42
CA LYS C 30 7.30 22.61 33.82
C LYS C 30 5.99 23.38 33.70
N SER C 31 5.32 23.29 32.55
CA SER C 31 4.08 24.03 32.38
C SER C 31 3.02 23.58 33.36
N PHE C 32 2.75 22.27 33.42
CA PHE C 32 1.66 21.80 34.26
C PHE C 32 1.90 22.06 35.74
N HIS C 33 3.15 22.01 36.19
CA HIS C 33 3.44 22.38 37.57
C HIS C 33 3.42 23.88 37.77
N ASP C 34 3.51 24.66 36.70
CA ASP C 34 3.17 26.07 36.86
C ASP C 34 1.67 26.26 37.01
N PHE C 35 0.87 25.40 36.40
CA PHE C 35 -0.58 25.66 36.31
C PHE C 35 -1.32 25.29 37.59
N LEU C 36 -1.35 24.01 37.94
CA LEU C 36 -1.95 23.58 39.20
C LEU C 36 -1.17 22.42 39.77
N GLN C 37 -1.23 22.27 41.09
CA GLN C 37 -0.59 21.18 41.78
C GLN C 37 -1.57 20.58 42.78
N LEU C 38 -1.11 19.57 43.52
CA LEU C 38 -2.03 18.81 44.36
C LEU C 38 -2.63 19.64 45.49
N ASP C 39 -1.79 20.34 46.24
CA ASP C 39 -2.29 20.89 47.50
C ASP C 39 -1.34 21.96 48.03
N THR C 40 -1.86 22.73 48.99
CA THR C 40 -1.19 23.85 49.66
C THR C 40 -0.81 24.98 48.72
N PRO C 41 -1.77 25.74 48.19
CA PRO C 41 -1.47 27.09 47.67
C PRO C 41 -1.76 28.16 48.71
N PRO C 42 -0.96 28.26 49.78
CA PRO C 42 -1.29 29.24 50.82
C PRO C 42 -1.11 30.66 50.34
N GLU C 43 0.07 30.91 49.79
CA GLU C 43 0.46 32.22 49.26
C GLU C 43 1.31 31.93 48.03
N ARG C 44 0.69 31.99 46.85
CA ARG C 44 1.26 31.36 45.67
C ARG C 44 0.91 32.14 44.42
N ARG C 45 1.55 31.75 43.32
CA ARG C 45 1.13 32.10 41.97
C ARG C 45 1.20 33.61 41.72
N LYS C 46 2.40 34.16 41.85
CA LYS C 46 2.67 35.55 41.49
C LYS C 46 3.43 35.57 40.17
N LYS C 47 2.78 36.04 39.10
CA LYS C 47 1.41 36.50 39.15
C LYS C 47 0.51 35.53 38.39
N GLU C 48 1.06 34.95 37.34
CA GLU C 48 0.29 34.12 36.42
C GLU C 48 -0.17 32.83 37.10
N GLY C 49 -1.28 32.30 36.61
CA GLY C 49 -1.85 31.09 37.15
C GLY C 49 -3.36 31.14 37.16
N LEU C 50 -4.01 30.07 37.64
CA LEU C 50 -5.46 30.07 37.79
C LEU C 50 -5.92 31.27 38.60
N TYR C 51 -5.10 31.68 39.57
CA TYR C 51 -5.40 32.86 40.35
C TYR C 51 -5.49 34.09 39.47
N LYS C 52 -4.65 34.17 38.43
CA LYS C 52 -4.78 35.27 37.49
C LYS C 52 -6.11 35.21 36.75
N VAL C 53 -6.56 34.00 36.39
CA VAL C 53 -7.88 33.86 35.78
C VAL C 53 -8.95 34.47 36.68
N PHE C 54 -8.92 34.09 37.96
CA PHE C 54 -10.00 34.52 38.83
C PHE C 54 -9.91 36.00 39.16
N ALA C 55 -8.70 36.54 39.31
CA ALA C 55 -8.55 37.97 39.52
C ALA C 55 -8.78 38.78 38.26
N GLU C 56 -8.86 38.12 37.10
CA GLU C 56 -9.22 38.79 35.87
C GLU C 56 -10.71 38.72 35.56
N ASN C 57 -11.41 37.73 36.12
CA ASN C 57 -12.84 37.60 35.86
C ASN C 57 -13.73 38.15 36.97
N PHE C 58 -13.42 37.88 38.22
CA PHE C 58 -14.31 38.14 39.33
C PHE C 58 -13.90 39.41 40.05
N PRO C 59 -14.75 39.92 40.96
CA PRO C 59 -16.11 39.55 41.37
C PRO C 59 -17.18 40.00 40.39
N ILE C 60 -18.27 39.25 40.29
CA ILE C 60 -19.39 39.58 39.45
C ILE C 60 -20.49 40.20 40.32
N THR C 61 -21.00 41.35 39.91
CA THR C 61 -22.04 42.06 40.63
C THR C 61 -23.27 42.25 39.73
N ASP C 62 -24.22 43.07 40.21
CA ASP C 62 -25.44 43.34 39.47
C ASP C 62 -25.27 44.56 38.58
N THR C 63 -26.38 45.09 38.07
CA THR C 63 -26.43 46.43 37.48
C THR C 63 -26.62 47.45 38.60
N ARG C 64 -25.68 47.41 39.55
CA ARG C 64 -25.70 48.19 40.79
C ARG C 64 -26.86 47.72 41.68
N ASN C 65 -27.59 46.72 41.23
CA ASN C 65 -28.64 46.13 42.06
C ASN C 65 -28.02 45.42 43.26
N ASN C 66 -28.85 45.19 44.27
CA ASN C 66 -28.40 44.78 45.60
C ASN C 66 -28.10 43.28 45.66
N PHE C 67 -26.98 42.90 45.03
CA PHE C 67 -26.51 41.51 45.12
C PHE C 67 -25.14 41.40 44.46
N VAL C 68 -24.24 40.62 45.07
CA VAL C 68 -22.87 40.45 44.59
C VAL C 68 -22.41 39.01 44.80
N LEU C 69 -21.46 38.57 43.96
CA LEU C 69 -20.71 37.34 44.15
C LEU C 69 -19.23 37.66 44.22
N GLU C 70 -18.51 36.95 45.07
CA GLU C 70 -17.07 37.08 45.15
C GLU C 70 -16.46 35.69 45.36
N PHE C 71 -15.14 35.61 45.27
CA PHE C 71 -14.41 34.36 45.28
C PHE C 71 -13.53 34.26 46.51
N LEU C 72 -13.53 33.09 47.16
CA LEU C 72 -12.62 32.79 48.25
C LEU C 72 -11.87 31.51 47.91
N ASP C 73 -10.56 31.54 48.19
CA ASP C 73 -9.58 30.71 47.52
C ASP C 73 -10.01 29.25 47.47
N TYR C 74 -9.64 28.61 46.37
CA TYR C 74 -9.89 27.20 46.19
C TYR C 74 -8.97 26.38 47.08
N TYR C 75 -9.37 25.13 47.29
CA TYR C 75 -8.44 24.08 47.65
C TYR C 75 -8.49 23.04 46.56
N ILE C 76 -7.40 22.32 46.38
CA ILE C 76 -7.30 21.30 45.36
C ILE C 76 -7.22 19.94 46.07
N ASP C 77 -8.14 19.05 45.71
CA ASP C 77 -8.48 17.81 46.39
C ASP C 77 -7.72 16.63 45.81
N PRO C 78 -7.32 15.68 46.67
CA PRO C 78 -6.58 14.51 46.19
C PRO C 78 -7.46 13.63 45.33
N PRO C 79 -6.87 12.91 44.37
CA PRO C 79 -7.68 12.12 43.44
C PRO C 79 -8.45 11.03 44.16
N LYS C 80 -9.65 10.77 43.67
CA LYS C 80 -10.48 9.74 44.29
C LYS C 80 -10.02 8.34 43.93
N TYR C 81 -9.29 8.18 42.83
CA TYR C 81 -8.86 6.85 42.41
C TYR C 81 -7.46 6.95 41.81
N SER C 82 -6.80 5.79 41.75
CA SER C 82 -5.40 5.73 41.35
C SER C 82 -5.25 5.64 39.85
N ILE C 83 -4.06 6.05 39.37
CA ILE C 83 -3.72 5.92 37.96
C ILE C 83 -3.98 4.50 37.47
N GLU C 84 -3.39 3.51 38.13
CA GLU C 84 -3.54 2.14 37.65
C GLU C 84 -4.99 1.70 37.73
N GLU C 85 -5.71 2.11 38.77
CA GLU C 85 -7.09 1.67 38.89
C GLU C 85 -7.95 2.33 37.82
N CYS C 86 -7.63 3.58 37.47
CA CYS C 86 -8.30 4.21 36.36
C CYS C 86 -8.07 3.43 35.07
N LEU C 87 -6.81 3.07 34.81
CA LEU C 87 -6.48 2.32 33.60
C LEU C 87 -7.25 1.02 33.53
N SER C 88 -7.27 0.27 34.64
CA SER C 88 -7.99 -1.00 34.65
C SER C 88 -9.48 -0.81 34.51
N ARG C 89 -10.02 0.21 35.18
CA ARG C 89 -11.46 0.37 35.24
C ARG C 89 -12.00 0.94 33.94
N GLY C 90 -11.27 1.86 33.34
CA GLY C 90 -11.78 2.61 32.20
C GLY C 90 -12.29 3.99 32.54
N LEU C 91 -11.92 4.53 33.70
CA LEU C 91 -12.37 5.84 34.12
C LEU C 91 -11.33 6.88 33.70
N THR C 92 -11.42 8.08 34.25
CA THR C 92 -10.43 9.11 34.03
C THR C 92 -9.82 9.51 35.37
N TYR C 93 -8.50 9.56 35.41
CA TYR C 93 -7.75 10.00 36.59
C TYR C 93 -7.96 11.50 36.76
N SER C 94 -8.85 11.88 37.66
CA SER C 94 -9.22 13.27 37.83
C SER C 94 -9.32 13.61 39.31
N VAL C 95 -9.20 14.89 39.61
CA VAL C 95 -9.28 15.41 40.97
C VAL C 95 -10.56 16.22 41.09
N PRO C 96 -11.33 16.05 42.17
CA PRO C 96 -12.40 17.00 42.46
C PRO C 96 -11.85 18.35 42.88
N LEU C 97 -12.64 19.38 42.65
CA LEU C 97 -12.26 20.76 42.96
C LEU C 97 -13.30 21.40 43.86
N LYS C 98 -12.82 22.26 44.77
CA LYS C 98 -13.65 22.96 45.72
C LYS C 98 -13.22 24.42 45.78
N ALA C 99 -14.22 25.31 45.86
CA ALA C 99 -13.95 26.74 46.01
C ALA C 99 -14.92 27.33 47.02
N LYS C 100 -14.47 28.33 47.79
CA LYS C 100 -15.37 28.92 48.78
C LYS C 100 -16.01 30.17 48.16
N LEU C 101 -17.18 29.96 47.57
CA LEU C 101 -17.87 31.06 46.91
C LEU C 101 -18.53 31.97 47.94
N LYS C 102 -18.31 33.27 47.80
CA LYS C 102 -18.91 34.28 48.64
C LYS C 102 -20.18 34.77 47.96
N LEU C 103 -21.33 34.35 48.49
CA LEU C 103 -22.58 35.01 48.15
C LEU C 103 -22.68 36.26 49.02
N TYR C 104 -23.12 37.35 48.42
CA TYR C 104 -23.14 38.62 49.12
C TYR C 104 -24.48 39.24 48.78
N CYS C 105 -25.51 38.86 49.53
CA CYS C 105 -26.85 39.32 49.25
C CYS C 105 -27.05 40.66 49.95
N THR C 106 -27.48 41.65 49.19
CA THR C 106 -27.76 42.97 49.72
C THR C 106 -29.27 43.15 49.71
N ASP C 107 -29.83 43.59 50.83
CA ASP C 107 -31.27 43.64 50.97
C ASP C 107 -31.86 44.52 49.87
N PRO C 108 -32.91 44.06 49.19
CA PRO C 108 -33.44 44.81 48.03
C PRO C 108 -33.83 46.22 48.43
N ASP C 109 -33.25 47.20 47.72
CA ASP C 109 -33.46 48.62 48.01
C ASP C 109 -33.08 48.94 49.46
N HIS C 110 -32.02 48.29 49.94
CA HIS C 110 -31.58 48.44 51.31
C HIS C 110 -30.10 48.12 51.39
N GLU C 111 -29.57 48.13 52.60
CA GLU C 111 -28.18 47.77 52.87
C GLU C 111 -28.03 46.26 52.70
N ASP C 112 -26.85 45.74 53.05
CA ASP C 112 -26.56 44.34 52.84
C ASP C 112 -27.49 43.46 53.68
N PHE C 113 -27.78 42.27 53.14
CA PHE C 113 -28.69 41.34 53.77
C PHE C 113 -27.96 40.18 54.43
N ALA C 114 -27.05 39.54 53.71
CA ALA C 114 -26.21 38.48 54.26
C ALA C 114 -24.91 38.46 53.48
N THR C 115 -23.86 37.96 54.13
CA THR C 115 -22.53 37.85 53.51
C THR C 115 -22.01 36.46 53.87
N VAL C 116 -22.31 35.49 53.02
CA VAL C 116 -22.11 34.09 53.36
C VAL C 116 -21.10 33.45 52.43
N ILE C 117 -20.49 32.38 52.91
CA ILE C 117 -19.56 31.57 52.13
C ILE C 117 -20.14 30.17 52.03
N GLN C 118 -20.05 29.57 50.85
CA GLN C 118 -20.37 28.15 50.71
C GLN C 118 -19.26 27.43 49.96
N ASP C 119 -18.93 26.24 50.47
CA ASP C 119 -18.06 25.30 49.77
C ASP C 119 -18.78 24.75 48.55
N VAL C 120 -18.19 24.93 47.37
CA VAL C 120 -18.76 24.40 46.14
C VAL C 120 -17.81 23.38 45.55
N PHE C 121 -18.30 22.15 45.40
CA PHE C 121 -17.73 21.16 44.51
C PHE C 121 -18.31 21.41 43.14
N LEU C 122 -17.50 21.93 42.22
CA LEU C 122 -17.97 22.31 40.90
C LEU C 122 -17.42 21.41 39.80
N GLY C 123 -16.96 20.21 40.13
CA GLY C 123 -16.67 19.21 39.12
C GLY C 123 -15.26 18.66 39.15
N PRO C 124 -15.08 17.47 38.59
CA PRO C 124 -13.76 16.87 38.48
C PRO C 124 -13.02 17.31 37.22
N ILE C 125 -11.70 17.46 37.37
CA ILE C 125 -10.86 17.76 36.21
C ILE C 125 -9.70 16.77 36.17
N PRO C 126 -9.35 16.24 35.00
CA PRO C 126 -8.29 15.23 34.93
C PRO C 126 -6.94 15.77 35.35
N TYR C 127 -6.13 14.89 35.93
CA TYR C 127 -4.86 15.26 36.52
C TYR C 127 -3.73 14.65 35.71
N MET C 128 -2.57 15.31 35.76
CA MET C 128 -1.39 14.86 35.04
C MET C 128 -0.58 13.86 35.87
N THR C 129 -0.48 12.63 35.39
CA THR C 129 0.43 11.63 35.93
C THR C 129 1.84 12.21 35.88
N SER C 130 2.79 11.68 36.65
CA SER C 130 4.09 12.35 36.67
C SER C 130 4.92 12.01 35.45
N SER C 131 4.32 12.07 34.28
CA SER C 131 5.08 12.07 33.04
C SER C 131 4.46 12.94 31.96
N GLY C 132 3.34 13.63 32.22
CA GLY C 132 2.73 14.45 31.20
C GLY C 132 1.79 13.70 30.28
N THR C 133 1.00 12.77 30.83
CA THR C 133 0.06 12.00 30.04
C THR C 133 -1.25 11.87 30.82
N PHE C 134 -2.37 11.78 30.11
CA PHE C 134 -3.66 11.70 30.77
C PHE C 134 -4.38 10.43 30.39
N VAL C 135 -4.89 9.69 31.38
CA VAL C 135 -5.72 8.53 31.11
C VAL C 135 -7.18 8.98 31.12
N ILE C 136 -7.73 9.15 29.93
CA ILE C 136 -9.13 9.48 29.75
C ILE C 136 -9.84 8.21 29.34
N ASN C 137 -10.84 7.82 30.13
CA ASN C 137 -11.66 6.66 29.83
C ASN C 137 -10.83 5.40 29.63
N GLY C 138 -9.69 5.32 30.31
CA GLY C 138 -8.86 4.15 30.20
C GLY C 138 -7.89 4.15 29.04
N ALA C 139 -7.72 5.27 28.35
CA ALA C 139 -6.69 5.41 27.33
C ALA C 139 -5.72 6.48 27.78
N GLU C 140 -4.53 6.48 27.19
CA GLU C 140 -3.52 7.46 27.55
C GLU C 140 -3.27 8.37 26.36
N ARG C 141 -3.46 9.66 26.57
CA ARG C 141 -3.38 10.65 25.51
C ARG C 141 -2.44 11.77 25.91
N VAL C 142 -2.02 12.52 24.90
CA VAL C 142 -1.10 13.64 25.06
C VAL C 142 -1.67 14.87 24.40
N ILE C 143 -1.48 16.01 25.06
CA ILE C 143 -1.67 17.32 24.45
C ILE C 143 -0.36 17.69 23.78
N VAL C 144 -0.32 17.56 22.45
CA VAL C 144 0.87 17.98 21.74
C VAL C 144 0.94 19.49 21.71
N SER C 145 2.13 20.00 21.48
CA SER C 145 2.33 21.44 21.38
C SER C 145 1.71 21.92 20.08
N GLN C 146 1.84 23.21 19.80
CA GLN C 146 1.32 23.75 18.56
C GLN C 146 2.03 25.07 18.30
N LEU C 147 2.83 25.13 17.25
CA LEU C 147 3.52 26.37 16.95
C LEU C 147 2.48 27.43 16.59
N HIS C 148 2.83 28.68 16.85
CA HIS C 148 1.86 29.75 16.99
C HIS C 148 2.19 30.88 16.04
N ARG C 149 1.21 31.75 15.83
CA ARG C 149 1.50 33.04 15.23
C ARG C 149 1.76 34.08 16.30
N SER C 150 2.79 34.87 16.08
CA SER C 150 3.07 35.93 17.03
C SER C 150 2.24 37.16 16.70
N PRO C 151 1.43 37.64 17.62
CA PRO C 151 0.62 38.83 17.34
C PRO C 151 1.49 40.07 17.23
N GLY C 152 1.00 41.04 16.47
CA GLY C 152 1.77 42.25 16.21
C GLY C 152 1.56 42.82 14.82
N VAL C 153 2.53 43.54 14.28
CA VAL C 153 2.36 44.22 13.00
C VAL C 153 3.37 43.66 12.02
N PHE C 154 2.93 43.47 10.77
CA PHE C 154 3.70 42.79 9.76
C PHE C 154 3.49 43.45 8.41
N PHE C 155 4.50 43.36 7.55
CA PHE C 155 4.62 44.23 6.39
C PHE C 155 4.96 43.40 5.16
N GLY C 156 4.01 43.24 4.23
CA GLY C 156 4.32 42.48 3.04
C GLY C 156 3.80 43.07 1.75
N GLN C 157 4.68 43.30 0.77
CA GLN C 157 4.26 43.73 -0.56
C GLN C 157 3.87 42.50 -1.36
N SER C 158 2.60 42.12 -1.31
CA SER C 158 2.14 40.99 -2.08
C SER C 158 2.31 41.27 -3.58
N LEU C 159 2.62 40.23 -4.33
CA LEU C 159 2.95 40.35 -5.74
C LEU C 159 2.15 39.33 -6.54
N HIS C 160 2.05 39.59 -7.85
CA HIS C 160 1.37 38.76 -8.84
C HIS C 160 -0.14 38.78 -8.71
N THR C 161 -0.69 39.41 -7.67
CA THR C 161 -2.13 39.59 -7.58
C THR C 161 -2.56 40.56 -8.67
N ASN C 162 -3.06 40.01 -9.78
CA ASN C 162 -3.31 40.78 -11.00
C ASN C 162 -2.05 41.51 -11.46
N GLY C 163 -0.88 40.96 -11.13
CA GLY C 163 0.39 41.51 -11.57
C GLY C 163 0.89 42.68 -10.74
N THR C 164 -0.03 43.51 -10.25
CA THR C 164 0.35 44.72 -9.55
C THR C 164 0.87 44.41 -8.15
N LYS C 165 1.78 45.25 -7.67
CA LYS C 165 2.29 45.16 -6.31
C LYS C 165 1.27 45.75 -5.35
N LEU C 166 0.88 44.98 -4.35
CA LEU C 166 -0.11 45.43 -3.36
C LEU C 166 0.52 45.28 -1.98
N TYR C 167 1.02 46.37 -1.43
CA TYR C 167 1.56 46.32 -0.08
C TYR C 167 0.43 46.22 0.92
N SER C 168 0.55 45.27 1.86
CA SER C 168 -0.40 45.09 2.94
C SER C 168 0.32 45.11 4.27
N ALA C 169 -0.14 45.97 5.18
CA ALA C 169 0.26 45.95 6.56
C ALA C 169 -0.81 45.24 7.38
N ARG C 170 -0.36 44.43 8.33
CA ARG C 170 -1.24 43.53 9.07
C ARG C 170 -1.07 43.79 10.56
N ILE C 171 -2.17 44.10 11.23
CA ILE C 171 -2.25 44.11 12.68
C ILE C 171 -2.93 42.83 13.13
N ILE C 172 -2.27 42.12 14.04
CA ILE C 172 -2.61 40.74 14.36
C ILE C 172 -2.88 40.69 15.85
N PRO C 173 -4.13 40.54 16.28
CA PRO C 173 -4.45 40.52 17.71
C PRO C 173 -4.27 39.12 18.30
N PHE C 174 -4.63 39.00 19.58
CA PHE C 174 -4.64 37.70 20.23
C PHE C 174 -6.02 37.04 20.13
N LYS C 175 -7.07 37.76 20.50
CA LYS C 175 -8.43 37.35 20.19
C LYS C 175 -9.16 38.51 19.55
N GLY C 176 -9.86 38.23 18.46
CA GLY C 176 -10.59 39.24 17.72
C GLY C 176 -10.32 39.07 16.24
N SER C 177 -10.58 40.13 15.50
CA SER C 177 -10.37 40.15 14.07
C SER C 177 -9.05 40.82 13.71
N TRP C 178 -8.53 40.46 12.55
CA TRP C 178 -7.24 40.95 12.07
C TRP C 178 -7.48 42.19 11.19
N ILE C 179 -6.51 43.09 11.17
CA ILE C 179 -6.69 44.38 10.50
C ILE C 179 -5.68 44.50 9.36
N GLU C 180 -6.14 44.90 8.19
CA GLU C 180 -5.29 45.03 7.01
C GLU C 180 -5.31 46.46 6.49
N PHE C 181 -4.20 46.84 5.85
CA PHE C 181 -4.09 48.10 5.13
C PHE C 181 -3.33 47.78 3.83
N ALA C 182 -4.05 47.67 2.73
CA ALA C 182 -3.49 47.18 1.48
C ALA C 182 -3.68 48.19 0.36
N THR C 183 -2.70 48.23 -0.54
CA THR C 183 -2.75 49.12 -1.70
C THR C 183 -3.52 48.44 -2.83
N ASP C 184 -4.40 49.20 -3.48
CA ASP C 184 -5.11 48.68 -4.64
C ASP C 184 -4.21 48.69 -5.87
N ILE C 185 -4.72 48.06 -6.94
CA ILE C 185 -4.05 48.11 -8.24
C ILE C 185 -3.89 49.55 -8.70
N ASN C 186 -4.85 50.40 -8.36
CA ASN C 186 -4.86 51.81 -8.75
C ASN C 186 -3.98 52.68 -7.87
N ASN C 187 -3.01 52.08 -7.17
CA ASN C 187 -2.17 52.72 -6.15
C ASN C 187 -3.02 53.43 -5.09
N VAL C 188 -4.25 52.96 -4.92
CA VAL C 188 -5.20 53.52 -3.97
C VAL C 188 -5.22 52.65 -2.72
N MET C 189 -5.21 53.30 -1.56
CA MET C 189 -4.92 52.64 -0.29
C MET C 189 -6.23 52.34 0.42
N TYR C 190 -6.38 51.10 0.88
CA TYR C 190 -7.66 50.60 1.41
C TYR C 190 -7.42 49.91 2.74
N ALA C 191 -8.14 50.33 3.77
CA ALA C 191 -8.06 49.72 5.10
C ALA C 191 -9.30 48.89 5.37
N TYR C 192 -9.11 47.71 5.97
CA TYR C 192 -10.25 46.86 6.27
C TYR C 192 -9.83 45.83 7.33
N ILE C 193 -10.67 44.83 7.50
CA ILE C 193 -10.55 43.86 8.58
C ILE C 193 -10.40 42.47 7.98
N ASP C 194 -9.50 41.67 8.58
CA ASP C 194 -9.37 40.25 8.26
C ASP C 194 -9.03 40.00 6.79
N ARG C 195 -8.20 40.88 6.22
CA ARG C 195 -7.76 40.81 4.83
C ARG C 195 -8.92 40.88 3.83
N LYS C 196 -10.11 41.32 4.27
CA LYS C 196 -11.30 41.21 3.44
C LYS C 196 -11.43 42.41 2.50
N LYS C 197 -12.64 42.58 1.96
CA LYS C 197 -12.87 43.50 0.83
C LYS C 197 -12.35 44.90 1.11
N LYS C 198 -11.84 45.52 0.05
CA LYS C 198 -11.19 46.82 0.18
C LYS C 198 -12.17 47.89 0.66
N LEU C 199 -11.65 48.81 1.48
CA LEU C 199 -12.39 49.92 2.04
C LEU C 199 -11.39 51.06 2.23
N PRO C 200 -11.67 52.24 1.68
CA PRO C 200 -10.64 53.29 1.60
C PRO C 200 -10.07 53.65 2.97
N VAL C 201 -8.76 53.88 3.00
CA VAL C 201 -8.11 54.29 4.24
C VAL C 201 -8.59 55.67 4.66
N THR C 202 -8.91 56.54 3.71
CA THR C 202 -9.48 57.84 4.07
C THR C 202 -10.81 57.66 4.77
N THR C 203 -11.60 56.68 4.33
CA THR C 203 -12.89 56.41 4.98
C THR C 203 -12.68 56.01 6.44
N LEU C 204 -11.73 55.13 6.71
CA LEU C 204 -11.47 54.74 8.10
C LEU C 204 -10.89 55.90 8.90
N LEU C 205 -10.02 56.71 8.28
CA LEU C 205 -9.45 57.87 8.95
C LEU C 205 -10.56 58.81 9.42
N ARG C 206 -11.46 59.17 8.51
CA ARG C 206 -12.60 60.00 8.87
C ARG C 206 -13.64 59.26 9.69
N ALA C 207 -13.56 57.93 9.77
CA ALA C 207 -14.36 57.19 10.73
C ALA C 207 -13.84 57.32 12.15
N ILE C 208 -12.51 57.48 12.29
CA ILE C 208 -11.94 57.72 13.62
C ILE C 208 -12.36 59.09 14.15
N GLY C 209 -12.65 60.05 13.29
CA GLY C 209 -12.99 61.38 13.74
C GLY C 209 -12.18 62.47 13.09
N PHE C 210 -11.38 62.12 12.07
CA PHE C 210 -10.75 63.13 11.24
C PHE C 210 -11.81 63.96 10.53
N GLU C 211 -11.53 65.25 10.36
CA GLU C 211 -12.52 66.20 9.87
C GLU C 211 -12.70 66.10 8.36
N ALA C 212 -13.32 67.12 7.77
CA ALA C 212 -13.62 67.17 6.35
C ALA C 212 -12.43 66.76 5.49
N ASP C 213 -12.72 66.21 4.30
CA ASP C 213 -11.68 65.62 3.47
C ASP C 213 -10.57 66.59 3.13
N LYS C 214 -10.90 67.88 2.98
CA LYS C 214 -9.85 68.86 2.72
C LYS C 214 -8.90 68.95 3.90
N ASP C 215 -9.43 68.94 5.13
CA ASP C 215 -8.59 68.93 6.31
C ASP C 215 -7.81 67.63 6.44
N ILE C 216 -8.40 66.50 6.02
CA ILE C 216 -7.67 65.24 6.03
C ILE C 216 -6.47 65.32 5.09
N LEU C 217 -6.68 65.86 3.89
CA LEU C 217 -5.56 66.07 2.97
C LEU C 217 -4.53 67.00 3.57
N ASP C 218 -4.97 68.08 4.21
CA ASP C 218 -4.04 69.03 4.80
C ASP C 218 -3.20 68.38 5.89
N ILE C 219 -3.81 67.51 6.70
CA ILE C 219 -3.11 66.85 7.79
C ILE C 219 -2.35 65.60 7.33
N PHE C 220 -2.55 65.14 6.09
CA PHE C 220 -1.85 63.97 5.60
C PHE C 220 -1.02 64.20 4.34
N ASN C 221 -1.22 65.30 3.61
CA ASN C 221 -0.40 65.57 2.44
C ASN C 221 0.90 66.25 2.84
N SER C 306 0.22 61.19 -3.67
CA SER C 306 -1.15 61.28 -4.14
C SER C 306 -1.92 60.00 -3.84
N ILE C 307 -1.28 59.08 -3.13
CA ILE C 307 -1.93 57.83 -2.75
C ILE C 307 -3.15 58.11 -1.88
N ILE C 308 -2.98 58.99 -0.89
CA ILE C 308 -4.13 59.46 -0.10
C ILE C 308 -5.07 60.26 -0.99
N PHE C 309 -4.51 61.07 -1.90
CA PHE C 309 -5.35 61.83 -2.83
C PHE C 309 -6.14 60.91 -3.75
N ASN C 310 -5.50 59.85 -4.27
CA ASN C 310 -6.22 58.89 -5.10
C ASN C 310 -7.29 58.16 -4.29
N THR C 311 -6.99 57.84 -3.03
CA THR C 311 -7.99 57.23 -2.16
C THR C 311 -9.18 58.15 -1.99
N LEU C 312 -8.93 59.46 -1.82
CA LEU C 312 -10.01 60.42 -1.78
C LEU C 312 -10.77 60.45 -3.10
N GLN C 313 -10.05 60.32 -4.22
CA GLN C 313 -10.69 60.35 -5.53
C GLN C 313 -11.67 59.21 -5.69
N LYS C 314 -11.30 58.00 -5.26
CA LYS C 314 -12.26 56.90 -5.26
C LYS C 314 -13.03 56.79 -3.95
N ASP C 315 -12.83 57.71 -3.02
CA ASP C 315 -13.60 57.68 -1.78
C ASP C 315 -15.04 58.06 -2.06
N PRO C 316 -16.02 57.20 -1.74
CA PRO C 316 -17.42 57.57 -1.94
C PRO C 316 -17.99 58.48 -0.88
N CYS C 317 -17.24 58.75 0.19
CA CYS C 317 -17.67 59.64 1.26
C CYS C 317 -16.61 60.72 1.46
N ASN C 318 -17.05 61.94 1.79
CA ASN C 318 -16.12 63.05 1.78
C ASN C 318 -16.27 63.98 2.99
N SER C 319 -16.96 63.53 4.05
CA SER C 319 -17.20 64.36 5.23
C SER C 319 -17.79 63.48 6.33
N GLU C 320 -17.47 63.84 7.59
CA GLU C 320 -17.60 62.98 8.76
C GLU C 320 -18.90 62.21 8.88
N LYS C 321 -20.03 62.93 8.98
CA LYS C 321 -21.30 62.26 9.23
C LYS C 321 -21.67 61.31 8.10
N GLU C 322 -21.76 61.84 6.88
CA GLU C 322 -22.00 60.99 5.72
C GLU C 322 -20.87 59.97 5.54
N ALA C 323 -19.66 60.31 6.01
CA ALA C 323 -18.56 59.36 5.91
C ALA C 323 -18.87 58.07 6.66
N LEU C 324 -19.24 58.19 7.92
CA LEU C 324 -19.54 56.96 8.66
C LEU C 324 -20.87 56.37 8.22
N TYR C 325 -21.77 57.22 7.72
CA TYR C 325 -22.99 56.74 7.10
C TYR C 325 -22.69 55.74 5.99
N TYR C 326 -21.84 56.11 5.04
CA TYR C 326 -21.41 55.15 4.03
C TYR C 326 -20.66 53.97 4.65
N VAL C 327 -19.62 54.24 5.44
CA VAL C 327 -18.76 53.14 5.89
C VAL C 327 -19.58 52.09 6.61
N TYR C 328 -20.77 52.46 7.12
CA TYR C 328 -21.70 51.44 7.57
C TYR C 328 -22.54 50.90 6.42
N ARG C 329 -22.85 51.72 5.40
CA ARG C 329 -23.63 51.22 4.26
C ARG C 329 -22.93 50.09 3.52
N GLN C 330 -21.62 50.22 3.26
CA GLN C 330 -20.97 49.11 2.56
C GLN C 330 -20.35 48.09 3.52
N LEU C 331 -21.01 47.88 4.66
CA LEU C 331 -20.79 46.70 5.49
C LEU C 331 -21.94 45.70 5.41
N ARG C 332 -23.18 46.17 5.26
CA ARG C 332 -24.33 45.30 5.02
C ARG C 332 -25.23 45.93 3.96
N ASN C 333 -25.93 45.09 3.22
CA ASN C 333 -26.81 45.52 2.14
C ASN C 333 -28.26 45.43 2.57
N ALA C 334 -29.06 46.39 2.11
CA ALA C 334 -30.50 46.50 2.33
C ALA C 334 -30.85 46.81 3.79
N GLU C 335 -29.88 46.91 4.67
CA GLU C 335 -30.07 47.28 6.06
C GLU C 335 -29.53 48.69 6.31
N PRO C 336 -30.01 49.39 7.35
CA PRO C 336 -29.67 50.80 7.50
C PRO C 336 -28.17 51.03 7.71
N ALA C 337 -27.78 52.28 7.54
CA ALA C 337 -26.37 52.71 7.53
C ALA C 337 -26.15 53.81 8.55
N ASP C 338 -26.61 53.58 9.78
CA ASP C 338 -26.64 54.63 10.79
C ASP C 338 -25.25 55.17 11.09
N ASP C 339 -25.17 56.48 11.32
CA ASP C 339 -23.90 57.12 11.64
C ASP C 339 -23.40 56.70 13.02
N ALA C 340 -24.27 56.77 14.03
CA ALA C 340 -23.85 56.48 15.40
C ALA C 340 -23.41 55.03 15.56
N SER C 341 -24.12 54.11 14.90
CA SER C 341 -23.71 52.71 14.93
C SER C 341 -22.32 52.53 14.33
N ALA C 342 -22.05 53.22 13.21
CA ALA C 342 -20.71 53.16 12.62
C ALA C 342 -19.66 53.74 13.55
N ARG C 343 -20.00 54.83 14.25
CA ARG C 343 -19.08 55.43 15.21
C ARG C 343 -18.73 54.43 16.30
N GLU C 344 -19.74 53.77 16.87
CA GLU C 344 -19.49 52.77 17.90
C GLU C 344 -18.67 51.61 17.35
N VAL C 345 -18.97 51.19 16.11
CA VAL C 345 -18.27 50.05 15.52
C VAL C 345 -16.79 50.36 15.37
N ILE C 346 -16.47 51.53 14.81
CA ILE C 346 -15.06 51.86 14.58
C ILE C 346 -14.35 52.09 15.92
N THR C 347 -15.04 52.73 16.88
CA THR C 347 -14.43 52.97 18.18
C THR C 347 -14.09 51.66 18.88
N ASN C 348 -15.00 50.69 18.85
CA ASN C 348 -14.72 49.39 19.44
C ASN C 348 -13.72 48.59 18.61
N LEU C 349 -13.65 48.85 17.30
CA LEU C 349 -12.71 48.14 16.45
C LEU C 349 -11.28 48.53 16.74
N PHE C 350 -11.03 49.82 16.97
CA PHE C 350 -9.65 50.27 17.19
C PHE C 350 -9.33 50.66 18.64
N PHE C 351 -10.32 50.90 19.49
CA PHE C 351 -9.99 51.48 20.79
C PHE C 351 -10.79 50.89 21.96
N SER C 352 -11.36 49.70 21.83
CA SER C 352 -12.10 49.09 22.92
C SER C 352 -11.23 48.08 23.64
N ASP C 353 -11.03 48.28 24.95
CA ASP C 353 -10.23 47.34 25.72
C ASP C 353 -10.95 46.01 25.88
N LYS C 354 -12.27 46.04 26.08
CA LYS C 354 -13.06 44.84 26.33
C LYS C 354 -13.61 44.22 25.04
N ARG C 355 -13.24 44.75 23.88
CA ARG C 355 -13.60 44.16 22.61
C ARG C 355 -12.40 43.83 21.74
N TYR C 356 -11.24 44.42 22.02
CA TYR C 356 -9.99 44.17 21.31
C TYR C 356 -9.04 43.47 22.26
N ASP C 357 -8.53 42.30 21.87
CA ASP C 357 -7.74 41.45 22.76
C ASP C 357 -6.41 41.13 22.09
N LEU C 358 -5.38 41.87 22.47
CA LEU C 358 -4.01 41.67 21.99
C LEU C 358 -3.15 41.24 23.18
N GLY C 359 -2.51 40.08 23.05
CA GLY C 359 -1.63 39.62 24.11
C GLY C 359 -0.45 40.56 24.31
N ASP C 360 0.11 40.50 25.52
CA ASP C 360 1.27 41.33 25.82
C ASP C 360 2.42 41.07 24.85
N VAL C 361 2.53 39.84 24.36
CA VAL C 361 3.48 39.55 23.29
C VAL C 361 3.09 40.31 22.03
N GLY C 362 1.79 40.45 21.77
CA GLY C 362 1.36 41.23 20.63
C GLY C 362 1.74 42.69 20.78
N ARG C 363 1.53 43.25 21.96
CA ARG C 363 1.97 44.62 22.23
C ARG C 363 3.48 44.74 22.07
N TYR C 364 4.21 43.73 22.54
CA TYR C 364 5.67 43.76 22.44
C TYR C 364 6.13 43.78 20.99
N ARG C 365 5.54 42.91 20.16
CA ARG C 365 5.89 42.89 18.75
C ARG C 365 5.49 44.18 18.05
N ILE C 366 4.30 44.70 18.38
CA ILE C 366 3.88 45.99 17.85
C ILE C 366 4.94 47.04 18.17
N ASN C 367 5.37 47.07 19.42
CA ASN C 367 6.31 48.08 19.88
C ASN C 367 7.66 47.94 19.18
N LYS C 368 8.14 46.72 19.04
CA LYS C 368 9.49 46.53 18.52
C LYS C 368 9.53 46.72 17.00
N LYS C 369 8.61 46.08 16.27
CA LYS C 369 8.57 46.27 14.83
C LYS C 369 8.27 47.72 14.47
N LEU C 370 7.37 48.35 15.21
CA LEU C 370 7.10 49.76 15.02
C LEU C 370 8.09 50.64 15.78
N ASN C 371 9.05 50.04 16.47
CA ASN C 371 10.10 50.76 17.20
C ASN C 371 9.49 51.67 18.27
N LEU C 372 8.32 51.30 18.78
CA LEU C 372 7.61 52.12 19.75
C LEU C 372 8.30 52.06 21.11
N ASN C 373 8.06 53.11 21.90
CA ASN C 373 8.62 53.24 23.25
C ASN C 373 7.55 53.25 24.34
N ILE C 374 6.37 52.70 24.06
CA ILE C 374 5.27 52.69 25.02
C ILE C 374 4.86 51.24 25.22
N ASP C 375 5.48 50.58 26.21
CA ASP C 375 5.13 49.19 26.52
C ASP C 375 3.92 49.11 27.46
N PRO C 376 3.94 49.75 28.65
CA PRO C 376 2.76 49.66 29.52
C PRO C 376 1.70 50.66 29.09
N ASP C 377 0.63 50.16 28.49
CA ASP C 377 -0.47 50.98 28.03
C ASP C 377 -1.67 50.08 27.83
N ILE C 378 -2.68 50.59 27.12
CA ILE C 378 -3.79 49.74 26.71
C ILE C 378 -3.26 48.68 25.75
N LYS C 379 -3.70 47.43 25.96
CA LYS C 379 -3.38 46.34 25.04
C LYS C 379 -4.03 46.53 23.68
N VAL C 380 -4.71 47.65 23.45
CA VAL C 380 -5.54 47.85 22.27
C VAL C 380 -4.90 48.93 21.42
N LEU C 381 -5.19 48.90 20.11
CA LEU C 381 -4.70 49.91 19.19
C LEU C 381 -4.98 51.31 19.72
N THR C 382 -4.02 52.20 19.49
CA THR C 382 -4.17 53.61 19.82
C THR C 382 -4.06 54.43 18.53
N ASN C 383 -4.40 55.71 18.64
CA ASN C 383 -4.33 56.57 17.47
C ASN C 383 -2.90 56.75 16.99
N GLU C 384 -1.94 56.87 17.90
CA GLU C 384 -0.56 57.03 17.46
C GLU C 384 -0.05 55.76 16.79
N ASP C 385 -0.50 54.59 17.25
CA ASP C 385 -0.13 53.35 16.59
C ASP C 385 -0.64 53.34 15.15
N ILE C 386 -1.89 53.76 14.95
CA ILE C 386 -2.45 53.79 13.60
C ILE C 386 -1.70 54.80 12.73
N ILE C 387 -1.36 55.96 13.30
CA ILE C 387 -0.60 56.95 12.55
C ILE C 387 0.74 56.39 12.11
N GLU C 388 1.45 55.75 13.05
CA GLU C 388 2.77 55.22 12.72
C GLU C 388 2.68 54.10 11.70
N ILE C 389 1.67 53.24 11.80
CA ILE C 389 1.55 52.13 10.85
C ILE C 389 1.19 52.65 9.48
N ILE C 390 0.35 53.69 9.37
CA ILE C 390 0.04 54.19 8.04
C ILE C 390 1.25 54.93 7.45
N LYS C 391 2.06 55.58 8.30
CA LYS C 391 3.26 56.23 7.77
C LYS C 391 4.25 55.20 7.24
N TYR C 392 4.56 54.18 8.05
CA TYR C 392 5.44 53.12 7.55
C TYR C 392 4.80 52.39 6.38
N LEU C 393 3.47 52.36 6.33
CA LEU C 393 2.74 51.75 5.23
C LEU C 393 3.03 52.46 3.93
N ILE C 394 2.90 53.79 3.93
CA ILE C 394 3.22 54.51 2.69
C ILE C 394 4.71 54.42 2.40
N GLU C 395 5.56 54.40 3.43
CA GLU C 395 7.00 54.32 3.22
C GLU C 395 7.41 53.03 2.52
N LEU C 396 6.72 51.93 2.81
CA LEU C 396 7.00 50.70 2.08
C LEU C 396 6.10 50.54 0.84
N VAL C 397 5.07 51.36 0.70
CA VAL C 397 4.31 51.39 -0.55
C VAL C 397 5.15 52.00 -1.67
N ASN C 398 5.87 53.08 -1.37
CA ASN C 398 6.71 53.72 -2.39
C ASN C 398 8.08 53.08 -2.50
N SER C 399 8.20 51.81 -2.12
CA SER C 399 9.38 51.00 -2.39
C SER C 399 10.64 51.55 -1.71
N LYS C 400 10.51 51.94 -0.44
CA LYS C 400 11.63 52.41 0.35
C LYS C 400 11.93 51.51 1.54
N ALA C 401 11.42 50.28 1.53
CA ALA C 401 11.66 49.34 2.62
C ALA C 401 11.64 47.93 2.04
N SER C 402 11.52 46.93 2.93
CA SER C 402 11.60 45.53 2.54
C SER C 402 10.40 44.76 3.11
N VAL C 403 10.07 43.66 2.43
CA VAL C 403 8.96 42.80 2.83
C VAL C 403 9.36 41.96 4.03
N ASP C 404 8.39 41.29 4.64
CA ASP C 404 8.64 40.40 5.77
C ASP C 404 8.66 38.95 5.31
N ASP C 405 9.18 38.09 6.17
CA ASP C 405 9.27 36.66 5.91
C ASP C 405 8.39 35.91 6.90
N ILE C 406 7.87 34.78 6.46
CA ILE C 406 6.91 33.99 7.24
C ILE C 406 7.59 32.85 7.97
N ASP C 407 8.40 32.06 7.26
CA ASP C 407 9.03 30.89 7.86
C ASP C 407 10.04 31.27 8.93
N HIS C 408 10.45 32.53 8.98
CA HIS C 408 11.34 33.00 10.04
C HIS C 408 10.77 32.64 11.40
N LEU C 409 11.57 31.94 12.22
CA LEU C 409 11.04 31.35 13.44
C LEU C 409 10.61 32.41 14.45
N SER C 410 11.29 33.55 14.50
CA SER C 410 10.91 34.60 15.43
C SER C 410 9.48 35.06 15.20
N ASN C 411 8.84 34.66 14.11
CA ASN C 411 7.45 34.95 13.86
C ASN C 411 6.52 33.82 14.25
N ARG C 412 7.02 32.83 14.99
CA ARG C 412 6.17 31.77 15.52
C ARG C 412 6.41 31.58 17.01
N ARG C 413 5.31 31.44 17.74
CA ARG C 413 5.31 31.21 19.17
C ARG C 413 5.01 29.75 19.46
N VAL C 414 4.92 29.38 20.73
CA VAL C 414 4.91 27.99 21.14
C VAL C 414 3.60 27.60 21.83
N ARG C 415 3.13 28.37 22.81
CA ARG C 415 1.88 28.10 23.51
C ARG C 415 1.82 26.65 24.00
N THR C 416 2.65 26.37 25.01
CA THR C 416 2.71 25.03 25.61
C THR C 416 1.35 24.63 26.19
N VAL C 417 1.24 23.38 26.66
CA VAL C 417 -0.05 22.82 27.07
C VAL C 417 -0.77 23.76 28.05
N GLY C 418 -0.01 24.34 28.97
CA GLY C 418 -0.62 25.17 29.99
C GLY C 418 -1.36 26.37 29.43
N GLU C 419 -0.79 27.03 28.43
CA GLU C 419 -1.42 28.22 27.88
C GLU C 419 -2.78 27.88 27.26
N GLN C 420 -2.86 26.78 26.53
CA GLN C 420 -4.09 26.47 25.83
C GLN C 420 -5.15 25.93 26.78
N LEU C 421 -4.74 25.17 27.80
CA LEU C 421 -5.71 24.79 28.81
C LEU C 421 -6.23 26.01 29.56
N TYR C 422 -5.34 26.95 29.88
CA TYR C 422 -5.73 28.26 30.37
C TYR C 422 -6.82 28.88 29.50
N ASN C 423 -6.61 28.92 28.20
CA ASN C 423 -7.56 29.59 27.32
C ASN C 423 -8.94 28.95 27.39
N GLN C 424 -9.00 27.62 27.25
CA GLN C 424 -10.32 26.99 27.28
C GLN C 424 -11.00 27.17 28.63
N PHE C 425 -10.23 27.03 29.71
CA PHE C 425 -10.81 27.18 31.04
C PHE C 425 -11.37 28.59 31.21
N GLY C 426 -10.62 29.59 30.74
CA GLY C 426 -11.08 30.96 30.88
C GLY C 426 -12.33 31.24 30.08
N ILE C 427 -12.43 30.67 28.88
CA ILE C 427 -13.65 30.88 28.09
C ILE C 427 -14.85 30.28 28.82
N GLY C 428 -14.70 29.06 29.32
CA GLY C 428 -15.81 28.43 30.02
C GLY C 428 -16.25 29.24 31.22
N LEU C 429 -15.30 29.64 32.06
CA LEU C 429 -15.64 30.43 33.24
C LEU C 429 -16.23 31.77 32.85
N ALA C 430 -15.76 32.35 31.74
CA ALA C 430 -16.23 33.68 31.37
C ALA C 430 -17.71 33.65 31.00
N ARG C 431 -18.13 32.70 30.16
CA ARG C 431 -19.55 32.79 29.85
C ARG C 431 -20.38 32.18 30.98
N MET C 432 -19.76 31.37 31.85
CA MET C 432 -20.42 31.05 33.11
C MET C 432 -20.72 32.30 33.92
N ALA C 433 -19.76 33.22 33.99
CA ALA C 433 -20.02 34.50 34.66
C ALA C 433 -21.11 35.28 33.93
N ARG C 434 -21.14 35.18 32.61
CA ARG C 434 -22.19 35.83 31.83
C ARG C 434 -23.57 35.35 32.30
N THR C 435 -23.74 34.03 32.39
CA THR C 435 -25.04 33.48 32.77
C THR C 435 -25.36 33.73 34.24
N VAL C 436 -24.33 33.83 35.10
CA VAL C 436 -24.66 34.16 36.48
C VAL C 436 -25.10 35.62 36.59
N ARG C 437 -24.49 36.51 35.80
CA ARG C 437 -25.01 37.87 35.67
C ARG C 437 -26.48 37.85 35.31
N ASP C 438 -26.81 37.06 34.27
CA ASP C 438 -28.21 36.91 33.88
C ASP C 438 -29.08 36.48 35.05
N ARG C 439 -28.66 35.43 35.76
CA ARG C 439 -29.48 34.90 36.84
C ARG C 439 -29.68 35.91 37.96
N MET C 440 -28.64 36.63 38.34
CA MET C 440 -28.78 37.52 39.48
C MET C 440 -29.28 38.91 39.13
N ASN C 441 -29.45 39.23 37.84
CA ASN C 441 -30.07 40.49 37.49
C ASN C 441 -31.44 40.63 38.14
N VAL C 442 -32.21 39.54 38.18
CA VAL C 442 -33.42 39.45 38.98
C VAL C 442 -33.06 38.66 40.24
N ARG C 443 -33.22 39.29 41.41
CA ARG C 443 -32.67 38.69 42.63
C ARG C 443 -33.64 38.93 43.78
N ASP C 444 -34.34 37.88 44.17
CA ASP C 444 -35.05 37.83 45.44
C ASP C 444 -34.09 37.46 46.56
N ASN C 445 -34.54 37.62 47.80
CA ASN C 445 -33.74 37.28 48.96
C ASN C 445 -34.35 36.09 49.69
N GLU C 446 -33.52 35.45 50.51
CA GLU C 446 -33.90 34.26 51.28
C GLU C 446 -34.33 33.10 50.41
N VAL C 447 -33.99 33.13 49.12
CA VAL C 447 -34.39 32.07 48.22
C VAL C 447 -33.17 31.63 47.41
N PHE C 448 -32.09 32.40 47.51
CA PHE C 448 -30.88 32.09 46.76
C PHE C 448 -29.71 31.92 47.72
N THR C 449 -29.11 30.74 47.70
CA THR C 449 -27.85 30.41 48.35
C THR C 449 -26.98 29.69 47.33
N PRO C 450 -25.64 29.83 47.41
CA PRO C 450 -24.77 29.42 46.29
C PRO C 450 -25.07 28.04 45.71
N ILE C 451 -25.85 27.23 46.41
CA ILE C 451 -26.24 25.91 45.90
C ILE C 451 -26.95 26.04 44.56
N ASP C 452 -27.77 27.07 44.40
CA ASP C 452 -28.56 27.24 43.18
C ASP C 452 -28.10 28.39 42.30
N LEU C 453 -27.07 29.14 42.70
CA LEU C 453 -26.65 30.28 41.90
C LEU C 453 -26.01 29.88 40.59
N VAL C 454 -25.12 28.90 40.61
CA VAL C 454 -24.25 28.62 39.47
C VAL C 454 -24.46 27.19 39.01
N ASN C 455 -24.87 27.03 37.76
CA ASN C 455 -24.85 25.73 37.08
C ASN C 455 -23.51 25.55 36.36
N ALA C 456 -22.46 25.40 37.16
CA ALA C 456 -21.10 25.42 36.63
C ALA C 456 -20.79 24.21 35.76
N LYS C 457 -21.66 23.18 35.77
CA LYS C 457 -21.41 21.96 35.00
C LYS C 457 -21.00 22.25 33.57
N THR C 458 -21.28 23.44 33.07
CA THR C 458 -20.77 23.85 31.78
C THR C 458 -19.25 23.87 31.75
N ILE C 459 -18.61 24.21 32.87
CA ILE C 459 -17.16 24.09 32.96
C ILE C 459 -16.73 22.65 32.77
N SER C 460 -17.42 21.72 33.43
CA SER C 460 -17.17 20.30 33.22
C SER C 460 -17.27 19.94 31.76
N SER C 461 -18.34 20.41 31.10
CA SER C 461 -18.54 20.11 29.69
C SER C 461 -17.37 20.60 28.85
N VAL C 462 -16.98 21.86 29.01
CA VAL C 462 -15.98 22.43 28.12
C VAL C 462 -14.62 21.77 28.34
N VAL C 463 -14.22 21.57 29.58
CA VAL C 463 -12.89 21.00 29.80
C VAL C 463 -12.87 19.54 29.35
N ASN C 464 -13.90 18.76 29.69
CA ASN C 464 -13.90 17.38 29.26
C ASN C 464 -13.94 17.28 27.75
N SER C 465 -14.65 18.21 27.08
CA SER C 465 -14.67 18.19 25.63
C SER C 465 -13.30 18.52 25.05
N PHE C 466 -12.60 19.48 25.64
CA PHE C 466 -11.27 19.80 25.13
C PHE C 466 -10.34 18.61 25.25
N PHE C 467 -10.41 17.89 26.37
CA PHE C 467 -9.53 16.74 26.52
C PHE C 467 -10.02 15.52 25.76
N GLY C 468 -11.29 15.49 25.34
CA GLY C 468 -11.78 14.29 24.71
C GLY C 468 -11.99 14.35 23.21
N THR C 469 -11.99 15.55 22.62
CA THR C 469 -12.30 15.65 21.19
C THR C 469 -11.47 16.68 20.42
N ASN C 470 -10.64 17.49 21.06
CA ASN C 470 -9.97 18.56 20.35
C ASN C 470 -9.00 18.00 19.31
N ALA C 471 -8.51 18.89 18.45
CA ALA C 471 -7.64 18.47 17.36
C ALA C 471 -6.32 17.90 17.87
N LEU C 472 -5.72 18.55 18.87
CA LEU C 472 -4.34 18.25 19.21
C LEU C 472 -4.19 17.09 20.18
N SER C 473 -5.23 16.74 20.93
CA SER C 473 -5.13 15.65 21.89
C SER C 473 -5.15 14.32 21.16
N GLN C 474 -4.10 13.52 21.32
CA GLN C 474 -3.93 12.31 20.53
C GLN C 474 -3.64 11.11 21.41
N PHE C 475 -4.02 9.92 20.91
CA PHE C 475 -3.52 8.70 21.51
C PHE C 475 -2.00 8.68 21.47
N MET C 476 -1.43 7.77 22.28
CA MET C 476 0.01 7.65 22.38
C MET C 476 0.54 6.50 21.55
N ASP C 477 1.58 6.77 20.79
CA ASP C 477 2.43 5.75 20.16
C ASP C 477 3.31 5.13 21.24
N GLN C 478 2.72 4.20 21.96
CA GLN C 478 3.24 3.75 23.24
C GLN C 478 3.82 2.33 23.14
N THR C 479 4.58 2.05 22.09
CA THR C 479 5.17 0.73 21.90
C THR C 479 6.67 0.70 22.10
N ASN C 480 7.30 1.82 22.38
CA ASN C 480 8.75 1.91 22.42
C ASN C 480 9.22 3.17 23.13
N PRO C 481 10.06 3.07 24.15
CA PRO C 481 10.47 4.26 24.91
C PRO C 481 10.89 5.44 24.07
N LEU C 482 11.69 5.22 23.02
CA LEU C 482 12.04 6.33 22.15
C LEU C 482 10.79 6.88 21.46
N ALA C 483 9.82 6.03 21.15
CA ALA C 483 8.58 6.51 20.54
C ALA C 483 7.93 7.56 21.41
N GLU C 484 7.77 7.28 22.71
CA GLU C 484 7.20 8.32 23.57
C GLU C 484 8.09 9.54 23.62
N ILE C 485 9.35 9.37 24.00
CA ILE C 485 10.12 10.56 24.37
C ILE C 485 10.40 11.42 23.14
N THR C 486 10.16 10.90 21.94
CA THR C 486 10.03 11.82 20.81
C THR C 486 8.59 12.25 20.58
N HIS C 487 7.62 11.49 21.07
CA HIS C 487 6.22 11.82 20.84
C HIS C 487 5.79 13.02 21.67
N LYS C 488 6.47 13.26 22.78
CA LYS C 488 6.11 14.33 23.69
C LYS C 488 6.80 15.65 23.38
N ARG C 489 7.72 15.71 22.43
CA ARG C 489 8.16 17.01 21.97
C ARG C 489 7.77 17.21 20.50
N ARG C 490 6.84 16.40 20.03
CA ARG C 490 6.23 16.61 18.73
C ARG C 490 5.63 18.01 18.67
N LEU C 491 5.77 18.68 17.54
CA LEU C 491 5.42 20.09 17.44
C LEU C 491 4.49 20.28 16.26
N SER C 492 3.19 20.05 16.47
CA SER C 492 2.24 20.13 15.38
C SER C 492 1.98 21.58 14.98
N ALA C 493 1.50 21.75 13.74
CA ALA C 493 1.23 23.07 13.17
C ALA C 493 -0.12 23.10 12.47
N LEU C 494 -1.06 22.30 12.93
CA LEU C 494 -2.39 22.22 12.33
C LEU C 494 -3.43 22.69 13.34
N GLY C 495 -4.29 23.60 12.90
CA GLY C 495 -5.30 24.16 13.78
C GLY C 495 -5.02 25.61 14.08
N PRO C 496 -5.91 26.24 14.85
CA PRO C 496 -5.70 27.64 15.23
C PRO C 496 -4.42 27.84 16.01
N GLY C 497 -3.78 28.99 15.77
CA GLY C 497 -2.62 29.43 16.52
C GLY C 497 -1.41 29.76 15.67
N GLY C 498 -1.08 28.90 14.73
CA GLY C 498 -0.09 29.17 13.71
C GLY C 498 -0.76 29.47 12.39
N LEU C 499 -0.08 29.09 11.30
CA LEU C 499 -0.72 29.14 9.99
C LEU C 499 -1.75 28.02 9.88
N SER C 500 -2.51 28.04 8.79
CA SER C 500 -3.55 27.06 8.55
C SER C 500 -3.16 26.14 7.40
N ARG C 501 -3.85 25.00 7.31
CA ARG C 501 -3.57 24.04 6.26
C ARG C 501 -3.89 24.57 4.87
N GLU C 502 -4.72 25.61 4.77
CA GLU C 502 -5.06 26.21 3.49
C GLU C 502 -4.24 27.45 3.17
N ARG C 503 -3.29 27.80 4.04
CA ARG C 503 -2.44 28.98 3.85
C ARG C 503 -0.98 28.65 3.62
N ALA C 504 -0.56 27.41 3.84
CA ALA C 504 0.84 27.04 3.67
C ALA C 504 1.20 26.95 2.20
N GLY C 505 2.35 27.52 1.85
CA GLY C 505 2.90 27.40 0.51
C GLY C 505 3.94 26.30 0.45
N PHE C 506 5.21 26.69 0.32
CA PHE C 506 6.31 25.74 0.39
C PHE C 506 7.11 25.84 1.68
N GLU C 507 7.11 27.01 2.33
CA GLU C 507 7.95 27.22 3.51
C GLU C 507 7.51 26.33 4.68
N VAL C 508 6.19 26.15 4.84
CA VAL C 508 5.67 25.40 5.97
C VAL C 508 5.77 23.92 5.64
N ARG C 509 6.24 23.63 4.43
CA ARG C 509 6.61 22.28 4.04
C ARG C 509 8.10 22.06 4.18
N ASP C 510 8.82 23.06 4.68
CA ASP C 510 10.26 23.18 4.47
C ASP C 510 11.00 23.36 5.80
N VAL C 511 12.33 23.45 5.69
CA VAL C 511 13.23 23.72 6.80
C VAL C 511 13.94 25.04 6.52
N HIS C 512 13.66 26.05 7.33
CA HIS C 512 14.22 27.37 7.08
C HIS C 512 15.70 27.42 7.45
N TYR C 513 16.30 28.56 7.12
CA TYR C 513 17.66 28.87 7.52
C TYR C 513 17.84 28.93 9.03
N THR C 514 16.76 29.08 9.79
CA THR C 514 16.87 29.24 11.24
C THR C 514 16.34 28.05 12.02
N HIS C 515 16.12 26.91 11.38
CA HIS C 515 15.87 25.73 12.19
C HIS C 515 17.12 25.22 12.87
N TYR C 516 18.23 25.94 12.78
CA TYR C 516 19.46 25.49 13.39
C TYR C 516 19.27 25.39 14.90
N GLY C 517 19.17 24.17 15.42
CA GLY C 517 19.10 23.99 16.84
C GLY C 517 17.73 24.18 17.46
N ARG C 518 16.92 25.10 16.93
CA ARG C 518 15.56 25.23 17.45
C ARG C 518 14.67 24.07 17.01
N LEU C 519 14.71 23.72 15.73
CA LEU C 519 13.73 22.81 15.17
C LEU C 519 14.43 21.86 14.22
N CYS C 520 14.19 20.57 14.36
CA CYS C 520 15.08 19.57 13.79
C CYS C 520 15.22 19.73 12.29
N PRO C 521 16.44 19.70 11.75
CA PRO C 521 16.60 19.74 10.29
C PRO C 521 16.35 18.40 9.64
N ILE C 522 16.83 17.34 10.29
CA ILE C 522 16.94 16.03 9.66
C ILE C 522 15.75 15.14 9.95
N GLU C 523 14.97 15.43 10.99
CA GLU C 523 13.73 14.71 11.25
C GLU C 523 12.59 15.71 11.09
N THR C 524 12.19 15.90 9.85
CA THR C 524 10.94 16.56 9.49
C THR C 524 10.31 15.58 8.51
N PRO C 525 9.64 14.55 9.03
CA PRO C 525 9.35 13.37 8.20
C PRO C 525 8.51 13.71 6.98
N GLU C 526 8.96 13.23 5.83
CA GLU C 526 8.32 13.53 4.56
C GLU C 526 6.91 12.94 4.52
N GLY C 527 6.13 13.40 3.54
CA GLY C 527 4.78 12.93 3.35
C GLY C 527 3.80 14.08 3.26
N PRO C 528 2.58 13.86 3.74
CA PRO C 528 1.62 14.96 3.80
C PRO C 528 2.00 16.03 4.81
N ASN C 529 3.01 15.79 5.64
CA ASN C 529 3.30 16.62 6.80
C ASN C 529 4.77 17.00 6.89
N ILE C 530 5.45 17.17 5.76
CA ILE C 530 6.92 17.31 5.75
C ILE C 530 7.37 18.39 6.73
N GLY C 531 6.91 19.62 6.51
CA GLY C 531 7.32 20.71 7.40
C GLY C 531 6.37 20.90 8.56
N LEU C 532 5.21 20.23 8.50
CA LEU C 532 4.14 20.53 9.45
C LEU C 532 4.45 20.02 10.85
N ILE C 533 5.08 18.85 10.97
CA ILE C 533 5.25 18.22 12.28
C ILE C 533 6.73 18.13 12.63
N SER C 534 7.51 19.12 12.21
CA SER C 534 8.93 19.15 12.52
C SER C 534 9.17 19.09 14.02
N SER C 535 10.15 18.29 14.43
CA SER C 535 10.40 18.00 15.83
C SER C 535 11.49 18.90 16.40
N LEU C 536 11.56 18.91 17.73
CA LEU C 536 12.38 19.84 18.48
C LEU C 536 13.75 19.23 18.76
N CYS C 537 14.79 20.05 18.71
CA CYS C 537 16.13 19.57 19.02
C CYS C 537 16.25 19.32 20.52
N VAL C 538 17.41 18.81 20.94
CA VAL C 538 17.61 18.49 22.35
C VAL C 538 17.85 19.76 23.16
N TYR C 539 18.89 20.51 22.83
CA TYR C 539 19.27 21.70 23.58
C TYR C 539 18.24 22.81 23.51
N ALA C 540 17.11 22.61 22.85
CA ALA C 540 16.14 23.68 22.71
C ALA C 540 15.41 23.93 24.03
N LYS C 541 15.20 25.21 24.33
CA LYS C 541 14.54 25.60 25.57
C LYS C 541 13.58 26.73 25.27
N ILE C 542 12.48 26.77 26.02
CA ILE C 542 11.37 27.69 25.78
C ILE C 542 11.50 28.88 26.71
N SER C 543 11.57 30.08 26.13
CA SER C 543 11.61 31.30 26.91
C SER C 543 10.22 31.60 27.45
N ASP C 544 10.03 32.81 27.97
CA ASP C 544 8.80 33.21 28.62
C ASP C 544 7.82 33.91 27.68
N LEU C 545 8.09 33.92 26.39
CA LEU C 545 7.25 34.63 25.45
C LEU C 545 6.76 33.78 24.28
N GLY C 546 7.24 32.55 24.14
CA GLY C 546 6.99 31.76 22.96
C GLY C 546 8.13 31.75 21.98
N PHE C 547 9.28 32.27 22.35
CA PHE C 547 10.48 32.17 21.53
C PHE C 547 11.24 30.91 21.93
N ILE C 548 11.56 30.07 20.94
CA ILE C 548 12.43 28.93 21.21
C ILE C 548 13.85 29.42 21.39
N THR C 549 14.52 28.92 22.42
CA THR C 549 15.86 29.36 22.76
C THR C 549 16.76 28.14 22.85
N THR C 550 18.05 28.41 22.77
CA THR C 550 19.03 27.33 22.75
C THR C 550 20.36 27.89 23.21
N PRO C 551 21.21 27.08 23.84
CA PRO C 551 22.46 27.62 24.39
C PRO C 551 23.51 27.89 23.34
N TYR C 552 24.31 28.92 23.58
CA TYR C 552 25.61 29.10 22.98
C TYR C 552 26.62 29.39 24.08
N ARG C 553 27.89 29.18 23.77
CA ARG C 553 28.96 29.55 24.68
C ARG C 553 29.63 30.81 24.19
N GLU C 554 29.83 31.73 25.12
CA GLU C 554 30.39 33.05 24.84
C GLU C 554 31.75 32.91 24.20
N VAL C 555 32.03 33.77 23.22
CA VAL C 555 33.31 33.75 22.52
C VAL C 555 33.76 35.18 22.24
N LYS C 556 34.99 35.50 22.58
CA LYS C 556 35.58 36.78 22.26
C LYS C 556 37.05 36.61 21.91
N ASN C 557 37.51 37.42 20.96
CA ASN C 557 38.92 37.71 20.68
C ASN C 557 39.85 36.50 20.81
N GLY C 558 39.42 35.35 20.34
CA GLY C 558 40.29 34.21 20.21
C GLY C 558 39.97 33.08 21.16
N LYS C 559 39.71 33.42 22.42
CA LYS C 559 39.32 32.41 23.38
C LYS C 559 37.85 32.06 23.25
N VAL C 560 37.52 30.87 23.69
CA VAL C 560 36.17 30.56 24.12
C VAL C 560 36.08 31.12 25.53
N ASP C 561 35.17 32.08 25.72
CA ASP C 561 35.35 33.08 26.77
C ASP C 561 35.66 32.44 28.11
N PHE C 562 35.00 31.34 28.44
CA PHE C 562 35.53 30.45 29.46
C PHE C 562 35.40 29.00 29.10
N SER C 563 34.61 28.66 28.07
CA SER C 563 34.34 27.29 27.65
C SER C 563 33.92 26.35 28.79
N ASP C 564 32.97 26.76 29.65
CA ASP C 564 32.43 28.10 29.86
C ASP C 564 31.86 28.18 31.28
N ASN C 565 31.71 29.40 31.78
CA ASN C 565 31.09 29.63 33.08
C ASN C 565 29.67 30.16 32.97
N GLY C 566 29.45 31.11 32.06
CA GLY C 566 28.11 31.58 31.76
C GLY C 566 27.64 31.18 30.38
N LEU C 567 26.75 30.19 30.34
CA LEU C 567 26.02 29.89 29.11
C LEU C 567 25.14 31.06 28.75
N LYS C 568 25.03 31.35 27.46
CA LYS C 568 24.06 32.35 27.02
C LYS C 568 23.03 31.61 26.19
N TYR C 569 21.87 31.35 26.78
CA TYR C 569 20.74 30.99 25.96
C TYR C 569 20.41 32.15 25.05
N TYR C 570 19.99 31.84 23.83
CA TYR C 570 19.59 32.92 22.94
C TYR C 570 18.29 32.53 22.28
N THR C 571 17.55 33.56 21.89
CA THR C 571 16.36 33.46 21.08
C THR C 571 16.69 33.78 19.63
N ALA C 572 15.81 33.31 18.74
CA ALA C 572 16.04 33.45 17.32
C ALA C 572 16.26 34.89 16.91
N GLU C 573 15.51 35.81 17.52
CA GLU C 573 15.47 37.18 17.00
C GLU C 573 16.82 37.86 17.08
N GLU C 574 17.56 37.66 18.16
CA GLU C 574 18.84 38.33 18.30
C GLU C 574 19.96 37.64 17.55
N GLU C 575 19.75 36.39 17.11
CA GLU C 575 20.81 35.61 16.49
C GLU C 575 21.31 36.26 15.20
N GLU C 576 20.48 37.08 14.57
CA GLU C 576 20.60 37.38 13.15
C GLU C 576 21.67 38.42 12.83
N GLU C 577 22.57 38.73 13.76
CA GLU C 577 23.63 39.69 13.44
C GLU C 577 25.01 39.28 13.91
N LYS C 578 25.18 38.09 14.48
CA LYS C 578 26.43 37.72 15.12
C LYS C 578 26.98 36.47 14.46
N THR C 579 28.27 36.48 14.16
CA THR C 579 28.89 35.32 13.54
C THR C 579 28.99 34.19 14.54
N VAL C 580 28.44 33.03 14.19
CA VAL C 580 28.42 31.88 15.07
C VAL C 580 29.39 30.83 14.53
N ALA C 581 30.48 30.61 15.26
CA ALA C 581 31.45 29.59 14.88
C ALA C 581 30.89 28.20 15.14
N GLN C 582 31.63 27.19 14.72
CA GLN C 582 31.18 25.81 14.90
C GLN C 582 32.14 25.00 15.77
N GLY C 583 31.57 24.03 16.49
CA GLY C 583 32.25 23.24 17.49
C GLY C 583 33.32 22.30 16.98
N ASN C 584 33.06 21.56 15.91
CA ASN C 584 34.11 20.71 15.35
C ASN C 584 35.07 21.55 14.52
N ALA C 585 35.56 22.61 15.14
CA ALA C 585 36.73 23.36 14.65
C ALA C 585 37.75 23.23 15.76
N PRO C 586 38.75 22.36 15.61
CA PRO C 586 39.42 21.79 16.78
C PRO C 586 39.94 22.82 17.75
N LEU C 587 39.75 22.54 19.03
CA LEU C 587 40.19 23.38 20.12
C LEU C 587 41.34 22.73 20.85
N ASP C 588 42.15 23.56 21.51
CA ASP C 588 42.98 23.04 22.58
C ASP C 588 42.09 22.56 23.71
N GLU C 589 42.71 21.96 24.72
CA GLU C 589 42.01 21.92 26.00
C GLU C 589 42.32 23.17 26.81
N ASN C 590 42.27 24.31 26.14
CA ASN C 590 42.49 25.62 26.72
C ASN C 590 41.57 26.69 26.16
N GLY C 591 40.76 26.39 25.15
CA GLY C 591 39.88 27.38 24.55
C GLY C 591 40.51 28.17 23.41
N ARG C 592 41.19 27.49 22.49
CA ARG C 592 41.85 28.13 21.37
C ARG C 592 41.57 27.37 20.08
N PHE C 593 41.10 28.09 19.06
CA PHE C 593 41.03 27.54 17.71
C PHE C 593 42.44 27.30 17.17
N VAL C 594 42.56 26.29 16.32
CA VAL C 594 43.88 25.77 15.95
C VAL C 594 44.15 25.88 14.45
N ARG C 595 43.35 26.64 13.71
CA ARG C 595 43.61 26.84 12.29
C ARG C 595 43.38 28.30 11.94
N GLU C 596 43.67 28.63 10.68
CA GLU C 596 43.40 29.97 10.17
C GLU C 596 41.94 30.13 9.72
N ARG C 597 41.35 29.09 9.15
CA ARG C 597 39.99 29.17 8.63
C ARG C 597 39.03 28.47 9.58
N VAL C 598 37.94 29.15 9.91
CA VAL C 598 36.91 28.61 10.79
C VAL C 598 35.56 28.73 10.08
N LYS C 599 34.76 27.69 10.20
CA LYS C 599 33.49 27.61 9.48
C LYS C 599 32.39 28.26 10.30
N ALA C 600 31.56 29.06 9.65
CA ALA C 600 30.49 29.78 10.35
C ALA C 600 29.37 30.12 9.39
N ARG C 601 28.22 30.50 9.97
CA ARG C 601 27.07 31.00 9.24
C ARG C 601 26.73 32.37 9.80
N TYR C 602 26.76 33.40 8.95
CA TYR C 602 26.63 34.77 9.43
C TYR C 602 25.31 35.42 9.03
N GLU C 603 25.07 35.57 7.74
CA GLU C 603 23.75 35.84 7.22
C GLU C 603 23.17 34.52 6.76
N SER C 604 22.12 34.56 5.95
CA SER C 604 21.68 33.35 5.26
C SER C 604 22.77 32.84 4.32
N ASP C 605 23.88 33.57 4.21
CA ASP C 605 25.07 33.08 3.53
C ASP C 605 25.77 32.07 4.44
N PHE C 606 26.99 31.68 4.11
CA PHE C 606 27.47 30.47 4.76
C PHE C 606 29.00 30.42 4.75
N PRO C 607 29.68 31.43 5.29
CA PRO C 607 31.09 31.65 4.96
C PRO C 607 32.03 30.76 5.75
N LEU C 608 33.33 30.96 5.51
CA LEU C 608 34.43 30.27 6.18
C LEU C 608 35.32 31.34 6.78
N VAL C 609 35.09 31.64 8.05
CA VAL C 609 35.57 32.88 8.64
C VAL C 609 36.91 32.75 9.34
N THR C 610 37.55 33.90 9.56
CA THR C 610 38.72 34.05 10.41
C THR C 610 38.29 33.99 11.88
N PRO C 611 39.01 33.29 12.74
CA PRO C 611 38.64 33.24 14.16
C PRO C 611 38.96 34.50 14.96
N ASP C 612 39.25 35.62 14.30
CA ASP C 612 39.44 36.87 15.01
C ASP C 612 38.15 37.66 15.18
N GLU C 613 37.04 37.16 14.64
CA GLU C 613 35.77 37.85 14.81
C GLU C 613 34.60 36.88 14.99
N VAL C 614 34.86 35.63 15.36
CA VAL C 614 33.78 34.77 15.81
C VAL C 614 33.38 35.21 17.21
N ASP C 615 32.09 35.22 17.47
CA ASP C 615 31.58 35.85 18.67
C ASP C 615 30.85 34.92 19.61
N LEU C 616 30.53 33.70 19.17
CA LEU C 616 29.77 32.79 20.01
C LEU C 616 29.71 31.45 19.32
N MET C 617 29.83 30.37 20.10
CA MET C 617 30.13 29.05 19.60
C MET C 617 29.04 28.07 20.00
N ASP C 618 28.71 27.16 19.08
CA ASP C 618 27.83 26.07 19.47
C ASP C 618 28.48 25.27 20.57
N VAL C 619 27.69 24.87 21.54
CA VAL C 619 28.23 24.10 22.65
C VAL C 619 28.75 22.75 22.17
N SER C 620 27.85 21.91 21.70
CA SER C 620 28.18 20.54 21.34
C SER C 620 27.84 20.33 19.87
N PRO C 621 28.80 19.97 19.02
CA PRO C 621 28.45 19.68 17.62
C PRO C 621 27.46 18.54 17.46
N THR C 622 27.09 17.84 18.54
CA THR C 622 25.99 16.88 18.50
C THR C 622 24.62 17.53 18.65
N GLN C 623 24.55 18.84 18.41
CA GLN C 623 23.36 19.63 18.68
C GLN C 623 22.32 19.56 17.57
N ILE C 624 22.75 19.46 16.32
CA ILE C 624 21.90 19.78 15.17
C ILE C 624 21.16 18.53 14.74
N ALA C 625 21.08 17.55 15.64
CA ALA C 625 20.30 16.35 15.42
C ALA C 625 19.21 16.25 16.46
N SER C 626 18.03 15.83 16.03
CA SER C 626 16.95 15.62 16.98
C SER C 626 17.23 14.39 17.83
N ILE C 627 16.34 14.13 18.77
CA ILE C 627 16.61 13.16 19.82
C ILE C 627 16.84 11.77 19.23
N ALA C 628 15.95 11.31 18.37
CA ALA C 628 16.19 10.04 17.70
C ALA C 628 17.25 10.18 16.62
N ALA C 629 17.51 11.40 16.15
CA ALA C 629 18.56 11.62 15.16
C ALA C 629 19.94 11.60 15.79
N ALA C 630 20.05 11.91 17.08
CA ALA C 630 21.35 11.86 17.76
C ALA C 630 21.55 10.52 18.44
N LEU C 631 21.32 9.45 17.70
CA LEU C 631 21.62 8.12 18.19
C LEU C 631 22.24 7.25 17.11
N ILE C 632 22.47 7.81 15.93
CA ILE C 632 23.06 7.07 14.82
C ILE C 632 24.56 6.94 15.05
N PRO C 633 25.12 5.74 14.98
CA PRO C 633 26.58 5.61 15.04
C PRO C 633 27.18 5.88 13.67
N PHE C 634 28.28 6.62 13.66
CA PHE C 634 29.02 6.92 12.44
C PHE C 634 28.13 7.65 11.44
N LEU C 635 27.79 8.88 11.78
CA LEU C 635 26.89 9.66 10.93
C LEU C 635 27.62 10.23 9.72
N GLU C 636 28.71 10.95 9.96
CA GLU C 636 29.31 11.78 8.92
C GLU C 636 29.61 11.03 7.62
N HIS C 637 29.47 9.71 7.61
CA HIS C 637 29.63 8.89 6.41
C HIS C 637 28.30 8.34 5.92
N ASP C 638 27.22 9.12 5.99
CA ASP C 638 25.90 8.61 5.61
C ASP C 638 25.15 9.64 4.78
N ASP C 639 24.11 9.16 4.10
CA ASP C 639 23.18 10.03 3.40
C ASP C 639 22.10 10.56 4.32
N ALA C 640 21.60 11.74 3.98
CA ALA C 640 20.49 12.33 4.71
C ALA C 640 19.28 11.41 4.67
N ASN C 641 18.74 11.19 3.48
CA ASN C 641 17.47 10.49 3.34
C ASN C 641 17.54 9.12 3.99
N ARG C 642 18.70 8.46 3.89
CA ARG C 642 18.86 7.17 4.52
C ARG C 642 18.62 7.30 6.01
N ALA C 643 19.19 8.34 6.62
CA ALA C 643 19.03 8.56 8.05
C ALA C 643 17.59 8.88 8.40
N LEU C 644 16.91 9.65 7.54
CA LEU C 644 15.49 9.91 7.79
C LEU C 644 14.72 8.61 7.94
N MET C 645 14.76 7.76 6.92
CA MET C 645 13.96 6.54 7.06
C MET C 645 14.50 5.62 8.14
N GLY C 646 15.81 5.69 8.41
CA GLY C 646 16.32 4.92 9.53
C GLY C 646 15.69 5.32 10.84
N SER C 647 15.62 6.63 11.10
CA SER C 647 14.96 7.11 12.31
C SER C 647 13.51 6.67 12.34
N ASN C 648 12.81 6.85 11.22
CA ASN C 648 11.40 6.47 11.19
C ASN C 648 11.20 4.98 11.37
N MET C 649 12.24 4.18 11.16
CA MET C 649 12.16 2.76 11.48
C MET C 649 12.50 2.48 12.93
N MET C 650 13.47 3.21 13.49
CA MET C 650 13.72 3.07 14.92
C MET C 650 12.46 3.35 15.71
N ARG C 651 11.68 4.33 15.25
CA ARG C 651 10.53 4.80 16.00
C ARG C 651 9.49 3.71 16.19
N GLN C 652 9.58 2.62 15.43
CA GLN C 652 8.61 1.54 15.49
C GLN C 652 9.26 0.19 15.77
N ALA C 653 10.44 0.18 16.35
CA ALA C 653 11.13 -1.07 16.61
C ALA C 653 10.44 -1.84 17.73
N VAL C 654 9.96 -3.04 17.42
CA VAL C 654 9.19 -3.83 18.41
C VAL C 654 10.06 -4.12 19.62
N PRO C 655 9.54 -4.08 20.84
CA PRO C 655 10.35 -4.43 22.01
C PRO C 655 10.63 -5.93 22.05
N LEU C 656 11.91 -6.29 21.98
CA LEU C 656 12.35 -7.68 21.92
C LEU C 656 12.07 -8.38 23.25
N LEU C 657 12.49 -9.64 23.34
CA LEU C 657 12.33 -10.39 24.58
C LEU C 657 13.59 -10.38 25.43
N ARG C 658 14.73 -9.99 24.87
CA ARG C 658 15.93 -9.81 25.69
C ARG C 658 16.92 -8.94 24.96
N PRO C 659 16.78 -7.63 25.04
CA PRO C 659 17.65 -6.72 24.28
C PRO C 659 19.11 -6.81 24.68
N GLU C 660 19.92 -5.96 24.07
CA GLU C 660 21.36 -6.12 24.14
C GLU C 660 21.98 -4.77 23.82
N SER C 661 22.84 -4.29 24.70
CA SER C 661 23.44 -2.98 24.47
C SER C 661 24.18 -2.97 23.15
N PRO C 662 24.06 -1.92 22.37
CA PRO C 662 24.80 -1.87 21.12
C PRO C 662 26.27 -1.60 21.38
N ILE C 663 27.12 -2.59 21.12
CA ILE C 663 28.51 -2.47 21.55
C ILE C 663 29.22 -1.32 20.87
N VAL C 664 28.57 -0.69 19.89
CA VAL C 664 28.94 0.64 19.43
C VAL C 664 27.76 1.55 19.69
N GLY C 665 28.04 2.78 20.08
CA GLY C 665 26.98 3.75 20.29
C GLY C 665 27.57 5.12 20.47
N THR C 666 26.69 6.08 20.70
CA THR C 666 27.10 7.42 21.12
C THR C 666 26.68 7.63 22.57
N GLY C 667 27.44 8.48 23.25
CA GLY C 667 27.27 8.65 24.69
C GLY C 667 26.01 9.40 25.07
N ILE C 668 24.86 8.90 24.62
CA ILE C 668 23.58 9.49 25.01
C ILE C 668 22.64 8.48 25.65
N GLU C 669 22.78 7.19 25.37
CA GLU C 669 22.03 6.20 26.13
C GLU C 669 22.37 6.34 27.61
N GLY C 670 21.48 5.82 28.45
CA GLY C 670 21.58 6.01 29.87
C GLY C 670 20.75 7.20 30.33
N LYS C 671 21.13 8.41 29.92
CA LYS C 671 20.30 9.57 30.21
C LYS C 671 18.91 9.37 29.67
N LEU C 672 18.82 8.76 28.49
CA LEU C 672 17.55 8.72 27.79
C LEU C 672 16.59 7.76 28.47
N VAL C 673 17.09 6.67 29.06
CA VAL C 673 16.20 5.87 29.90
C VAL C 673 15.83 6.64 31.15
N LYS C 674 16.75 7.47 31.66
CA LYS C 674 16.50 8.19 32.89
C LYS C 674 15.31 9.13 32.75
N ASP C 675 15.27 9.91 31.66
CA ASP C 675 14.13 10.82 31.48
C ASP C 675 12.82 10.07 31.39
N SER C 676 12.78 8.98 30.64
CA SER C 676 11.59 8.14 30.65
C SER C 676 11.31 7.69 32.07
N ARG C 677 10.07 7.85 32.49
CA ARG C 677 9.65 7.31 33.77
C ARG C 677 8.92 5.99 33.53
N THR C 678 9.69 5.00 33.09
CA THR C 678 9.16 3.67 32.86
C THR C 678 9.93 2.66 33.70
N GLN C 679 10.83 3.14 34.54
CA GLN C 679 11.68 2.31 35.38
C GLN C 679 11.60 2.81 36.82
N ILE C 680 11.54 1.86 37.76
CA ILE C 680 11.25 2.16 39.15
C ILE C 680 12.51 2.76 39.76
N VAL C 681 12.58 4.06 39.84
CA VAL C 681 13.78 4.75 40.29
C VAL C 681 13.77 4.81 41.81
N ALA C 682 14.96 4.89 42.40
CA ALA C 682 15.11 4.97 43.85
C ALA C 682 14.78 6.38 44.32
N GLU C 683 13.86 6.49 45.28
CA GLU C 683 13.43 7.80 45.75
C GLU C 683 14.44 8.41 46.71
N ARG C 684 14.74 7.70 47.80
CA ARG C 684 15.69 8.21 48.78
C ARG C 684 16.60 7.07 49.22
N GLY C 685 17.82 7.42 49.59
CA GLY C 685 18.84 6.42 49.85
C GLY C 685 18.46 5.49 50.99
N GLY C 686 18.96 4.28 50.91
CA GLY C 686 18.68 3.28 51.94
C GLY C 686 19.02 1.89 51.43
N GLU C 687 18.76 0.92 52.29
CA GLU C 687 18.99 -0.47 51.98
C GLU C 687 17.69 -1.16 51.63
N VAL C 688 17.82 -2.32 51.01
CA VAL C 688 16.68 -3.03 50.45
C VAL C 688 16.32 -4.20 51.35
N VAL C 689 15.13 -4.16 51.93
CA VAL C 689 14.66 -5.28 52.72
C VAL C 689 14.37 -6.48 51.82
N PHE C 690 13.66 -6.25 50.72
CA PHE C 690 13.10 -7.39 50.01
C PHE C 690 13.04 -7.10 48.52
N VAL C 691 13.39 -8.09 47.71
CA VAL C 691 13.28 -7.99 46.26
C VAL C 691 12.58 -9.23 45.75
N ASP C 692 11.58 -9.02 44.89
CA ASP C 692 11.04 -10.07 44.05
C ASP C 692 10.88 -9.45 42.67
N ALA C 693 10.28 -10.17 41.74
CA ALA C 693 9.94 -9.58 40.46
C ALA C 693 8.58 -8.90 40.49
N SER C 694 7.83 -9.03 41.58
CA SER C 694 6.51 -8.43 41.69
C SER C 694 6.47 -7.23 42.63
N CYS C 695 7.37 -7.14 43.60
CA CYS C 695 7.37 -6.02 44.51
C CYS C 695 8.78 -5.78 45.02
N ILE C 696 9.17 -4.51 45.09
CA ILE C 696 10.43 -4.08 45.69
C ILE C 696 10.11 -3.39 47.00
N LYS C 697 10.55 -3.97 48.12
CA LYS C 697 10.18 -3.50 49.44
C LYS C 697 11.41 -2.89 50.07
N ILE C 698 11.42 -1.55 50.14
CA ILE C 698 12.61 -0.80 50.56
C ILE C 698 12.34 -0.16 51.91
N ARG C 699 13.27 -0.35 52.83
CA ARG C 699 13.34 0.43 54.07
C ARG C 699 14.12 1.70 53.75
N TYR C 700 13.42 2.80 53.56
CA TYR C 700 14.12 4.05 53.35
C TYR C 700 14.88 4.45 54.60
N ASP C 701 15.70 5.48 54.44
CA ASP C 701 16.40 6.05 55.58
C ASP C 701 15.39 6.47 56.63
N ARG C 702 15.64 6.10 57.87
CA ARG C 702 14.74 6.42 58.96
C ARG C 702 14.96 7.81 59.52
N THR C 703 16.03 8.50 59.10
CA THR C 703 16.48 9.71 59.80
C THR C 703 15.42 10.80 59.81
N ALA C 704 14.50 10.78 58.85
CA ALA C 704 13.50 11.85 58.76
C ALA C 704 12.58 11.87 59.96
N ASP C 705 12.45 10.76 60.68
CA ASP C 705 11.50 10.68 61.78
C ASP C 705 12.14 11.02 63.12
N GLU C 706 13.41 11.45 63.12
CA GLU C 706 14.09 11.79 64.38
C GLU C 706 14.47 13.26 64.50
N GLU C 707 14.38 14.06 63.42
CA GLU C 707 14.08 15.46 63.68
C GLU C 707 12.62 15.58 64.12
N PHE C 708 11.82 14.57 63.79
CA PHE C 708 10.57 14.30 64.47
C PHE C 708 10.89 13.62 65.79
N VAL C 709 9.88 13.12 66.49
CA VAL C 709 10.12 12.12 67.53
C VAL C 709 9.86 10.75 66.92
N SER C 710 8.63 10.52 66.47
CA SER C 710 8.22 9.34 65.71
C SER C 710 6.77 9.56 65.31
N PHE C 711 6.37 8.97 64.20
CA PHE C 711 4.94 8.94 63.94
C PHE C 711 4.45 7.57 63.47
N ASP C 712 5.24 6.86 62.66
CA ASP C 712 4.83 5.56 62.13
C ASP C 712 6.01 4.93 61.39
N ASP C 713 5.86 3.65 61.06
CA ASP C 713 6.83 2.95 60.24
C ASP C 713 6.81 3.47 58.82
N ALA C 714 7.97 3.50 58.18
CA ALA C 714 8.10 3.99 56.82
C ALA C 714 8.93 3.01 55.99
N ILE C 715 8.23 2.14 55.25
CA ILE C 715 8.84 1.28 54.25
C ILE C 715 7.96 1.32 53.01
N VAL C 716 8.56 1.50 51.87
CA VAL C 716 7.81 1.64 50.63
C VAL C 716 7.79 0.29 49.92
N THR C 717 6.73 0.06 49.16
CA THR C 717 6.58 -1.18 48.40
C THR C 717 6.19 -0.80 46.97
N TYR C 718 7.16 -0.69 46.07
CA TYR C 718 6.83 -0.40 44.69
C TYR C 718 6.46 -1.68 43.98
N TYR C 719 5.36 -1.64 43.25
CA TYR C 719 4.84 -2.82 42.60
C TYR C 719 5.15 -2.71 41.11
N LEU C 720 5.10 -3.83 40.39
CA LEU C 720 5.78 -3.75 39.10
C LEU C 720 4.85 -3.83 37.89
N PRO C 721 5.28 -3.24 36.76
CA PRO C 721 4.47 -3.21 35.54
C PRO C 721 4.15 -4.54 34.89
N LYS C 722 4.41 -5.67 35.57
CA LYS C 722 4.30 -7.00 34.97
C LYS C 722 3.10 -7.12 34.05
N TYR C 723 3.26 -7.93 33.00
CA TYR C 723 2.70 -7.75 31.65
C TYR C 723 1.40 -6.97 31.56
N ARG C 724 1.40 -5.96 30.71
CA ARG C 724 0.26 -5.08 30.49
C ARG C 724 0.28 -4.63 29.04
N LYS C 725 -0.91 -4.46 28.45
CA LYS C 725 -1.01 -4.11 27.04
C LYS C 725 -0.92 -2.60 26.86
N THR C 726 -0.01 -2.17 26.01
CA THR C 726 0.10 -0.77 25.65
C THR C 726 -0.97 -0.44 24.60
N ASN C 727 -0.83 0.71 23.96
CA ASN C 727 -1.71 1.04 22.85
C ASN C 727 -1.57 0.01 21.73
N GLN C 728 -0.37 -0.12 21.16
CA GLN C 728 -0.14 -0.82 19.92
C GLN C 728 -0.01 -2.33 20.09
N SER C 729 -0.44 -2.89 21.23
CA SER C 729 -0.47 -4.32 21.55
C SER C 729 0.89 -4.91 21.94
N THR C 730 1.92 -4.09 22.11
CA THR C 730 3.26 -4.57 22.41
C THR C 730 3.48 -4.49 23.92
N THR C 731 3.46 -5.64 24.58
CA THR C 731 3.38 -5.67 26.03
C THR C 731 4.56 -4.97 26.68
N ILE C 732 4.38 -4.63 27.96
CA ILE C 732 5.38 -3.95 28.76
C ILE C 732 5.69 -4.82 29.97
N ASP C 733 6.99 -4.94 30.28
CA ASP C 733 7.42 -5.76 31.40
C ASP C 733 8.70 -5.20 32.00
N LEU C 734 8.93 -5.53 33.26
CA LEU C 734 10.06 -5.02 34.01
C LEU C 734 10.64 -6.14 34.87
N HIS C 735 11.92 -6.01 35.23
CA HIS C 735 12.62 -6.97 36.08
C HIS C 735 13.61 -6.30 37.03
N PRO C 736 13.53 -6.59 38.32
CA PRO C 736 14.40 -5.92 39.29
C PRO C 736 15.86 -6.25 39.03
N ILE C 737 16.73 -5.31 39.40
CA ILE C 737 18.15 -5.51 39.14
C ILE C 737 19.00 -5.21 40.37
N CYS C 738 18.41 -5.37 41.56
CA CYS C 738 19.19 -5.24 42.78
C CYS C 738 18.84 -6.36 43.75
N SER C 739 19.81 -6.71 44.60
CA SER C 739 19.77 -7.93 45.40
C SER C 739 19.43 -7.63 46.85
N LYS C 740 19.14 -8.71 47.58
CA LYS C 740 18.40 -8.66 48.83
C LYS C 740 19.14 -7.95 49.94
N GLY C 741 20.41 -7.65 49.77
CA GLY C 741 21.12 -6.93 50.81
C GLY C 741 21.62 -5.59 50.34
N ASP C 742 21.26 -5.21 49.12
CA ASP C 742 21.83 -4.01 48.53
C ASP C 742 21.44 -2.76 49.30
N ARG C 743 22.35 -1.80 49.31
CA ARG C 743 22.04 -0.44 49.71
C ARG C 743 21.98 0.42 48.45
N VAL C 744 20.91 1.18 48.28
CA VAL C 744 20.62 1.87 47.03
C VAL C 744 20.59 3.38 47.29
N GLU C 745 21.29 4.13 46.46
CA GLU C 745 21.37 5.58 46.58
C GLU C 745 20.25 6.26 45.80
N ALA C 746 20.20 7.59 45.90
CA ALA C 746 19.18 8.37 45.22
C ALA C 746 19.51 8.51 43.74
N GLY C 747 18.51 8.29 42.89
CA GLY C 747 18.70 8.33 41.46
C GLY C 747 19.07 7.01 40.84
N GLN C 748 18.86 5.90 41.53
CA GLN C 748 19.24 4.58 41.07
C GLN C 748 18.09 3.93 40.30
N ILE C 749 18.43 3.06 39.37
CA ILE C 749 17.46 2.34 38.57
C ILE C 749 17.35 0.93 39.12
N LEU C 750 16.21 0.60 39.73
CA LEU C 750 16.02 -0.70 40.33
C LEU C 750 15.74 -1.80 39.33
N THR C 751 15.49 -1.47 38.07
CA THR C 751 14.78 -2.41 37.21
C THR C 751 15.13 -2.19 35.74
N GLU C 752 15.26 -3.29 35.02
CA GLU C 752 15.53 -3.28 33.59
C GLU C 752 14.46 -4.05 32.85
N GLY C 753 14.25 -3.67 31.60
CA GLY C 753 13.23 -4.29 30.77
C GLY C 753 12.64 -3.25 29.85
N TYR C 754 11.65 -3.67 29.07
CA TYR C 754 10.97 -2.77 28.17
C TYR C 754 11.97 -2.02 27.30
N SER C 755 12.83 -2.80 26.64
CA SER C 755 13.91 -2.29 25.81
C SER C 755 14.91 -1.47 26.64
N THR C 756 15.14 -1.89 27.87
CA THR C 756 16.22 -1.35 28.67
C THR C 756 17.04 -2.50 29.25
N GLN C 757 18.35 -2.33 29.29
CA GLN C 757 19.24 -3.29 29.89
C GLN C 757 20.34 -2.54 30.62
N GLY C 758 20.53 -2.85 31.89
CA GLY C 758 21.61 -2.28 32.66
C GLY C 758 21.63 -0.76 32.67
N GLY C 759 20.46 -0.14 32.58
CA GLY C 759 20.39 1.31 32.53
C GLY C 759 20.65 1.91 31.18
N GLU C 760 20.75 1.10 30.14
CA GLU C 760 21.05 1.60 28.82
C GLU C 760 19.89 1.32 27.87
N LEU C 761 19.75 2.20 26.89
CA LEU C 761 18.73 2.04 25.88
C LEU C 761 19.12 0.94 24.91
N ALA C 762 18.40 -0.18 24.93
CA ALA C 762 18.76 -1.36 24.15
C ALA C 762 17.59 -1.75 23.26
N LEU C 763 17.73 -1.53 21.95
CA LEU C 763 16.67 -1.85 21.01
C LEU C 763 16.91 -3.15 20.25
N GLY C 764 18.12 -3.38 19.76
CA GLY C 764 18.39 -4.53 18.90
C GLY C 764 19.55 -5.37 19.35
N ARG C 765 20.11 -6.18 18.45
CA ARG C 765 21.14 -7.13 18.85
C ARG C 765 22.35 -7.01 17.95
N ASN C 766 23.51 -7.39 18.50
CA ASN C 766 24.72 -7.58 17.73
C ASN C 766 24.70 -8.95 17.05
N VAL C 767 25.27 -9.04 15.85
CA VAL C 767 25.19 -10.28 15.07
C VAL C 767 26.32 -10.33 14.05
N GLN C 768 26.69 -11.55 13.65
CA GLN C 768 27.65 -11.75 12.57
C GLN C 768 26.98 -11.72 11.20
N VAL C 769 27.52 -10.88 10.32
CA VAL C 769 26.96 -10.69 9.00
C VAL C 769 28.10 -10.77 8.00
N ALA C 770 27.75 -11.12 6.76
CA ALA C 770 28.69 -11.24 5.66
C ALA C 770 28.04 -10.69 4.39
N TYR C 771 28.83 -9.99 3.59
CA TYR C 771 28.33 -9.25 2.45
C TYR C 771 28.65 -10.01 1.17
N MET C 772 27.77 -10.92 0.78
CA MET C 772 28.04 -11.71 -0.41
C MET C 772 26.75 -12.29 -0.98
N PRO C 773 26.44 -12.02 -2.25
CA PRO C 773 25.15 -12.46 -2.79
C PRO C 773 25.05 -13.97 -2.88
N TRP C 774 24.26 -14.55 -2.00
CA TRP C 774 24.24 -15.98 -1.79
C TRP C 774 23.06 -16.61 -2.51
N LYS C 775 23.34 -17.29 -3.63
CA LYS C 775 22.31 -18.02 -4.37
C LYS C 775 21.18 -17.10 -4.82
N GLY C 776 21.48 -15.81 -4.90
CA GLY C 776 20.51 -14.83 -5.37
C GLY C 776 19.24 -14.69 -4.56
N TYR C 777 19.09 -15.44 -3.48
CA TYR C 777 17.96 -15.19 -2.57
C TYR C 777 18.09 -13.84 -1.89
N ASN C 778 19.19 -13.14 -2.09
CA ASN C 778 19.29 -11.77 -1.61
C ASN C 778 19.42 -10.87 -2.84
N TYR C 779 18.55 -11.10 -3.81
CA TYR C 779 18.53 -10.39 -5.07
C TYR C 779 18.43 -8.88 -4.87
N GLU C 780 17.29 -8.39 -4.41
CA GLU C 780 17.19 -7.00 -4.04
C GLU C 780 17.57 -6.87 -2.58
N ASP C 781 17.22 -5.76 -1.94
CA ASP C 781 17.60 -5.61 -0.55
C ASP C 781 16.73 -6.52 0.31
N ALA C 782 16.81 -7.82 0.08
CA ALA C 782 16.25 -8.82 0.95
C ALA C 782 17.36 -9.33 1.86
N ILE C 783 17.05 -10.27 2.75
CA ILE C 783 18.04 -10.76 3.70
C ILE C 783 17.98 -12.27 3.83
N VAL C 784 19.10 -12.82 4.32
CA VAL C 784 19.31 -14.25 4.44
C VAL C 784 19.70 -14.57 5.88
N LEU C 785 19.09 -15.61 6.45
CA LEU C 785 19.23 -15.88 7.87
C LEU C 785 19.79 -17.27 8.13
N ASN C 786 20.49 -17.38 9.25
CA ASN C 786 20.98 -18.65 9.77
C ASN C 786 20.00 -19.21 10.78
N GLU C 787 20.11 -20.52 11.02
CA GLU C 787 19.17 -21.19 11.92
C GLU C 787 19.45 -20.90 13.40
N ARG C 788 20.66 -20.45 13.74
CA ARG C 788 20.91 -20.02 15.11
C ARG C 788 20.00 -18.86 15.50
N MET C 789 19.80 -17.90 14.59
CA MET C 789 19.06 -16.71 14.95
C MET C 789 17.60 -17.04 15.29
N VAL C 790 17.04 -18.08 14.69
CA VAL C 790 15.77 -18.58 15.20
C VAL C 790 15.99 -19.45 16.41
N ARG C 791 17.22 -19.91 16.65
CA ARG C 791 17.46 -20.71 17.84
C ARG C 791 17.98 -19.90 19.03
N GLU C 792 18.78 -18.86 18.80
CA GLU C 792 19.22 -18.03 19.92
C GLU C 792 18.09 -17.21 20.51
N ASP C 793 17.01 -17.04 19.75
CA ASP C 793 15.80 -16.36 20.19
C ASP C 793 16.03 -14.89 20.52
N PHE C 794 17.10 -14.27 20.02
CA PHE C 794 17.16 -12.81 20.04
C PHE C 794 16.39 -12.15 18.93
N PHE C 795 15.45 -12.82 18.31
CA PHE C 795 14.42 -12.11 17.55
C PHE C 795 13.11 -12.77 17.89
N THR C 796 12.50 -12.31 18.99
CA THR C 796 11.24 -12.86 19.48
C THR C 796 10.54 -11.75 20.24
N SER C 797 9.20 -11.76 20.23
CA SER C 797 8.48 -10.79 21.03
C SER C 797 7.19 -11.42 21.52
N VAL C 798 6.46 -10.64 22.32
CA VAL C 798 5.16 -11.03 22.85
C VAL C 798 4.16 -9.97 22.46
N HIS C 799 2.93 -10.39 22.22
CA HIS C 799 1.84 -9.45 21.98
C HIS C 799 0.64 -9.87 22.81
N VAL C 800 -0.26 -8.93 23.01
CA VAL C 800 -1.49 -9.22 23.74
C VAL C 800 -2.52 -8.18 23.35
N ASP C 801 -3.78 -8.59 23.33
CA ASP C 801 -4.90 -7.75 22.98
C ASP C 801 -6.06 -8.04 23.92
N GLU C 802 -7.09 -7.20 23.81
CA GLU C 802 -8.16 -7.11 24.79
C GLU C 802 -9.51 -7.27 24.10
N TYR C 803 -10.41 -8.03 24.71
CA TYR C 803 -11.75 -8.24 24.17
C TYR C 803 -12.79 -7.81 25.19
N ILE C 804 -13.75 -6.99 24.76
CA ILE C 804 -14.76 -6.43 25.64
C ILE C 804 -16.13 -6.89 25.18
N LEU C 805 -17.10 -6.79 26.09
CA LEU C 805 -18.48 -7.12 25.75
C LEU C 805 -19.41 -6.57 26.83
N GLU C 806 -20.36 -5.73 26.43
CA GLU C 806 -21.28 -5.10 27.38
C GLU C 806 -22.61 -5.84 27.42
N VAL C 807 -23.11 -6.07 28.63
CA VAL C 807 -24.49 -6.50 28.85
C VAL C 807 -25.27 -5.31 29.40
N ARG C 808 -26.52 -5.20 28.96
CA ARG C 808 -27.27 -3.97 29.03
C ARG C 808 -28.69 -4.22 29.52
N GLU C 809 -29.21 -3.27 30.30
CA GLU C 809 -30.65 -3.21 30.52
C GLU C 809 -31.31 -2.83 29.20
N THR C 810 -32.17 -3.70 28.69
CA THR C 810 -32.86 -3.42 27.45
C THR C 810 -34.30 -3.01 27.76
N LYS C 811 -34.95 -2.41 26.77
CA LYS C 811 -36.32 -1.97 26.93
C LYS C 811 -37.29 -3.13 27.11
N ARG C 812 -36.86 -4.36 26.82
CA ARG C 812 -37.73 -5.52 26.83
C ARG C 812 -37.11 -6.73 27.50
N GLY C 813 -35.95 -6.57 28.14
CA GLY C 813 -35.30 -7.69 28.78
C GLY C 813 -33.95 -7.27 29.31
N LEU C 814 -33.31 -8.23 29.99
CA LEU C 814 -32.00 -8.01 30.59
C LEU C 814 -30.96 -8.88 29.91
N GLU C 815 -29.79 -8.31 29.68
CA GLU C 815 -28.69 -9.03 29.06
C GLU C 815 -27.85 -9.71 30.13
N GLU C 816 -27.29 -10.86 29.77
CA GLU C 816 -26.69 -11.77 30.74
C GLU C 816 -25.29 -12.15 30.28
N LEU C 817 -24.45 -12.54 31.24
CA LEU C 817 -23.17 -13.17 30.97
C LEU C 817 -23.23 -14.55 31.63
N THR C 818 -23.77 -15.52 30.90
CA THR C 818 -24.03 -16.84 31.46
C THR C 818 -23.52 -17.92 30.52
N SER C 819 -23.33 -19.11 31.09
CA SER C 819 -22.80 -20.25 30.36
C SER C 819 -23.85 -20.97 29.52
N ASP C 820 -25.13 -20.73 29.76
CA ASP C 820 -26.19 -21.47 29.08
C ASP C 820 -26.38 -20.96 27.64
N ILE C 821 -25.31 -21.08 26.86
CA ILE C 821 -25.31 -20.62 25.49
C ILE C 821 -26.03 -21.65 24.61
N PRO C 822 -27.05 -21.24 23.85
CA PRO C 822 -27.79 -22.21 23.04
C PRO C 822 -27.01 -22.68 21.83
N ASN C 823 -27.26 -23.93 21.46
CA ASN C 823 -26.85 -24.57 20.21
C ASN C 823 -25.35 -24.83 20.11
N VAL C 824 -24.55 -24.36 21.06
CA VAL C 824 -23.11 -24.57 21.02
C VAL C 824 -22.77 -25.89 21.70
N SER C 825 -21.54 -26.36 21.51
CA SER C 825 -21.11 -27.67 21.98
C SER C 825 -20.32 -27.55 23.29
N GLU C 826 -20.30 -28.66 24.04
CA GLU C 826 -19.67 -28.68 25.36
C GLU C 826 -18.20 -28.29 25.29
N ASP C 827 -17.51 -28.73 24.24
CA ASP C 827 -16.10 -28.38 24.09
C ASP C 827 -15.90 -26.88 23.97
N ALA C 828 -16.79 -26.21 23.23
CA ALA C 828 -16.73 -24.75 23.16
C ALA C 828 -16.98 -24.11 24.51
N THR C 829 -17.56 -24.84 25.45
CA THR C 829 -17.77 -24.37 26.81
C THR C 829 -16.68 -24.80 27.76
N ARG C 830 -15.80 -25.74 27.36
CA ARG C 830 -14.78 -26.23 28.26
C ARG C 830 -13.87 -25.12 28.72
N ASP C 831 -13.37 -24.32 27.78
CA ASP C 831 -12.51 -23.20 28.16
C ASP C 831 -13.28 -22.15 28.94
N LEU C 832 -14.59 -22.07 28.72
CA LEU C 832 -15.42 -21.20 29.53
C LEU C 832 -15.48 -21.71 30.96
N ASP C 833 -15.49 -20.79 31.91
CA ASP C 833 -15.77 -21.16 33.29
C ASP C 833 -17.27 -21.40 33.45
N GLU C 834 -17.69 -21.76 34.65
CA GLU C 834 -19.12 -21.82 34.90
C GLU C 834 -19.76 -20.44 34.95
N ASN C 835 -18.95 -19.38 34.95
CA ASN C 835 -19.44 -18.00 34.93
C ASN C 835 -19.50 -17.42 33.52
N GLY C 836 -19.64 -18.28 32.51
CA GLY C 836 -19.86 -17.81 31.16
C GLY C 836 -18.70 -17.12 30.49
N ILE C 837 -17.50 -17.17 31.06
CA ILE C 837 -16.34 -16.56 30.44
C ILE C 837 -15.19 -17.57 30.41
N VAL C 838 -14.28 -17.37 29.45
CA VAL C 838 -13.13 -18.25 29.35
C VAL C 838 -12.24 -18.04 30.57
N ARG C 839 -11.87 -19.14 31.21
CA ARG C 839 -10.96 -19.05 32.34
C ARG C 839 -9.58 -18.66 31.85
N ILE C 840 -8.80 -18.08 32.75
CA ILE C 840 -7.38 -17.93 32.48
C ILE C 840 -6.74 -19.31 32.47
N GLY C 841 -5.72 -19.48 31.64
CA GLY C 841 -5.02 -20.74 31.56
C GLY C 841 -5.42 -21.66 30.44
N ALA C 842 -5.88 -21.15 29.31
CA ALA C 842 -6.23 -21.98 28.17
C ALA C 842 -5.65 -21.41 26.89
N HIS C 843 -5.54 -22.28 25.88
CA HIS C 843 -5.25 -21.89 24.51
C HIS C 843 -6.54 -21.85 23.71
N ILE C 844 -6.56 -21.03 22.67
CA ILE C 844 -7.76 -20.75 21.91
C ILE C 844 -7.56 -21.17 20.47
N GLU C 845 -8.45 -22.04 20.00
CA GLU C 845 -8.53 -22.25 18.57
C GLU C 845 -9.66 -21.42 18.00
N PRO C 846 -9.45 -20.79 16.83
CA PRO C 846 -10.41 -19.80 16.35
C PRO C 846 -11.81 -20.39 16.22
N GLY C 847 -12.81 -19.59 16.61
CA GLY C 847 -14.18 -20.00 16.60
C GLY C 847 -14.75 -20.37 17.96
N ASP C 848 -13.90 -20.72 18.92
CA ASP C 848 -14.39 -21.11 20.23
C ASP C 848 -14.89 -19.89 21.01
N ILE C 849 -15.72 -20.18 22.02
CA ILE C 849 -16.36 -19.12 22.79
C ILE C 849 -15.32 -18.34 23.57
N LEU C 850 -15.48 -17.02 23.60
CA LEU C 850 -14.67 -16.17 24.47
C LEU C 850 -15.47 -15.64 25.64
N ILE C 851 -16.59 -14.97 25.39
CA ILE C 851 -17.44 -14.40 26.43
C ILE C 851 -18.86 -14.86 26.17
N GLY C 852 -19.46 -15.56 27.14
CA GLY C 852 -20.80 -16.05 26.96
C GLY C 852 -21.87 -15.03 27.24
N LYS C 853 -22.48 -14.46 26.20
CA LYS C 853 -23.54 -13.47 26.33
C LYS C 853 -24.83 -14.02 25.75
N ILE C 854 -25.79 -14.31 26.61
CA ILE C 854 -27.07 -14.87 26.21
C ILE C 854 -28.17 -13.98 26.79
N THR C 855 -28.96 -13.38 25.92
CA THR C 855 -29.82 -12.27 26.33
C THR C 855 -31.26 -12.49 25.96
N PRO C 856 -32.15 -12.77 26.92
CA PRO C 856 -33.58 -12.85 26.59
C PRO C 856 -34.19 -11.47 26.41
N LYS C 857 -33.91 -10.87 25.25
CA LYS C 857 -34.39 -9.52 24.94
C LYS C 857 -35.71 -9.68 24.23
N GLY C 858 -36.81 -9.49 24.95
CA GLY C 858 -38.12 -9.65 24.36
C GLY C 858 -38.56 -8.45 23.54
N GLU C 859 -37.63 -7.86 22.78
CA GLU C 859 -37.97 -6.75 21.90
C GLU C 859 -38.84 -7.18 20.74
N SER C 860 -39.00 -8.49 20.55
CA SER C 860 -39.96 -9.03 19.61
C SER C 860 -41.38 -8.99 20.21
N ASP C 861 -41.87 -7.77 20.42
CA ASP C 861 -43.26 -7.61 20.80
C ASP C 861 -44.21 -8.26 19.80
N PRO C 862 -43.85 -8.48 18.54
CA PRO C 862 -44.59 -9.45 17.71
C PRO C 862 -44.35 -10.88 18.15
N THR C 863 -45.20 -11.38 19.07
CA THR C 863 -45.25 -12.74 19.59
C THR C 863 -44.05 -13.14 20.46
N PRO C 864 -43.93 -12.60 21.69
CA PRO C 864 -42.97 -13.15 22.65
C PRO C 864 -43.29 -14.57 23.11
N GLU C 865 -44.46 -15.10 22.75
CA GLU C 865 -44.68 -16.51 23.00
C GLU C 865 -43.67 -17.37 22.25
N GLU C 866 -43.04 -16.83 21.21
CA GLU C 866 -41.91 -17.54 20.60
C GLU C 866 -40.70 -17.53 21.53
N LYS C 867 -40.43 -16.39 22.18
CA LYS C 867 -39.46 -16.35 23.28
C LYS C 867 -39.68 -17.53 24.21
N LEU C 868 -40.89 -17.62 24.78
CA LEU C 868 -41.16 -18.68 25.76
C LEU C 868 -41.07 -20.07 25.13
N LEU C 869 -41.63 -20.23 23.92
CA LEU C 869 -41.73 -21.54 23.30
C LEU C 869 -40.36 -22.15 23.06
N ARG C 870 -39.43 -21.38 22.50
CA ARG C 870 -38.10 -21.95 22.30
C ARG C 870 -37.20 -21.77 23.51
N ALA C 871 -37.61 -21.00 24.51
CA ALA C 871 -36.87 -20.92 25.75
C ALA C 871 -37.26 -22.02 26.73
N ILE C 872 -38.30 -22.80 26.41
CA ILE C 872 -38.67 -23.95 27.22
C ILE C 872 -38.23 -25.27 26.58
N PHE C 873 -37.63 -25.22 25.39
CA PHE C 873 -37.12 -26.43 24.74
C PHE C 873 -35.95 -27.05 25.48
N GLY C 874 -35.22 -26.26 26.27
CA GLY C 874 -34.04 -26.75 26.96
C GLY C 874 -32.76 -26.13 26.45
N ASP C 875 -32.60 -26.08 25.13
CA ASP C 875 -31.53 -25.29 24.55
C ASP C 875 -31.76 -23.80 24.73
N LYS C 876 -33.02 -23.39 24.89
CA LYS C 876 -33.42 -22.06 25.33
C LYS C 876 -32.91 -20.98 24.38
N ALA C 877 -32.86 -21.29 23.08
CA ALA C 877 -32.62 -20.24 22.10
C ALA C 877 -33.69 -19.18 22.19
N GLY C 878 -34.96 -19.60 22.23
CA GLY C 878 -36.10 -18.81 22.67
C GLY C 878 -36.10 -17.35 22.34
N ASP C 879 -35.66 -16.99 21.14
CA ASP C 879 -35.36 -15.60 20.81
C ASP C 879 -34.55 -14.96 21.94
N VAL C 880 -33.84 -15.81 22.67
CA VAL C 880 -32.91 -15.39 23.71
C VAL C 880 -31.57 -15.33 23.00
N LYS C 881 -31.22 -14.14 22.54
CA LYS C 881 -30.17 -13.98 21.54
C LYS C 881 -28.87 -14.54 22.05
N ASP C 882 -28.27 -15.43 21.26
CA ASP C 882 -26.92 -15.88 21.52
C ASP C 882 -25.95 -14.81 21.03
N ALA C 883 -25.38 -14.06 21.96
CA ALA C 883 -24.40 -13.04 21.65
C ALA C 883 -23.04 -13.41 22.20
N SER C 884 -22.84 -14.69 22.48
CA SER C 884 -21.54 -15.19 22.91
C SER C 884 -20.51 -14.91 21.83
N LEU C 885 -19.64 -13.93 22.08
CA LEU C 885 -18.58 -13.63 21.14
C LEU C 885 -17.68 -14.84 20.96
N LYS C 886 -17.42 -15.21 19.70
CA LYS C 886 -16.60 -16.37 19.39
C LYS C 886 -15.25 -15.92 18.88
N ALA C 887 -14.25 -16.78 19.09
CA ALA C 887 -12.88 -16.45 18.77
C ALA C 887 -12.75 -16.10 17.29
N THR C 888 -12.15 -14.95 17.02
CA THR C 888 -11.94 -14.53 15.65
C THR C 888 -11.12 -15.58 14.91
N PRO C 889 -11.43 -15.85 13.64
CA PRO C 889 -10.52 -16.66 12.83
C PRO C 889 -9.18 -15.95 12.73
N SER C 890 -8.12 -16.76 12.59
CA SER C 890 -6.73 -16.35 12.51
C SER C 890 -6.14 -15.97 13.86
N LEU C 891 -6.85 -16.17 14.96
CA LEU C 891 -6.34 -15.84 16.28
C LEU C 891 -6.13 -17.13 17.08
N ARG C 892 -4.91 -17.31 17.57
CA ARG C 892 -4.60 -18.37 18.51
C ARG C 892 -3.73 -17.77 19.59
N GLY C 893 -3.93 -18.20 20.83
CA GLY C 893 -3.09 -17.66 21.88
C GLY C 893 -3.34 -18.24 23.25
N VAL C 894 -2.98 -17.47 24.27
CA VAL C 894 -3.06 -17.90 25.66
C VAL C 894 -3.93 -16.91 26.41
N VAL C 895 -4.80 -17.44 27.26
CA VAL C 895 -5.75 -16.64 28.00
C VAL C 895 -5.07 -16.08 29.23
N ILE C 896 -5.30 -14.78 29.49
CA ILE C 896 -4.72 -14.07 30.66
C ILE C 896 -5.73 -14.14 31.81
N ASP C 897 -6.01 -13.00 32.47
CA ASP C 897 -6.97 -12.95 33.59
C ASP C 897 -8.26 -12.25 33.13
N THR C 898 -9.42 -12.87 33.39
CA THR C 898 -10.74 -12.30 33.01
C THR C 898 -11.38 -11.67 34.26
N LYS C 899 -11.75 -10.38 34.16
CA LYS C 899 -12.29 -9.67 35.32
C LYS C 899 -13.79 -9.89 35.15
N LEU C 900 -14.54 -9.43 36.16
CA LEU C 900 -16.03 -9.41 36.19
C LEU C 900 -16.48 -7.99 36.56
N PHE C 901 -15.53 -7.12 36.91
CA PHE C 901 -15.76 -5.71 37.32
C PHE C 901 -16.72 -5.64 38.51
N SER C 902 -17.70 -4.74 38.43
CA SER C 902 -18.75 -4.57 39.47
C SER C 902 -20.09 -4.95 38.83
N LYS C 903 -20.89 -5.80 39.48
CA LYS C 903 -22.11 -6.24 38.81
C LYS C 903 -23.34 -5.70 39.55
N ALA C 904 -23.40 -4.38 39.64
CA ALA C 904 -24.59 -3.60 40.01
C ALA C 904 -25.04 -3.80 41.45
N ALA C 905 -24.43 -4.69 42.22
CA ALA C 905 -24.95 -4.99 43.55
C ALA C 905 -23.90 -5.66 44.41
N LYS C 906 -23.50 -4.99 45.50
CA LYS C 906 -22.85 -5.70 46.60
C LYS C 906 -23.86 -6.56 47.35
N LYS C 907 -25.10 -6.08 47.43
CA LYS C 907 -26.20 -6.83 48.04
C LYS C 907 -26.50 -8.04 47.17
N LYS C 908 -25.90 -9.17 47.51
CA LYS C 908 -26.07 -10.39 46.73
C LYS C 908 -26.09 -11.66 47.59
N SER C 909 -26.14 -11.55 48.91
CA SER C 909 -26.06 -12.70 49.80
C SER C 909 -26.53 -12.27 51.19
N ARG C 910 -26.34 -13.17 52.16
CA ARG C 910 -26.66 -13.01 53.58
C ARG C 910 -28.15 -12.97 53.85
N THR C 911 -29.00 -13.23 52.85
CA THR C 911 -30.44 -13.35 53.00
C THR C 911 -31.06 -12.10 53.61
N SER C 912 -30.36 -10.96 53.51
CA SER C 912 -30.79 -9.74 54.18
C SER C 912 -30.12 -8.56 53.49
N THR C 913 -30.66 -7.37 53.77
CA THR C 913 -30.10 -6.13 53.24
C THR C 913 -29.64 -5.20 54.34
N LYS C 914 -30.51 -4.87 55.30
CA LYS C 914 -30.11 -3.96 56.37
C LYS C 914 -29.11 -4.62 57.30
N GLU C 915 -29.25 -5.93 57.53
CA GLU C 915 -28.32 -6.64 58.39
C GLU C 915 -26.89 -6.54 57.86
N ALA C 916 -26.69 -6.89 56.59
CA ALA C 916 -25.34 -6.88 56.03
C ALA C 916 -24.76 -5.47 55.99
N VAL C 917 -25.56 -4.49 55.54
CA VAL C 917 -25.04 -3.13 55.44
C VAL C 917 -24.69 -2.59 56.81
N SER C 918 -25.55 -2.82 57.81
CA SER C 918 -25.29 -2.31 59.15
C SER C 918 -24.08 -3.00 59.78
N LYS C 919 -23.93 -4.30 59.54
CA LYS C 919 -22.71 -5.00 59.95
C LYS C 919 -21.48 -4.34 59.36
N LEU C 920 -21.56 -3.99 58.07
CA LEU C 920 -20.42 -3.34 57.44
C LEU C 920 -20.17 -1.96 58.03
N ASP C 921 -21.23 -1.19 58.30
CA ASP C 921 -21.04 0.13 58.91
C ASP C 921 -20.42 0.02 60.29
N GLU C 922 -20.85 -0.96 61.09
CA GLU C 922 -20.31 -1.06 62.43
C GLU C 922 -18.87 -1.57 62.41
N THR C 923 -18.51 -2.42 61.45
CA THR C 923 -17.11 -2.77 61.29
C THR C 923 -16.29 -1.54 60.91
N TYR C 924 -16.79 -0.77 59.95
CA TYR C 924 -16.21 0.52 59.60
C TYR C 924 -16.00 1.35 60.86
N ALA C 925 -17.01 1.42 61.71
CA ALA C 925 -16.94 2.24 62.91
C ALA C 925 -15.88 1.72 63.87
N LYS C 926 -15.80 0.41 64.07
CA LYS C 926 -14.84 -0.08 65.05
C LYS C 926 -13.41 0.14 64.60
N ARG C 927 -13.09 -0.15 63.33
CA ARG C 927 -11.68 0.06 62.98
C ARG C 927 -11.38 1.54 62.81
N GLN C 928 -12.38 2.34 62.40
CA GLN C 928 -12.25 3.78 62.48
C GLN C 928 -11.85 4.24 63.88
N GLN C 929 -12.63 3.84 64.89
CA GLN C 929 -12.39 4.34 66.23
C GLN C 929 -11.07 3.84 66.78
N GLN C 930 -10.68 2.60 66.48
CA GLN C 930 -9.43 2.12 67.05
C GLN C 930 -8.21 2.73 66.34
N LEU C 931 -8.26 2.83 65.00
CA LEU C 931 -7.16 3.46 64.28
C LEU C 931 -7.02 4.93 64.69
N HIS C 932 -8.15 5.63 64.82
CA HIS C 932 -8.10 6.99 65.31
C HIS C 932 -7.66 7.05 66.76
N GLU C 933 -7.90 5.99 67.54
CA GLU C 933 -7.42 5.97 68.91
C GLU C 933 -5.90 5.94 68.97
N ARG C 934 -5.28 5.04 68.20
CA ARG C 934 -3.82 5.13 68.07
C ARG C 934 -3.38 6.45 67.45
N LEU C 935 -4.18 7.03 66.56
CA LEU C 935 -3.81 8.32 65.99
C LEU C 935 -3.76 9.40 67.07
N ILE C 936 -4.76 9.40 67.96
CA ILE C 936 -4.79 10.32 69.08
C ILE C 936 -3.60 10.08 70.00
N GLU C 937 -3.31 8.82 70.30
CA GLU C 937 -2.18 8.51 71.16
C GLU C 937 -0.88 9.03 70.56
N LYS C 938 -0.69 8.80 69.26
CA LYS C 938 0.52 9.27 68.60
C LYS C 938 0.61 10.79 68.65
N LEU C 939 -0.47 11.48 68.27
CA LEU C 939 -0.41 12.93 68.25
C LEU C 939 -0.16 13.50 69.65
N THR C 940 -0.80 12.94 70.66
CA THR C 940 -0.67 13.47 72.01
C THR C 940 0.73 13.21 72.56
N GLU C 941 1.09 11.94 72.71
CA GLU C 941 2.35 11.62 73.38
C GLU C 941 3.57 11.92 72.51
N LEU C 942 3.40 12.12 71.20
CA LEU C 942 4.51 12.46 70.32
C LEU C 942 4.51 13.93 69.92
N THR C 943 3.94 14.79 70.76
CA THR C 943 4.00 16.23 70.52
C THR C 943 4.53 16.92 71.77
N LYS C 944 4.27 16.30 72.93
CA LYS C 944 4.58 16.92 74.21
C LYS C 944 6.08 17.17 74.41
N GLY C 945 6.93 16.53 73.61
CA GLY C 945 8.36 16.69 73.78
C GLY C 945 8.90 18.01 73.26
N LYS C 946 9.24 18.91 74.17
CA LYS C 946 9.83 20.21 73.85
C LYS C 946 10.33 20.84 75.13
N THR C 947 11.14 21.89 74.97
CA THR C 947 11.79 22.58 76.08
C THR C 947 10.93 23.68 76.68
N CYS C 948 9.62 23.66 76.44
CA CYS C 948 8.73 24.63 77.06
C CYS C 948 8.81 24.50 78.59
N CYS C 949 8.94 25.64 79.26
CA CYS C 949 9.20 25.66 80.70
C CYS C 949 7.99 26.21 81.44
N GLY C 950 7.73 25.66 82.61
CA GLY C 950 6.62 26.07 83.45
C GLY C 950 6.03 24.86 84.14
N VAL C 951 4.87 25.07 84.77
CA VAL C 951 4.14 23.94 85.33
C VAL C 951 3.56 23.09 84.20
N LYS C 952 3.25 21.83 84.52
CA LYS C 952 2.81 20.91 83.49
C LYS C 952 1.54 21.41 82.81
N ASP C 953 0.41 21.40 83.53
CA ASP C 953 -0.78 22.15 83.15
C ASP C 953 -1.30 21.75 81.76
N TYR C 954 -0.69 20.75 81.14
CA TYR C 954 -0.89 20.55 79.71
C TYR C 954 -1.42 19.17 79.35
N LEU C 955 -1.01 18.13 80.08
CA LEU C 955 -1.35 16.78 79.67
C LEU C 955 -2.86 16.53 79.72
N ASN C 956 -3.49 16.87 80.85
CA ASN C 956 -4.91 16.58 81.01
C ASN C 956 -5.75 17.40 80.03
N VAL C 957 -5.42 18.69 79.89
CA VAL C 957 -6.16 19.55 78.97
C VAL C 957 -5.99 19.05 77.54
N GLU C 958 -4.77 18.68 77.17
CA GLU C 958 -4.55 18.17 75.81
C GLU C 958 -5.30 16.87 75.59
N LEU C 959 -5.37 16.01 76.61
CA LEU C 959 -6.12 14.76 76.49
C LEU C 959 -7.61 15.03 76.29
N ILE C 960 -8.17 15.93 77.10
CA ILE C 960 -9.61 16.19 76.99
C ILE C 960 -9.93 16.86 75.66
N LYS C 961 -9.01 17.67 75.12
CA LYS C 961 -9.18 18.15 73.76
C LYS C 961 -9.06 17.00 72.76
N ALA C 962 -8.18 16.04 73.03
CA ALA C 962 -7.94 14.93 72.13
C ALA C 962 -9.14 14.00 72.05
N GLY C 963 -9.96 13.97 73.11
CA GLY C 963 -11.13 13.12 73.09
C GLY C 963 -12.09 13.45 71.95
N SER C 964 -12.23 14.73 71.63
CA SER C 964 -13.15 15.16 70.59
C SER C 964 -12.46 16.02 69.53
N LYS C 965 -11.31 15.57 69.02
CA LYS C 965 -10.57 16.35 68.03
C LYS C 965 -11.40 16.70 66.80
N PHE C 966 -11.72 17.99 66.65
CA PHE C 966 -12.09 18.53 65.35
C PHE C 966 -10.86 18.75 64.48
N THR C 967 -9.68 18.77 65.09
CA THR C 967 -8.35 18.93 64.48
C THR C 967 -8.07 20.36 64.02
N LYS C 968 -8.96 21.30 64.26
CA LYS C 968 -8.76 22.69 63.86
C LYS C 968 -8.88 23.67 65.01
N LYS C 969 -9.78 23.40 65.96
CA LYS C 969 -10.01 24.30 67.10
C LYS C 969 -8.71 24.64 67.81
N ASP C 970 -8.07 23.64 68.43
CA ASP C 970 -6.87 23.86 69.22
C ASP C 970 -5.62 23.34 68.54
N LEU C 971 -5.66 23.11 67.23
CA LEU C 971 -4.49 22.58 66.52
C LEU C 971 -3.31 23.55 66.63
N GLU C 972 -3.53 24.82 66.28
CA GLU C 972 -2.46 25.80 66.34
C GLU C 972 -2.18 26.27 67.76
N ALA C 973 -3.20 26.27 68.62
CA ALA C 973 -3.01 26.76 69.98
C ALA C 973 -2.12 25.83 70.79
N LEU C 974 -2.34 24.51 70.68
CA LEU C 974 -1.62 23.52 71.49
C LEU C 974 -1.81 23.82 72.97
N ASP C 975 -3.06 24.06 73.36
CA ASP C 975 -3.49 24.49 74.69
C ASP C 975 -3.05 25.91 75.01
N PHE C 976 -2.34 26.57 74.10
CA PHE C 976 -2.08 28.02 74.04
C PHE C 976 -1.47 28.58 75.32
N ASN C 977 -1.05 27.75 76.27
CA ASN C 977 -0.40 28.26 77.47
C ASN C 977 1.02 27.74 77.64
N VAL C 978 1.21 26.42 77.71
CA VAL C 978 2.51 25.87 78.08
C VAL C 978 3.53 26.13 76.98
N ILE C 979 3.13 26.04 75.71
CA ILE C 979 4.02 26.40 74.63
C ILE C 979 4.23 27.91 74.57
N GLN C 980 3.28 28.69 75.08
CA GLN C 980 3.38 30.14 75.06
C GLN C 980 4.18 30.70 76.23
N LEU C 981 4.44 29.89 77.25
CA LEU C 981 5.28 30.34 78.36
C LEU C 981 6.69 30.64 77.88
N SER C 982 7.19 29.88 76.91
CA SER C 982 8.46 30.19 76.26
C SER C 982 8.15 31.06 75.04
N ASP C 983 8.21 32.37 75.24
CA ASP C 983 7.92 33.29 74.14
C ASP C 983 8.93 33.13 73.00
N TRP C 984 10.20 32.92 73.34
CA TRP C 984 11.23 32.63 72.37
C TRP C 984 11.38 31.13 72.21
N THR C 985 11.33 30.67 70.97
CA THR C 985 11.40 29.24 70.68
C THR C 985 11.92 29.05 69.27
N ASN C 986 12.29 27.81 68.96
CA ASN C 986 12.73 27.42 67.63
C ASN C 986 11.52 27.29 66.72
N ASP C 987 11.71 26.63 65.57
CA ASP C 987 10.68 26.46 64.55
C ASP C 987 9.42 25.77 65.07
N ALA C 988 9.41 25.39 66.35
CA ALA C 988 8.30 24.64 66.95
C ALA C 988 8.14 23.27 66.31
N HIS C 989 9.12 22.40 66.55
CA HIS C 989 9.06 21.03 66.05
C HIS C 989 7.79 20.31 66.51
N THR C 990 7.24 20.70 67.66
CA THR C 990 5.93 20.18 68.04
C THR C 990 4.85 20.62 67.05
N ASN C 991 4.91 21.88 66.60
CA ASN C 991 3.99 22.32 65.57
C ASN C 991 4.20 21.55 64.28
N GLU C 992 5.46 21.29 63.92
CA GLU C 992 5.75 20.48 62.75
C GLU C 992 5.08 19.11 62.88
N LEU C 993 5.30 18.45 64.01
CA LEU C 993 4.73 17.12 64.25
C LEU C 993 3.21 17.15 64.23
N ILE C 994 2.62 18.19 64.81
CA ILE C 994 1.18 18.15 64.96
C ILE C 994 0.49 18.54 63.66
N LYS C 995 1.11 19.36 62.82
CA LYS C 995 0.52 19.56 61.50
C LYS C 995 0.76 18.34 60.63
N ALA C 996 1.84 17.59 60.87
CA ALA C 996 2.01 16.31 60.20
C ALA C 996 0.89 15.36 60.58
N VAL C 997 0.52 15.33 61.86
CA VAL C 997 -0.61 14.51 62.30
C VAL C 997 -1.90 15.03 61.71
N ALA C 998 -2.04 16.35 61.60
CA ALA C 998 -3.21 16.92 60.94
C ALA C 998 -3.32 16.40 59.52
N VAL C 999 -2.21 16.43 58.79
CA VAL C 999 -2.20 15.96 57.40
C VAL C 999 -2.52 14.46 57.35
N ASN C 1000 -1.94 13.69 58.28
CA ASN C 1000 -2.11 12.24 58.20
C ASN C 1000 -3.54 11.85 58.52
N TYR C 1001 -4.18 12.53 59.48
CA TYR C 1001 -5.58 12.22 59.72
C TYR C 1001 -6.47 12.79 58.62
N LEU C 1002 -6.07 13.89 57.99
CA LEU C 1002 -6.85 14.39 56.85
C LEU C 1002 -6.86 13.37 55.72
N LYS C 1003 -5.69 12.87 55.35
CA LYS C 1003 -5.63 11.82 54.33
C LYS C 1003 -6.33 10.56 54.79
N HIS C 1004 -6.21 10.22 56.08
CA HIS C 1004 -6.87 9.04 56.61
C HIS C 1004 -8.37 9.15 56.46
N SER C 1005 -8.93 10.31 56.83
CA SER C 1005 -10.34 10.57 56.62
C SER C 1005 -10.69 10.51 55.15
N LYS C 1006 -9.79 10.98 54.28
CA LYS C 1006 -10.08 10.90 52.85
C LYS C 1006 -10.24 9.45 52.41
N GLU C 1007 -9.27 8.59 52.74
CA GLU C 1007 -9.40 7.22 52.26
C GLU C 1007 -10.53 6.51 52.98
N ILE C 1008 -10.86 6.93 54.21
CA ILE C 1008 -11.89 6.21 54.94
C ILE C 1008 -13.27 6.59 54.40
N GLU C 1009 -13.45 7.85 53.99
CA GLU C 1009 -14.68 8.24 53.33
C GLU C 1009 -14.74 7.68 51.92
N ALA C 1010 -13.59 7.51 51.27
CA ALA C 1010 -13.56 6.81 50.00
C ALA C 1010 -13.94 5.34 50.18
N GLU C 1011 -13.53 4.73 51.29
CA GLU C 1011 -13.96 3.38 51.64
C GLU C 1011 -15.47 3.34 51.88
N LEU C 1012 -15.98 4.39 52.52
CA LEU C 1012 -17.41 4.51 52.75
C LEU C 1012 -18.17 4.55 51.42
N ARG C 1013 -17.78 5.46 50.53
CA ARG C 1013 -18.45 5.51 49.23
C ARG C 1013 -18.21 4.23 48.45
N ARG C 1014 -17.05 3.61 48.64
CA ARG C 1014 -16.75 2.31 48.04
C ARG C 1014 -17.87 1.34 48.35
N ARG C 1015 -18.06 1.04 49.63
CA ARG C 1015 -19.07 0.05 50.00
C ARG C 1015 -20.48 0.51 49.62
N LYS C 1016 -20.81 1.78 49.87
CA LYS C 1016 -22.17 2.25 49.61
C LYS C 1016 -22.52 2.14 48.14
N LEU C 1017 -21.68 2.70 47.27
CA LEU C 1017 -21.90 2.57 45.84
C LEU C 1017 -21.71 1.12 45.39
N ASP C 1018 -21.00 0.32 46.18
CA ASP C 1018 -20.86 -1.10 45.88
C ASP C 1018 -22.20 -1.80 45.97
N GLU C 1019 -23.03 -1.41 46.94
CA GLU C 1019 -24.38 -1.98 46.84
C GLU C 1019 -25.21 -1.34 45.71
N THR C 1020 -24.58 -0.57 44.83
CA THR C 1020 -25.25 0.09 43.71
C THR C 1020 -24.53 -0.40 42.46
N ILE C 1021 -24.75 0.23 41.30
CA ILE C 1021 -24.09 -0.12 40.05
C ILE C 1021 -22.57 -0.11 40.25
N GLY C 1022 -22.11 0.59 41.27
CA GLY C 1022 -20.71 0.56 41.61
C GLY C 1022 -19.90 1.57 40.84
N ASP C 1023 -18.78 1.10 40.29
CA ASP C 1023 -17.84 1.96 39.61
C ASP C 1023 -18.51 2.73 38.48
N GLU C 1024 -17.84 3.78 38.02
CA GLU C 1024 -18.43 4.69 37.03
C GLU C 1024 -18.66 3.96 35.72
N LEU C 1025 -19.91 3.62 35.44
CA LEU C 1025 -20.22 2.73 34.35
C LEU C 1025 -21.23 3.39 33.42
N PRO C 1026 -21.23 3.05 32.13
CA PRO C 1026 -22.16 3.70 31.20
C PRO C 1026 -23.61 3.50 31.62
N ALA C 1027 -24.40 4.57 31.47
CA ALA C 1027 -25.71 4.64 32.09
C ALA C 1027 -26.65 3.54 31.58
N GLY C 1028 -26.71 3.37 30.27
CA GLY C 1028 -27.72 2.47 29.75
C GLY C 1028 -27.43 1.00 29.88
N ILE C 1029 -26.22 0.63 30.27
CA ILE C 1029 -25.79 -0.77 30.32
C ILE C 1029 -25.55 -1.17 31.76
N VAL C 1030 -25.64 -2.47 32.01
CA VAL C 1030 -25.51 -2.97 33.38
C VAL C 1030 -24.07 -3.38 33.69
N GLN C 1031 -23.36 -4.01 32.76
CA GLN C 1031 -22.02 -4.51 33.04
C GLN C 1031 -21.21 -4.57 31.76
N MET C 1032 -19.90 -4.65 31.90
CA MET C 1032 -19.02 -4.97 30.78
C MET C 1032 -17.97 -5.97 31.23
N ALA C 1033 -17.86 -7.06 30.49
CA ALA C 1033 -16.88 -8.12 30.73
C ALA C 1033 -15.75 -8.02 29.71
N LYS C 1034 -14.66 -8.74 30.00
CA LYS C 1034 -13.43 -8.56 29.25
C LYS C 1034 -12.58 -9.81 29.39
N VAL C 1035 -11.67 -10.01 28.43
CA VAL C 1035 -10.70 -11.10 28.46
C VAL C 1035 -9.40 -10.59 27.84
N TYR C 1036 -8.25 -11.15 28.25
CA TYR C 1036 -7.00 -10.83 27.58
C TYR C 1036 -6.44 -12.04 26.87
N ILE C 1037 -5.88 -11.81 25.68
CA ILE C 1037 -5.31 -12.89 24.87
C ILE C 1037 -3.92 -12.47 24.42
N ALA C 1038 -2.92 -13.29 24.72
CA ALA C 1038 -1.54 -13.00 24.40
C ALA C 1038 -0.97 -14.07 23.48
N LYS C 1039 -0.02 -13.66 22.64
CA LYS C 1039 0.57 -14.49 21.62
C LYS C 1039 2.08 -14.33 21.67
N LYS C 1040 2.79 -15.43 21.73
CA LYS C 1040 4.25 -15.44 21.74
C LYS C 1040 4.71 -15.63 20.30
N ARG C 1041 5.42 -14.64 19.75
CA ARG C 1041 5.62 -14.61 18.32
C ARG C 1041 7.11 -14.65 17.97
N LYS C 1042 7.45 -15.61 17.11
CA LYS C 1042 8.79 -15.99 16.66
C LYS C 1042 9.10 -15.26 15.36
N ILE C 1043 10.10 -15.71 14.61
CA ILE C 1043 10.36 -15.23 13.25
C ILE C 1043 9.99 -16.33 12.24
N GLN C 1044 9.53 -15.92 11.07
CA GLN C 1044 9.39 -16.83 9.94
C GLN C 1044 9.45 -16.01 8.65
N VAL C 1045 9.41 -16.72 7.52
CA VAL C 1045 9.62 -16.07 6.23
C VAL C 1045 8.48 -15.10 5.97
N GLY C 1046 8.83 -13.90 5.53
CA GLY C 1046 7.88 -12.83 5.31
C GLY C 1046 7.97 -11.70 6.33
N ASP C 1047 8.64 -11.93 7.45
CA ASP C 1047 8.81 -10.88 8.43
C ASP C 1047 9.81 -9.85 7.93
N LYS C 1048 9.72 -8.65 8.50
CA LYS C 1048 10.56 -7.53 8.10
C LYS C 1048 11.65 -7.32 9.12
N MET C 1049 12.84 -6.93 8.66
CA MET C 1049 13.93 -6.57 9.54
C MET C 1049 14.56 -5.27 9.07
N ALA C 1050 15.38 -4.69 9.93
CA ALA C 1050 15.98 -3.42 9.59
C ALA C 1050 17.23 -3.21 10.43
N GLY C 1051 17.93 -2.13 10.14
CA GLY C 1051 19.07 -1.74 10.93
C GLY C 1051 19.11 -0.25 11.10
N ARG C 1052 20.23 0.28 11.53
CA ARG C 1052 20.31 1.67 11.93
C ARG C 1052 20.77 2.59 10.82
N HIS C 1053 20.87 2.12 9.58
CA HIS C 1053 21.38 2.97 8.51
C HIS C 1053 20.47 3.02 7.29
N GLY C 1054 19.23 2.54 7.40
CA GLY C 1054 18.28 2.56 6.30
C GLY C 1054 18.01 1.22 5.67
N ASN C 1055 18.76 0.18 6.06
CA ASN C 1055 18.67 -1.09 5.39
C ASN C 1055 17.38 -1.83 5.70
N LYS C 1056 16.26 -1.31 5.21
CA LYS C 1056 15.03 -2.07 5.30
C LYS C 1056 15.19 -3.37 4.54
N GLY C 1057 14.51 -4.42 5.00
CA GLY C 1057 14.54 -5.63 4.20
C GLY C 1057 13.54 -6.63 4.74
N ILE C 1058 13.43 -7.74 4.03
CA ILE C 1058 12.55 -8.81 4.44
C ILE C 1058 13.30 -10.13 4.36
N VAL C 1059 12.94 -11.06 5.25
CA VAL C 1059 13.58 -12.36 5.28
C VAL C 1059 13.17 -13.14 4.04
N SER C 1060 14.15 -13.71 3.34
CA SER C 1060 13.86 -14.52 2.17
C SER C 1060 13.95 -16.01 2.44
N LYS C 1061 15.02 -16.48 3.06
CA LYS C 1061 15.21 -17.91 3.21
C LYS C 1061 15.88 -18.20 4.54
N ILE C 1062 15.39 -19.22 5.23
CA ILE C 1062 15.98 -19.69 6.47
C ILE C 1062 16.95 -20.81 6.12
N VAL C 1063 18.22 -20.49 6.10
CA VAL C 1063 19.24 -21.43 5.65
C VAL C 1063 19.67 -22.29 6.82
N ARG C 1064 19.88 -23.57 6.55
CA ARG C 1064 20.49 -24.45 7.53
C ARG C 1064 21.94 -24.03 7.76
N GLN C 1065 22.45 -24.35 8.96
CA GLN C 1065 23.70 -23.77 9.40
C GLN C 1065 24.89 -24.25 8.60
N GLU C 1066 24.80 -25.46 8.05
CA GLU C 1066 25.95 -26.05 7.36
C GLU C 1066 26.45 -25.15 6.24
N ASP C 1067 25.62 -24.96 5.23
CA ASP C 1067 26.04 -24.32 4.00
C ASP C 1067 26.04 -22.81 4.10
N MET C 1068 26.04 -22.28 5.28
CA MET C 1068 26.40 -20.89 5.33
C MET C 1068 27.89 -20.74 5.12
N PRO C 1069 28.32 -19.69 4.45
CA PRO C 1069 29.76 -19.48 4.23
C PRO C 1069 30.50 -19.30 5.54
N PHE C 1070 31.40 -20.22 5.85
CA PHE C 1070 32.00 -20.28 7.18
C PHE C 1070 33.48 -19.97 7.11
N LEU C 1071 33.95 -19.14 8.04
CA LEU C 1071 35.29 -18.61 8.00
C LEU C 1071 36.28 -19.69 8.44
N ALA C 1072 37.56 -19.36 8.40
CA ALA C 1072 38.63 -20.30 8.66
C ALA C 1072 38.65 -20.87 10.07
N ASP C 1073 37.70 -20.48 10.93
CA ASP C 1073 37.70 -20.98 12.30
C ASP C 1073 36.35 -21.57 12.67
N GLY C 1074 35.66 -22.18 11.71
CA GLY C 1074 34.55 -23.07 11.99
C GLY C 1074 33.27 -22.39 12.40
N THR C 1075 33.19 -21.08 12.31
CA THR C 1075 32.02 -20.35 12.75
C THR C 1075 31.20 -19.92 11.56
N PRO C 1076 30.06 -20.53 11.29
CA PRO C 1076 29.23 -20.08 10.17
C PRO C 1076 28.60 -18.72 10.47
N VAL C 1077 28.62 -17.85 9.48
CA VAL C 1077 27.97 -16.54 9.61
C VAL C 1077 26.47 -16.75 9.82
N ASP C 1078 25.82 -15.74 10.38
CA ASP C 1078 24.38 -15.80 10.62
C ASP C 1078 23.54 -14.99 9.64
N ILE C 1079 23.99 -13.82 9.23
CA ILE C 1079 23.23 -13.03 8.28
C ILE C 1079 24.09 -12.73 7.07
N CYS C 1080 23.49 -12.86 5.88
CA CYS C 1080 24.13 -12.56 4.61
C CYS C 1080 23.37 -11.46 3.90
N LEU C 1081 24.06 -10.41 3.50
CA LEU C 1081 23.44 -9.23 2.91
C LEU C 1081 23.97 -8.95 1.52
N ASN C 1082 23.10 -8.35 0.71
CA ASN C 1082 23.40 -8.09 -0.69
C ASN C 1082 24.27 -6.86 -0.82
N PRO C 1083 25.47 -6.97 -1.39
CA PRO C 1083 26.30 -5.78 -1.60
C PRO C 1083 25.73 -4.86 -2.65
N LEU C 1084 24.81 -5.31 -3.48
CA LEU C 1084 24.33 -4.48 -4.58
C LEU C 1084 23.64 -3.21 -4.09
N GLY C 1085 22.84 -3.32 -3.04
CA GLY C 1085 22.12 -2.15 -2.58
C GLY C 1085 23.01 -1.07 -2.01
N VAL C 1086 24.25 -1.38 -1.67
CA VAL C 1086 25.08 -0.46 -0.90
C VAL C 1086 25.61 0.70 -1.73
N PRO C 1087 26.30 0.49 -2.86
CA PRO C 1087 27.05 1.58 -3.47
C PRO C 1087 26.21 2.58 -4.24
N SER C 1088 24.89 2.46 -4.21
CA SER C 1088 24.02 3.44 -4.82
C SER C 1088 23.34 4.35 -3.82
N ARG C 1089 23.18 3.90 -2.58
CA ARG C 1089 22.69 4.72 -1.49
C ARG C 1089 23.82 4.87 -0.47
N MET C 1090 24.33 6.09 -0.36
CA MET C 1090 25.65 6.33 0.23
C MET C 1090 25.56 6.18 1.74
N ASN C 1091 25.66 4.94 2.21
CA ASN C 1091 25.56 4.66 3.64
C ASN C 1091 26.56 3.60 4.07
N LEU C 1092 27.83 3.79 3.70
CA LEU C 1092 28.93 2.94 4.14
C LEU C 1092 29.18 3.00 5.66
N GLY C 1093 28.42 3.82 6.38
CA GLY C 1093 28.45 3.74 7.82
C GLY C 1093 28.18 2.34 8.33
N GLN C 1094 27.36 1.57 7.62
CA GLN C 1094 27.03 0.23 8.10
C GLN C 1094 28.24 -0.68 8.10
N ILE C 1095 29.09 -0.59 7.07
CA ILE C 1095 30.27 -1.45 7.08
C ILE C 1095 31.28 -0.96 8.10
N PHE C 1096 31.38 0.36 8.35
CA PHE C 1096 32.25 0.79 9.44
C PHE C 1096 31.80 0.21 10.78
N GLU C 1097 30.50 0.31 11.06
CA GLU C 1097 29.96 -0.32 12.26
C GLU C 1097 30.30 -1.80 12.30
N ALA C 1098 30.20 -2.46 11.14
CA ALA C 1098 30.47 -3.90 11.11
C ALA C 1098 31.90 -4.21 11.51
N VAL C 1099 32.86 -3.43 10.99
CA VAL C 1099 34.26 -3.73 11.29
C VAL C 1099 34.54 -3.53 12.78
N LEU C 1100 34.04 -2.45 13.36
CA LEU C 1100 34.34 -2.25 14.78
C LEU C 1100 33.68 -3.32 15.64
N ALA C 1101 32.40 -3.58 15.43
CA ALA C 1101 31.72 -4.55 16.28
C ALA C 1101 32.32 -5.94 16.12
N TRP C 1102 32.92 -6.23 14.98
CA TRP C 1102 33.70 -7.46 14.91
C TRP C 1102 34.98 -7.36 15.72
N ALA C 1103 35.67 -6.21 15.64
CA ALA C 1103 36.93 -6.06 16.38
C ALA C 1103 36.73 -6.00 17.89
N GLY C 1104 35.49 -5.97 18.35
CA GLY C 1104 35.25 -5.93 19.78
C GLY C 1104 34.70 -7.17 20.43
N ARG C 1105 34.06 -8.07 19.67
CA ARG C 1105 33.20 -9.10 20.25
C ARG C 1105 33.96 -10.26 20.90
N LYS C 1106 35.23 -10.10 21.25
CA LYS C 1106 35.99 -11.18 21.89
C LYS C 1106 35.43 -11.62 23.25
N MET C 1107 35.20 -10.72 24.21
CA MET C 1107 35.02 -9.28 24.03
C MET C 1107 36.00 -8.40 24.79
N ASN C 1108 36.53 -7.45 24.06
CA ASN C 1108 37.22 -6.28 24.59
C ASN C 1108 36.18 -5.25 25.03
N VAL C 1109 36.66 -4.13 25.56
CA VAL C 1109 35.77 -3.15 26.18
C VAL C 1109 34.89 -2.51 25.12
N LYS C 1110 33.61 -2.32 25.43
CA LYS C 1110 32.68 -1.68 24.50
C LYS C 1110 33.06 -0.21 24.24
N PHE C 1111 32.52 0.31 23.15
CA PHE C 1111 32.85 1.63 22.62
C PHE C 1111 31.72 2.63 22.81
N ALA C 1112 32.07 3.89 22.56
CA ALA C 1112 31.11 4.99 22.54
C ALA C 1112 31.79 6.19 21.90
N THR C 1113 31.21 6.72 20.83
CA THR C 1113 31.78 7.88 20.14
C THR C 1113 30.70 8.93 19.86
N PRO C 1114 30.99 10.20 20.08
CA PRO C 1114 30.07 11.26 19.67
C PRO C 1114 29.89 11.28 18.15
N ILE C 1115 28.74 11.83 17.73
CA ILE C 1115 28.29 11.77 16.35
C ILE C 1115 29.32 12.35 15.38
N PHE C 1116 29.52 13.65 15.44
CA PHE C 1116 30.41 14.31 14.49
C PHE C 1116 31.82 14.40 15.01
N ASP C 1117 32.08 13.92 16.21
CA ASP C 1117 33.43 13.67 16.68
C ASP C 1117 33.46 12.18 17.03
N GLY C 1118 33.71 11.34 16.04
CA GLY C 1118 33.72 9.90 16.23
C GLY C 1118 35.11 9.31 16.21
N ALA C 1119 35.21 8.05 15.80
CA ALA C 1119 36.48 7.32 15.82
C ALA C 1119 37.16 7.44 14.46
N SER C 1120 38.39 7.95 14.46
CA SER C 1120 39.12 8.11 13.22
C SER C 1120 39.54 6.75 12.65
N LEU C 1121 39.96 6.76 11.38
CA LEU C 1121 40.25 5.52 10.69
C LEU C 1121 41.56 4.89 11.13
N ASN C 1122 42.60 5.70 11.35
CA ASN C 1122 43.86 5.13 11.81
C ASN C 1122 43.70 4.46 13.16
N ASP C 1123 42.95 5.08 14.07
CA ASP C 1123 42.67 4.45 15.35
C ASP C 1123 41.83 3.19 15.17
N MET C 1124 40.89 3.24 14.24
CA MET C 1124 40.15 2.03 13.85
C MET C 1124 41.12 0.92 13.49
N ASN C 1125 42.12 1.25 12.67
CA ASN C 1125 43.10 0.26 12.24
C ASN C 1125 43.90 -0.25 13.42
N GLU C 1126 44.25 0.65 14.34
CA GLU C 1126 45.05 0.25 15.50
C GLU C 1126 44.29 -0.76 16.36
N TRP C 1127 43.03 -0.47 16.65
CA TRP C 1127 42.23 -1.44 17.38
C TRP C 1127 42.07 -2.75 16.63
N THR C 1128 41.79 -2.69 15.33
CA THR C 1128 41.61 -3.93 14.59
C THR C 1128 42.88 -4.76 14.65
N ASP C 1129 44.03 -4.09 14.60
CA ASP C 1129 45.29 -4.79 14.78
C ASP C 1129 45.38 -5.42 16.17
N LYS C 1130 45.14 -4.63 17.20
CA LYS C 1130 45.33 -5.11 18.57
C LYS C 1130 44.32 -6.17 18.96
N ALA C 1131 43.29 -6.40 18.15
CA ALA C 1131 42.36 -7.47 18.38
C ALA C 1131 42.77 -8.76 17.68
N GLY C 1132 43.86 -8.74 16.94
CA GLY C 1132 44.31 -9.93 16.23
C GLY C 1132 43.52 -10.24 14.98
N LEU C 1133 43.36 -9.28 14.08
CA LEU C 1133 42.51 -9.38 12.92
C LEU C 1133 43.21 -8.89 11.67
N PRO C 1134 42.69 -9.21 10.48
CA PRO C 1134 43.16 -8.53 9.27
C PRO C 1134 43.02 -7.04 9.42
N ARG C 1135 44.10 -6.28 9.23
CA ARG C 1135 43.99 -4.83 9.41
C ARG C 1135 43.01 -4.24 8.41
N ASP C 1136 43.10 -4.66 7.16
CA ASP C 1136 41.98 -4.50 6.26
C ASP C 1136 40.79 -5.31 6.76
N GLY C 1137 39.58 -4.80 6.52
CA GLY C 1137 38.43 -5.46 7.06
C GLY C 1137 38.03 -6.74 6.37
N LYS C 1138 38.81 -7.18 5.39
CA LYS C 1138 38.45 -8.31 4.53
C LYS C 1138 39.06 -9.62 5.03
N THR C 1139 38.62 -10.71 4.40
CA THR C 1139 39.05 -12.04 4.78
C THR C 1139 38.58 -13.01 3.71
N TYR C 1140 39.08 -14.24 3.77
CA TYR C 1140 38.62 -15.28 2.88
C TYR C 1140 37.50 -16.07 3.53
N LEU C 1141 36.88 -16.93 2.75
CA LEU C 1141 35.69 -17.60 3.22
C LEU C 1141 35.52 -18.89 2.44
N TYR C 1142 34.67 -19.77 2.94
CA TYR C 1142 34.53 -21.12 2.45
C TYR C 1142 33.06 -21.45 2.28
N ASP C 1143 32.75 -22.41 1.44
CA ASP C 1143 31.37 -22.81 1.20
C ASP C 1143 31.11 -24.20 1.75
N GLY C 1144 30.04 -24.33 2.52
CA GLY C 1144 29.58 -25.64 2.94
C GLY C 1144 28.92 -26.37 1.79
N GLY C 1145 29.53 -27.45 1.32
CA GLY C 1145 29.01 -28.17 0.19
C GLY C 1145 30.06 -28.37 -0.89
N THR C 1146 30.98 -27.42 -1.01
CA THR C 1146 32.03 -27.51 -2.00
C THR C 1146 33.42 -27.21 -1.48
N GLY C 1147 33.56 -26.66 -0.28
CA GLY C 1147 34.88 -26.40 0.26
C GLY C 1147 35.67 -25.34 -0.49
N GLU C 1148 35.15 -24.85 -1.60
CA GLU C 1148 35.86 -23.89 -2.43
C GLU C 1148 36.19 -22.63 -1.65
N ARG C 1149 37.37 -22.09 -1.89
CA ARG C 1149 37.73 -20.80 -1.34
C ARG C 1149 37.28 -19.70 -2.28
N PHE C 1150 36.19 -19.01 -1.96
CA PHE C 1150 35.68 -17.95 -2.81
C PHE C 1150 36.81 -17.03 -3.26
N ASP C 1151 37.12 -17.09 -4.56
CA ASP C 1151 38.36 -16.53 -5.06
C ASP C 1151 38.49 -15.05 -4.79
N GLN C 1152 37.38 -14.36 -4.59
CA GLN C 1152 37.67 -13.03 -4.10
C GLN C 1152 37.41 -12.97 -2.60
N PRO C 1153 38.18 -12.22 -1.82
CA PRO C 1153 37.91 -12.12 -0.38
C PRO C 1153 36.58 -11.43 -0.11
N ALA C 1154 35.79 -12.01 0.78
CA ALA C 1154 34.51 -11.46 1.19
C ALA C 1154 34.65 -10.69 2.50
N THR C 1155 33.69 -9.81 2.75
CA THR C 1155 33.67 -9.02 3.97
C THR C 1155 32.78 -9.68 5.02
N VAL C 1156 33.26 -9.71 6.26
CA VAL C 1156 32.49 -10.24 7.36
C VAL C 1156 32.66 -9.31 8.55
N GLY C 1157 31.64 -9.26 9.40
CA GLY C 1157 31.69 -8.35 10.53
C GLY C 1157 30.54 -8.62 11.49
N VAL C 1158 30.36 -7.66 12.40
CA VAL C 1158 29.29 -7.72 13.39
C VAL C 1158 28.53 -6.41 13.33
N THR C 1159 27.20 -6.49 13.36
CA THR C 1159 26.37 -5.31 13.20
C THR C 1159 25.17 -5.37 14.12
N TYR C 1160 24.51 -4.21 14.26
CA TYR C 1160 23.37 -4.04 15.16
C TYR C 1160 22.08 -4.10 14.37
N PHE C 1161 21.06 -4.76 14.91
CA PHE C 1161 19.97 -5.18 14.06
C PHE C 1161 18.65 -5.16 14.81
N LEU C 1162 17.59 -4.67 14.15
CA LEU C 1162 16.29 -4.38 14.75
C LEU C 1162 15.19 -5.12 14.01
N LYS C 1163 14.09 -5.38 14.71
CA LYS C 1163 12.93 -6.03 14.11
C LYS C 1163 11.75 -5.06 14.10
N LEU C 1164 11.17 -4.84 12.93
CA LEU C 1164 10.08 -3.87 12.80
C LEU C 1164 8.73 -4.56 12.87
N GLY C 1165 7.69 -3.75 13.05
CA GLY C 1165 6.41 -4.18 13.53
C GLY C 1165 5.39 -4.64 12.50
N HIS C 1166 5.80 -4.94 11.27
CA HIS C 1166 4.86 -5.33 10.22
C HIS C 1166 4.69 -6.83 10.10
N MET C 1167 4.79 -7.54 11.23
CA MET C 1167 4.72 -9.00 11.28
C MET C 1167 3.64 -9.57 10.37
N VAL C 1168 4.04 -10.55 9.56
CA VAL C 1168 3.23 -11.03 8.45
C VAL C 1168 2.08 -11.92 8.93
N ASP C 1169 2.08 -12.33 10.19
CA ASP C 1169 1.01 -13.18 10.68
C ASP C 1169 -0.36 -12.52 10.56
N ASP C 1170 -0.39 -11.18 10.43
CA ASP C 1170 -1.63 -10.45 10.27
C ASP C 1170 -1.82 -9.90 8.86
N LYS C 1171 -1.13 -10.47 7.87
CA LYS C 1171 -1.33 -10.15 6.46
C LYS C 1171 -1.92 -11.34 5.70
N MET C 1172 -2.44 -12.34 6.41
CA MET C 1172 -3.00 -13.53 5.81
C MET C 1172 -4.52 -13.44 5.80
N HIS C 1173 -5.10 -13.61 4.62
CA HIS C 1173 -6.53 -13.89 4.56
C HIS C 1173 -6.89 -14.42 3.18
N ALA C 1174 -7.96 -15.20 3.16
CA ALA C 1174 -8.47 -15.83 1.96
C ALA C 1174 -9.90 -16.24 2.27
N ARG C 1175 -10.67 -16.56 1.22
CA ARG C 1175 -11.99 -17.11 1.47
C ARG C 1175 -12.56 -17.74 0.22
N SER C 1176 -13.27 -18.85 0.40
CA SER C 1176 -13.99 -19.54 -0.67
C SER C 1176 -15.49 -19.30 -0.60
N ILE C 1177 -16.09 -19.56 0.55
CA ILE C 1177 -17.51 -19.31 0.79
C ILE C 1177 -17.65 -18.78 2.21
N GLY C 1178 -18.64 -17.92 2.41
CA GLY C 1178 -18.77 -17.25 3.69
C GLY C 1178 -20.16 -16.69 3.94
N PRO C 1179 -20.33 -16.01 5.07
CA PRO C 1179 -21.65 -15.51 5.44
C PRO C 1179 -22.11 -14.42 4.49
N TYR C 1180 -23.43 -14.33 4.32
CA TYR C 1180 -24.04 -13.42 3.38
C TYR C 1180 -24.73 -12.26 4.08
N SER C 1181 -24.64 -11.08 3.47
CA SER C 1181 -25.21 -9.87 4.02
C SER C 1181 -26.74 -9.89 3.91
N LEU C 1182 -27.38 -8.94 4.59
CA LEU C 1182 -28.82 -8.81 4.57
C LEU C 1182 -29.31 -7.59 3.81
N ILE C 1183 -28.40 -6.87 3.14
CA ILE C 1183 -28.81 -5.71 2.36
C ILE C 1183 -28.52 -5.98 0.88
N THR C 1184 -27.48 -6.76 0.60
CA THR C 1184 -27.18 -7.23 -0.74
C THR C 1184 -26.59 -8.62 -0.62
N GLN C 1185 -26.70 -9.39 -1.71
CA GLN C 1185 -26.14 -10.73 -1.73
C GLN C 1185 -24.65 -10.67 -2.04
N GLN C 1186 -23.94 -9.79 -1.33
CA GLN C 1186 -22.50 -9.66 -1.39
C GLN C 1186 -21.91 -9.94 -0.01
N PRO C 1187 -20.94 -10.82 0.09
CA PRO C 1187 -20.31 -11.05 1.39
C PRO C 1187 -19.16 -10.10 1.65
N LEU C 1188 -19.25 -9.31 2.70
CA LEU C 1188 -18.22 -8.31 3.00
C LEU C 1188 -16.96 -8.98 3.53
N GLY C 1189 -15.89 -8.20 3.62
CA GLY C 1189 -14.60 -8.72 4.01
C GLY C 1189 -13.85 -7.75 4.90
N GLY C 1190 -12.64 -8.16 5.31
CA GLY C 1190 -11.81 -7.33 6.17
C GLY C 1190 -11.04 -8.10 7.21
N LYS C 1191 -11.19 -9.43 7.18
CA LYS C 1191 -10.54 -10.38 8.09
C LYS C 1191 -11.17 -10.30 9.47
N ALA C 1192 -12.07 -9.33 9.69
CA ALA C 1192 -13.08 -9.48 10.72
C ALA C 1192 -14.05 -10.58 10.31
N GLN C 1193 -14.52 -10.51 9.07
CA GLN C 1193 -15.04 -11.65 8.34
C GLN C 1193 -14.31 -11.67 7.01
N PHE C 1194 -13.80 -12.84 6.62
CA PHE C 1194 -12.89 -12.95 5.49
C PHE C 1194 -13.32 -12.17 4.25
N GLY C 1195 -14.45 -12.55 3.65
CA GLY C 1195 -14.87 -11.85 2.46
C GLY C 1195 -13.88 -11.98 1.32
N GLY C 1196 -13.90 -10.96 0.46
CA GLY C 1196 -12.99 -10.93 -0.67
C GLY C 1196 -12.34 -9.58 -0.87
N GLN C 1197 -11.77 -9.38 -2.06
CA GLN C 1197 -11.15 -8.11 -2.43
C GLN C 1197 -12.05 -7.32 -3.36
N ARG C 1198 -11.74 -6.04 -3.47
CA ARG C 1198 -12.49 -5.18 -4.37
C ARG C 1198 -12.14 -5.53 -5.80
N PHE C 1199 -13.08 -6.11 -6.53
CA PHE C 1199 -12.88 -6.33 -7.96
C PHE C 1199 -13.28 -5.03 -8.63
N GLY C 1200 -12.32 -4.11 -8.74
CA GLY C 1200 -12.59 -2.75 -9.12
C GLY C 1200 -12.80 -2.57 -10.60
N GLU C 1201 -12.71 -1.32 -11.03
CA GLU C 1201 -12.95 -0.96 -12.43
C GLU C 1201 -11.77 -1.33 -13.31
N MET C 1202 -10.55 -1.13 -12.82
CA MET C 1202 -9.38 -1.25 -13.71
C MET C 1202 -9.17 -2.67 -14.18
N GLU C 1203 -9.36 -3.67 -13.32
CA GLU C 1203 -9.26 -5.04 -13.84
C GLU C 1203 -10.48 -5.44 -14.65
N VAL C 1204 -11.60 -4.75 -14.50
CA VAL C 1204 -12.65 -4.91 -15.49
C VAL C 1204 -12.15 -4.47 -16.86
N TRP C 1205 -11.45 -3.34 -16.91
CA TRP C 1205 -10.85 -2.91 -18.17
C TRP C 1205 -9.77 -3.87 -18.66
N ALA C 1206 -9.02 -4.48 -17.75
CA ALA C 1206 -7.98 -5.42 -18.17
C ALA C 1206 -8.60 -6.68 -18.80
N LEU C 1207 -9.54 -7.32 -18.11
CA LEU C 1207 -10.23 -8.43 -18.75
C LEU C 1207 -10.99 -7.99 -20.00
N GLU C 1208 -11.30 -6.71 -20.11
CA GLU C 1208 -11.80 -6.17 -21.38
C GLU C 1208 -10.74 -6.28 -22.46
N ALA C 1209 -9.52 -5.86 -22.15
CA ALA C 1209 -8.49 -5.70 -23.18
C ALA C 1209 -8.22 -7.02 -23.88
N PHE C 1210 -8.10 -8.11 -23.13
CA PHE C 1210 -8.12 -9.42 -23.76
C PHE C 1210 -9.53 -9.97 -23.79
N GLY C 1211 -9.71 -11.05 -24.54
CA GLY C 1211 -11.04 -11.57 -24.75
C GLY C 1211 -11.55 -12.44 -23.63
N ALA C 1212 -11.89 -11.84 -22.49
CA ALA C 1212 -12.48 -12.60 -21.40
C ALA C 1212 -13.82 -13.19 -21.83
N SER C 1213 -13.85 -14.51 -21.99
CA SER C 1213 -15.06 -15.18 -22.46
C SER C 1213 -16.03 -15.43 -21.32
N HIS C 1214 -15.61 -16.18 -20.33
CA HIS C 1214 -16.45 -16.45 -19.18
C HIS C 1214 -15.84 -15.96 -17.89
N ILE C 1215 -14.56 -15.56 -17.91
CA ILE C 1215 -13.94 -14.98 -16.73
C ILE C 1215 -14.76 -13.80 -16.25
N LEU C 1216 -14.88 -12.77 -17.09
CA LEU C 1216 -15.55 -11.53 -16.69
C LEU C 1216 -17.02 -11.80 -16.36
N GLN C 1217 -17.69 -12.61 -17.16
CA GLN C 1217 -19.10 -12.88 -16.91
C GLN C 1217 -19.29 -13.54 -15.55
N GLU C 1218 -18.47 -14.53 -15.22
CA GLU C 1218 -18.67 -15.18 -13.92
C GLU C 1218 -18.20 -14.30 -12.77
N ILE C 1219 -17.22 -13.43 -13.01
CA ILE C 1219 -16.84 -12.46 -11.98
C ILE C 1219 -18.02 -11.58 -11.62
N LEU C 1220 -18.67 -11.00 -12.62
CA LEU C 1220 -19.71 -10.03 -12.31
C LEU C 1220 -21.08 -10.66 -12.10
N THR C 1221 -21.20 -11.97 -12.25
CA THR C 1221 -22.51 -12.59 -12.05
C THR C 1221 -22.54 -13.62 -10.93
N VAL C 1222 -21.67 -14.63 -10.97
CA VAL C 1222 -21.77 -15.73 -10.03
C VAL C 1222 -20.64 -15.73 -9.01
N LYS C 1223 -19.44 -15.29 -9.39
CA LYS C 1223 -18.39 -15.14 -8.39
C LYS C 1223 -18.84 -14.24 -7.25
N SER C 1224 -19.57 -13.17 -7.56
CA SER C 1224 -20.12 -12.28 -6.57
C SER C 1224 -21.63 -12.18 -6.76
N ASP C 1225 -22.26 -11.44 -5.84
CA ASP C 1225 -23.57 -10.81 -5.96
C ASP C 1225 -24.65 -11.71 -6.60
N ASP C 1226 -24.55 -13.02 -6.50
CA ASP C 1226 -25.71 -13.88 -6.78
C ASP C 1226 -25.72 -15.01 -5.75
N VAL C 1227 -26.37 -14.77 -4.61
CA VAL C 1227 -26.38 -15.79 -3.58
C VAL C 1227 -27.11 -17.04 -4.06
N VAL C 1228 -28.19 -16.87 -4.81
CA VAL C 1228 -28.87 -18.02 -5.39
C VAL C 1228 -27.98 -18.69 -6.42
N GLY C 1229 -27.45 -17.90 -7.36
CA GLY C 1229 -26.54 -18.45 -8.34
C GLY C 1229 -25.28 -19.01 -7.72
N ARG C 1230 -24.77 -18.35 -6.69
CA ARG C 1230 -23.59 -18.85 -6.01
C ARG C 1230 -23.87 -20.20 -5.35
N SER C 1231 -24.99 -20.33 -4.66
CA SER C 1231 -25.32 -21.60 -4.04
C SER C 1231 -25.48 -22.69 -5.09
N LYS C 1232 -26.13 -22.36 -6.21
CA LYS C 1232 -26.31 -23.36 -7.26
C LYS C 1232 -24.97 -23.77 -7.87
N ALA C 1233 -24.09 -22.81 -8.15
CA ALA C 1233 -22.80 -23.12 -8.75
C ALA C 1233 -21.93 -23.94 -7.80
N TYR C 1234 -21.93 -23.57 -6.52
CA TYR C 1234 -21.21 -24.34 -5.52
C TYR C 1234 -21.72 -25.78 -5.46
N GLU C 1235 -23.03 -25.94 -5.36
CA GLU C 1235 -23.60 -27.28 -5.24
C GLU C 1235 -23.35 -28.08 -6.51
N ALA C 1236 -23.26 -27.40 -7.66
CA ALA C 1236 -22.96 -28.08 -8.92
C ALA C 1236 -21.51 -28.53 -8.97
N ILE C 1237 -20.58 -27.64 -8.58
CA ILE C 1237 -19.17 -28.00 -8.60
C ILE C 1237 -18.91 -29.18 -7.68
N VAL C 1238 -19.52 -29.18 -6.50
CA VAL C 1238 -19.39 -30.33 -5.61
C VAL C 1238 -20.22 -31.50 -6.10
N LYS C 1239 -21.22 -31.26 -6.94
CA LYS C 1239 -22.12 -32.32 -7.37
C LYS C 1239 -21.74 -32.89 -8.72
N GLY C 1240 -20.76 -32.31 -9.40
CA GLY C 1240 -20.22 -32.89 -10.61
C GLY C 1240 -20.62 -32.23 -11.91
N ASP C 1241 -21.33 -31.11 -11.86
CA ASP C 1241 -21.62 -30.34 -13.07
C ASP C 1241 -20.85 -29.03 -13.02
N PRO C 1242 -19.74 -28.90 -13.74
CA PRO C 1242 -19.01 -27.62 -13.78
C PRO C 1242 -19.57 -26.62 -14.77
N MET C 1243 -20.56 -27.01 -15.56
CA MET C 1243 -21.17 -26.08 -16.50
C MET C 1243 -22.13 -25.17 -15.75
N PRO C 1244 -21.93 -23.87 -15.75
CA PRO C 1244 -22.87 -22.95 -15.10
C PRO C 1244 -24.03 -22.62 -16.01
N THR C 1245 -25.02 -21.95 -15.43
CA THR C 1245 -26.15 -21.40 -16.16
C THR C 1245 -26.37 -19.96 -15.74
N PRO C 1246 -25.45 -19.06 -16.11
CA PRO C 1246 -25.56 -17.68 -15.64
C PRO C 1246 -26.85 -17.04 -16.11
N GLY C 1247 -27.47 -16.28 -15.22
CA GLY C 1247 -28.74 -15.64 -15.54
C GLY C 1247 -28.68 -14.13 -15.59
N ILE C 1248 -29.51 -13.49 -14.78
CA ILE C 1248 -29.57 -12.03 -14.74
C ILE C 1248 -29.29 -11.57 -13.32
N PRO C 1249 -28.32 -10.70 -13.11
CA PRO C 1249 -28.02 -10.24 -11.76
C PRO C 1249 -29.18 -9.43 -11.20
N GLU C 1250 -29.22 -9.36 -9.87
CA GLU C 1250 -30.24 -8.53 -9.22
C GLU C 1250 -30.07 -7.06 -9.59
N SER C 1251 -28.83 -6.64 -9.90
CA SER C 1251 -28.60 -5.27 -10.32
C SER C 1251 -29.54 -4.88 -11.46
N LEU C 1252 -29.75 -5.78 -12.41
CA LEU C 1252 -30.80 -5.54 -13.41
C LEU C 1252 -32.19 -5.77 -12.85
N ASN C 1253 -32.36 -6.76 -11.96
CA ASN C 1253 -33.65 -6.89 -11.29
C ASN C 1253 -33.94 -5.64 -10.49
N VAL C 1254 -32.93 -5.14 -9.78
CA VAL C 1254 -33.06 -3.85 -9.13
C VAL C 1254 -33.34 -2.78 -10.16
N LEU C 1255 -32.70 -2.85 -11.33
CA LEU C 1255 -32.90 -1.79 -12.31
C LEU C 1255 -34.36 -1.71 -12.72
N LEU C 1256 -34.98 -2.85 -13.01
CA LEU C 1256 -36.42 -2.81 -13.39
C LEU C 1256 -37.25 -2.27 -12.21
N HIS C 1257 -36.98 -2.76 -10.99
CA HIS C 1257 -37.74 -2.36 -9.76
C HIS C 1257 -37.54 -0.88 -9.37
N GLU C 1258 -36.30 -0.37 -9.46
CA GLU C 1258 -35.98 1.00 -9.04
C GLU C 1258 -36.29 2.02 -10.12
N LEU C 1259 -36.22 1.61 -11.38
CA LEU C 1259 -36.58 2.58 -12.44
C LEU C 1259 -38.00 3.02 -12.08
N LYS C 1260 -38.78 2.04 -11.58
CA LYS C 1260 -40.19 2.06 -11.08
C LYS C 1260 -41.15 1.93 -12.27
N GLY C 1261 -40.61 1.75 -13.48
CA GLY C 1261 -41.50 1.65 -14.65
C GLY C 1261 -42.37 2.88 -14.68
N LEU C 1262 -43.60 2.68 -14.24
CA LEU C 1262 -44.67 3.66 -14.19
C LEU C 1262 -45.97 2.89 -14.34
N GLY C 1263 -46.70 3.27 -15.38
CA GLY C 1263 -47.52 2.32 -16.11
C GLY C 1263 -46.52 1.48 -16.88
N LEU C 1264 -46.41 0.18 -16.58
CA LEU C 1264 -45.16 -0.55 -16.74
C LEU C 1264 -45.11 -1.17 -18.13
N SER C 1265 -43.99 -0.92 -18.82
CA SER C 1265 -43.71 -1.53 -20.11
C SER C 1265 -42.27 -2.02 -20.08
N PHE C 1266 -42.04 -3.17 -19.46
CA PHE C 1266 -40.81 -3.92 -19.68
C PHE C 1266 -41.03 -4.94 -20.80
N SER C 1267 -39.93 -5.52 -21.27
CA SER C 1267 -39.97 -6.32 -22.49
C SER C 1267 -39.86 -7.80 -22.18
N LEU C 1268 -40.37 -8.60 -23.12
CA LEU C 1268 -40.27 -10.05 -23.08
C LEU C 1268 -39.68 -10.59 -24.37
N ASP C 1269 -39.10 -9.70 -25.18
CA ASP C 1269 -38.69 -10.03 -26.53
C ASP C 1269 -37.18 -10.13 -26.56
N LYS D 10 -37.65 -16.66 -17.71
CA LYS D 10 -36.37 -16.88 -18.36
C LYS D 10 -35.43 -15.71 -18.11
N ASN D 11 -34.16 -15.88 -18.47
CA ASN D 11 -33.16 -14.83 -18.28
C ASN D 11 -32.41 -14.45 -19.55
N ASN D 12 -32.20 -15.38 -20.47
CA ASN D 12 -31.51 -15.06 -21.71
C ASN D 12 -32.31 -14.01 -22.50
N PHE D 13 -31.68 -12.89 -22.80
CA PHE D 13 -32.41 -11.80 -23.39
C PHE D 13 -31.51 -10.99 -24.30
N SER D 14 -32.15 -10.21 -25.15
CA SER D 14 -31.58 -9.14 -25.93
C SER D 14 -32.77 -8.24 -26.28
N LYS D 15 -32.60 -7.35 -27.23
CA LYS D 15 -33.73 -6.81 -28.00
C LYS D 15 -34.87 -6.33 -27.09
N ILE D 16 -34.52 -5.41 -26.19
CA ILE D 16 -35.46 -4.87 -25.21
C ILE D 16 -36.14 -3.62 -25.75
N ARG D 17 -37.42 -3.46 -25.41
CA ARG D 17 -38.28 -2.38 -25.85
C ARG D 17 -38.87 -1.66 -24.65
N ILE D 18 -39.06 -0.34 -24.76
CA ILE D 18 -39.74 0.41 -23.71
C ILE D 18 -40.96 1.11 -24.32
N THR D 19 -41.98 1.28 -23.49
CA THR D 19 -43.22 1.95 -23.87
C THR D 19 -43.83 2.53 -22.60
N LEU D 20 -45.06 3.03 -22.70
CA LEU D 20 -45.87 3.41 -21.55
C LEU D 20 -47.09 2.50 -21.50
N ALA D 21 -47.36 1.94 -20.33
CA ALA D 21 -48.54 1.10 -20.17
C ALA D 21 -49.76 1.91 -19.74
N SER D 22 -50.90 1.27 -19.82
CA SER D 22 -52.22 1.76 -19.46
C SER D 22 -52.50 1.47 -17.99
N PRO D 23 -53.38 2.24 -17.35
CA PRO D 23 -53.72 1.97 -15.95
C PRO D 23 -54.34 0.59 -15.72
N GLU D 24 -55.05 0.04 -16.71
CA GLU D 24 -55.76 -1.22 -16.50
C GLU D 24 -54.80 -2.37 -16.19
N GLU D 25 -53.67 -2.43 -16.89
CA GLU D 25 -52.70 -3.50 -16.62
C GLU D 25 -52.15 -3.40 -15.20
N ILE D 26 -52.15 -2.21 -14.61
CA ILE D 26 -51.77 -2.08 -13.22
C ILE D 26 -52.81 -2.79 -12.35
N LEU D 27 -52.37 -3.21 -11.16
CA LEU D 27 -53.07 -4.00 -10.14
C LEU D 27 -53.09 -5.48 -10.50
N GLU D 28 -52.63 -5.87 -11.70
CA GLU D 28 -52.51 -7.30 -11.99
C GLU D 28 -51.48 -7.95 -11.08
N ASN D 29 -50.37 -7.26 -10.85
CA ASN D 29 -49.35 -7.71 -9.92
C ASN D 29 -49.51 -7.10 -8.53
N SER D 30 -50.56 -6.32 -8.31
CA SER D 30 -50.85 -5.74 -7.01
C SER D 30 -51.90 -6.57 -6.29
N PHE D 31 -51.67 -6.82 -5.00
CA PHE D 31 -52.55 -7.65 -4.19
C PHE D 31 -53.62 -6.85 -3.46
N GLY D 32 -53.68 -5.55 -3.67
CA GLY D 32 -54.71 -4.73 -3.06
C GLY D 32 -54.27 -3.30 -2.90
N GLU D 33 -55.25 -2.41 -2.79
CA GLU D 33 -54.97 -1.01 -2.54
C GLU D 33 -54.48 -0.81 -1.11
N VAL D 34 -53.67 0.23 -0.92
CA VAL D 34 -53.24 0.64 0.41
C VAL D 34 -54.35 1.49 0.99
N LEU D 35 -55.09 0.95 1.95
CA LEU D 35 -56.24 1.65 2.51
C LEU D 35 -55.99 2.19 3.91
N LYS D 36 -54.88 1.81 4.55
CA LYS D 36 -54.52 2.35 5.85
C LYS D 36 -53.30 3.25 5.70
N PRO D 37 -53.43 4.56 5.94
CA PRO D 37 -52.38 5.50 5.54
C PRO D 37 -51.11 5.43 6.37
N GLU D 38 -51.13 4.77 7.52
CA GLU D 38 -49.97 4.76 8.39
C GLU D 38 -48.86 3.93 7.75
N THR D 39 -47.63 4.13 8.23
CA THR D 39 -46.46 3.50 7.62
C THR D 39 -46.14 2.14 8.25
N ILE D 40 -45.92 2.09 9.56
CA ILE D 40 -45.74 0.84 10.29
C ILE D 40 -45.84 1.13 11.78
N ASN D 41 -46.43 0.21 12.55
CA ASN D 41 -46.58 0.46 13.97
C ASN D 41 -45.22 0.32 14.64
N TYR D 42 -44.41 1.38 14.56
CA TYR D 42 -43.04 1.33 15.06
C TYR D 42 -42.97 1.38 16.58
N ARG D 43 -43.95 1.99 17.24
CA ARG D 43 -43.98 2.03 18.69
C ARG D 43 -44.38 0.69 19.30
N THR D 44 -44.79 -0.26 18.47
CA THR D 44 -44.99 -1.64 18.88
C THR D 44 -44.12 -2.59 18.07
N TYR D 45 -43.51 -2.11 16.99
CA TYR D 45 -42.61 -2.87 16.13
C TYR D 45 -43.37 -3.99 15.40
N LYS D 46 -44.68 -4.05 15.60
CA LYS D 46 -45.51 -4.98 14.87
C LYS D 46 -45.83 -4.46 13.48
N PRO D 47 -46.05 -5.34 12.52
CA PRO D 47 -46.39 -4.90 11.16
C PRO D 47 -47.70 -4.14 11.13
N GLU D 48 -47.78 -3.16 10.22
CA GLU D 48 -48.99 -2.39 10.01
C GLU D 48 -49.80 -3.01 8.89
N ARG D 49 -51.07 -3.33 9.18
CA ARG D 49 -51.97 -3.81 8.15
C ARG D 49 -52.24 -2.70 7.14
N ASP D 50 -52.29 -3.08 5.86
CA ASP D 50 -52.66 -2.18 4.77
C ASP D 50 -51.90 -0.86 4.82
N GLY D 51 -50.69 -0.89 5.39
CA GLY D 51 -49.87 0.29 5.51
C GLY D 51 -48.72 0.30 4.50
N LEU D 52 -47.80 1.25 4.71
CA LEU D 52 -46.63 1.32 3.84
C LEU D 52 -45.77 0.08 3.98
N PHE D 53 -45.91 -0.67 5.07
CA PHE D 53 -45.27 -1.97 5.23
C PHE D 53 -46.41 -2.94 5.46
N CYS D 54 -47.02 -3.41 4.38
CA CYS D 54 -48.21 -4.24 4.45
C CYS D 54 -47.90 -5.62 3.90
N GLU D 55 -47.92 -6.62 4.77
CA GLU D 55 -47.70 -7.99 4.33
C GLU D 55 -48.78 -8.43 3.34
N ARG D 56 -50.03 -8.01 3.58
CA ARG D 56 -51.13 -8.45 2.72
C ARG D 56 -50.91 -8.07 1.27
N ILE D 57 -50.26 -6.93 1.02
CA ILE D 57 -50.04 -6.47 -0.34
C ILE D 57 -48.60 -6.75 -0.74
N PHE D 58 -47.69 -6.83 0.23
CA PHE D 58 -46.29 -7.10 -0.06
C PHE D 58 -45.88 -8.53 0.27
N GLY D 59 -46.82 -9.43 0.54
CA GLY D 59 -46.47 -10.81 0.74
C GLY D 59 -45.73 -11.01 2.04
N PRO D 60 -45.05 -12.14 2.17
CA PRO D 60 -44.40 -12.47 3.44
C PRO D 60 -43.26 -11.52 3.76
N VAL D 61 -43.21 -11.11 5.02
CA VAL D 61 -42.15 -10.22 5.49
C VAL D 61 -40.87 -10.97 5.82
N LYS D 62 -40.94 -12.29 5.95
CA LYS D 62 -39.78 -13.14 6.11
C LYS D 62 -40.13 -14.50 5.53
N ASP D 63 -39.10 -15.30 5.26
CA ASP D 63 -39.30 -16.61 4.65
C ASP D 63 -40.35 -17.43 5.42
N PHE D 64 -41.49 -17.68 4.77
CA PHE D 64 -42.53 -18.56 5.29
C PHE D 64 -43.13 -18.01 6.58
N GLU D 65 -43.58 -16.75 6.54
CA GLU D 65 -44.25 -16.19 7.69
C GLU D 65 -45.21 -15.09 7.28
N CYS D 66 -46.18 -14.82 8.15
CA CYS D 66 -47.14 -13.72 8.04
C CYS D 66 -46.84 -12.69 9.11
N HIS D 67 -47.67 -11.64 9.15
CA HIS D 67 -47.42 -10.55 10.08
C HIS D 67 -47.82 -10.90 11.52
N CYS D 68 -48.69 -11.88 11.70
CA CYS D 68 -49.17 -12.24 13.03
C CYS D 68 -48.41 -13.39 13.65
N GLY D 69 -47.37 -13.90 12.99
CA GLY D 69 -46.59 -14.97 13.56
C GLY D 69 -47.28 -16.32 13.60
N LYS D 70 -48.39 -16.49 12.86
CA LYS D 70 -49.08 -17.76 12.85
C LYS D 70 -48.21 -18.86 12.22
N TYR D 71 -47.47 -18.51 11.17
CA TYR D 71 -46.55 -19.43 10.51
C TYR D 71 -45.15 -18.83 10.59
N LYS D 72 -44.16 -19.67 10.92
CA LYS D 72 -42.80 -19.17 11.08
C LYS D 72 -41.72 -20.10 10.53
N ARG D 73 -42.06 -21.17 9.83
CA ARG D 73 -41.08 -22.16 9.42
C ARG D 73 -41.30 -22.56 7.97
N ILE D 74 -40.22 -23.07 7.36
CA ILE D 74 -40.22 -23.51 5.96
C ILE D 74 -41.21 -24.64 5.71
N ARG D 75 -41.68 -25.31 6.76
CA ARG D 75 -42.61 -26.42 6.61
C ARG D 75 -43.96 -25.97 6.07
N TYR D 76 -44.24 -24.66 6.06
CA TYR D 76 -45.55 -24.13 5.70
C TYR D 76 -45.67 -23.81 4.21
N ARG D 77 -45.03 -24.61 3.35
CA ARG D 77 -45.10 -24.42 1.91
C ARG D 77 -46.54 -24.38 1.42
N GLY D 78 -46.93 -23.26 0.81
CA GLY D 78 -48.19 -23.16 0.11
C GLY D 78 -49.38 -22.75 0.95
N ILE D 79 -49.24 -22.69 2.27
CA ILE D 79 -50.35 -22.30 3.12
C ILE D 79 -50.56 -20.79 3.04
N VAL D 80 -51.77 -20.35 3.37
CA VAL D 80 -52.14 -18.94 3.33
C VAL D 80 -52.63 -18.53 4.71
N CYS D 81 -52.19 -17.36 5.17
CA CYS D 81 -52.66 -16.81 6.43
C CYS D 81 -54.07 -16.26 6.26
N ASP D 82 -54.96 -16.64 7.17
CA ASP D 82 -56.34 -16.15 7.10
C ASP D 82 -56.40 -14.64 7.32
N ARG D 83 -55.64 -14.11 8.27
CA ARG D 83 -55.73 -12.70 8.61
C ARG D 83 -55.27 -11.81 7.45
N CYS D 84 -54.17 -12.18 6.80
CA CYS D 84 -53.56 -11.34 5.78
C CYS D 84 -53.37 -12.12 4.49
N GLY D 85 -53.63 -11.45 3.36
CA GLY D 85 -53.53 -12.06 2.05
C GLY D 85 -52.09 -12.29 1.65
N VAL D 86 -51.45 -13.25 2.30
CA VAL D 86 -50.02 -13.48 2.19
C VAL D 86 -49.76 -14.93 1.83
N GLU D 87 -48.93 -15.15 0.82
CA GLU D 87 -48.38 -16.47 0.58
C GLU D 87 -47.29 -16.76 1.60
N VAL D 88 -47.34 -17.93 2.21
CA VAL D 88 -46.38 -18.32 3.24
C VAL D 88 -45.29 -19.11 2.54
N THR D 89 -44.29 -18.40 2.02
CA THR D 89 -43.18 -19.00 1.31
C THR D 89 -41.93 -18.15 1.57
N GLU D 90 -40.89 -18.41 0.79
CA GLU D 90 -39.61 -17.76 1.02
C GLU D 90 -39.70 -16.26 0.84
N LYS D 91 -38.79 -15.54 1.49
CA LYS D 91 -38.77 -14.08 1.49
C LYS D 91 -38.61 -13.48 0.09
N LYS D 92 -38.02 -14.23 -0.84
CA LYS D 92 -37.71 -13.69 -2.16
C LYS D 92 -38.94 -13.10 -2.84
N VAL D 93 -40.08 -13.80 -2.75
CA VAL D 93 -41.29 -13.36 -3.45
C VAL D 93 -41.73 -11.98 -3.00
N ARG D 94 -41.23 -11.50 -1.86
CA ARG D 94 -41.60 -10.16 -1.41
C ARG D 94 -41.06 -9.09 -2.35
N ARG D 95 -39.93 -9.33 -3.01
CA ARG D 95 -39.24 -8.28 -3.75
C ARG D 95 -39.83 -8.04 -5.14
N GLU D 96 -40.94 -8.67 -5.50
CA GLU D 96 -41.48 -8.54 -6.84
C GLU D 96 -42.90 -8.01 -6.91
N ARG D 97 -43.74 -8.32 -5.92
CA ARG D 97 -45.14 -7.92 -5.98
C ARG D 97 -45.29 -6.47 -5.58
N MET D 98 -46.27 -5.81 -6.18
CA MET D 98 -46.52 -4.40 -5.92
C MET D 98 -47.82 -4.24 -5.16
N GLY D 99 -48.05 -3.02 -4.69
CA GLY D 99 -49.37 -2.57 -4.28
C GLY D 99 -49.66 -1.31 -5.06
N HIS D 100 -50.75 -0.60 -4.77
CA HIS D 100 -51.02 0.61 -5.53
C HIS D 100 -51.67 1.65 -4.65
N ILE D 101 -51.68 2.87 -5.16
CA ILE D 101 -52.39 4.00 -4.58
C ILE D 101 -53.29 4.56 -5.68
N HIS D 102 -54.60 4.56 -5.43
CA HIS D 102 -55.57 5.08 -6.38
C HIS D 102 -55.87 6.52 -6.02
N LEU D 103 -55.49 7.44 -6.90
CA LEU D 103 -55.67 8.86 -6.63
C LEU D 103 -57.09 9.29 -6.97
N VAL D 104 -57.70 10.05 -6.07
CA VAL D 104 -59.10 10.44 -6.24
C VAL D 104 -59.26 11.45 -7.36
N VAL D 105 -58.32 12.39 -7.48
CA VAL D 105 -58.45 13.48 -8.45
C VAL D 105 -57.46 13.24 -9.59
N PRO D 106 -57.82 13.56 -10.83
CA PRO D 106 -56.85 13.45 -11.93
C PRO D 106 -55.64 14.33 -11.68
N VAL D 107 -54.48 13.84 -12.10
CA VAL D 107 -53.20 14.48 -11.81
C VAL D 107 -52.34 14.44 -13.07
N ALA D 108 -51.68 15.56 -13.36
CA ALA D 108 -50.87 15.71 -14.56
C ALA D 108 -49.41 15.42 -14.26
N HIS D 109 -48.72 14.81 -15.21
CA HIS D 109 -47.41 14.21 -14.96
C HIS D 109 -46.31 15.27 -14.96
N ILE D 110 -45.43 15.19 -13.97
CA ILE D 110 -44.36 16.18 -13.83
C ILE D 110 -43.30 16.02 -14.92
N TRP D 111 -42.97 14.78 -15.28
CA TRP D 111 -41.83 14.53 -16.16
C TRP D 111 -42.02 15.20 -17.52
N TYR D 112 -43.22 15.09 -18.09
CA TYR D 112 -43.52 15.81 -19.32
C TYR D 112 -43.29 17.29 -19.14
N PHE D 113 -43.60 17.81 -17.95
CA PHE D 113 -43.64 19.24 -17.73
C PHE D 113 -42.23 19.81 -17.62
N ARG D 114 -41.33 19.06 -16.99
CA ARG D 114 -39.96 19.52 -16.82
C ARG D 114 -39.11 19.25 -18.05
N SER D 115 -39.69 18.65 -19.08
CA SER D 115 -39.00 18.52 -20.37
C SER D 115 -38.98 19.87 -21.09
N LEU D 116 -37.82 20.25 -21.62
CA LEU D 116 -37.76 21.46 -22.43
C LEU D 116 -38.67 21.36 -23.64
N PRO D 117 -38.64 20.29 -24.45
CA PRO D 117 -39.69 20.12 -25.48
C PRO D 117 -40.88 19.31 -24.97
N ASN D 118 -41.69 19.95 -24.12
CA ASN D 118 -42.87 19.27 -23.58
C ASN D 118 -43.81 18.89 -24.71
N LYS D 119 -44.05 17.59 -24.86
CA LYS D 119 -44.84 17.12 -26.00
C LYS D 119 -46.26 17.64 -25.93
N ILE D 120 -46.81 17.77 -24.73
CA ILE D 120 -48.12 18.39 -24.58
C ILE D 120 -48.07 19.81 -25.09
N GLY D 121 -47.01 20.55 -24.73
CA GLY D 121 -46.91 21.93 -25.13
C GLY D 121 -46.93 22.12 -26.63
N TYR D 122 -46.18 21.28 -27.35
CA TYR D 122 -46.18 21.40 -28.81
C TYR D 122 -47.49 20.89 -29.40
N LEU D 123 -48.03 19.79 -28.87
CA LEU D 123 -49.22 19.21 -29.47
C LEU D 123 -50.42 20.15 -29.33
N LEU D 124 -50.69 20.60 -28.11
CA LEU D 124 -51.83 21.50 -27.89
C LEU D 124 -51.52 22.93 -28.33
N GLY D 125 -50.29 23.39 -28.13
CA GLY D 125 -49.90 24.71 -28.58
C GLY D 125 -50.23 25.82 -27.60
N LEU D 126 -49.74 25.70 -26.37
CA LEU D 126 -50.07 26.66 -25.32
C LEU D 126 -48.81 27.28 -24.73
N PRO D 127 -48.90 28.51 -24.23
CA PRO D 127 -47.81 29.04 -23.40
C PRO D 127 -47.57 28.16 -22.19
N THR D 128 -46.29 28.01 -21.84
CA THR D 128 -45.91 27.11 -20.76
C THR D 128 -46.63 27.46 -19.46
N LYS D 129 -46.44 28.69 -18.98
CA LYS D 129 -47.04 29.10 -17.71
C LYS D 129 -48.55 29.08 -17.78
N LYS D 130 -49.12 29.36 -18.95
CA LYS D 130 -50.57 29.30 -19.10
C LYS D 130 -51.10 27.90 -18.81
N LEU D 131 -50.46 26.89 -19.39
CA LEU D 131 -50.89 25.52 -19.15
C LEU D 131 -50.57 25.11 -17.72
N ASP D 132 -49.45 25.59 -17.17
CA ASP D 132 -49.17 25.38 -15.77
C ASP D 132 -50.32 25.88 -14.91
N ALA D 133 -50.84 27.07 -15.23
CA ALA D 133 -51.96 27.64 -14.51
C ALA D 133 -53.20 26.77 -14.65
N ILE D 134 -53.49 26.31 -15.87
CA ILE D 134 -54.73 25.56 -16.06
C ILE D 134 -54.65 24.23 -15.30
N ILE D 135 -53.47 23.62 -15.23
CA ILE D 135 -53.33 22.43 -14.39
C ILE D 135 -53.49 22.78 -12.92
N TYR D 136 -52.89 23.88 -12.49
CA TYR D 136 -52.85 24.22 -11.07
C TYR D 136 -54.10 24.92 -10.57
N TYR D 137 -55.19 24.85 -11.32
CA TYR D 137 -56.55 25.19 -10.89
C TYR D 137 -56.77 26.69 -10.78
N GLU D 138 -55.77 27.53 -11.03
CA GLU D 138 -55.92 28.96 -10.76
C GLU D 138 -56.68 29.70 -11.86
N ARG D 139 -56.88 29.08 -13.03
CA ARG D 139 -57.60 29.74 -14.11
C ARG D 139 -58.34 28.69 -14.93
N TYR D 140 -59.30 29.16 -15.72
CA TYR D 140 -60.10 28.32 -16.60
C TYR D 140 -59.70 28.56 -18.05
N VAL D 141 -60.19 27.69 -18.93
CA VAL D 141 -59.92 27.84 -20.35
C VAL D 141 -60.98 27.05 -21.12
N VAL D 142 -61.34 27.57 -22.30
CA VAL D 142 -62.39 26.97 -23.11
C VAL D 142 -61.99 25.55 -23.49
N ILE D 143 -62.89 24.59 -23.29
CA ILE D 143 -62.62 23.19 -23.55
C ILE D 143 -63.51 22.63 -24.65
N GLN D 144 -64.79 23.00 -24.66
CA GLN D 144 -65.67 22.55 -25.73
C GLN D 144 -66.87 23.48 -25.83
N PRO D 145 -66.69 24.65 -26.44
CA PRO D 145 -67.74 25.68 -26.41
C PRO D 145 -68.99 25.30 -27.18
N GLY D 146 -68.82 24.89 -28.43
CA GLY D 146 -69.95 24.59 -29.29
C GLY D 146 -70.31 25.75 -30.20
N VAL D 147 -71.50 26.32 -29.98
CA VAL D 147 -72.01 27.41 -30.81
C VAL D 147 -71.77 28.70 -30.01
N ALA D 148 -70.71 28.70 -29.19
CA ALA D 148 -70.37 29.85 -28.36
C ALA D 148 -70.48 31.16 -29.12
N GLU D 149 -70.94 32.20 -28.41
CA GLU D 149 -71.31 33.44 -29.07
C GLU D 149 -70.13 34.08 -29.78
N GLY D 150 -69.01 34.26 -29.08
CA GLY D 150 -67.87 34.90 -29.69
C GLY D 150 -66.52 34.40 -29.20
N LEU D 151 -66.53 33.48 -28.25
CA LEU D 151 -65.30 32.96 -27.67
C LEU D 151 -64.95 31.63 -28.33
N SER D 152 -63.73 31.53 -28.88
CA SER D 152 -63.31 30.33 -29.58
C SER D 152 -62.90 29.24 -28.60
N GLN D 153 -62.44 28.13 -29.14
CA GLN D 153 -62.04 26.96 -28.37
C GLN D 153 -60.75 27.19 -27.60
N LEU D 154 -60.02 28.26 -27.89
CA LEU D 154 -58.66 28.41 -27.42
C LEU D 154 -58.38 29.74 -26.75
N ASP D 155 -59.42 30.50 -26.39
CA ASP D 155 -59.21 31.80 -25.78
C ASP D 155 -58.67 31.63 -24.35
N LEU D 156 -58.11 32.72 -23.82
CA LEU D 156 -57.65 32.77 -22.45
C LEU D 156 -58.54 33.74 -21.69
N LEU D 157 -59.07 33.29 -20.56
CA LEU D 157 -60.17 33.96 -19.88
C LEU D 157 -60.44 33.27 -18.55
N SER D 158 -60.86 34.04 -17.56
CA SER D 158 -61.07 33.48 -16.22
C SER D 158 -62.50 33.60 -15.70
N GLU D 159 -63.04 34.82 -15.66
CA GLU D 159 -64.18 35.14 -14.83
C GLU D 159 -65.35 35.67 -15.66
N GLU D 160 -66.57 35.25 -15.29
CA GLU D 160 -67.82 35.87 -15.73
C GLU D 160 -68.19 35.45 -17.15
N GLU D 161 -67.31 34.72 -17.84
CA GLU D 161 -67.66 34.24 -19.17
C GLU D 161 -68.83 33.26 -19.10
N TYR D 162 -68.86 32.43 -18.05
CA TYR D 162 -69.96 31.50 -17.87
C TYR D 162 -71.27 32.23 -17.69
N LEU D 163 -71.25 33.32 -16.93
CA LEU D 163 -72.47 34.09 -16.71
C LEU D 163 -73.05 34.59 -18.03
N ASP D 164 -72.22 35.26 -18.84
CA ASP D 164 -72.71 35.83 -20.09
C ASP D 164 -73.15 34.74 -21.06
N LYS D 165 -72.29 33.73 -21.27
CA LYS D 165 -72.65 32.68 -22.21
C LYS D 165 -73.93 31.98 -21.78
N LEU D 166 -74.02 31.57 -20.50
CA LEU D 166 -75.20 30.84 -20.06
C LEU D 166 -76.45 31.70 -20.19
N ASP D 167 -76.46 32.90 -19.61
CA ASP D 167 -77.71 33.65 -19.60
C ASP D 167 -78.08 34.15 -20.98
N GLU D 168 -77.15 34.15 -21.94
CA GLU D 168 -77.54 34.42 -23.31
C GLU D 168 -78.07 33.18 -24.01
N ILE D 169 -77.53 32.00 -23.69
CA ILE D 169 -77.78 30.82 -24.50
C ILE D 169 -79.14 30.19 -24.21
N GLU D 170 -79.59 30.19 -22.95
CA GLU D 170 -80.51 29.16 -22.45
C GLU D 170 -81.55 28.77 -23.48
N ARG D 171 -81.46 27.53 -23.97
CA ARG D 171 -82.29 27.06 -25.06
C ARG D 171 -83.14 25.86 -24.67
N THR D 172 -82.50 24.76 -24.26
CA THR D 172 -83.19 23.52 -23.89
C THR D 172 -82.14 22.54 -23.36
N HIS D 173 -82.60 21.61 -22.53
CA HIS D 173 -81.75 20.57 -21.96
C HIS D 173 -81.96 19.29 -22.76
N LYS D 174 -81.17 19.13 -23.83
CA LYS D 174 -81.33 18.00 -24.74
C LYS D 174 -80.06 17.21 -25.02
N GLY D 175 -78.88 17.82 -24.92
CA GLY D 175 -77.66 17.14 -25.26
C GLY D 175 -76.93 16.52 -24.08
N ASN D 176 -77.59 15.61 -23.36
CA ASN D 176 -76.99 14.95 -22.19
C ASN D 176 -76.49 15.99 -21.20
N GLN D 177 -77.47 16.71 -20.62
CA GLN D 177 -77.24 17.98 -19.91
C GLN D 177 -76.82 19.06 -20.89
N ASN D 178 -77.45 19.05 -22.07
CA ASN D 178 -77.28 20.05 -23.13
C ASN D 178 -75.82 20.45 -23.31
N LEU D 179 -74.95 19.45 -23.42
CA LEU D 179 -73.53 19.70 -23.57
C LEU D 179 -73.00 18.91 -24.76
N GLU D 180 -71.87 19.37 -25.30
CA GLU D 180 -71.37 18.86 -26.58
C GLU D 180 -70.78 17.47 -26.40
N ASP D 181 -71.66 16.53 -26.09
CA ASP D 181 -71.45 15.11 -26.34
C ASP D 181 -72.51 14.54 -27.26
N THR D 182 -73.71 15.11 -27.25
CA THR D 182 -74.74 14.89 -28.25
C THR D 182 -75.16 16.17 -28.97
N ASN D 183 -75.00 17.32 -28.30
CA ASN D 183 -75.55 18.58 -28.77
C ASN D 183 -74.71 19.72 -28.23
N PRO D 184 -74.23 20.64 -29.08
CA PRO D 184 -73.54 21.83 -28.58
C PRO D 184 -74.48 22.84 -27.93
N ASP D 185 -73.99 24.07 -27.74
CA ASP D 185 -74.61 25.17 -27.01
C ASP D 185 -74.32 25.12 -25.52
N LYS D 186 -73.38 24.27 -25.10
CA LYS D 186 -72.79 24.36 -23.77
C LYS D 186 -71.36 24.86 -23.91
N PHE D 187 -71.19 26.17 -23.80
CA PHE D 187 -69.84 26.73 -23.68
C PHE D 187 -69.27 26.27 -22.35
N ILE D 188 -68.30 25.36 -22.39
CA ILE D 188 -67.79 24.71 -21.19
C ILE D 188 -66.29 24.92 -21.11
N ALA D 189 -65.81 25.12 -19.88
CA ALA D 189 -64.40 25.32 -19.57
C ALA D 189 -64.05 24.49 -18.35
N LYS D 190 -62.77 24.11 -18.24
CA LYS D 190 -62.31 23.33 -17.11
C LYS D 190 -60.92 23.80 -16.70
N ILE D 191 -60.27 23.00 -15.86
CA ILE D 191 -58.96 23.32 -15.29
C ILE D 191 -58.06 22.11 -15.49
N GLY D 192 -57.38 22.05 -16.63
CA GLY D 192 -56.27 21.13 -16.79
C GLY D 192 -56.55 19.69 -17.13
N ALA D 193 -56.52 18.82 -16.12
CA ALA D 193 -56.32 17.39 -16.33
C ALA D 193 -57.46 16.75 -17.12
N GLU D 194 -58.70 16.95 -16.68
CA GLU D 194 -59.83 16.33 -17.37
C GLU D 194 -59.96 16.84 -18.80
N ALA D 195 -59.77 18.14 -19.00
CA ALA D 195 -59.92 18.72 -20.31
C ALA D 195 -58.89 18.16 -21.29
N ILE D 196 -57.63 18.17 -20.89
CA ILE D 196 -56.57 17.64 -21.75
C ILE D 196 -56.78 16.15 -21.97
N TYR D 197 -57.22 15.44 -20.92
CA TYR D 197 -57.57 14.03 -21.04
C TYR D 197 -58.57 13.79 -22.17
N ASP D 198 -59.71 14.47 -22.11
CA ASP D 198 -60.74 14.27 -23.11
C ASP D 198 -60.28 14.72 -24.49
N LEU D 199 -59.58 15.86 -24.55
CA LEU D 199 -59.07 16.37 -25.81
C LEU D 199 -58.18 15.34 -26.49
N LEU D 200 -57.18 14.84 -25.77
CA LEU D 200 -56.26 13.88 -26.36
C LEU D 200 -56.98 12.59 -26.73
N CYS D 201 -57.85 12.11 -25.84
CA CYS D 201 -58.50 10.83 -26.10
C CYS D 201 -59.47 10.90 -27.27
N ARG D 202 -59.97 12.09 -27.62
CA ARG D 202 -60.91 12.23 -28.71
C ARG D 202 -60.35 13.11 -29.83
N VAL D 203 -59.06 12.99 -30.14
CA VAL D 203 -58.44 13.78 -31.19
C VAL D 203 -57.62 12.86 -32.09
N ASP D 204 -57.44 13.29 -33.33
CA ASP D 204 -56.63 12.58 -34.32
C ASP D 204 -55.69 13.56 -35.00
N LEU D 205 -54.58 13.05 -35.53
CA LEU D 205 -53.50 13.90 -35.99
C LEU D 205 -52.96 13.55 -37.37
N ASP D 206 -53.45 12.48 -38.02
CA ASP D 206 -52.90 12.11 -39.32
C ASP D 206 -53.15 13.20 -40.35
N SER D 207 -54.41 13.63 -40.46
CA SER D 207 -54.71 14.79 -41.30
C SER D 207 -53.95 16.02 -40.81
N ILE D 208 -53.77 16.12 -39.51
CA ILE D 208 -52.92 17.18 -38.97
C ILE D 208 -51.51 17.06 -39.54
N SER D 209 -50.98 15.83 -39.59
CA SER D 209 -49.64 15.65 -40.13
C SER D 209 -49.57 16.07 -41.60
N TYR D 210 -50.59 15.70 -42.38
CA TYR D 210 -50.51 16.02 -43.80
C TYR D 210 -50.66 17.53 -44.03
N GLU D 211 -51.51 18.19 -43.25
CA GLU D 211 -51.58 19.65 -43.37
C GLU D 211 -50.31 20.30 -42.87
N LEU D 212 -49.62 19.67 -41.92
CA LEU D 212 -48.31 20.17 -41.53
C LEU D 212 -47.34 20.09 -42.70
N ARG D 213 -47.40 19.01 -43.46
CA ARG D 213 -46.65 18.95 -44.72
C ARG D 213 -47.00 20.14 -45.61
N ASP D 214 -48.29 20.38 -45.80
CA ASP D 214 -48.70 21.41 -46.74
C ASP D 214 -48.26 22.80 -46.30
N ARG D 215 -48.43 23.11 -45.01
CA ARG D 215 -47.98 24.40 -44.50
C ARG D 215 -46.46 24.53 -44.56
N ALA D 216 -45.73 23.45 -44.25
CA ALA D 216 -44.29 23.47 -44.42
C ALA D 216 -43.90 23.62 -45.88
N ASN D 217 -44.84 23.35 -46.79
CA ASN D 217 -44.66 23.75 -48.17
C ASN D 217 -44.96 25.24 -48.35
N THR D 218 -45.89 25.81 -47.57
CA THR D 218 -46.38 27.15 -47.89
C THR D 218 -46.30 28.18 -46.77
N ASP D 219 -46.50 27.80 -45.50
CA ASP D 219 -46.69 28.81 -44.46
C ASP D 219 -45.37 29.48 -44.09
N GLY D 220 -45.42 30.28 -43.03
CA GLY D 220 -44.26 31.09 -42.67
C GLY D 220 -43.04 30.21 -42.39
N SER D 221 -41.92 30.61 -42.98
CA SER D 221 -40.76 29.72 -43.04
C SER D 221 -40.07 29.62 -41.68
N GLN D 222 -39.58 30.74 -41.16
CA GLN D 222 -38.80 30.68 -39.94
C GLN D 222 -39.59 30.18 -38.73
N GLN D 223 -40.53 30.99 -38.22
CA GLN D 223 -41.20 30.63 -36.97
C GLN D 223 -42.19 29.51 -37.20
N ARG D 224 -43.12 29.69 -38.13
CA ARG D 224 -44.19 28.72 -38.30
C ARG D 224 -43.62 27.35 -38.66
N LYS D 225 -42.78 27.28 -39.70
CA LYS D 225 -42.24 25.98 -40.07
C LYS D 225 -41.34 25.43 -38.97
N THR D 226 -40.52 26.26 -38.35
CA THR D 226 -39.62 25.75 -37.31
C THR D 226 -40.40 25.07 -36.19
N GLU D 227 -41.31 25.83 -35.56
CA GLU D 227 -42.01 25.29 -34.40
C GLU D 227 -42.99 24.19 -34.80
N ALA D 228 -43.67 24.36 -35.93
CA ALA D 228 -44.64 23.35 -36.32
C ALA D 228 -43.99 22.09 -36.85
N LEU D 229 -42.74 22.15 -37.32
CA LEU D 229 -42.00 20.92 -37.59
C LEU D 229 -41.48 20.27 -36.32
N LYS D 230 -41.16 21.05 -35.28
CA LYS D 230 -40.98 20.41 -33.98
C LYS D 230 -42.23 19.64 -33.58
N ARG D 231 -43.38 20.30 -33.71
CA ARG D 231 -44.65 19.63 -33.48
C ARG D 231 -44.79 18.40 -34.36
N LEU D 232 -44.35 18.50 -35.62
CA LEU D 232 -44.46 17.38 -36.54
C LEU D 232 -43.60 16.21 -36.07
N GLN D 233 -42.41 16.50 -35.58
CA GLN D 233 -41.61 15.47 -34.93
C GLN D 233 -42.39 14.77 -33.85
N VAL D 234 -42.97 15.55 -32.94
CA VAL D 234 -43.63 14.92 -31.80
C VAL D 234 -44.79 14.05 -32.29
N VAL D 235 -45.59 14.57 -33.22
CA VAL D 235 -46.79 13.85 -33.64
C VAL D 235 -46.42 12.60 -34.42
N GLU D 236 -45.43 12.69 -35.32
CA GLU D 236 -45.08 11.48 -36.06
C GLU D 236 -44.20 10.54 -35.27
N SER D 237 -43.61 10.99 -34.16
CA SER D 237 -43.02 10.05 -33.23
C SER D 237 -44.11 9.28 -32.51
N PHE D 238 -45.18 9.97 -32.11
CA PHE D 238 -46.33 9.28 -31.54
C PHE D 238 -46.92 8.30 -32.55
N ARG D 239 -47.07 8.74 -33.81
CA ARG D 239 -47.70 7.90 -34.81
C ARG D 239 -46.79 6.77 -35.26
N ALA D 240 -45.48 6.95 -35.16
CA ALA D 240 -44.55 5.88 -35.52
C ALA D 240 -44.80 4.63 -34.70
N SER D 241 -45.35 4.77 -33.50
CA SER D 241 -45.80 3.62 -32.74
C SER D 241 -47.16 3.16 -33.25
N LYS D 242 -47.28 1.85 -33.45
CA LYS D 242 -48.53 1.24 -33.88
C LYS D 242 -49.08 0.25 -32.87
N GLY D 243 -48.23 -0.40 -32.09
CA GLY D 243 -48.59 -0.77 -30.74
C GLY D 243 -48.51 0.53 -29.98
N VAL D 244 -49.39 1.46 -30.37
CA VAL D 244 -49.09 2.87 -30.28
C VAL D 244 -49.04 3.33 -28.83
N ASN D 245 -48.00 4.10 -28.51
CA ASN D 245 -47.99 4.81 -27.24
C ASN D 245 -48.88 6.04 -27.34
N ARG D 246 -50.19 5.84 -27.20
CA ARG D 246 -51.12 6.95 -27.31
C ARG D 246 -50.99 7.87 -26.11
N PRO D 247 -51.09 9.18 -26.30
CA PRO D 247 -50.95 10.10 -25.16
C PRO D 247 -51.95 9.85 -24.06
N GLU D 248 -53.03 9.10 -24.34
CA GLU D 248 -54.02 8.79 -23.32
C GLU D 248 -53.38 8.14 -22.09
N TRP D 249 -52.29 7.41 -22.28
CA TRP D 249 -51.65 6.71 -21.17
C TRP D 249 -50.89 7.63 -20.23
N MET D 250 -50.66 8.90 -20.60
CA MET D 250 -49.77 9.71 -19.77
C MET D 250 -50.34 10.02 -18.40
N VAL D 251 -51.65 9.87 -18.20
CA VAL D 251 -52.27 10.24 -16.93
C VAL D 251 -51.85 9.23 -15.86
N MET D 252 -51.44 9.74 -14.71
CA MET D 252 -51.05 8.87 -13.59
C MET D 252 -52.22 8.75 -12.61
N LYS D 253 -53.26 8.08 -13.08
CA LYS D 253 -54.48 7.91 -12.29
C LYS D 253 -54.20 7.08 -11.05
N VAL D 254 -53.43 6.00 -11.20
CA VAL D 254 -53.08 5.10 -10.11
C VAL D 254 -51.59 4.87 -10.16
N ILE D 255 -50.92 4.97 -9.01
CA ILE D 255 -49.47 4.81 -8.96
C ILE D 255 -49.12 3.61 -8.08
N PRO D 256 -48.37 2.64 -8.59
CA PRO D 256 -47.99 1.49 -7.77
C PRO D 256 -47.00 1.90 -6.69
N VAL D 257 -46.76 0.97 -5.77
CA VAL D 257 -45.97 1.23 -4.58
C VAL D 257 -44.84 0.21 -4.51
N ILE D 258 -43.72 0.63 -3.92
CA ILE D 258 -42.47 -0.14 -3.93
C ILE D 258 -42.50 -1.14 -2.78
N PRO D 259 -41.91 -2.32 -2.92
CA PRO D 259 -41.77 -3.19 -1.77
C PRO D 259 -40.97 -2.50 -0.69
N PRO D 260 -41.31 -2.75 0.58
CA PRO D 260 -40.43 -2.27 1.66
C PRO D 260 -39.05 -2.88 1.61
N ASP D 261 -38.87 -3.91 0.78
CA ASP D 261 -37.60 -4.64 0.74
C ASP D 261 -36.44 -3.74 0.36
N LEU D 262 -36.67 -2.75 -0.49
CA LEU D 262 -35.64 -1.77 -0.80
C LEU D 262 -35.77 -0.52 0.05
N ARG D 263 -36.70 -0.52 1.01
CA ARG D 263 -36.91 0.60 1.92
C ARG D 263 -36.98 0.07 3.35
N PRO D 264 -35.88 -0.45 3.87
CA PRO D 264 -35.91 -1.13 5.18
C PRO D 264 -36.24 -0.18 6.31
N LEU D 265 -36.75 -0.75 7.40
CA LEU D 265 -37.00 -0.01 8.63
C LEU D 265 -36.62 -0.87 9.82
N VAL D 266 -35.90 -0.29 10.77
CA VAL D 266 -35.43 -1.00 11.96
C VAL D 266 -35.17 0.02 13.07
N PRO D 267 -35.54 -0.27 14.31
CA PRO D 267 -35.27 0.68 15.42
C PRO D 267 -33.80 0.65 15.83
N LEU D 268 -33.11 1.77 15.64
CA LEU D 268 -31.77 1.92 16.17
C LEU D 268 -31.83 2.58 17.53
N ASP D 269 -30.66 2.86 18.10
CA ASP D 269 -30.60 3.50 19.42
C ASP D 269 -31.10 4.94 19.35
N GLY D 270 -31.72 5.38 20.43
CA GLY D 270 -32.23 6.73 20.53
C GLY D 270 -33.70 6.91 20.21
N GLY D 271 -34.46 5.82 20.13
CA GLY D 271 -35.87 5.93 19.81
C GLY D 271 -36.13 6.36 18.38
N ARG D 272 -35.19 6.10 17.48
CA ARG D 272 -35.27 6.49 16.08
C ARG D 272 -35.26 5.24 15.22
N PHE D 273 -36.09 5.23 14.18
CA PHE D 273 -36.16 4.13 13.23
C PHE D 273 -35.49 4.54 11.93
N ALA D 274 -34.60 3.70 11.42
CA ALA D 274 -33.89 3.98 10.18
C ALA D 274 -34.79 3.60 9.01
N THR D 275 -35.39 4.59 8.36
CA THR D 275 -36.32 4.36 7.26
C THR D 275 -35.99 5.30 6.11
N SER D 276 -36.34 4.87 4.90
CA SER D 276 -36.14 5.68 3.72
C SER D 276 -37.00 6.93 3.79
N ASP D 277 -36.42 8.06 3.34
CA ASP D 277 -37.21 9.28 3.19
C ASP D 277 -38.36 9.07 2.22
N LEU D 278 -38.20 8.16 1.27
CA LEU D 278 -39.29 7.83 0.35
C LEU D 278 -40.48 7.29 1.11
N ASN D 279 -40.24 6.51 2.17
CA ASN D 279 -41.35 6.02 2.99
C ASN D 279 -42.13 7.18 3.58
N ASP D 280 -41.41 8.18 4.09
CA ASP D 280 -42.08 9.37 4.62
C ASP D 280 -42.84 10.09 3.52
N LEU D 281 -42.27 10.13 2.31
CA LEU D 281 -42.95 10.79 1.20
C LEU D 281 -44.25 10.08 0.85
N TYR D 282 -44.22 8.75 0.79
CA TYR D 282 -45.45 7.99 0.53
C TYR D 282 -46.46 8.20 1.65
N ARG D 283 -45.99 8.19 2.90
CA ARG D 283 -46.86 8.48 4.03
C ARG D 283 -47.58 9.82 3.83
N ARG D 284 -46.81 10.86 3.51
CA ARG D 284 -47.39 12.18 3.34
C ARG D 284 -48.37 12.20 2.18
N VAL D 285 -48.01 11.60 1.05
CA VAL D 285 -48.90 11.61 -0.11
C VAL D 285 -50.21 10.91 0.23
N ILE D 286 -50.13 9.76 0.89
CA ILE D 286 -51.32 9.00 1.22
C ILE D 286 -52.19 9.78 2.20
N ILE D 287 -51.59 10.39 3.22
CA ILE D 287 -52.39 11.10 4.21
C ILE D 287 -53.03 12.34 3.60
N ARG D 288 -52.34 13.02 2.67
CA ARG D 288 -53.00 14.12 2.00
C ARG D 288 -54.11 13.64 1.09
N ASN D 289 -53.96 12.46 0.46
CA ASN D 289 -55.09 11.91 -0.28
C ASN D 289 -56.26 11.62 0.64
N ASN D 290 -55.98 11.13 1.85
CA ASN D 290 -57.04 10.92 2.83
C ASN D 290 -57.72 12.21 3.22
N ARG D 291 -56.95 13.30 3.38
CA ARG D 291 -57.59 14.57 3.70
C ARG D 291 -58.38 15.10 2.52
N LEU D 292 -57.92 14.83 1.29
CA LEU D 292 -58.74 15.08 0.11
C LEU D 292 -60.07 14.38 0.22
N LYS D 293 -60.05 13.09 0.57
CA LYS D 293 -61.28 12.34 0.76
C LYS D 293 -62.17 12.98 1.80
N ARG D 294 -61.59 13.34 2.95
CA ARG D 294 -62.41 13.85 4.05
C ARG D 294 -62.96 15.24 3.75
N LEU D 295 -62.23 16.05 3.00
CA LEU D 295 -62.63 17.41 2.71
C LEU D 295 -63.40 17.55 1.40
N ILE D 296 -63.58 16.45 0.67
CA ILE D 296 -64.38 16.47 -0.54
C ILE D 296 -65.65 15.65 -0.40
N GLU D 297 -65.59 14.49 0.27
CA GLU D 297 -66.78 13.65 0.43
C GLU D 297 -67.91 14.37 1.15
N ILE D 298 -67.58 15.36 1.98
CA ILE D 298 -68.59 16.25 2.55
C ILE D 298 -68.70 17.46 1.64
N LYS D 299 -69.91 18.02 1.55
CA LYS D 299 -70.16 19.06 0.56
C LYS D 299 -69.49 20.36 0.96
N ALA D 300 -68.17 20.39 0.86
CA ALA D 300 -67.39 21.59 1.17
C ALA D 300 -67.46 22.58 0.03
N PRO D 301 -67.17 23.86 0.29
CA PRO D 301 -67.12 24.83 -0.79
C PRO D 301 -66.02 24.53 -1.79
N GLU D 302 -66.15 25.12 -2.98
CA GLU D 302 -65.22 24.83 -4.07
C GLU D 302 -63.79 25.24 -3.72
N VAL D 303 -63.63 26.23 -2.84
CA VAL D 303 -62.28 26.68 -2.47
C VAL D 303 -61.52 25.55 -1.77
N ILE D 304 -62.19 24.83 -0.88
CA ILE D 304 -61.56 23.71 -0.19
C ILE D 304 -61.13 22.64 -1.20
N LEU D 305 -62.02 22.33 -2.14
CA LEU D 305 -61.69 21.33 -3.15
C LEU D 305 -60.48 21.76 -3.97
N ARG D 306 -60.46 23.03 -4.39
CA ARG D 306 -59.34 23.56 -5.15
C ARG D 306 -58.03 23.44 -4.37
N ASN D 307 -58.05 23.90 -3.12
CA ASN D 307 -56.83 23.90 -2.31
C ASN D 307 -56.32 22.47 -2.11
N GLU D 308 -57.21 21.55 -1.73
CA GLU D 308 -56.79 20.18 -1.49
C GLU D 308 -56.26 19.52 -2.76
N LYS D 309 -56.95 19.69 -3.89
CA LYS D 309 -56.53 19.03 -5.11
C LYS D 309 -55.19 19.57 -5.61
N ARG D 310 -55.02 20.90 -5.57
CA ARG D 310 -53.74 21.47 -5.98
C ARG D 310 -52.62 21.01 -5.04
N MET D 311 -52.90 20.96 -3.74
CA MET D 311 -51.89 20.49 -2.80
C MET D 311 -51.50 19.05 -3.09
N LEU D 312 -52.47 18.21 -3.42
CA LEU D 312 -52.16 16.81 -3.74
C LEU D 312 -51.33 16.71 -5.01
N GLN D 313 -51.65 17.51 -6.02
CA GLN D 313 -50.82 17.55 -7.22
C GLN D 313 -49.38 17.91 -6.87
N GLU D 314 -49.21 18.93 -6.03
CA GLU D 314 -47.88 19.31 -5.59
C GLU D 314 -47.19 18.16 -4.87
N ALA D 315 -47.95 17.45 -4.02
CA ALA D 315 -47.38 16.38 -3.21
C ALA D 315 -46.87 15.25 -4.08
N VAL D 316 -47.67 14.80 -5.05
CA VAL D 316 -47.25 13.70 -5.90
C VAL D 316 -46.11 14.12 -6.80
N ASP D 317 -46.13 15.37 -7.29
CA ASP D 317 -45.01 15.85 -8.07
C ASP D 317 -43.73 15.84 -7.26
N SER D 318 -43.80 16.29 -6.00
CA SER D 318 -42.63 16.26 -5.14
C SER D 318 -42.15 14.85 -4.88
N LEU D 319 -43.09 13.93 -4.64
CA LEU D 319 -42.71 12.55 -4.39
C LEU D 319 -41.95 11.96 -5.58
N PHE D 320 -42.51 12.10 -6.78
CA PHE D 320 -41.87 11.49 -7.93
C PHE D 320 -40.56 12.20 -8.27
N ASP D 321 -40.51 13.53 -8.11
CA ASP D 321 -39.23 14.24 -8.20
C ASP D 321 -39.38 15.59 -7.49
N ASN D 322 -38.77 15.70 -6.30
CA ASN D 322 -38.82 16.91 -5.52
C ASN D 322 -37.68 17.86 -5.88
N SER D 323 -37.56 18.93 -5.10
CA SER D 323 -36.49 19.93 -5.16
C SER D 323 -36.52 20.76 -6.45
N ARG D 324 -37.47 20.50 -7.35
CA ARG D 324 -37.51 21.27 -8.59
C ARG D 324 -37.87 22.72 -8.31
N LYS D 325 -38.83 22.95 -7.42
CA LYS D 325 -39.06 24.29 -6.92
C LYS D 325 -37.93 24.67 -5.95
N SER D 326 -37.87 25.95 -5.60
CA SER D 326 -36.79 26.45 -4.75
C SER D 326 -36.74 25.66 -3.44
N SER D 327 -35.56 25.17 -3.10
CA SER D 327 -35.36 24.34 -1.93
C SER D 327 -34.71 25.13 -0.81
N ALA D 328 -34.86 24.62 0.41
CA ALA D 328 -34.27 25.28 1.57
C ALA D 328 -32.75 25.29 1.45
N VAL D 329 -32.14 26.40 1.83
CA VAL D 329 -30.70 26.58 1.73
C VAL D 329 -30.12 26.64 3.14
N LYS D 330 -29.20 25.72 3.44
CA LYS D 330 -28.42 25.77 4.67
C LYS D 330 -26.95 25.70 4.27
N SER D 331 -26.16 26.68 4.73
CA SER D 331 -24.83 26.90 4.18
C SER D 331 -23.92 25.69 4.42
N ASP D 332 -23.94 25.12 5.61
CA ASP D 332 -23.05 24.01 5.92
C ASP D 332 -23.36 22.79 5.06
N ASN D 333 -24.50 22.15 5.30
CA ASN D 333 -24.92 21.02 4.48
C ASN D 333 -26.43 20.88 4.62
N ASN D 334 -27.17 21.34 3.62
CA ASN D 334 -28.62 21.20 3.64
C ASN D 334 -29.02 19.77 3.30
N ARG D 335 -30.05 19.26 3.98
CA ARG D 335 -30.55 17.90 3.77
C ARG D 335 -32.02 17.94 3.42
N PRO D 336 -32.37 18.09 2.14
CA PRO D 336 -33.75 17.86 1.72
C PRO D 336 -34.04 16.38 1.66
N LEU D 337 -35.34 16.07 1.70
CA LEU D 337 -35.77 14.68 1.57
C LEU D 337 -35.22 14.08 0.30
N LYS D 338 -34.55 12.93 0.43
CA LYS D 338 -34.04 12.24 -0.74
C LYS D 338 -35.20 11.71 -1.59
N SER D 339 -34.99 11.73 -2.90
CA SER D 339 -36.05 11.44 -3.85
C SER D 339 -35.80 10.12 -4.56
N LEU D 340 -36.86 9.64 -5.21
CA LEU D 340 -36.77 8.41 -5.98
C LEU D 340 -36.00 8.61 -7.28
N SER D 341 -36.26 9.72 -7.97
CA SER D 341 -35.60 9.96 -9.25
C SER D 341 -34.11 10.14 -9.07
N ASP D 342 -33.70 10.85 -8.02
CA ASP D 342 -32.27 11.05 -7.77
C ASP D 342 -31.56 9.74 -7.41
N SER D 343 -32.27 8.78 -6.83
CA SER D 343 -31.72 7.44 -6.64
C SER D 343 -31.79 6.61 -7.90
N LEU D 344 -32.61 7.04 -8.87
CA LEU D 344 -32.50 6.49 -10.22
C LEU D 344 -31.37 7.13 -11.01
N LYS D 345 -31.29 8.46 -11.02
CA LYS D 345 -30.27 9.16 -11.79
C LYS D 345 -29.04 9.42 -10.94
N GLY D 346 -28.60 8.36 -10.27
CA GLY D 346 -27.34 8.47 -9.55
C GLY D 346 -26.18 7.99 -10.41
N LYS D 347 -25.56 8.91 -11.14
CA LYS D 347 -24.51 8.52 -12.08
C LYS D 347 -23.24 8.12 -11.34
N GLN D 348 -22.65 9.05 -10.60
CA GLN D 348 -21.45 8.79 -9.84
C GLN D 348 -21.74 8.55 -8.37
N GLY D 349 -22.90 8.99 -7.88
CA GLY D 349 -23.31 8.58 -6.55
C GLY D 349 -23.55 7.09 -6.45
N ARG D 350 -24.24 6.52 -7.44
CA ARG D 350 -24.62 5.12 -7.40
C ARG D 350 -24.05 4.30 -8.55
N PHE D 351 -24.19 4.75 -9.79
CA PHE D 351 -24.11 3.87 -10.95
C PHE D 351 -22.69 3.72 -11.49
N ARG D 352 -21.70 4.29 -10.82
CA ARG D 352 -20.34 4.32 -11.35
C ARG D 352 -19.38 3.36 -10.66
N GLN D 353 -19.21 3.47 -9.34
CA GLN D 353 -18.08 2.78 -8.70
C GLN D 353 -18.48 1.39 -8.20
N ASN D 354 -19.43 1.33 -7.27
CA ASN D 354 -19.79 0.05 -6.65
C ASN D 354 -20.77 -0.74 -7.49
N LEU D 355 -21.40 -0.13 -8.49
CA LEU D 355 -22.19 -0.92 -9.43
C LEU D 355 -21.29 -1.91 -10.18
N LEU D 356 -20.02 -1.56 -10.38
CA LEU D 356 -19.05 -2.42 -11.02
C LEU D 356 -18.05 -3.00 -10.02
N GLY D 357 -17.45 -2.16 -9.17
CA GLY D 357 -16.60 -2.69 -8.11
C GLY D 357 -17.40 -3.59 -7.18
N LYS D 358 -16.75 -4.62 -6.67
CA LYS D 358 -17.49 -5.70 -6.04
C LYS D 358 -16.66 -6.38 -4.96
N ARG D 359 -17.35 -7.23 -4.20
CA ARG D 359 -16.71 -8.31 -3.47
C ARG D 359 -16.37 -9.45 -4.44
N VAL D 360 -15.54 -10.37 -3.99
CA VAL D 360 -15.23 -11.58 -4.72
C VAL D 360 -15.17 -12.73 -3.72
N ASP D 361 -15.37 -13.94 -4.19
CA ASP D 361 -15.55 -15.05 -3.28
C ASP D 361 -14.54 -16.16 -3.42
N TYR D 362 -13.64 -16.10 -4.39
CA TYR D 362 -12.59 -17.09 -4.50
C TYR D 362 -11.27 -16.41 -4.67
N SER D 363 -10.99 -15.45 -3.80
CA SER D 363 -9.75 -14.71 -3.86
C SER D 363 -8.98 -14.89 -2.56
N ALA D 364 -7.74 -14.44 -2.60
CA ALA D 364 -6.88 -14.46 -1.42
C ALA D 364 -5.88 -13.33 -1.51
N ARG D 365 -5.19 -13.08 -0.41
CA ARG D 365 -4.32 -11.91 -0.33
C ARG D 365 -3.19 -12.17 0.65
N SER D 366 -1.97 -11.84 0.24
CA SER D 366 -0.79 -12.11 1.06
C SER D 366 0.42 -11.42 0.46
N VAL D 367 1.56 -11.62 1.10
CA VAL D 367 2.80 -10.92 0.77
C VAL D 367 3.67 -11.79 -0.14
N ILE D 368 4.54 -11.12 -0.91
CA ILE D 368 5.29 -11.76 -1.99
C ILE D 368 6.77 -11.79 -1.67
N VAL D 369 7.47 -12.77 -2.25
CA VAL D 369 8.91 -12.93 -2.08
C VAL D 369 9.53 -13.49 -3.36
N VAL D 370 10.79 -13.09 -3.55
CA VAL D 370 11.58 -13.37 -4.79
C VAL D 370 11.84 -14.87 -4.97
N GLY D 371 11.65 -15.33 -6.20
CA GLY D 371 11.87 -16.76 -6.50
C GLY D 371 13.11 -17.01 -7.33
N PRO D 372 14.08 -17.75 -6.77
CA PRO D 372 15.33 -18.08 -7.43
C PRO D 372 15.40 -19.56 -7.82
N GLU D 373 14.26 -20.24 -7.96
CA GLU D 373 14.39 -21.64 -8.37
C GLU D 373 13.34 -22.01 -9.42
N LEU D 374 12.17 -21.37 -9.38
CA LEU D 374 11.05 -21.74 -10.23
C LEU D 374 11.29 -21.31 -11.68
N LYS D 375 10.47 -21.87 -12.58
CA LYS D 375 10.50 -21.50 -13.99
C LYS D 375 9.75 -20.18 -14.20
N MET D 376 9.53 -19.82 -15.46
CA MET D 376 8.85 -18.57 -15.76
C MET D 376 7.33 -18.70 -15.72
N HIS D 377 6.80 -19.92 -15.73
CA HIS D 377 5.37 -20.14 -15.71
C HIS D 377 4.89 -20.76 -14.41
N GLU D 378 5.58 -20.49 -13.30
CA GLU D 378 5.18 -21.05 -12.02
C GLU D 378 5.33 -20.01 -10.92
N CYS D 379 4.67 -20.29 -9.79
CA CYS D 379 4.69 -19.41 -8.63
C CYS D 379 4.60 -20.25 -7.36
N GLY D 380 5.18 -19.72 -6.29
CA GLY D 380 5.17 -20.40 -5.00
C GLY D 380 3.98 -19.93 -4.17
N LEU D 381 3.33 -20.88 -3.52
CA LEU D 381 2.03 -20.62 -2.93
C LEU D 381 1.93 -21.26 -1.55
N PRO D 382 1.83 -20.47 -0.48
CA PRO D 382 1.80 -21.05 0.87
C PRO D 382 0.77 -22.15 0.99
N LYS D 383 1.00 -23.05 1.94
CA LYS D 383 0.20 -24.25 1.96
C LYS D 383 -1.26 -23.99 2.30
N ASP D 384 -1.54 -22.99 3.13
CA ASP D 384 -2.93 -22.80 3.54
C ASP D 384 -3.76 -22.07 2.49
N MET D 385 -3.19 -21.03 1.88
CA MET D 385 -3.90 -20.39 0.77
C MET D 385 -4.31 -21.42 -0.26
N ALA D 386 -3.39 -22.30 -0.64
CA ALA D 386 -3.71 -23.36 -1.57
C ALA D 386 -4.68 -24.37 -0.97
N ALA D 387 -4.59 -24.61 0.33
CA ALA D 387 -5.52 -25.54 0.94
C ALA D 387 -6.92 -24.99 1.00
N GLU D 388 -7.08 -23.69 0.76
CA GLU D 388 -8.37 -23.05 0.94
C GLU D 388 -9.03 -22.61 -0.36
N LEU D 389 -8.30 -21.94 -1.25
CA LEU D 389 -8.90 -21.50 -2.51
C LEU D 389 -9.47 -22.68 -3.27
N TYR D 390 -8.68 -23.73 -3.44
CA TYR D 390 -9.05 -24.89 -4.23
C TYR D 390 -10.01 -25.80 -3.51
N LYS D 391 -10.59 -25.36 -2.40
CA LYS D 391 -11.34 -26.27 -1.54
C LYS D 391 -12.46 -27.03 -2.25
N PRO D 392 -13.32 -26.42 -3.08
CA PRO D 392 -14.38 -27.23 -3.70
C PRO D 392 -13.86 -28.34 -4.59
N PHE D 393 -12.83 -28.08 -5.38
CA PHE D 393 -12.28 -29.12 -6.24
C PHE D 393 -11.79 -30.28 -5.40
N ILE D 394 -11.08 -29.95 -4.33
CA ILE D 394 -10.65 -30.96 -3.38
C ILE D 394 -11.85 -31.74 -2.88
N ILE D 395 -12.95 -31.04 -2.64
CA ILE D 395 -14.13 -31.70 -2.09
C ILE D 395 -14.65 -32.73 -3.07
N ARG D 396 -14.80 -32.35 -4.33
CA ARG D 396 -15.14 -33.34 -5.35
C ARG D 396 -14.15 -34.48 -5.44
N LYS D 397 -12.87 -34.21 -5.28
CA LYS D 397 -11.97 -35.33 -5.47
C LYS D 397 -12.01 -36.28 -4.30
N LEU D 398 -12.29 -35.77 -3.09
CA LEU D 398 -12.63 -36.65 -1.98
C LEU D 398 -13.91 -37.42 -2.28
N ILE D 399 -14.89 -36.78 -2.91
CA ILE D 399 -16.13 -37.48 -3.25
C ILE D 399 -15.85 -38.64 -4.19
N GLU D 400 -15.12 -38.37 -5.28
CA GLU D 400 -14.78 -39.42 -6.23
C GLU D 400 -13.89 -40.47 -5.60
N ARG D 401 -13.19 -40.14 -4.51
CA ARG D 401 -12.53 -41.20 -3.76
C ARG D 401 -13.54 -42.25 -3.34
N GLY D 402 -14.76 -41.83 -3.02
CA GLY D 402 -15.75 -42.69 -2.44
C GLY D 402 -15.68 -42.76 -0.93
N ILE D 403 -14.55 -42.40 -0.33
CA ILE D 403 -14.39 -42.48 1.11
C ILE D 403 -15.34 -41.56 1.86
N VAL D 404 -15.85 -40.53 1.20
CA VAL D 404 -16.75 -39.56 1.82
C VAL D 404 -18.02 -39.44 0.98
N LYS D 405 -19.16 -39.33 1.66
CA LYS D 405 -20.45 -39.17 1.01
C LYS D 405 -21.08 -37.80 1.21
N THR D 406 -20.64 -37.04 2.21
CA THR D 406 -21.30 -35.80 2.57
C THR D 406 -20.30 -34.65 2.54
N VAL D 407 -20.73 -33.55 1.92
CA VAL D 407 -19.87 -32.36 1.87
C VAL D 407 -19.62 -31.81 3.26
N LYS D 408 -20.51 -32.11 4.21
CA LYS D 408 -20.26 -31.70 5.59
C LYS D 408 -19.03 -32.43 6.14
N SER D 409 -18.93 -33.73 5.90
CA SER D 409 -17.76 -34.48 6.33
C SER D 409 -16.52 -34.00 5.59
N ALA D 410 -16.66 -33.71 4.30
CA ALA D 410 -15.53 -33.21 3.53
C ALA D 410 -15.03 -31.89 4.10
N LYS D 411 -15.94 -30.98 4.46
CA LYS D 411 -15.53 -29.74 5.09
C LYS D 411 -14.87 -30.00 6.44
N LYS D 412 -15.43 -30.94 7.20
CA LYS D 412 -14.85 -31.29 8.49
C LYS D 412 -13.41 -31.77 8.34
N ILE D 413 -13.13 -32.51 7.27
CA ILE D 413 -11.79 -33.04 7.04
C ILE D 413 -10.87 -32.05 6.33
N VAL D 414 -11.41 -31.06 5.64
CA VAL D 414 -10.55 -30.14 4.90
C VAL D 414 -10.19 -28.95 5.78
N ASP D 415 -11.05 -28.66 6.76
CA ASP D 415 -10.76 -27.56 7.67
C ASP D 415 -9.63 -27.93 8.63
N ARG D 416 -9.83 -29.00 9.41
CA ARG D 416 -8.86 -29.36 10.43
C ARG D 416 -7.62 -30.02 9.84
N LYS D 417 -7.67 -30.41 8.57
CA LYS D 417 -6.46 -30.61 7.76
C LYS D 417 -5.55 -31.68 8.36
N GLU D 418 -6.15 -32.80 8.76
CA GLU D 418 -5.45 -33.81 9.55
C GLU D 418 -4.60 -34.68 8.62
N PRO D 419 -3.83 -35.66 9.18
CA PRO D 419 -2.86 -36.38 8.33
C PRO D 419 -3.49 -37.23 7.25
N VAL D 420 -4.11 -36.56 6.29
CA VAL D 420 -4.62 -37.20 5.08
C VAL D 420 -4.04 -36.45 3.90
N ILE D 421 -4.54 -36.77 2.72
CA ILE D 421 -3.83 -36.50 1.48
C ILE D 421 -3.90 -35.02 1.11
N TRP D 422 -2.73 -34.41 0.94
CA TRP D 422 -2.54 -33.24 0.09
C TRP D 422 -2.27 -33.59 -1.36
N ASP D 423 -2.22 -34.89 -1.69
CA ASP D 423 -1.95 -35.30 -3.06
C ASP D 423 -2.93 -34.66 -4.02
N ILE D 424 -4.17 -34.46 -3.57
CA ILE D 424 -5.16 -33.84 -4.44
C ILE D 424 -4.81 -32.39 -4.68
N LEU D 425 -4.30 -31.69 -3.67
CA LEU D 425 -3.86 -30.32 -3.93
C LEU D 425 -2.71 -30.32 -4.92
N GLU D 426 -1.79 -31.27 -4.78
CA GLU D 426 -0.69 -31.34 -5.74
C GLU D 426 -1.18 -31.57 -7.15
N TYR D 427 -2.11 -32.50 -7.33
CA TYR D 427 -2.67 -32.75 -8.65
C TYR D 427 -3.43 -31.54 -9.20
N VAL D 428 -4.49 -31.15 -8.51
CA VAL D 428 -5.35 -30.09 -9.02
C VAL D 428 -4.55 -28.83 -9.28
N MET D 429 -3.61 -28.52 -8.40
CA MET D 429 -2.75 -27.36 -8.55
C MET D 429 -1.97 -27.38 -9.85
N LYS D 430 -1.93 -28.52 -10.53
CA LYS D 430 -1.03 -28.75 -11.64
C LYS D 430 -1.63 -28.46 -13.01
N GLY D 431 -2.95 -28.33 -13.10
CA GLY D 431 -3.57 -28.05 -14.39
C GLY D 431 -4.70 -27.05 -14.29
N HIS D 432 -4.70 -26.25 -13.23
CA HIS D 432 -5.81 -25.36 -12.88
C HIS D 432 -5.27 -23.99 -12.54
N PRO D 433 -4.65 -23.29 -13.49
CA PRO D 433 -3.85 -22.11 -13.16
C PRO D 433 -4.62 -21.07 -12.38
N VAL D 434 -3.87 -20.10 -11.87
CA VAL D 434 -4.39 -19.09 -10.96
C VAL D 434 -4.04 -17.71 -11.50
N LEU D 435 -4.92 -16.75 -11.27
CA LEU D 435 -4.73 -15.40 -11.78
C LEU D 435 -4.12 -14.54 -10.69
N LEU D 436 -2.92 -14.05 -10.93
CA LEU D 436 -2.28 -13.11 -10.03
C LEU D 436 -2.66 -11.69 -10.42
N ASN D 437 -2.93 -10.87 -9.41
CA ASN D 437 -3.69 -9.65 -9.55
C ASN D 437 -3.02 -8.55 -8.73
N ARG D 438 -2.59 -7.50 -9.39
CA ARG D 438 -2.06 -6.30 -8.76
C ARG D 438 -3.19 -5.33 -8.44
N ALA D 439 -2.98 -4.49 -7.42
CA ALA D 439 -4.03 -3.54 -7.05
C ALA D 439 -4.12 -2.39 -8.05
N PRO D 440 -3.08 -1.57 -8.27
CA PRO D 440 -3.27 -0.43 -9.19
C PRO D 440 -2.90 -0.73 -10.64
N THR D 441 -3.72 -1.56 -11.30
CA THR D 441 -3.36 -2.04 -12.64
C THR D 441 -3.40 -0.90 -13.64
N LEU D 442 -2.27 -0.65 -14.28
CA LEU D 442 -2.13 0.44 -15.23
C LEU D 442 -2.43 -0.02 -16.66
N HIS D 443 -1.66 -0.98 -17.16
CA HIS D 443 -1.94 -1.64 -18.43
C HIS D 443 -1.79 -3.13 -18.26
N ARG D 444 -2.49 -3.88 -19.12
CA ARG D 444 -2.87 -5.27 -18.87
C ARG D 444 -1.76 -6.11 -18.24
N LEU D 445 -0.51 -5.76 -18.51
CA LEU D 445 0.61 -6.57 -18.03
C LEU D 445 0.69 -6.54 -16.52
N GLY D 446 -0.30 -5.96 -15.85
CA GLY D 446 -0.48 -6.07 -14.42
C GLY D 446 -1.37 -7.20 -13.95
N ILE D 447 -1.92 -8.00 -14.85
CA ILE D 447 -2.75 -9.15 -14.51
C ILE D 447 -2.26 -10.35 -15.31
N GLN D 448 -1.95 -11.46 -14.62
CA GLN D 448 -1.48 -12.63 -15.35
C GLN D 448 -2.07 -13.90 -14.76
N ALA D 449 -1.76 -15.01 -15.39
CA ALA D 449 -2.02 -16.33 -14.84
C ALA D 449 -0.70 -17.05 -14.64
N PHE D 450 -0.72 -18.08 -13.81
CA PHE D 450 0.46 -18.85 -13.52
C PHE D 450 0.04 -20.27 -13.17
N GLN D 451 1.00 -21.18 -13.26
CA GLN D 451 0.85 -22.49 -12.65
C GLN D 451 1.37 -22.41 -11.22
N PRO D 452 0.56 -22.75 -10.23
CA PRO D 452 0.97 -22.59 -8.85
C PRO D 452 1.74 -23.80 -8.33
N LYS D 453 2.54 -23.56 -7.28
CA LYS D 453 3.43 -24.57 -6.72
C LYS D 453 3.48 -24.43 -5.20
N LEU D 454 3.41 -25.56 -4.50
CA LEU D 454 3.54 -25.56 -3.04
C LEU D 454 4.91 -25.07 -2.61
N ILE D 455 4.96 -24.29 -1.53
CA ILE D 455 6.20 -23.96 -0.84
C ILE D 455 5.93 -23.97 0.66
N GLU D 456 6.96 -23.65 1.43
CA GLU D 456 6.84 -23.64 2.89
C GLU D 456 6.50 -22.24 3.38
N GLY D 457 5.61 -22.17 4.36
CA GLY D 457 5.43 -20.93 5.09
C GLY D 457 4.13 -20.19 4.85
N LYS D 458 4.21 -18.86 4.83
CA LYS D 458 3.06 -18.00 4.60
C LYS D 458 3.43 -16.83 3.70
N ALA D 459 4.14 -17.10 2.61
CA ALA D 459 4.47 -16.03 1.69
C ALA D 459 4.39 -16.54 0.26
N ILE D 460 4.13 -15.62 -0.65
CA ILE D 460 3.96 -15.93 -2.07
C ILE D 460 5.32 -15.79 -2.76
N GLN D 461 5.81 -16.90 -3.33
CA GLN D 461 7.06 -16.86 -4.08
C GLN D 461 6.76 -16.58 -5.54
N LEU D 462 7.51 -15.66 -6.11
CA LEU D 462 7.25 -15.19 -7.47
C LEU D 462 8.56 -14.99 -8.21
N HIS D 463 8.56 -15.36 -9.50
CA HIS D 463 9.78 -15.41 -10.29
C HIS D 463 10.38 -14.01 -10.49
N PRO D 464 11.71 -13.88 -10.40
CA PRO D 464 12.32 -12.54 -10.41
C PRO D 464 12.10 -11.74 -11.66
N LEU D 465 11.98 -12.37 -12.82
CA LEU D 465 11.95 -11.62 -14.06
C LEU D 465 10.56 -11.17 -14.47
N SER D 466 9.52 -11.55 -13.73
CA SER D 466 8.18 -11.10 -14.08
C SER D 466 7.78 -9.81 -13.39
N CYS D 467 8.37 -9.49 -12.25
CA CYS D 467 7.89 -8.34 -11.46
C CYS D 467 7.96 -7.04 -12.24
N THR D 468 8.96 -6.89 -13.11
CA THR D 468 9.05 -5.66 -13.87
C THR D 468 7.79 -5.42 -14.69
N ALA D 469 7.11 -6.50 -15.08
CA ALA D 469 5.80 -6.34 -15.69
C ALA D 469 4.80 -5.74 -14.71
N PHE D 470 4.85 -6.17 -13.45
CA PHE D 470 4.05 -5.56 -12.41
C PHE D 470 4.56 -4.18 -12.02
N ASN D 471 5.78 -3.83 -12.45
CA ASN D 471 6.44 -2.59 -12.06
C ASN D 471 6.31 -2.35 -10.56
N ALA D 472 6.69 -3.36 -9.80
CA ALA D 472 6.63 -3.34 -8.36
C ALA D 472 8.01 -3.43 -7.75
N ASP D 473 8.06 -3.30 -6.43
CA ASP D 473 9.25 -3.56 -5.64
C ASP D 473 8.89 -4.56 -4.54
N PHE D 474 9.91 -5.10 -3.88
CA PHE D 474 9.73 -6.15 -2.88
C PHE D 474 9.67 -5.61 -1.45
N ASP D 475 9.08 -4.43 -1.24
CA ASP D 475 8.99 -3.89 0.10
C ASP D 475 8.10 -4.72 1.01
N GLY D 476 7.20 -5.53 0.45
CA GLY D 476 6.28 -6.29 1.28
C GLY D 476 4.83 -6.19 0.86
N ASP D 477 4.58 -5.78 -0.38
CA ASP D 477 3.23 -5.61 -0.87
C ASP D 477 2.45 -6.92 -0.77
N GLN D 478 1.15 -6.83 -1.02
CA GLN D 478 0.22 -7.85 -0.57
C GLN D 478 -0.70 -8.28 -1.73
N MET D 479 -0.07 -8.67 -2.83
CA MET D 479 -0.71 -9.09 -4.09
C MET D 479 -1.93 -9.97 -3.90
N ALA D 480 -2.89 -9.87 -4.81
CA ALA D 480 -4.14 -10.63 -4.72
C ALA D 480 -4.11 -11.81 -5.68
N VAL D 481 -4.87 -12.85 -5.35
CA VAL D 481 -4.94 -14.02 -6.22
C VAL D 481 -6.39 -14.44 -6.41
N HIS D 482 -6.67 -15.07 -7.57
CA HIS D 482 -8.01 -15.46 -7.96
C HIS D 482 -8.00 -16.84 -8.61
N LEU D 483 -9.13 -17.52 -8.51
CA LEU D 483 -9.32 -18.86 -9.04
C LEU D 483 -10.48 -18.89 -10.03
N PRO D 484 -10.28 -19.33 -11.28
CA PRO D 484 -11.32 -19.17 -12.32
C PRO D 484 -12.61 -19.95 -12.13
N LEU D 485 -12.53 -21.27 -11.97
CA LEU D 485 -13.63 -22.23 -11.71
C LEU D 485 -14.38 -22.69 -12.96
N SER D 486 -14.12 -22.15 -14.15
CA SER D 486 -14.82 -22.60 -15.36
C SER D 486 -13.82 -22.88 -16.47
N ASN D 487 -13.99 -24.02 -17.14
CA ASN D 487 -12.93 -24.50 -18.01
C ASN D 487 -12.70 -23.61 -19.21
N GLU D 488 -13.73 -22.90 -19.69
CA GLU D 488 -13.47 -21.89 -20.71
C GLU D 488 -12.52 -20.84 -20.18
N ALA D 489 -12.74 -20.41 -18.94
CA ALA D 489 -11.86 -19.42 -18.34
C ALA D 489 -10.44 -19.95 -18.20
N ILE D 490 -10.30 -21.20 -17.76
CA ILE D 490 -8.95 -21.72 -17.55
C ILE D 490 -8.24 -21.87 -18.88
N LEU D 491 -8.98 -22.20 -19.95
CA LEU D 491 -8.36 -22.25 -21.27
C LEU D 491 -7.90 -20.88 -21.71
N GLU D 492 -8.74 -19.87 -21.54
CA GLU D 492 -8.29 -18.53 -21.87
C GLU D 492 -7.05 -18.18 -21.07
N ALA D 493 -7.02 -18.60 -19.81
CA ALA D 493 -5.87 -18.36 -18.97
C ALA D 493 -4.61 -18.96 -19.59
N GLN D 494 -4.58 -20.28 -19.70
CA GLN D 494 -3.35 -20.94 -20.12
C GLN D 494 -3.11 -20.85 -21.62
N LEU D 495 -3.96 -20.17 -22.36
CA LEU D 495 -3.74 -19.96 -23.78
C LEU D 495 -3.33 -18.54 -24.14
N LEU D 496 -3.93 -17.52 -23.52
CA LEU D 496 -3.57 -16.14 -23.76
C LEU D 496 -3.01 -15.44 -22.54
N MET D 497 -3.51 -15.76 -21.36
CA MET D 497 -3.08 -15.05 -20.17
C MET D 497 -1.64 -15.39 -19.83
N LEU D 498 -1.26 -16.65 -19.98
CA LEU D 498 -0.08 -17.18 -19.31
C LEU D 498 1.16 -16.37 -19.66
N ALA D 499 2.05 -16.23 -18.68
CA ALA D 499 3.08 -15.20 -18.76
C ALA D 499 4.01 -15.40 -19.94
N SER D 500 4.37 -16.64 -20.23
CA SER D 500 5.38 -16.90 -21.26
C SER D 500 4.99 -16.32 -22.62
N HIS D 501 3.71 -16.15 -22.88
CA HIS D 501 3.25 -15.59 -24.15
C HIS D 501 3.21 -14.08 -24.12
N ASN D 502 3.39 -13.46 -22.97
CA ASN D 502 3.14 -12.03 -22.80
C ASN D 502 4.42 -11.22 -22.67
N ILE D 503 5.43 -11.56 -23.47
CA ILE D 503 6.76 -11.01 -23.23
C ILE D 503 6.98 -9.63 -23.82
N LEU D 504 6.04 -9.11 -24.60
CA LEU D 504 6.26 -7.82 -25.25
C LEU D 504 5.38 -6.73 -24.65
N ASN D 505 5.76 -5.50 -25.01
CA ASN D 505 5.13 -4.29 -24.51
C ASN D 505 4.09 -3.83 -25.52
N PRO D 506 2.80 -3.85 -25.19
CA PRO D 506 1.80 -3.35 -26.14
C PRO D 506 1.99 -1.90 -26.49
N ALA D 507 2.72 -1.13 -25.67
CA ALA D 507 2.97 0.27 -26.00
C ALA D 507 3.76 0.39 -27.29
N ASN D 508 4.77 -0.45 -27.46
CA ASN D 508 5.67 -0.40 -28.60
C ASN D 508 6.63 -1.56 -28.45
N GLY D 509 7.39 -1.83 -29.51
CA GLY D 509 8.05 -3.11 -29.65
C GLY D 509 9.15 -3.45 -28.66
N ALA D 510 9.29 -2.69 -27.58
CA ALA D 510 10.33 -2.98 -26.63
C ALA D 510 10.05 -4.29 -25.89
N PRO D 511 11.10 -5.01 -25.49
CA PRO D 511 10.90 -6.19 -24.64
C PRO D 511 10.71 -5.78 -23.20
N ILE D 512 9.92 -6.57 -22.49
CA ILE D 512 9.55 -6.17 -21.13
C ILE D 512 10.51 -6.74 -20.09
N THR D 513 10.99 -7.97 -20.25
CA THR D 513 11.79 -8.62 -19.22
C THR D 513 13.29 -8.51 -19.53
N VAL D 514 13.77 -7.28 -19.61
CA VAL D 514 15.22 -7.07 -19.60
C VAL D 514 15.75 -7.46 -18.23
N PRO D 515 16.78 -8.31 -18.13
CA PRO D 515 17.20 -8.80 -16.81
C PRO D 515 17.85 -7.69 -15.98
N SER D 516 18.08 -8.02 -14.72
CA SER D 516 18.35 -7.03 -13.69
C SER D 516 19.84 -6.88 -13.42
N GLN D 517 20.17 -6.18 -12.32
CA GLN D 517 21.55 -5.84 -12.01
C GLN D 517 22.42 -7.09 -11.78
N ASP D 518 21.92 -8.09 -11.06
CA ASP D 518 22.82 -9.16 -10.65
C ASP D 518 23.14 -10.10 -11.81
N MET D 519 22.15 -10.44 -12.65
CA MET D 519 22.46 -11.27 -13.80
C MET D 519 23.42 -10.57 -14.73
N VAL D 520 23.19 -9.28 -14.98
CA VAL D 520 24.10 -8.61 -15.88
C VAL D 520 25.48 -8.52 -15.25
N LEU D 521 25.56 -8.44 -13.92
CA LEU D 521 26.86 -8.46 -13.29
C LEU D 521 27.56 -9.80 -13.46
N GLY D 522 26.84 -10.90 -13.24
CA GLY D 522 27.47 -12.20 -13.43
C GLY D 522 27.91 -12.44 -14.86
N LEU D 523 27.07 -12.08 -15.81
CA LEU D 523 27.44 -12.25 -17.20
C LEU D 523 28.63 -11.37 -17.56
N TYR D 524 28.68 -10.14 -17.06
CA TYR D 524 29.86 -9.33 -17.25
C TYR D 524 31.07 -9.98 -16.60
N TYR D 525 30.86 -10.72 -15.51
CA TYR D 525 31.95 -11.40 -14.85
C TYR D 525 32.57 -12.46 -15.74
N ILE D 526 31.74 -13.27 -16.38
CA ILE D 526 32.26 -14.40 -17.14
C ILE D 526 33.10 -13.93 -18.33
N THR D 527 32.65 -12.90 -19.03
CA THR D 527 33.12 -12.66 -20.39
C THR D 527 34.13 -11.53 -20.50
N LYS D 528 34.98 -11.34 -19.50
CA LYS D 528 36.05 -10.36 -19.62
C LYS D 528 37.19 -10.95 -20.44
N LEU D 529 38.33 -10.24 -20.51
CA LEU D 529 39.49 -10.70 -21.26
C LEU D 529 40.76 -10.35 -20.48
N ARG D 530 41.35 -11.34 -19.80
CA ARG D 530 42.63 -11.13 -19.14
C ARG D 530 43.77 -11.74 -19.95
N PRO D 531 44.90 -11.05 -20.04
CA PRO D 531 45.96 -11.47 -20.97
C PRO D 531 46.61 -12.82 -20.65
N ASN D 532 47.16 -13.00 -19.46
CA ASN D 532 48.03 -14.14 -19.18
C ASN D 532 47.58 -14.84 -17.90
N THR D 533 47.01 -16.04 -18.04
CA THR D 533 46.57 -16.83 -16.90
C THR D 533 46.78 -18.30 -17.23
N LYS D 534 46.06 -19.16 -16.50
CA LYS D 534 46.16 -20.60 -16.68
C LYS D 534 45.89 -21.01 -18.12
N GLY D 535 46.80 -21.78 -18.69
CA GLY D 535 46.58 -22.38 -19.99
C GLY D 535 46.43 -21.43 -21.16
N HIS D 536 47.33 -20.46 -21.26
CA HIS D 536 47.28 -19.53 -22.38
C HIS D 536 47.78 -20.17 -23.66
N GLY D 537 47.04 -19.95 -24.74
CA GLY D 537 47.55 -20.12 -26.09
C GLY D 537 47.45 -21.49 -26.72
N LEU D 538 46.58 -22.36 -26.22
CA LEU D 538 46.49 -23.71 -26.76
C LEU D 538 45.33 -23.84 -27.75
N ILE D 539 45.04 -25.07 -28.16
CA ILE D 539 44.11 -25.36 -29.25
C ILE D 539 43.03 -26.33 -28.78
N PHE D 540 41.83 -26.17 -29.31
CA PHE D 540 40.68 -27.02 -28.99
C PHE D 540 39.94 -27.46 -30.24
N TYR D 541 38.81 -28.13 -30.01
CA TYR D 541 37.80 -28.47 -31.01
C TYR D 541 36.45 -27.81 -30.76
N GLY D 542 36.36 -26.88 -29.82
CA GLY D 542 35.07 -26.41 -29.40
C GLY D 542 34.66 -27.07 -28.12
N PRO D 543 33.61 -27.84 -28.16
CA PRO D 543 32.97 -28.28 -26.91
C PRO D 543 33.79 -29.25 -26.07
N GLU D 544 34.19 -30.37 -26.65
CA GLU D 544 34.72 -31.45 -25.81
C GLU D 544 36.06 -31.07 -25.19
N GLU D 545 37.00 -30.58 -25.99
CA GLU D 545 38.32 -30.29 -25.46
C GLU D 545 38.29 -29.11 -24.52
N ALA D 546 37.47 -28.09 -24.80
CA ALA D 546 37.36 -26.99 -23.87
C ALA D 546 36.79 -27.44 -22.54
N THR D 547 35.68 -28.18 -22.56
CA THR D 547 35.10 -28.57 -21.28
C THR D 547 36.02 -29.50 -20.51
N ILE D 548 36.77 -30.35 -21.20
CA ILE D 548 37.72 -31.20 -20.50
C ILE D 548 38.82 -30.36 -19.86
N ALA D 549 39.43 -29.48 -20.63
CA ALA D 549 40.59 -28.76 -20.11
C ALA D 549 40.20 -27.81 -19.00
N TYR D 550 38.98 -27.28 -19.03
CA TYR D 550 38.54 -26.49 -17.89
C TYR D 550 38.22 -27.36 -16.69
N ASN D 551 37.58 -28.50 -16.94
CA ASN D 551 37.08 -29.30 -15.83
C ASN D 551 38.20 -29.94 -15.03
N GLU D 552 39.45 -29.83 -15.48
CA GLU D 552 40.59 -30.38 -14.76
C GLU D 552 41.58 -29.29 -14.37
N GLY D 553 41.11 -28.06 -14.25
CA GLY D 553 41.91 -26.99 -13.71
C GLY D 553 43.18 -26.70 -14.48
N LYS D 554 43.34 -27.32 -15.63
CA LYS D 554 44.49 -27.01 -16.47
C LYS D 554 44.34 -25.67 -17.16
N VAL D 555 43.11 -25.19 -17.30
CA VAL D 555 42.85 -23.81 -17.70
C VAL D 555 41.77 -23.27 -16.77
N ASP D 556 41.91 -22.02 -16.39
CA ASP D 556 40.95 -21.40 -15.48
C ASP D 556 39.67 -21.13 -16.26
N ILE D 557 38.73 -20.40 -15.63
CA ILE D 557 37.51 -20.02 -16.33
C ILE D 557 37.79 -19.12 -17.51
N HIS D 558 39.03 -18.65 -17.65
CA HIS D 558 39.20 -17.48 -18.49
C HIS D 558 40.64 -17.36 -18.94
N ALA D 559 40.87 -17.55 -20.22
CA ALA D 559 42.18 -17.35 -20.83
C ALA D 559 41.99 -17.34 -22.33
N PRO D 560 42.68 -16.47 -23.05
CA PRO D 560 42.48 -16.42 -24.50
C PRO D 560 42.98 -17.68 -25.21
N ILE D 561 42.06 -18.46 -25.75
CA ILE D 561 42.36 -19.72 -26.43
C ILE D 561 41.80 -19.66 -27.84
N LYS D 562 42.39 -20.45 -28.73
CA LYS D 562 41.99 -20.47 -30.13
C LYS D 562 41.29 -21.79 -30.43
N VAL D 563 40.16 -21.72 -31.14
CA VAL D 563 39.27 -22.86 -31.24
C VAL D 563 38.54 -22.82 -32.59
N TYR D 564 38.01 -23.98 -32.97
CA TYR D 564 37.45 -24.26 -34.29
C TYR D 564 35.93 -24.37 -34.19
N VAL D 565 35.20 -23.34 -34.63
CA VAL D 565 33.78 -23.22 -34.36
C VAL D 565 33.05 -22.80 -35.63
N GLU D 566 31.72 -23.00 -35.62
CA GLU D 566 30.85 -22.87 -36.79
C GLU D 566 29.88 -21.70 -36.64
N ASP D 567 29.90 -20.77 -37.59
CA ASP D 567 28.95 -19.67 -37.65
C ASP D 567 28.50 -19.40 -39.08
N TYR D 568 27.26 -18.93 -39.22
CA TYR D 568 26.61 -18.76 -40.52
C TYR D 568 26.93 -17.39 -41.10
N GLU D 569 27.51 -17.38 -42.30
CA GLU D 569 27.59 -16.16 -43.10
C GLU D 569 26.36 -16.10 -44.01
N ASN D 570 25.73 -14.93 -44.07
CA ASN D 570 24.30 -14.84 -44.36
C ASN D 570 23.78 -15.83 -45.41
N GLY D 571 23.01 -16.81 -44.92
CA GLY D 571 23.19 -17.22 -43.55
C GLY D 571 23.69 -18.64 -43.51
N GLU D 572 24.93 -18.83 -43.97
CA GLU D 572 25.60 -20.17 -44.02
C GLU D 572 26.93 -20.13 -43.24
N LEU D 573 27.14 -21.13 -42.37
CA LEU D 573 28.03 -22.31 -42.60
C LEU D 573 29.48 -21.91 -42.91
N VAL D 574 30.10 -21.07 -42.09
CA VAL D 574 31.59 -20.89 -42.07
C VAL D 574 32.14 -21.45 -40.75
N ARG D 575 33.21 -22.26 -40.79
CA ARG D 575 33.74 -22.85 -39.57
C ARG D 575 35.21 -22.49 -39.51
N ARG D 576 35.58 -21.60 -38.61
CA ARG D 576 36.92 -21.03 -38.65
C ARG D 576 37.56 -21.15 -37.28
N MET D 577 38.75 -20.55 -37.16
CA MET D 577 39.53 -20.54 -35.94
C MET D 577 39.35 -19.19 -35.29
N VAL D 578 38.43 -19.11 -34.35
CA VAL D 578 38.20 -17.89 -33.60
C VAL D 578 39.09 -17.89 -32.37
N GLU D 579 39.42 -16.70 -31.88
CA GLU D 579 40.13 -16.53 -30.63
C GLU D 579 39.13 -16.07 -29.57
N THR D 580 38.93 -16.89 -28.56
CA THR D 580 37.89 -16.66 -27.58
C THR D 580 38.26 -17.37 -26.30
N SER D 581 37.30 -17.51 -25.39
CA SER D 581 37.58 -18.05 -24.07
C SER D 581 36.46 -18.94 -23.60
N VAL D 582 36.81 -20.08 -23.00
CA VAL D 582 35.82 -20.83 -22.25
C VAL D 582 35.12 -19.87 -21.32
N GLY D 583 33.83 -20.06 -21.12
CA GLY D 583 33.04 -18.93 -20.74
C GLY D 583 32.12 -18.61 -21.90
N ARG D 584 32.48 -17.60 -22.68
CA ARG D 584 31.77 -17.28 -23.91
C ARG D 584 31.34 -18.55 -24.62
N LEU D 585 32.19 -19.58 -24.63
CA LEU D 585 31.75 -20.86 -25.15
C LEU D 585 30.60 -21.43 -24.33
N MET D 586 30.69 -21.35 -23.00
CA MET D 586 29.65 -21.96 -22.19
C MET D 586 28.30 -21.32 -22.44
N VAL D 587 28.26 -19.99 -22.53
CA VAL D 587 26.98 -19.33 -22.81
C VAL D 587 26.55 -19.58 -24.25
N ASN D 588 27.46 -19.44 -25.20
CA ASN D 588 27.10 -19.64 -26.59
C ASN D 588 26.72 -21.07 -26.89
N GLU D 589 26.87 -21.97 -25.92
CA GLU D 589 26.22 -23.26 -26.05
C GLU D 589 24.71 -23.11 -26.04
N TYR D 590 24.20 -21.97 -25.58
CA TYR D 590 22.76 -21.82 -25.40
C TYR D 590 22.12 -20.84 -26.37
N VAL D 591 22.88 -20.03 -27.09
CA VAL D 591 22.32 -19.15 -28.11
C VAL D 591 21.93 -20.02 -29.30
N PRO D 592 20.69 -19.94 -29.79
CA PRO D 592 20.17 -21.00 -30.67
C PRO D 592 20.89 -21.06 -32.00
N LYS D 593 20.90 -22.25 -32.58
CA LYS D 593 21.72 -22.54 -33.74
C LYS D 593 21.09 -21.96 -34.99
N LYS D 594 20.70 -20.71 -34.93
CA LYS D 594 20.18 -20.02 -36.12
C LYS D 594 20.77 -18.63 -36.30
N VAL D 595 21.14 -17.94 -35.23
CA VAL D 595 22.17 -16.91 -35.27
C VAL D 595 23.45 -17.65 -34.91
N GLY D 596 24.60 -17.02 -35.17
CA GLY D 596 25.86 -17.75 -35.09
C GLY D 596 26.50 -17.77 -33.73
N TYR D 597 27.62 -17.07 -33.59
CA TYR D 597 28.44 -17.14 -32.40
C TYR D 597 28.65 -15.73 -31.86
N VAL D 598 28.83 -15.62 -30.55
CA VAL D 598 28.84 -14.34 -29.86
C VAL D 598 30.26 -14.04 -29.40
N ASN D 599 30.78 -12.88 -29.82
CA ASN D 599 32.13 -12.45 -29.43
C ASN D 599 32.14 -10.95 -29.11
N GLU D 600 31.79 -10.62 -27.86
CA GLU D 600 31.95 -9.27 -27.31
C GLU D 600 31.96 -9.38 -25.79
N VAL D 601 32.27 -8.26 -25.13
CA VAL D 601 32.07 -8.18 -23.69
C VAL D 601 30.60 -7.94 -23.45
N LEU D 602 29.98 -8.82 -22.66
CA LEU D 602 28.52 -8.96 -22.70
C LEU D 602 27.93 -8.06 -21.61
N GLY D 603 27.74 -6.79 -21.99
CA GLY D 603 27.20 -5.78 -21.09
C GLY D 603 25.70 -5.89 -20.88
N LYS D 604 25.02 -4.75 -20.78
CA LYS D 604 23.56 -4.72 -20.82
C LYS D 604 23.03 -4.34 -22.20
N LYS D 605 23.60 -3.30 -22.79
CA LYS D 605 23.30 -2.90 -24.16
C LYS D 605 23.27 -4.10 -25.10
N ALA D 606 24.39 -4.84 -25.10
CA ALA D 606 24.50 -6.01 -25.98
C ALA D 606 23.49 -7.08 -25.61
N LEU D 607 23.19 -7.25 -24.33
CA LEU D 607 22.23 -8.28 -23.96
C LEU D 607 20.85 -7.97 -24.53
N ARG D 608 20.45 -6.70 -24.48
CA ARG D 608 19.18 -6.33 -25.09
C ARG D 608 19.22 -6.50 -26.61
N ASP D 609 20.33 -6.13 -27.23
CA ASP D 609 20.47 -6.35 -28.67
C ASP D 609 20.26 -7.82 -29.01
N ILE D 610 20.88 -8.71 -28.25
CA ILE D 610 20.83 -10.13 -28.55
C ILE D 610 19.43 -10.67 -28.32
N ILE D 611 18.80 -10.31 -27.21
CA ILE D 611 17.46 -10.84 -26.98
C ILE D 611 16.52 -10.37 -28.08
N GLY D 612 16.71 -9.14 -28.57
CA GLY D 612 15.90 -8.67 -29.67
C GLY D 612 16.14 -9.45 -30.96
N SER D 613 17.40 -9.67 -31.30
CA SER D 613 17.69 -10.39 -32.54
C SER D 613 17.13 -11.80 -32.48
N VAL D 614 17.27 -12.47 -31.33
CA VAL D 614 16.79 -13.84 -31.26
C VAL D 614 15.28 -13.89 -31.34
N ILE D 615 14.58 -12.95 -30.69
CA ILE D 615 13.12 -12.99 -30.82
C ILE D 615 12.72 -12.76 -32.26
N LYS D 616 13.30 -11.74 -32.91
CA LYS D 616 12.93 -11.42 -34.28
C LYS D 616 13.32 -12.49 -35.28
N ILE D 617 14.21 -13.40 -34.90
CA ILE D 617 14.60 -14.44 -35.86
C ILE D 617 13.89 -15.76 -35.58
N CYS D 618 13.45 -16.01 -34.35
CA CYS D 618 12.92 -17.34 -34.10
C CYS D 618 11.71 -17.44 -33.17
N GLY D 619 11.18 -16.34 -32.65
CA GLY D 619 9.90 -16.45 -31.96
C GLY D 619 9.97 -16.67 -30.45
N VAL D 620 8.76 -16.80 -29.90
CA VAL D 620 8.51 -16.49 -28.50
C VAL D 620 8.97 -17.60 -27.57
N ALA D 621 8.54 -18.84 -27.81
CA ALA D 621 8.91 -19.93 -26.90
C ALA D 621 10.42 -20.11 -26.88
N THR D 622 11.05 -19.98 -28.04
CA THR D 622 12.49 -20.11 -28.13
C THR D 622 13.19 -19.01 -27.33
N THR D 623 12.81 -17.75 -27.56
CA THR D 623 13.49 -16.69 -26.82
C THR D 623 13.21 -16.79 -25.33
N ALA D 624 12.07 -17.38 -24.95
CA ALA D 624 11.78 -17.61 -23.52
C ALA D 624 12.75 -18.60 -22.92
N LYS D 625 12.91 -19.76 -23.55
CA LYS D 625 13.85 -20.75 -23.02
C LYS D 625 15.24 -20.17 -22.92
N PHE D 626 15.66 -19.44 -23.95
CA PHE D 626 16.96 -18.79 -23.91
C PHE D 626 17.10 -17.91 -22.67
N LEU D 627 16.11 -17.06 -22.43
CA LEU D 627 16.27 -16.10 -21.34
C LEU D 627 16.29 -16.81 -19.99
N ASP D 628 15.47 -17.84 -19.82
CA ASP D 628 15.48 -18.60 -18.57
C ASP D 628 16.86 -19.20 -18.29
N ASP D 629 17.43 -19.88 -19.28
CA ASP D 629 18.68 -20.55 -18.99
C ASP D 629 19.83 -19.57 -18.80
N ILE D 630 19.85 -18.46 -19.53
CA ILE D 630 20.93 -17.50 -19.31
C ILE D 630 20.83 -16.93 -17.90
N LYS D 631 19.60 -16.63 -17.44
CA LYS D 631 19.37 -16.32 -16.04
C LYS D 631 20.12 -17.28 -15.14
N ASN D 632 19.76 -18.56 -15.22
CA ASN D 632 20.28 -19.52 -14.25
C ASN D 632 21.80 -19.56 -14.25
N LEU D 633 22.42 -19.65 -15.42
CA LEU D 633 23.86 -19.89 -15.39
C LEU D 633 24.61 -18.65 -14.94
N GLY D 634 24.25 -17.47 -15.46
CA GLY D 634 24.98 -16.29 -15.06
C GLY D 634 24.82 -16.00 -13.59
N TYR D 635 23.67 -16.40 -13.03
CA TYR D 635 23.34 -16.12 -11.65
C TYR D 635 24.17 -17.02 -10.72
N TYR D 636 24.25 -18.31 -11.04
CA TYR D 636 25.15 -19.20 -10.31
C TYR D 636 26.60 -18.77 -10.41
N MET D 637 27.05 -18.37 -11.60
CA MET D 637 28.46 -17.99 -11.73
C MET D 637 28.75 -16.74 -10.92
N ALA D 638 27.83 -15.77 -10.92
CA ALA D 638 28.03 -14.59 -10.10
C ALA D 638 28.19 -14.97 -8.64
N PHE D 639 27.41 -15.94 -8.17
CA PHE D 639 27.59 -16.39 -6.78
C PHE D 639 28.95 -17.05 -6.58
N LYS D 640 29.29 -18.04 -7.40
CA LYS D 640 30.52 -18.79 -7.16
C LYS D 640 31.75 -17.91 -7.32
N GLY D 641 31.61 -16.76 -7.96
CA GLY D 641 32.71 -15.82 -8.00
C GLY D 641 32.96 -15.14 -6.67
N GLY D 642 31.97 -15.10 -5.80
CA GLY D 642 32.18 -14.50 -4.50
C GLY D 642 32.51 -13.03 -4.59
N LEU D 643 31.54 -12.19 -4.90
CA LEU D 643 31.79 -10.78 -5.12
C LEU D 643 31.31 -9.98 -3.92
N SER D 644 32.14 -9.07 -3.44
CA SER D 644 31.77 -8.24 -2.30
C SER D 644 32.53 -6.93 -2.36
N PHE D 645 32.29 -6.10 -1.36
CA PHE D 645 32.76 -4.71 -1.32
C PHE D 645 33.61 -4.48 -0.09
N ASN D 646 34.66 -3.67 -0.24
CA ASN D 646 35.56 -3.35 0.86
C ASN D 646 36.12 -1.95 0.68
N LEU D 647 36.65 -1.41 1.78
CA LEU D 647 37.22 -0.07 1.74
C LEU D 647 38.44 -0.01 0.83
N ALA D 648 39.31 -1.01 0.93
CA ALA D 648 40.50 -1.02 0.10
C ALA D 648 40.15 -1.03 -1.38
N ASP D 649 38.93 -1.46 -1.73
CA ASP D 649 38.50 -1.42 -3.11
C ASP D 649 38.52 0.01 -3.65
N VAL D 650 38.04 0.95 -2.83
CA VAL D 650 37.83 2.32 -3.27
C VAL D 650 39.08 3.12 -2.93
N LEU D 651 39.88 3.41 -3.94
CA LEU D 651 41.06 4.26 -3.77
C LEU D 651 40.66 5.69 -4.08
N ILE D 652 40.71 6.56 -3.08
CA ILE D 652 40.66 7.98 -3.38
C ILE D 652 41.95 8.28 -4.11
N PRO D 653 41.95 9.17 -5.08
CA PRO D 653 43.20 9.50 -5.77
C PRO D 653 44.08 10.33 -4.86
N ASP D 654 45.36 9.98 -4.83
CA ASP D 654 46.33 10.77 -4.09
C ASP D 654 46.25 12.23 -4.52
N GLU D 655 46.24 12.46 -5.82
CA GLU D 655 46.24 13.80 -6.38
C GLU D 655 45.03 14.62 -5.95
N LYS D 656 43.95 13.95 -5.50
CA LYS D 656 42.81 14.70 -4.98
C LYS D 656 43.25 15.59 -3.84
N ASP D 657 43.98 15.03 -2.88
CA ASP D 657 44.56 15.83 -1.81
C ASP D 657 45.38 16.97 -2.40
N GLN D 658 46.09 16.69 -3.49
CA GLN D 658 46.68 17.73 -4.30
C GLN D 658 45.60 18.60 -4.93
N LEU D 659 44.76 17.98 -5.76
CA LEU D 659 43.90 18.75 -6.66
C LEU D 659 42.92 19.62 -5.91
N ILE D 660 42.26 19.08 -4.90
CA ILE D 660 41.35 19.88 -4.08
C ILE D 660 42.08 21.08 -3.53
N GLN D 661 43.31 20.88 -3.05
CA GLN D 661 44.13 21.99 -2.58
C GLN D 661 44.38 22.99 -3.70
N GLU D 662 44.77 22.49 -4.88
CA GLU D 662 45.32 23.37 -5.91
C GLU D 662 44.34 24.46 -6.30
N GLY D 663 43.09 24.09 -6.55
CA GLY D 663 42.12 25.08 -6.98
C GLY D 663 42.00 26.25 -6.03
N TYR D 664 42.25 26.02 -4.74
CA TYR D 664 42.19 27.10 -3.76
C TYR D 664 43.01 28.29 -4.22
N THR D 665 44.26 28.06 -4.64
CA THR D 665 45.07 29.20 -5.04
C THR D 665 44.46 29.92 -6.22
N ALA D 666 43.94 29.16 -7.19
CA ALA D 666 43.17 29.79 -8.26
C ALA D 666 41.98 30.52 -7.67
N VAL D 667 41.22 29.84 -6.81
CA VAL D 667 40.14 30.50 -6.10
C VAL D 667 40.69 31.74 -5.40
N GLU D 668 41.85 31.58 -4.76
CA GLU D 668 42.46 32.71 -4.06
C GLU D 668 42.55 33.92 -4.96
N GLN D 669 43.08 33.73 -6.17
CA GLN D 669 43.23 34.87 -7.06
C GLN D 669 41.87 35.43 -7.45
N ILE D 670 40.94 34.55 -7.83
CA ILE D 670 39.64 35.07 -8.20
C ILE D 670 38.94 35.64 -6.98
N MET D 671 39.35 35.24 -5.78
CA MET D 671 38.93 35.99 -4.60
C MET D 671 39.49 37.40 -4.64
N GLN D 672 40.83 37.52 -4.68
CA GLN D 672 41.43 38.85 -4.57
C GLN D 672 41.01 39.72 -5.74
N ASP D 673 40.78 39.12 -6.89
CA ASP D 673 40.26 39.88 -8.03
C ASP D 673 38.94 40.54 -7.67
N TYR D 674 37.97 39.75 -7.19
CA TYR D 674 36.72 40.36 -6.78
C TYR D 674 36.95 41.25 -5.56
N SER D 675 38.02 41.00 -4.81
CA SER D 675 38.37 41.88 -3.72
C SER D 675 38.69 43.27 -4.22
N MET D 676 39.36 43.38 -5.36
CA MET D 676 39.58 44.70 -5.94
C MET D 676 38.41 45.13 -6.81
N GLY D 677 37.36 44.32 -6.88
CA GLY D 677 36.03 44.75 -7.25
C GLY D 677 35.78 44.93 -8.73
N PHE D 678 36.73 44.64 -9.59
CA PHE D 678 36.53 44.86 -11.01
C PHE D 678 35.46 43.92 -11.60
N ILE D 679 35.09 42.88 -10.86
CA ILE D 679 34.29 41.80 -11.41
C ILE D 679 32.93 41.79 -10.71
N THR D 680 31.87 41.59 -11.48
CA THR D 680 30.52 41.64 -10.94
C THR D 680 30.25 40.40 -10.08
N PHE D 681 29.31 40.54 -9.14
CA PHE D 681 29.06 39.49 -8.16
C PHE D 681 28.56 38.20 -8.82
N ASN D 682 27.59 38.32 -9.72
CA ASN D 682 27.03 37.13 -10.36
C ASN D 682 28.05 36.43 -11.22
N GLU D 683 28.87 37.19 -11.94
CA GLU D 683 29.92 36.57 -12.74
C GLU D 683 31.02 36.00 -11.86
N ARG D 684 31.25 36.57 -10.67
CA ARG D 684 32.08 35.88 -9.69
C ARG D 684 31.52 34.52 -9.34
N TYR D 685 30.23 34.48 -9.02
CA TYR D 685 29.54 33.21 -8.83
C TYR D 685 29.78 32.25 -9.99
N ASN D 686 29.61 32.76 -11.21
CA ASN D 686 29.74 31.90 -12.38
C ASN D 686 31.16 31.36 -12.51
N GLN D 687 32.15 32.22 -12.33
CA GLN D 687 33.54 31.80 -12.48
C GLN D 687 33.91 30.74 -11.45
N ILE D 688 33.49 30.95 -10.20
CA ILE D 688 33.88 30.01 -9.15
C ILE D 688 33.19 28.67 -9.36
N ILE D 689 31.91 28.69 -9.73
CA ILE D 689 31.25 27.41 -9.96
C ILE D 689 31.87 26.71 -11.16
N ASP D 690 32.29 27.47 -12.16
CA ASP D 690 32.97 26.87 -13.31
C ASP D 690 34.26 26.19 -12.88
N THR D 691 35.09 26.87 -12.10
CA THR D 691 36.35 26.28 -11.68
C THR D 691 36.12 25.02 -10.87
N TRP D 692 35.16 25.07 -9.95
CA TRP D 692 34.92 23.90 -9.12
C TRP D 692 34.34 22.75 -9.93
N THR D 693 33.53 23.05 -10.94
CA THR D 693 33.07 21.98 -11.83
C THR D 693 34.22 21.38 -12.62
N HIS D 694 35.14 22.22 -13.10
CA HIS D 694 36.32 21.71 -13.81
C HIS D 694 37.10 20.73 -12.94
N ILE D 695 37.39 21.13 -11.70
CA ILE D 695 38.15 20.26 -10.83
C ILE D 695 37.35 19.01 -10.48
N ASN D 696 36.03 19.15 -10.33
CA ASN D 696 35.18 17.99 -10.11
C ASN D 696 35.36 16.97 -11.24
N GLY D 697 35.29 17.43 -12.49
CA GLY D 697 35.42 16.52 -13.61
C GLY D 697 36.80 15.89 -13.72
N ARG D 698 37.84 16.71 -13.57
CA ARG D 698 39.19 16.18 -13.68
C ARG D 698 39.54 15.24 -12.54
N LEU D 699 38.85 15.36 -11.40
CA LEU D 699 38.98 14.34 -10.39
C LEU D 699 38.19 13.09 -10.75
N SER D 700 36.97 13.26 -11.27
CA SER D 700 36.10 12.12 -11.50
C SER D 700 36.69 11.19 -12.57
N ASN D 701 37.22 11.76 -13.64
CA ASN D 701 37.74 10.93 -14.73
C ASN D 701 38.99 10.16 -14.30
N VAL D 702 39.93 10.84 -13.65
CA VAL D 702 41.12 10.16 -13.15
C VAL D 702 40.73 9.10 -12.15
N LEU D 703 39.76 9.41 -11.29
CA LEU D 703 39.23 8.43 -10.37
C LEU D 703 38.77 7.18 -11.11
N ILE D 704 37.96 7.36 -12.15
CA ILE D 704 37.36 6.20 -12.80
C ILE D 704 38.43 5.38 -13.53
N LYS D 705 39.41 6.05 -14.12
CA LYS D 705 40.46 5.30 -14.82
C LYS D 705 41.29 4.50 -13.83
N GLN D 706 41.73 5.14 -12.75
CA GLN D 706 42.47 4.42 -11.73
C GLN D 706 41.65 3.26 -11.19
N LEU D 707 40.33 3.46 -11.08
CA LEU D 707 39.46 2.37 -10.65
C LEU D 707 39.51 1.23 -11.65
N SER D 708 39.53 1.54 -12.94
CA SER D 708 39.57 0.50 -13.96
C SER D 708 40.84 -0.33 -13.86
N SER D 709 41.99 0.35 -13.82
CA SER D 709 43.25 -0.32 -14.15
C SER D 709 43.84 -1.14 -13.01
N ASP D 710 43.27 -1.11 -11.81
CA ASP D 710 43.92 -1.81 -10.70
C ASP D 710 43.93 -3.32 -10.88
N ASN D 711 42.89 -3.88 -11.43
CA ASN D 711 43.00 -5.28 -11.83
C ASN D 711 42.59 -5.51 -13.27
N ASP D 712 41.57 -4.79 -13.75
CA ASP D 712 40.99 -4.94 -15.07
C ASP D 712 40.23 -6.26 -15.11
N GLY D 713 40.37 -7.06 -14.06
CA GLY D 713 39.68 -8.32 -13.94
C GLY D 713 38.58 -8.21 -12.91
N PHE D 714 38.78 -7.32 -11.94
CA PHE D 714 37.76 -7.07 -10.94
C PHE D 714 38.11 -5.86 -10.10
N ASN D 715 37.10 -5.02 -9.89
CA ASN D 715 37.06 -4.04 -8.82
C ASN D 715 35.57 -3.87 -8.54
N SER D 716 35.08 -4.45 -7.45
CA SER D 716 33.65 -4.55 -7.19
C SER D 716 32.91 -3.30 -7.67
N VAL D 717 33.38 -2.13 -7.23
CA VAL D 717 32.76 -0.89 -7.67
C VAL D 717 32.95 -0.71 -9.17
N PHE D 718 34.13 -1.00 -9.71
CA PHE D 718 34.35 -0.73 -11.11
C PHE D 718 33.44 -1.57 -12.00
N MET D 719 33.28 -2.85 -11.68
CA MET D 719 32.40 -3.66 -12.50
C MET D 719 30.93 -3.38 -12.23
N MET D 720 30.57 -3.12 -10.98
CA MET D 720 29.18 -2.75 -10.72
C MET D 720 28.80 -1.49 -11.47
N MET D 721 29.74 -0.57 -11.63
CA MET D 721 29.47 0.63 -12.42
C MET D 721 29.41 0.32 -13.90
N ASP D 722 30.48 -0.27 -14.44
CA ASP D 722 30.64 -0.34 -15.88
C ASP D 722 29.71 -1.36 -16.52
N SER D 723 29.40 -2.44 -15.80
CA SER D 723 28.49 -3.44 -16.34
C SER D 723 27.04 -2.98 -16.30
N GLY D 724 26.77 -1.83 -15.72
CA GLY D 724 25.41 -1.35 -15.70
C GLY D 724 24.47 -2.16 -14.83
N ALA D 725 25.00 -2.94 -13.90
CA ALA D 725 24.13 -3.56 -12.90
C ALA D 725 23.35 -2.50 -12.14
N ARG D 726 24.04 -1.71 -11.34
CA ARG D 726 23.48 -0.52 -10.73
C ARG D 726 24.60 0.45 -10.44
N GLY D 727 24.33 1.74 -10.64
CA GLY D 727 25.28 2.77 -10.33
C GLY D 727 25.42 3.75 -11.47
N SER D 728 26.37 4.67 -11.29
CA SER D 728 26.62 5.75 -12.24
C SER D 728 27.97 6.35 -11.92
N LYS D 729 28.46 7.18 -12.84
CA LYS D 729 29.68 7.92 -12.56
C LYS D 729 29.50 8.86 -11.37
N GLU D 730 28.30 9.42 -11.23
CA GLU D 730 28.07 10.40 -10.17
C GLU D 730 28.12 9.75 -8.79
N GLN D 731 27.40 8.65 -8.62
CA GLN D 731 27.37 7.98 -7.31
C GLN D 731 28.77 7.57 -6.90
N ILE D 732 29.51 6.96 -7.82
CA ILE D 732 30.84 6.50 -7.48
C ILE D 732 31.77 7.68 -7.22
N ARG D 733 31.58 8.78 -7.94
CA ARG D 733 32.37 9.96 -7.63
C ARG D 733 32.12 10.40 -6.19
N GLN D 734 30.86 10.39 -5.76
CA GLN D 734 30.60 10.70 -4.36
C GLN D 734 31.32 9.72 -3.44
N LEU D 735 31.23 8.42 -3.75
CA LEU D 735 31.89 7.43 -2.89
C LEU D 735 33.39 7.59 -2.84
N SER D 736 33.99 8.32 -3.77
CA SER D 736 35.43 8.49 -3.67
C SER D 736 35.93 9.89 -3.98
N GLY D 737 35.04 10.84 -4.30
CA GLY D 737 35.47 12.18 -4.62
C GLY D 737 34.42 13.15 -4.15
N MET D 738 34.72 14.44 -4.32
CA MET D 738 33.93 15.51 -3.73
C MET D 738 32.44 15.31 -3.99
N ARG D 739 31.63 15.78 -3.05
CA ARG D 739 30.18 15.70 -3.19
C ARG D 739 29.70 16.53 -4.36
N GLY D 740 30.54 17.42 -4.87
CA GLY D 740 30.15 18.28 -5.96
C GLY D 740 29.66 19.62 -5.45
N LEU D 741 28.81 20.24 -6.25
CA LEU D 741 28.14 21.46 -5.85
C LEU D 741 26.72 21.15 -5.42
N MET D 742 26.15 22.04 -4.61
CA MET D 742 24.76 21.93 -4.21
C MET D 742 24.13 23.31 -4.29
N ALA D 743 22.82 23.34 -4.43
CA ALA D 743 22.11 24.57 -4.73
C ALA D 743 21.75 25.33 -3.47
N LYS D 744 21.68 26.66 -3.61
CA LYS D 744 21.07 27.52 -2.59
C LYS D 744 19.62 27.73 -3.02
N PRO D 745 18.69 26.92 -2.53
CA PRO D 745 17.32 27.01 -3.03
C PRO D 745 16.52 28.16 -2.44
N GLN D 746 16.66 28.35 -1.12
CA GLN D 746 15.95 29.36 -0.34
C GLN D 746 14.46 29.08 -0.33
N LYS D 747 14.04 28.08 -1.11
CA LYS D 747 12.83 27.31 -0.86
C LYS D 747 11.54 28.10 -1.03
N SER D 748 11.61 29.39 -1.27
CA SER D 748 10.40 30.21 -1.26
C SER D 748 10.67 31.54 -1.97
N GLY D 749 9.83 31.86 -2.95
CA GLY D 749 9.88 33.14 -3.62
C GLY D 749 11.12 33.34 -4.46
N ALA D 750 11.94 32.30 -4.56
CA ALA D 750 13.16 32.34 -5.34
C ALA D 750 13.23 31.14 -6.26
N GLU D 751 13.94 31.32 -7.37
CA GLU D 751 14.15 30.22 -8.31
C GLU D 751 15.07 29.15 -7.75
N GLY D 752 15.75 29.43 -6.63
CA GLY D 752 16.87 28.61 -6.25
C GLY D 752 18.04 29.04 -7.11
N GLY D 753 18.53 28.15 -7.97
CA GLY D 753 19.39 28.62 -9.03
C GLY D 753 20.81 28.78 -8.55
N GLN D 754 21.19 30.02 -8.25
CA GLN D 754 22.51 30.31 -7.72
C GLN D 754 22.84 29.38 -6.57
N ILE D 755 24.06 28.85 -6.60
CA ILE D 755 24.46 27.77 -5.71
C ILE D 755 25.56 28.28 -4.78
N ILE D 756 25.92 27.45 -3.81
CA ILE D 756 26.87 27.85 -2.78
C ILE D 756 28.23 28.11 -3.39
N GLU D 757 28.90 29.15 -2.90
CA GLU D 757 30.23 29.50 -3.41
C GLU D 757 31.23 28.39 -3.16
N ASN D 758 31.08 27.65 -2.05
CA ASN D 758 32.04 26.62 -1.64
C ASN D 758 31.42 25.25 -1.80
N PRO D 759 32.02 24.37 -2.59
CA PRO D 759 31.44 23.03 -2.76
C PRO D 759 31.66 22.17 -1.54
N ILE D 760 30.89 21.08 -1.49
CA ILE D 760 31.00 20.11 -0.41
C ILE D 760 32.16 19.19 -0.76
N LEU D 761 33.37 19.58 -0.37
CA LEU D 761 34.56 18.93 -0.90
C LEU D 761 34.80 17.56 -0.28
N SER D 762 34.43 17.35 0.97
CA SER D 762 34.61 16.04 1.56
C SER D 762 33.71 15.02 0.88
N ASN D 763 34.21 13.80 0.77
CA ASN D 763 33.45 12.71 0.20
C ASN D 763 32.99 11.78 1.31
N PHE D 764 32.05 10.89 0.97
CA PHE D 764 31.47 10.03 1.99
C PHE D 764 32.50 9.10 2.62
N LYS D 765 33.67 8.95 2.00
CA LYS D 765 34.70 8.09 2.57
C LYS D 765 35.20 8.62 3.91
N GLU D 766 35.46 9.92 3.98
CA GLU D 766 36.12 10.50 5.13
C GLU D 766 35.16 10.99 6.20
N GLY D 767 33.93 11.28 5.83
CA GLY D 767 32.98 11.90 6.74
C GLY D 767 32.79 13.37 6.42
N LEU D 768 31.74 13.93 6.99
CA LEU D 768 31.33 15.29 6.70
C LEU D 768 31.28 16.12 7.98
N SER D 769 31.69 17.38 7.86
CA SER D 769 31.50 18.32 8.96
C SER D 769 30.00 18.57 9.15
N VAL D 770 29.67 19.17 10.29
CA VAL D 770 28.27 19.33 10.66
C VAL D 770 27.52 20.16 9.62
N LEU D 771 28.09 21.31 9.26
CA LEU D 771 27.38 22.25 8.39
C LEU D 771 27.09 21.64 7.03
N GLU D 772 28.08 20.94 6.46
CA GLU D 772 27.84 20.28 5.18
C GLU D 772 26.73 19.26 5.27
N TYR D 773 26.71 18.46 6.34
CA TYR D 773 25.64 17.49 6.44
C TYR D 773 24.29 18.17 6.60
N PHE D 774 24.27 19.33 7.25
CA PHE D 774 23.04 20.10 7.33
C PHE D 774 22.58 20.55 5.94
N ILE D 775 23.52 21.07 5.13
CA ILE D 775 23.19 21.52 3.79
C ILE D 775 22.67 20.35 2.96
N SER D 776 23.27 19.18 3.14
CA SER D 776 22.81 18.00 2.43
C SER D 776 21.40 17.61 2.85
N THR D 777 21.10 17.67 4.14
CA THR D 777 19.74 17.36 4.56
C THR D 777 18.75 18.34 3.92
N HIS D 778 19.10 19.62 3.94
CA HIS D 778 18.37 20.66 3.23
C HIS D 778 18.00 20.23 1.82
N GLY D 779 19.03 19.98 1.01
CA GLY D 779 18.80 19.66 -0.39
C GLY D 779 18.06 18.35 -0.60
N ALA D 780 18.39 17.32 0.18
CA ALA D 780 17.78 16.01 -0.01
C ALA D 780 16.30 16.05 0.29
N ARG D 781 15.91 16.65 1.41
CA ARG D 781 14.49 16.75 1.69
C ARG D 781 13.81 17.69 0.70
N LYS D 782 14.54 18.69 0.18
CA LYS D 782 14.01 19.46 -0.94
C LYS D 782 13.62 18.56 -2.09
N GLY D 783 14.53 17.68 -2.48
CA GLY D 783 14.26 16.77 -3.58
C GLY D 783 13.10 15.85 -3.30
N LEU D 784 13.01 15.35 -2.06
CA LEU D 784 11.90 14.47 -1.71
C LEU D 784 10.56 15.20 -1.78
N ALA D 785 10.52 16.44 -1.31
CA ALA D 785 9.31 17.24 -1.44
C ALA D 785 8.95 17.46 -2.91
N ASP D 786 9.97 17.73 -3.73
CA ASP D 786 9.74 17.93 -5.15
C ASP D 786 9.14 16.67 -5.79
N THR D 787 9.68 15.50 -5.43
CA THR D 787 9.15 14.25 -5.95
C THR D 787 7.72 14.03 -5.51
N ALA D 788 7.42 14.31 -4.24
CA ALA D 788 6.06 14.13 -3.75
C ALA D 788 5.08 15.02 -4.51
N LEU D 789 5.44 16.29 -4.70
CA LEU D 789 4.55 17.20 -5.40
C LEU D 789 4.41 16.82 -6.87
N LYS D 790 5.47 16.33 -7.50
CA LYS D 790 5.37 15.89 -8.88
C LYS D 790 4.46 14.68 -9.01
N THR D 791 4.55 13.74 -8.06
CA THR D 791 3.64 12.59 -8.07
C THR D 791 2.19 13.05 -7.92
N ALA D 792 1.96 14.00 -7.02
CA ALA D 792 0.61 14.54 -6.86
C ALA D 792 0.11 15.17 -8.16
N ASP D 793 0.98 15.92 -8.85
CA ASP D 793 0.60 16.55 -10.12
C ASP D 793 0.30 15.50 -11.17
N ALA D 794 1.11 14.44 -11.24
CA ALA D 794 0.93 13.41 -12.27
C ALA D 794 -0.33 12.59 -12.05
N GLY D 795 -0.78 12.47 -10.79
CA GLY D 795 -1.98 11.68 -10.51
C GLY D 795 -3.20 12.11 -11.30
N TYR D 796 -3.41 13.43 -11.42
CA TYR D 796 -4.62 13.92 -12.10
C TYR D 796 -4.55 13.69 -13.59
N LEU D 797 -3.41 13.97 -14.21
CA LEU D 797 -3.18 13.59 -15.60
C LEU D 797 -3.49 12.11 -15.82
N THR D 798 -2.93 11.25 -14.96
CA THR D 798 -3.16 9.82 -15.13
C THR D 798 -4.65 9.51 -15.09
N ARG D 799 -5.36 9.98 -14.06
CA ARG D 799 -6.76 9.59 -13.91
C ARG D 799 -7.61 10.13 -15.05
N ARG D 800 -7.49 11.42 -15.36
CA ARG D 800 -8.30 11.99 -16.43
C ARG D 800 -8.01 11.30 -17.76
N LEU D 801 -6.74 11.25 -18.15
CA LEU D 801 -6.42 10.78 -19.48
C LEU D 801 -6.68 9.28 -19.61
N VAL D 802 -6.68 8.55 -18.49
CA VAL D 802 -7.22 7.19 -18.55
C VAL D 802 -8.72 7.25 -18.77
N ASP D 803 -9.39 8.24 -18.18
CA ASP D 803 -10.81 8.41 -18.45
C ASP D 803 -11.10 9.12 -19.75
N VAL D 804 -10.12 9.28 -20.63
CA VAL D 804 -10.41 9.74 -22.00
C VAL D 804 -11.50 8.88 -22.63
N SER D 805 -11.18 7.63 -22.89
CA SER D 805 -11.84 6.92 -23.98
C SER D 805 -12.24 5.51 -23.58
N HIS D 806 -13.20 5.00 -24.34
CA HIS D 806 -13.83 3.69 -24.17
C HIS D 806 -14.73 3.48 -25.38
N ASP D 807 -14.69 2.32 -26.01
CA ASP D 807 -15.24 2.21 -27.37
C ASP D 807 -15.21 0.73 -27.81
N VAL D 808 -15.46 0.51 -29.11
CA VAL D 808 -15.65 -0.81 -29.69
C VAL D 808 -14.60 -1.18 -30.74
N ILE D 809 -14.74 -2.34 -31.36
CA ILE D 809 -13.62 -3.10 -31.91
C ILE D 809 -13.59 -3.01 -33.44
N ILE D 810 -12.50 -3.61 -34.05
CA ILE D 810 -12.33 -3.74 -35.51
C ILE D 810 -13.01 -5.02 -35.97
N THR D 811 -13.47 -5.04 -37.22
CA THR D 811 -14.39 -6.11 -37.60
C THR D 811 -14.30 -6.67 -39.01
N GLU D 812 -13.24 -6.44 -39.78
CA GLU D 812 -13.22 -7.09 -41.08
C GLU D 812 -11.81 -7.54 -41.43
N GLU D 813 -11.74 -8.53 -42.33
CA GLU D 813 -10.46 -9.08 -42.75
C GLU D 813 -9.79 -8.26 -43.84
N ASP D 814 -10.54 -7.41 -44.54
CA ASP D 814 -9.97 -6.45 -45.46
C ASP D 814 -10.96 -5.33 -45.65
N CYS D 815 -10.47 -4.19 -46.11
CA CYS D 815 -11.29 -3.00 -46.18
C CYS D 815 -11.27 -2.32 -47.54
N GLY D 816 -10.70 -2.95 -48.56
CA GLY D 816 -11.01 -2.64 -49.94
C GLY D 816 -10.54 -1.27 -50.39
N THR D 817 -10.15 -0.45 -49.42
CA THR D 817 -9.87 0.96 -49.66
C THR D 817 -8.46 1.12 -50.24
N LEU D 818 -8.37 0.96 -51.55
CA LEU D 818 -7.10 1.14 -52.23
C LEU D 818 -6.80 2.63 -52.38
N ARG D 819 -6.82 3.33 -51.26
CA ARG D 819 -6.66 4.78 -51.21
C ARG D 819 -5.91 5.18 -49.94
N GLY D 820 -4.80 4.49 -49.67
CA GLY D 820 -4.10 4.64 -48.41
C GLY D 820 -3.25 5.89 -48.31
N LEU D 821 -2.61 6.03 -47.15
CA LEU D 821 -1.76 7.17 -46.86
C LEU D 821 -0.42 7.08 -47.60
N LEU D 822 0.16 8.24 -47.87
CA LEU D 822 1.54 8.34 -48.37
C LEU D 822 2.46 8.59 -47.18
N THR D 823 3.04 7.53 -46.64
CA THR D 823 3.82 7.58 -45.42
C THR D 823 5.29 7.90 -45.74
N THR D 824 5.85 8.83 -44.98
CA THR D 824 7.24 9.23 -45.11
C THR D 824 7.80 9.59 -43.74
N GLU D 825 9.12 9.80 -43.70
CA GLU D 825 9.84 10.05 -42.45
C GLU D 825 9.89 11.54 -42.16
N LEU D 826 9.69 11.91 -40.89
CA LEU D 826 9.60 13.30 -40.48
C LEU D 826 10.95 13.79 -39.95
N LYS D 827 11.36 14.96 -40.41
CA LYS D 827 12.57 15.62 -39.96
C LYS D 827 12.23 17.06 -39.59
N GLN D 828 12.55 17.47 -38.37
CA GLN D 828 12.12 18.76 -37.86
C GLN D 828 13.27 19.76 -37.93
N ASN D 829 13.46 20.32 -39.13
CA ASN D 829 14.06 21.62 -39.43
C ASN D 829 15.50 21.77 -38.93
N GLU D 830 16.02 20.78 -38.23
CA GLU D 830 17.47 20.67 -38.07
C GLU D 830 17.96 19.27 -38.39
N ASP D 831 17.18 18.24 -38.08
CA ASP D 831 17.56 16.85 -38.32
C ASP D 831 16.28 16.02 -38.36
N VAL D 832 16.46 14.71 -38.37
CA VAL D 832 15.35 13.76 -38.28
C VAL D 832 15.28 13.25 -36.85
N VAL D 833 14.07 13.21 -36.31
CA VAL D 833 13.87 12.73 -34.95
C VAL D 833 13.03 11.45 -34.89
N ALA D 834 12.22 11.17 -35.91
CA ALA D 834 11.41 9.96 -35.94
C ALA D 834 11.67 9.25 -37.26
N SER D 835 12.02 7.97 -37.18
CA SER D 835 12.40 7.21 -38.37
C SER D 835 11.19 6.63 -39.07
N LEU D 836 11.34 6.42 -40.37
CA LEU D 836 10.34 5.69 -41.14
C LEU D 836 10.32 4.23 -40.75
N TYR D 837 11.45 3.71 -40.26
CA TYR D 837 11.61 2.28 -40.04
C TYR D 837 10.47 1.73 -39.19
N GLU D 838 10.35 2.20 -37.96
CA GLU D 838 9.21 1.84 -37.14
C GLU D 838 7.93 2.43 -37.68
N ARG D 839 8.01 3.54 -38.40
CA ARG D 839 6.80 4.12 -38.99
C ARG D 839 6.26 3.23 -40.09
N ILE D 840 7.14 2.55 -40.82
CA ILE D 840 6.72 1.65 -41.89
C ILE D 840 6.47 0.23 -41.38
N LEU D 841 7.24 -0.20 -40.39
CA LEU D 841 7.26 -1.59 -39.99
C LEU D 841 5.86 -2.09 -39.66
N GLY D 842 5.55 -3.30 -40.15
CA GLY D 842 4.34 -3.99 -39.76
C GLY D 842 3.06 -3.46 -40.36
N ARG D 843 3.13 -2.53 -41.31
CA ARG D 843 1.94 -1.94 -41.90
C ARG D 843 1.81 -2.38 -43.34
N VAL D 844 0.68 -2.99 -43.68
CA VAL D 844 0.48 -3.58 -45.01
C VAL D 844 0.78 -2.55 -46.08
N SER D 845 1.39 -3.00 -47.17
CA SER D 845 1.73 -2.13 -48.28
C SER D 845 0.68 -2.22 -49.37
N VAL D 846 0.82 -1.35 -50.38
CA VAL D 846 -0.20 -1.16 -51.41
C VAL D 846 0.27 -1.68 -52.75
N HIS D 847 1.30 -1.07 -53.32
CA HIS D 847 1.80 -1.40 -54.65
C HIS D 847 3.12 -2.13 -54.51
N ASP D 848 3.29 -3.19 -55.28
CA ASP D 848 4.55 -3.93 -55.25
C ASP D 848 5.70 -3.00 -55.57
N ILE D 849 6.72 -3.04 -54.73
CA ILE D 849 7.85 -2.13 -54.83
C ILE D 849 9.08 -2.92 -55.26
N ILE D 850 9.92 -2.29 -56.07
CA ILE D 850 11.17 -2.89 -56.50
C ILE D 850 12.29 -1.90 -56.23
N HIS D 851 13.49 -2.44 -56.09
CA HIS D 851 14.64 -1.59 -55.87
C HIS D 851 14.94 -0.79 -57.14
N PRO D 852 15.58 0.37 -57.01
CA PRO D 852 16.06 1.06 -58.22
C PRO D 852 17.01 0.21 -59.02
N THR D 853 17.78 -0.65 -58.37
CA THR D 853 18.47 -1.71 -59.09
C THR D 853 17.43 -2.62 -59.73
N THR D 854 17.65 -2.95 -60.99
CA THR D 854 16.59 -3.48 -61.83
C THR D 854 16.14 -4.87 -61.38
N GLY D 855 14.87 -5.15 -61.61
CA GLY D 855 14.35 -6.51 -61.58
C GLY D 855 14.36 -7.22 -60.24
N ASP D 856 13.94 -6.54 -59.18
CA ASP D 856 13.94 -7.15 -57.84
C ASP D 856 12.67 -6.74 -57.09
N ILE D 857 11.63 -7.55 -57.24
CA ILE D 857 10.39 -7.33 -56.49
C ILE D 857 10.68 -7.44 -55.01
N ILE D 858 10.41 -6.38 -54.27
CA ILE D 858 10.63 -6.38 -52.84
C ILE D 858 9.40 -6.86 -52.08
N VAL D 859 8.21 -6.46 -52.52
CA VAL D 859 6.98 -6.79 -51.83
C VAL D 859 5.93 -7.25 -52.84
N ARG D 860 5.09 -8.19 -52.41
CA ARG D 860 3.83 -8.46 -53.09
C ARG D 860 2.72 -7.70 -52.38
N ALA D 861 1.78 -7.18 -53.17
CA ALA D 861 0.74 -6.33 -52.59
C ALA D 861 -0.09 -7.12 -51.59
N GLY D 862 -0.49 -6.45 -50.51
CA GLY D 862 -1.23 -7.11 -49.46
C GLY D 862 -0.44 -8.15 -48.70
N GLU D 863 0.82 -7.86 -48.39
CA GLU D 863 1.69 -8.77 -47.66
C GLU D 863 2.17 -8.09 -46.38
N GLU D 864 2.50 -8.89 -45.38
CA GLU D 864 3.04 -8.36 -44.14
C GLU D 864 4.49 -7.94 -44.35
N ILE D 865 4.77 -6.65 -44.26
CA ILE D 865 6.14 -6.16 -44.38
C ILE D 865 6.95 -6.59 -43.17
N ARG D 866 8.18 -7.03 -43.43
CA ARG D 866 9.00 -7.69 -42.44
C ARG D 866 10.24 -6.85 -42.15
N GLU D 867 10.88 -7.16 -41.03
CA GLU D 867 12.02 -6.36 -40.57
C GLU D 867 13.16 -6.38 -41.57
N GLN D 868 13.47 -7.55 -42.11
CA GLN D 868 14.49 -7.63 -43.15
C GLN D 868 14.11 -6.77 -44.34
N ALA D 869 12.87 -6.90 -44.82
CA ALA D 869 12.41 -6.08 -45.92
C ALA D 869 12.49 -4.61 -45.55
N ALA D 870 12.13 -4.28 -44.30
CA ALA D 870 12.19 -2.89 -43.87
C ALA D 870 13.61 -2.36 -43.95
N GLN D 871 14.58 -3.15 -43.50
CA GLN D 871 15.97 -2.72 -43.56
C GLN D 871 16.41 -2.53 -44.99
N ILE D 872 16.05 -3.46 -45.87
CA ILE D 872 16.41 -3.33 -47.27
C ILE D 872 15.84 -2.04 -47.84
N ILE D 873 14.60 -1.73 -47.48
CA ILE D 873 13.97 -0.53 -47.97
C ILE D 873 14.70 0.70 -47.46
N GLU D 874 15.05 0.71 -46.18
CA GLU D 874 15.77 1.84 -45.63
C GLU D 874 17.10 2.05 -46.35
N ASP D 875 17.81 0.97 -46.64
CA ASP D 875 19.06 1.08 -47.38
C ASP D 875 18.82 1.65 -48.77
N SER D 876 17.70 1.25 -49.39
CA SER D 876 17.40 1.71 -50.72
C SER D 876 17.13 3.22 -50.73
N PRO D 877 17.38 3.89 -51.86
CA PRO D 877 17.22 5.35 -51.90
C PRO D 877 15.76 5.76 -52.08
N ILE D 878 14.83 4.83 -51.85
CA ILE D 878 13.42 5.19 -51.85
C ILE D 878 13.18 6.23 -50.75
N GLU D 879 12.23 7.13 -50.99
CA GLU D 879 11.95 8.22 -50.07
C GLU D 879 10.72 7.94 -49.19
N ALA D 880 9.59 7.63 -49.81
CA ALA D 880 8.36 7.36 -49.10
C ALA D 880 7.71 6.11 -49.65
N VAL D 881 6.60 5.70 -49.05
CA VAL D 881 5.88 4.52 -49.53
C VAL D 881 4.41 4.69 -49.17
N GLU D 882 3.54 4.04 -49.92
CA GLU D 882 2.12 4.07 -49.65
C GLU D 882 1.71 2.82 -48.90
N ILE D 883 1.09 3.03 -47.73
CA ILE D 883 0.58 1.97 -46.82
C ILE D 883 -0.81 2.40 -46.30
N ARG D 884 -1.62 1.44 -45.86
CA ARG D 884 -3.01 1.71 -45.35
C ARG D 884 -2.98 2.39 -43.98
N SER D 885 -4.06 3.12 -43.66
CA SER D 885 -4.24 3.83 -42.36
C SER D 885 -5.57 3.38 -41.74
N VAL D 886 -5.58 3.10 -40.42
CA VAL D 886 -6.80 2.62 -39.78
C VAL D 886 -7.88 3.61 -40.18
N LEU D 887 -7.47 4.82 -40.55
CA LEU D 887 -8.43 5.83 -41.00
C LEU D 887 -9.18 5.36 -42.23
N THR D 888 -8.48 5.18 -43.33
CA THR D 888 -9.13 5.14 -44.64
C THR D 888 -9.99 3.90 -44.81
N CYS D 889 -10.11 3.09 -43.78
CA CYS D 889 -11.00 1.94 -43.80
C CYS D 889 -12.37 2.30 -44.37
N GLU D 890 -12.80 1.54 -45.38
CA GLU D 890 -14.17 1.63 -45.85
C GLU D 890 -15.14 0.96 -44.91
N SER D 891 -14.71 -0.10 -44.23
CA SER D 891 -15.63 -0.94 -43.46
C SER D 891 -16.24 -0.14 -42.32
N LYS D 892 -17.53 0.17 -42.45
CA LYS D 892 -18.26 0.76 -41.35
C LYS D 892 -18.33 -0.20 -40.17
N LYS D 893 -18.80 0.31 -39.04
CA LYS D 893 -18.83 -0.36 -37.74
C LYS D 893 -17.56 -1.16 -37.42
N GLY D 894 -16.39 -0.62 -37.78
CA GLY D 894 -15.15 -1.26 -37.40
C GLY D 894 -14.02 -0.84 -38.32
N VAL D 895 -12.95 -1.64 -38.28
CA VAL D 895 -11.77 -1.43 -39.11
C VAL D 895 -11.35 -2.80 -39.64
N CYS D 896 -10.64 -2.82 -40.78
CA CYS D 896 -10.36 -4.09 -41.43
C CYS D 896 -9.13 -4.68 -40.75
N ALA D 897 -8.98 -6.00 -40.83
CA ALA D 897 -7.73 -6.61 -40.40
C ALA D 897 -6.55 -5.95 -41.09
N LYS D 898 -6.50 -6.04 -42.41
CA LYS D 898 -5.37 -5.50 -43.15
C LYS D 898 -5.23 -4.00 -43.00
N CYS D 899 -6.28 -3.34 -42.49
CA CYS D 899 -6.21 -1.89 -42.34
C CYS D 899 -5.08 -1.54 -41.38
N TYR D 900 -5.02 -2.28 -40.26
CA TYR D 900 -4.27 -1.88 -39.07
C TYR D 900 -2.85 -2.41 -39.08
N GLY D 901 -2.68 -3.73 -39.14
CA GLY D 901 -1.34 -4.29 -39.31
C GLY D 901 -0.81 -5.12 -38.17
N ARG D 902 0.42 -4.81 -37.76
CA ARG D 902 1.13 -5.63 -36.77
C ARG D 902 0.42 -5.60 -35.43
N ASN D 903 0.44 -6.74 -34.73
CA ASN D 903 -0.28 -6.88 -33.48
C ASN D 903 0.43 -6.20 -32.31
N LEU D 904 1.75 -6.18 -32.31
CA LEU D 904 2.59 -5.48 -31.33
C LEU D 904 2.65 -6.16 -29.98
N ALA D 905 1.82 -7.18 -29.76
CA ALA D 905 1.88 -7.95 -28.53
C ALA D 905 2.48 -9.33 -28.77
N THR D 906 1.98 -10.03 -29.77
CA THR D 906 2.80 -10.95 -30.54
C THR D 906 3.46 -10.12 -31.64
N ASN D 907 4.07 -10.75 -32.62
CA ASN D 907 4.65 -9.99 -33.71
C ASN D 907 4.00 -10.37 -35.04
N ARG D 908 2.69 -10.60 -35.00
CA ARG D 908 1.95 -11.12 -36.13
C ARG D 908 0.96 -10.08 -36.63
N MET D 909 0.33 -10.37 -37.76
CA MET D 909 -0.76 -9.54 -38.24
C MET D 909 -1.92 -9.61 -37.27
N VAL D 910 -2.59 -8.47 -37.05
CA VAL D 910 -3.75 -8.46 -36.19
C VAL D 910 -4.81 -9.37 -36.76
N GLN D 911 -5.40 -10.17 -35.89
CA GLN D 911 -6.43 -11.08 -36.36
C GLN D 911 -7.81 -10.59 -35.96
N ARG D 912 -8.80 -11.05 -36.72
CA ARG D 912 -10.21 -10.86 -36.42
C ARG D 912 -10.52 -11.09 -34.94
N GLY D 913 -11.33 -10.18 -34.37
CA GLY D 913 -11.99 -10.42 -33.11
C GLY D 913 -11.36 -9.84 -31.87
N GLU D 914 -10.32 -9.04 -32.00
CA GLU D 914 -9.56 -8.55 -30.85
C GLU D 914 -9.73 -7.03 -30.73
N VAL D 915 -9.98 -6.56 -29.52
CA VAL D 915 -10.29 -5.15 -29.28
C VAL D 915 -9.01 -4.32 -29.28
N VAL D 916 -8.92 -3.37 -30.19
CA VAL D 916 -7.73 -2.52 -30.25
C VAL D 916 -7.90 -1.24 -29.43
N GLY D 917 -9.13 -0.76 -29.27
CA GLY D 917 -9.35 0.57 -28.75
C GLY D 917 -8.89 0.82 -27.34
N VAL D 918 -9.36 0.00 -26.39
CA VAL D 918 -8.94 0.18 -25.01
C VAL D 918 -7.44 0.02 -24.88
N ILE D 919 -6.84 -0.84 -25.71
CA ILE D 919 -5.40 -0.98 -25.74
C ILE D 919 -4.75 0.35 -26.09
N ALA D 920 -5.24 0.98 -27.17
CA ALA D 920 -4.71 2.27 -27.57
C ALA D 920 -4.85 3.29 -26.47
N ALA D 921 -6.01 3.28 -25.81
CA ALA D 921 -6.26 4.22 -24.72
C ALA D 921 -5.24 4.07 -23.62
N GLN D 922 -5.13 2.87 -23.06
CA GLN D 922 -4.20 2.64 -21.97
C GLN D 922 -2.79 3.02 -22.37
N SER D 923 -2.36 2.50 -23.52
CA SER D 923 -1.00 2.76 -23.97
C SER D 923 -0.72 4.23 -24.19
N ILE D 924 -1.72 5.02 -24.57
CA ILE D 924 -1.48 6.44 -24.80
C ILE D 924 -1.63 7.26 -23.53
N GLY D 925 -2.31 6.72 -22.52
CA GLY D 925 -2.51 7.45 -21.28
C GLY D 925 -1.42 7.24 -20.25
N GLU D 926 -0.99 5.99 -20.09
CA GLU D 926 -0.05 5.66 -19.02
C GLU D 926 1.22 6.51 -18.99
N PRO D 927 1.90 6.79 -20.10
CA PRO D 927 3.11 7.63 -20.01
C PRO D 927 2.85 9.04 -19.48
N GLY D 928 1.60 9.39 -19.19
CA GLY D 928 1.32 10.69 -18.62
C GLY D 928 2.00 10.91 -17.29
N THR D 929 2.20 9.85 -16.51
CA THR D 929 2.83 10.01 -15.21
C THR D 929 4.22 10.61 -15.32
N GLN D 930 4.96 10.25 -16.37
CA GLN D 930 6.24 10.89 -16.64
C GLN D 930 6.07 12.24 -17.33
N LEU D 931 4.93 12.48 -17.97
CA LEU D 931 4.70 13.69 -18.73
C LEU D 931 4.81 14.92 -17.83
N THR D 932 5.86 15.71 -18.04
CA THR D 932 6.05 16.94 -17.28
C THR D 932 5.75 18.16 -18.14
N THR D 1125 3.26 24.41 -24.77
CA THR D 1125 3.41 23.85 -23.43
C THR D 1125 2.86 22.42 -23.38
N GLY D 1126 3.57 21.54 -22.68
CA GLY D 1126 3.18 20.15 -22.57
C GLY D 1126 2.24 19.90 -21.42
N GLY D 1127 2.12 18.62 -21.06
CA GLY D 1127 1.28 18.23 -19.95
C GLY D 1127 -0.15 17.99 -20.35
N LEU D 1128 -0.98 17.76 -19.32
CA LEU D 1128 -2.41 17.62 -19.52
C LEU D 1128 -3.04 18.72 -20.35
N PRO D 1129 -2.75 20.02 -20.09
CA PRO D 1129 -3.47 21.08 -20.81
C PRO D 1129 -3.47 20.90 -22.32
N ARG D 1130 -2.29 20.75 -22.91
CA ARG D 1130 -2.22 20.68 -24.37
C ARG D 1130 -2.90 19.42 -24.88
N VAL D 1131 -2.74 18.30 -24.17
CA VAL D 1131 -3.34 17.04 -24.60
C VAL D 1131 -4.85 17.16 -24.67
N THR D 1132 -5.46 17.64 -23.58
CA THR D 1132 -6.91 17.75 -23.58
C THR D 1132 -7.38 18.86 -24.51
N GLU D 1133 -6.57 19.91 -24.67
CA GLU D 1133 -6.88 20.95 -25.65
C GLU D 1133 -7.03 20.36 -27.04
N LEU D 1134 -6.11 19.47 -27.41
CA LEU D 1134 -6.16 18.92 -28.76
C LEU D 1134 -7.27 17.89 -28.91
N PHE D 1135 -7.46 17.01 -27.90
CA PHE D 1135 -8.58 16.06 -28.02
C PHE D 1135 -9.92 16.76 -28.08
N GLU D 1136 -10.15 17.76 -27.23
CA GLU D 1136 -11.50 18.21 -26.98
C GLU D 1136 -11.88 19.42 -27.85
N ALA D 1137 -11.20 19.60 -28.98
CA ALA D 1137 -11.62 20.55 -30.02
C ALA D 1137 -11.82 21.96 -29.46
N ARG D 1138 -10.94 22.36 -28.56
CA ARG D 1138 -11.04 23.69 -27.96
C ARG D 1138 -10.22 24.70 -28.75
N ASN D 1139 -10.67 25.96 -28.68
CA ASN D 1139 -9.94 27.03 -29.33
C ASN D 1139 -8.59 27.24 -28.65
N PRO D 1140 -7.52 27.48 -29.42
CA PRO D 1140 -6.21 27.71 -28.80
C PRO D 1140 -6.13 29.00 -28.00
N SER D 1141 -7.12 29.88 -28.11
CA SER D 1141 -7.17 31.17 -27.40
C SER D 1141 -6.00 32.06 -27.81
N ASN D 1142 -5.18 31.59 -28.74
CA ASN D 1142 -4.06 32.35 -29.28
C ASN D 1142 -4.20 32.20 -30.79
N PRO D 1143 -4.99 33.08 -31.42
CA PRO D 1143 -5.65 32.70 -32.68
C PRO D 1143 -4.71 32.49 -33.86
N ALA D 1144 -4.39 31.23 -34.13
CA ALA D 1144 -3.68 30.86 -35.34
C ALA D 1144 -4.68 30.44 -36.41
N ILE D 1145 -4.45 30.91 -37.63
CA ILE D 1145 -5.29 30.59 -38.77
C ILE D 1145 -4.39 30.12 -39.91
N VAL D 1146 -5.01 29.75 -41.01
CA VAL D 1146 -4.26 29.30 -42.18
C VAL D 1146 -4.36 30.36 -43.26
N SER D 1147 -3.58 30.19 -44.33
CA SER D 1147 -3.68 31.10 -45.46
C SER D 1147 -4.89 30.82 -46.32
N GLU D 1148 -5.34 29.56 -46.34
CA GLU D 1148 -6.57 29.07 -46.98
C GLU D 1148 -6.57 29.35 -48.48
N ILE D 1149 -5.51 29.96 -49.00
CA ILE D 1149 -5.33 30.09 -50.44
C ILE D 1149 -3.83 30.15 -50.69
N ASP D 1150 -3.42 30.27 -51.95
CA ASP D 1150 -2.02 30.23 -52.32
C ASP D 1150 -1.65 31.47 -53.11
N GLY D 1151 -0.36 31.74 -53.17
CA GLY D 1151 0.15 32.89 -53.90
C GLY D 1151 1.54 33.22 -53.42
N GLU D 1152 2.10 34.27 -54.02
CA GLU D 1152 3.46 34.70 -53.72
C GLU D 1152 3.42 35.95 -52.84
N ILE D 1153 4.17 35.92 -51.73
CA ILE D 1153 3.95 36.88 -50.66
C ILE D 1153 4.46 38.26 -51.07
N GLY D 1154 3.58 39.25 -51.04
CA GLY D 1154 3.94 40.64 -51.24
C GLY D 1154 3.45 41.51 -50.10
N PHE D 1155 4.37 42.18 -49.42
CA PHE D 1155 4.02 42.93 -48.22
C PHE D 1155 3.17 44.15 -48.54
N GLY D 1156 2.05 44.28 -47.84
CA GLY D 1156 1.17 45.42 -47.97
C GLY D 1156 1.43 46.50 -46.93
N LYS D 1157 0.37 46.94 -46.26
CA LYS D 1157 0.46 47.97 -45.23
C LYS D 1157 0.58 47.33 -43.86
N LEU D 1158 1.32 47.99 -42.97
CA LEU D 1158 1.72 47.45 -41.68
C LEU D 1158 1.28 48.37 -40.54
N LYS D 1159 1.57 47.93 -39.31
CA LYS D 1159 1.60 48.77 -38.12
C LYS D 1159 0.23 49.25 -37.65
N ARG D 1160 -0.83 48.47 -37.89
CA ARG D 1160 -2.15 48.81 -37.38
C ARG D 1160 -2.42 48.27 -35.99
N GLY D 1161 -1.44 47.61 -35.37
CA GLY D 1161 -1.71 46.72 -34.26
C GLY D 1161 -2.22 45.36 -34.70
N ASN D 1162 -2.47 45.21 -35.99
CA ASN D 1162 -2.74 43.94 -36.64
C ASN D 1162 -2.40 44.12 -38.12
N ARG D 1163 -2.37 43.02 -38.86
CA ARG D 1163 -1.86 43.05 -40.22
C ARG D 1163 -2.94 42.58 -41.18
N GLU D 1164 -3.49 43.52 -41.96
CA GLU D 1164 -4.39 43.18 -43.05
C GLU D 1164 -3.52 42.88 -44.26
N ILE D 1165 -3.28 41.60 -44.54
CA ILE D 1165 -2.43 41.20 -45.64
C ILE D 1165 -3.07 40.04 -46.40
N THR D 1166 -3.22 40.20 -47.71
CA THR D 1166 -3.43 39.09 -48.62
C THR D 1166 -2.11 38.83 -49.35
N VAL D 1167 -1.71 37.57 -49.42
CA VAL D 1167 -0.43 37.19 -50.00
C VAL D 1167 -0.36 37.64 -51.45
N THR D 1168 -1.16 36.99 -52.29
CA THR D 1168 -1.45 37.25 -53.70
C THR D 1168 -2.45 36.17 -54.11
N SER D 1169 -2.99 36.31 -55.32
CA SER D 1169 -3.87 35.29 -55.86
C SER D 1169 -3.82 35.37 -57.38
N LYS D 1170 -3.23 34.36 -58.01
CA LYS D 1170 -3.42 34.19 -59.44
C LYS D 1170 -4.88 33.87 -59.75
N LEU D 1171 -5.64 33.39 -58.75
CA LEU D 1171 -7.07 33.19 -58.92
C LEU D 1171 -7.79 34.51 -59.16
N GLY D 1172 -7.44 35.54 -58.40
CA GLY D 1172 -8.02 36.86 -58.62
C GLY D 1172 -8.61 37.51 -57.39
N GLU D 1173 -8.34 36.96 -56.21
CA GLU D 1173 -8.91 37.46 -54.97
C GLU D 1173 -7.87 38.23 -54.17
N GLU D 1174 -8.36 39.11 -53.30
CA GLU D 1174 -7.54 39.80 -52.31
C GLU D 1174 -8.24 39.83 -50.96
N LYS D 1175 -8.90 38.72 -50.61
CA LYS D 1175 -9.53 38.63 -49.29
C LYS D 1175 -8.49 38.81 -48.20
N LYS D 1176 -8.84 39.60 -47.18
CA LYS D 1176 -7.89 40.14 -46.24
C LYS D 1176 -8.01 39.38 -44.92
N TYR D 1177 -6.89 38.89 -44.41
CA TYR D 1177 -6.88 38.13 -43.17
C TYR D 1177 -6.63 39.04 -41.99
N LEU D 1178 -6.87 38.51 -40.79
CA LEU D 1178 -6.97 39.32 -39.58
C LEU D 1178 -6.16 38.71 -38.44
N ILE D 1179 -4.92 38.32 -38.74
CA ILE D 1179 -3.99 37.89 -37.70
C ILE D 1179 -3.49 39.13 -36.97
N PRO D 1180 -3.66 39.22 -35.66
CA PRO D 1180 -3.17 40.40 -34.93
C PRO D 1180 -1.66 40.46 -34.90
N LEU D 1181 -1.14 41.70 -34.74
CA LEU D 1181 0.30 41.93 -34.84
C LEU D 1181 1.08 41.19 -33.76
N SER D 1182 0.47 40.97 -32.59
CA SER D 1182 1.14 40.27 -31.50
C SER D 1182 1.20 38.78 -31.70
N LYS D 1183 0.92 38.30 -32.91
CA LYS D 1183 0.99 36.90 -33.28
C LYS D 1183 2.17 36.70 -34.20
N GLN D 1184 3.09 35.82 -33.82
CA GLN D 1184 4.26 35.56 -34.65
C GLN D 1184 3.81 35.04 -36.01
N LEU D 1185 4.42 35.59 -37.06
CA LEU D 1185 4.04 35.29 -38.44
C LEU D 1185 5.19 34.60 -39.14
N LEU D 1186 4.88 33.50 -39.83
CA LEU D 1186 5.85 32.75 -40.61
C LEU D 1186 5.95 33.24 -42.05
N VAL D 1187 5.36 34.39 -42.35
CA VAL D 1187 5.26 34.90 -43.71
C VAL D 1187 6.43 35.83 -44.00
N GLN D 1188 7.11 35.58 -45.11
CA GLN D 1188 8.18 36.44 -45.59
C GLN D 1188 7.90 36.80 -47.04
N GLU D 1189 8.34 37.99 -47.44
CA GLU D 1189 8.01 38.50 -48.77
C GLU D 1189 8.63 37.63 -49.85
N ASN D 1190 7.92 37.52 -50.98
CA ASN D 1190 8.29 36.80 -52.19
C ASN D 1190 8.11 35.28 -52.03
N ASP D 1191 7.77 34.81 -50.84
CA ASP D 1191 7.54 33.38 -50.64
C ASP D 1191 6.19 32.98 -51.25
N PHE D 1192 6.07 31.70 -51.58
CA PHE D 1192 4.86 31.15 -52.20
C PHE D 1192 4.13 30.32 -51.16
N VAL D 1193 3.02 30.85 -50.65
CA VAL D 1193 2.22 30.14 -49.66
C VAL D 1193 1.27 29.23 -50.43
N ARG D 1194 0.65 28.28 -49.73
CA ARG D 1194 -0.32 27.37 -50.30
C ARG D 1194 -1.62 27.44 -49.51
N ALA D 1195 -2.67 26.87 -50.09
CA ALA D 1195 -3.97 26.85 -49.43
C ALA D 1195 -3.91 26.00 -48.18
N GLY D 1196 -4.59 26.45 -47.12
CA GLY D 1196 -4.55 25.75 -45.86
C GLY D 1196 -3.26 25.88 -45.10
N THR D 1197 -2.29 26.61 -45.63
CA THR D 1197 -1.01 26.77 -44.94
C THR D 1197 -1.16 27.72 -43.76
N PRO D 1198 -0.79 27.31 -42.55
CA PRO D 1198 -0.78 28.24 -41.42
C PRO D 1198 0.14 29.43 -41.69
N LEU D 1199 -0.26 30.60 -41.19
CA LEU D 1199 0.54 31.80 -41.31
C LEU D 1199 0.99 32.37 -39.97
N SER D 1200 0.34 32.01 -38.87
CA SER D 1200 0.61 32.63 -37.58
C SER D 1200 0.95 31.56 -36.56
N ASP D 1201 1.64 31.99 -35.50
CA ASP D 1201 2.01 31.08 -34.43
C ASP D 1201 0.76 30.62 -33.67
N GLY D 1202 0.92 29.58 -32.88
CA GLY D 1202 -0.16 29.00 -32.12
C GLY D 1202 -0.80 27.85 -32.85
N ALA D 1203 -1.72 27.19 -32.16
CA ALA D 1203 -2.38 26.03 -32.72
C ALA D 1203 -3.42 26.45 -33.76
N ILE D 1204 -3.43 25.74 -34.88
CA ILE D 1204 -4.45 25.97 -35.89
C ILE D 1204 -5.78 25.40 -35.40
N THR D 1205 -6.82 26.19 -35.49
CA THR D 1205 -8.14 25.70 -35.13
C THR D 1205 -8.52 24.51 -36.02
N PRO D 1206 -9.23 23.53 -35.49
CA PRO D 1206 -9.64 22.40 -36.33
C PRO D 1206 -10.48 22.82 -37.52
N ALA D 1207 -11.17 23.96 -37.44
CA ALA D 1207 -12.08 24.35 -38.51
C ALA D 1207 -11.34 24.62 -39.82
N ASP D 1208 -10.19 25.31 -39.75
CA ASP D 1208 -9.47 25.71 -40.96
C ASP D 1208 -9.08 24.50 -41.80
N ILE D 1209 -8.18 23.69 -41.22
CA ILE D 1209 -7.71 22.49 -41.89
C ILE D 1209 -8.88 21.57 -42.17
N LEU D 1210 -9.84 21.50 -41.25
CA LEU D 1210 -11.05 20.73 -41.45
C LEU D 1210 -11.64 21.03 -42.82
N ALA D 1211 -12.13 22.26 -42.96
CA ALA D 1211 -12.91 22.64 -44.12
C ALA D 1211 -12.09 22.62 -45.39
N ILE D 1212 -10.80 22.97 -45.32
CA ILE D 1212 -10.05 23.17 -46.54
C ILE D 1212 -9.11 21.99 -46.83
N LYS D 1213 -9.10 20.97 -45.99
CA LYS D 1213 -8.14 19.89 -46.17
C LYS D 1213 -8.68 18.49 -45.92
N GLY D 1214 -9.82 18.30 -45.25
CA GLY D 1214 -10.33 16.97 -45.05
C GLY D 1214 -9.96 16.33 -43.72
N PRO D 1215 -10.79 15.35 -43.34
CA PRO D 1215 -10.57 14.67 -42.04
C PRO D 1215 -9.21 14.01 -41.95
N THR D 1216 -8.74 13.45 -43.05
CA THR D 1216 -7.42 12.84 -43.06
C THR D 1216 -6.36 13.87 -42.71
N ALA D 1217 -6.48 15.07 -43.27
CA ALA D 1217 -5.49 16.10 -42.98
C ALA D 1217 -5.53 16.52 -41.51
N VAL D 1218 -6.74 16.73 -40.97
CA VAL D 1218 -6.79 17.19 -39.58
C VAL D 1218 -6.25 16.10 -38.65
N GLN D 1219 -6.59 14.84 -38.92
CA GLN D 1219 -6.15 13.77 -38.07
C GLN D 1219 -4.63 13.62 -38.11
N GLU D 1220 -4.05 13.67 -39.31
CA GLU D 1220 -2.60 13.54 -39.37
C GLU D 1220 -1.94 14.70 -38.64
N TYR D 1221 -2.52 15.90 -38.73
CA TYR D 1221 -1.93 17.03 -38.03
C TYR D 1221 -1.88 16.79 -36.53
N ILE D 1222 -3.00 16.37 -35.95
CA ILE D 1222 -2.99 16.23 -34.49
C ILE D 1222 -2.18 15.01 -34.07
N VAL D 1223 -2.15 13.95 -34.89
CA VAL D 1223 -1.29 12.81 -34.60
C VAL D 1223 0.16 13.23 -34.53
N ASN D 1224 0.60 14.00 -35.53
CA ASN D 1224 1.95 14.52 -35.52
C ASN D 1224 2.21 15.33 -34.28
N GLU D 1225 1.24 16.16 -33.88
CA GLU D 1225 1.48 17.05 -32.73
C GLU D 1225 1.70 16.26 -31.44
N VAL D 1226 0.82 15.29 -31.16
CA VAL D 1226 0.98 14.55 -29.91
C VAL D 1226 2.24 13.69 -29.96
N GLN D 1227 2.57 13.17 -31.14
CA GLN D 1227 3.80 12.40 -31.25
C GLN D 1227 4.99 13.29 -30.95
N ASP D 1228 4.96 14.53 -31.43
CA ASP D 1228 6.02 15.48 -31.13
C ASP D 1228 6.18 15.66 -29.64
N VAL D 1229 5.07 15.92 -28.93
CA VAL D 1229 5.22 16.21 -27.51
C VAL D 1229 5.68 14.98 -26.74
N TYR D 1230 5.09 13.83 -27.02
CA TYR D 1230 5.49 12.61 -26.32
C TYR D 1230 6.93 12.24 -26.61
N ARG D 1231 7.42 12.57 -27.81
CA ARG D 1231 8.83 12.39 -28.11
C ARG D 1231 9.68 13.36 -27.29
N LEU D 1232 9.27 14.62 -27.23
CA LEU D 1232 10.02 15.60 -26.47
C LEU D 1232 10.10 15.24 -25.00
N GLN D 1233 9.16 14.43 -24.50
CA GLN D 1233 9.25 13.93 -23.13
C GLN D 1233 9.93 12.56 -23.05
N GLY D 1234 10.70 12.20 -24.06
CA GLY D 1234 11.54 11.01 -23.99
C GLY D 1234 10.80 9.73 -23.70
N VAL D 1235 9.61 9.56 -24.28
CA VAL D 1235 8.87 8.31 -24.21
C VAL D 1235 8.43 7.95 -25.61
N LYS D 1236 8.64 6.70 -26.00
CA LYS D 1236 8.37 6.25 -27.35
C LYS D 1236 7.03 5.55 -27.42
N ILE D 1237 6.21 5.94 -28.39
CA ILE D 1237 4.94 5.29 -28.67
C ILE D 1237 4.74 5.29 -30.19
N ASN D 1238 4.47 4.12 -30.75
CA ASN D 1238 4.13 4.03 -32.15
C ASN D 1238 2.75 4.62 -32.39
N ASP D 1239 2.60 5.33 -33.51
CA ASP D 1239 1.43 6.17 -33.68
C ASP D 1239 0.12 5.39 -33.75
N LYS D 1240 0.14 4.10 -34.05
CA LYS D 1240 -1.11 3.38 -34.35
C LYS D 1240 -2.14 3.57 -33.25
N HIS D 1241 -1.76 3.29 -32.01
CA HIS D 1241 -2.66 3.48 -30.88
C HIS D 1241 -3.36 4.82 -31.00
N PHE D 1242 -2.56 5.88 -31.05
CA PHE D 1242 -3.10 7.22 -31.07
C PHE D 1242 -4.03 7.40 -32.26
N GLU D 1243 -3.61 6.89 -33.42
CA GLU D 1243 -4.39 7.06 -34.63
C GLU D 1243 -5.78 6.46 -34.49
N VAL D 1244 -5.95 5.45 -33.66
CA VAL D 1244 -7.28 4.91 -33.44
C VAL D 1244 -8.19 5.99 -32.88
N ILE D 1245 -7.71 6.66 -31.83
CA ILE D 1245 -8.55 7.60 -31.09
C ILE D 1245 -9.06 8.69 -32.01
N VAL D 1246 -8.17 9.29 -32.79
CA VAL D 1246 -8.58 10.40 -33.65
C VAL D 1246 -9.69 9.99 -34.58
N ARG D 1247 -9.73 8.72 -35.00
CA ARG D 1247 -10.78 8.30 -35.91
C ARG D 1247 -12.15 8.58 -35.31
N GLN D 1248 -12.32 8.27 -34.03
CA GLN D 1248 -13.63 8.45 -33.42
C GLN D 1248 -14.07 9.91 -33.44
N MET D 1249 -13.14 10.85 -33.51
CA MET D 1249 -13.54 12.26 -33.52
C MET D 1249 -13.73 12.85 -34.91
N MET D 1250 -13.43 12.12 -35.99
CA MET D 1250 -13.78 12.67 -37.30
C MET D 1250 -15.15 12.21 -37.73
N ARG D 1251 -15.85 11.45 -36.90
CA ARG D 1251 -17.00 10.72 -37.36
C ARG D 1251 -18.23 11.59 -37.55
N LYS D 1252 -18.15 12.88 -37.26
CA LYS D 1252 -19.34 13.72 -37.11
C LYS D 1252 -19.45 14.73 -38.24
N VAL D 1253 -20.68 14.98 -38.67
CA VAL D 1253 -20.96 15.91 -39.75
C VAL D 1253 -21.83 17.03 -39.19
N GLU D 1254 -22.03 18.06 -40.00
CA GLU D 1254 -23.09 19.03 -39.79
C GLU D 1254 -23.88 19.10 -41.08
N ILE D 1255 -25.19 18.93 -40.99
CA ILE D 1255 -26.06 18.90 -42.16
C ILE D 1255 -26.65 20.29 -42.36
N VAL D 1256 -26.43 20.86 -43.56
CA VAL D 1256 -26.79 22.23 -43.87
C VAL D 1256 -28.12 22.28 -44.62
N ASP D 1257 -28.42 21.26 -45.42
CA ASP D 1257 -29.67 21.20 -46.18
C ASP D 1257 -30.36 19.86 -45.96
N PRO D 1258 -30.93 19.64 -44.77
CA PRO D 1258 -31.84 18.51 -44.51
C PRO D 1258 -33.30 18.82 -44.79
N GLY D 1259 -33.69 18.73 -46.05
CA GLY D 1259 -35.03 19.12 -46.45
C GLY D 1259 -36.13 18.36 -45.71
N ASP D 1260 -35.84 17.13 -45.29
CA ASP D 1260 -36.87 16.27 -44.71
C ASP D 1260 -36.55 15.86 -43.27
N THR D 1261 -35.83 16.69 -42.54
CA THR D 1261 -35.72 16.55 -41.10
C THR D 1261 -35.36 17.92 -40.53
N LEU D 1262 -34.95 17.95 -39.27
CA LEU D 1262 -34.92 19.19 -38.49
C LEU D 1262 -34.02 20.28 -39.04
N PHE D 1263 -33.26 19.97 -40.09
CA PHE D 1263 -32.40 20.95 -40.75
C PHE D 1263 -31.29 21.36 -39.78
N LEU D 1264 -31.37 20.85 -38.55
CA LEU D 1264 -30.41 21.15 -37.49
C LEU D 1264 -29.92 19.88 -36.80
N GLU D 1265 -30.24 18.71 -37.32
CA GLU D 1265 -29.75 17.46 -36.75
C GLU D 1265 -28.27 17.28 -37.07
N GLN D 1266 -27.43 18.15 -36.52
CA GLN D 1266 -26.02 18.20 -36.91
C GLN D 1266 -25.33 16.93 -36.42
N GLN D 1267 -25.67 15.81 -37.06
CA GLN D 1267 -25.46 14.48 -36.51
C GLN D 1267 -24.10 13.94 -36.94
N VAL D 1268 -23.78 12.74 -36.48
CA VAL D 1268 -22.47 12.14 -36.70
C VAL D 1268 -22.42 11.62 -38.15
N VAL D 1269 -21.36 11.99 -38.88
CA VAL D 1269 -21.25 11.50 -40.26
C VAL D 1269 -20.85 10.03 -40.26
N ASP D 1270 -20.47 9.47 -39.11
CA ASP D 1270 -20.41 8.03 -38.98
C ASP D 1270 -21.77 7.41 -39.27
N LYS D 1271 -22.84 8.04 -38.77
CA LYS D 1271 -24.18 7.68 -39.18
C LYS D 1271 -24.43 8.39 -40.50
N PHE D 1272 -23.51 8.19 -41.44
CA PHE D 1272 -23.58 8.84 -42.75
C PHE D 1272 -24.42 8.04 -43.72
N GLU D 1273 -24.66 6.77 -43.42
CA GLU D 1273 -25.46 5.93 -44.30
C GLU D 1273 -26.88 6.47 -44.43
N VAL D 1274 -27.46 6.94 -43.33
CA VAL D 1274 -28.88 7.23 -43.25
C VAL D 1274 -29.16 8.55 -43.94
N MET D 1275 -28.13 9.17 -44.50
CA MET D 1275 -28.26 10.54 -44.97
C MET D 1275 -29.05 10.62 -46.27
N GLU D 1276 -28.83 9.68 -47.19
CA GLU D 1276 -29.67 9.56 -48.39
C GLU D 1276 -30.38 8.23 -48.51
N GLU D 1277 -29.91 7.18 -47.86
CA GLU D 1277 -30.55 5.87 -48.03
C GLU D 1277 -31.99 5.91 -47.57
N ASN D 1278 -32.27 6.67 -46.51
CA ASN D 1278 -33.60 6.73 -45.94
C ASN D 1278 -34.42 7.86 -46.51
N ASP D 1279 -33.81 9.04 -46.73
CA ASP D 1279 -34.39 10.16 -47.46
C ASP D 1279 -35.89 10.20 -47.25
N ARG D 1280 -36.30 10.01 -46.00
CA ARG D 1280 -37.65 10.18 -45.47
C ARG D 1280 -38.65 9.33 -46.24
N ILE D 1281 -38.23 8.91 -47.44
CA ILE D 1281 -39.03 8.16 -48.41
C ILE D 1281 -38.11 7.12 -49.02
N TRP D 1282 -36.84 7.13 -48.59
CA TRP D 1282 -35.85 6.17 -49.07
C TRP D 1282 -35.56 6.34 -50.55
N GLY D 1283 -35.02 7.50 -50.91
CA GLY D 1283 -34.66 7.74 -52.29
C GLY D 1283 -35.81 8.14 -53.19
N LYS D 1284 -36.84 8.77 -52.63
CA LYS D 1284 -37.96 9.34 -53.39
C LYS D 1284 -38.61 8.30 -54.31
N LYS D 1285 -38.51 7.03 -53.93
CA LYS D 1285 -39.03 5.95 -54.76
C LYS D 1285 -40.51 6.13 -55.06
N VAL D 1286 -41.29 6.49 -54.04
CA VAL D 1286 -42.68 6.91 -54.23
C VAL D 1286 -42.83 8.29 -53.60
N VAL D 1287 -42.72 9.32 -54.43
CA VAL D 1287 -42.87 10.71 -54.02
C VAL D 1287 -44.02 11.23 -54.86
N ILE D 1288 -44.76 10.30 -55.45
CA ILE D 1288 -45.68 10.57 -56.54
C ILE D 1288 -47.07 10.09 -56.15
N ASP D 1289 -48.08 10.90 -56.48
CA ASP D 1289 -49.47 10.49 -56.33
C ASP D 1289 -50.15 10.16 -57.65
N ALA D 1290 -49.61 10.65 -58.77
CA ALA D 1290 -50.33 10.58 -60.04
C ALA D 1290 -50.62 9.14 -60.45
N GLY D 1291 -49.60 8.29 -60.49
CA GLY D 1291 -49.83 6.90 -60.78
C GLY D 1291 -50.53 6.21 -59.63
N ASP D 1292 -49.79 5.99 -58.54
CA ASP D 1292 -50.22 5.39 -57.28
C ASP D 1292 -49.16 5.62 -56.21
N SER D 1293 -49.60 5.83 -54.98
CA SER D 1293 -48.75 5.79 -53.79
C SER D 1293 -49.26 4.79 -52.77
N GLN D 1294 -50.58 4.72 -52.59
CA GLN D 1294 -51.28 3.70 -51.80
C GLN D 1294 -51.08 3.92 -50.31
N VAL D 1295 -50.26 4.91 -49.96
CA VAL D 1295 -50.01 5.22 -48.55
C VAL D 1295 -50.79 6.47 -48.17
N LEU D 1296 -50.86 7.44 -49.10
CA LEU D 1296 -51.60 8.68 -48.89
C LEU D 1296 -53.05 8.58 -49.35
N LYS D 1297 -53.60 7.37 -49.38
CA LYS D 1297 -54.98 7.16 -49.82
C LYS D 1297 -56.01 7.73 -48.85
N ALA D 1298 -55.62 8.51 -47.85
CA ALA D 1298 -56.56 9.16 -46.95
C ALA D 1298 -57.29 10.32 -47.63
N GLY D 1299 -56.92 10.66 -48.86
CA GLY D 1299 -57.67 11.59 -49.68
C GLY D 1299 -58.64 10.83 -50.56
N GLN D 1300 -59.69 11.53 -50.99
CA GLN D 1300 -60.77 10.91 -51.75
C GLN D 1300 -60.25 10.52 -53.13
N ILE D 1301 -59.57 9.38 -53.18
CA ILE D 1301 -58.87 8.93 -54.37
C ILE D 1301 -59.66 7.77 -54.99
N VAL D 1302 -60.13 7.99 -56.22
CA VAL D 1302 -60.79 6.98 -57.02
C VAL D 1302 -60.62 7.40 -58.47
N THR D 1303 -60.58 6.43 -59.39
CA THR D 1303 -60.23 6.72 -60.77
C THR D 1303 -61.05 7.87 -61.33
N ALA D 1304 -62.35 7.66 -61.52
CA ALA D 1304 -63.40 8.69 -61.51
C ALA D 1304 -62.93 10.04 -62.03
N ARG D 1305 -62.21 10.06 -63.14
CA ARG D 1305 -61.58 11.28 -63.66
C ARG D 1305 -60.75 12.00 -62.58
N LYS D 1306 -60.32 11.28 -61.55
CA LYS D 1306 -59.59 11.90 -60.45
C LYS D 1306 -58.32 11.15 -60.06
N LEU D 1307 -58.14 9.92 -60.53
CA LEU D 1307 -56.83 9.28 -60.49
C LEU D 1307 -56.08 9.44 -61.81
N ARG D 1308 -56.73 10.00 -62.82
CA ARG D 1308 -56.18 10.09 -64.16
C ARG D 1308 -56.30 11.46 -64.81
N ASP D 1309 -57.24 12.30 -64.41
CA ASP D 1309 -57.37 13.65 -64.96
C ASP D 1309 -57.28 14.74 -63.90
N GLU D 1310 -58.01 14.59 -62.80
CA GLU D 1310 -57.81 15.43 -61.62
C GLU D 1310 -56.73 14.77 -60.77
N ASN D 1311 -55.50 14.95 -61.23
CA ASN D 1311 -54.49 13.89 -61.27
C ASN D 1311 -54.55 12.94 -60.08
N SER D 1312 -54.30 13.41 -58.87
CA SER D 1312 -54.66 12.61 -57.70
C SER D 1312 -55.23 13.41 -56.54
N MET D 1313 -54.92 14.69 -56.41
CA MET D 1313 -55.20 15.44 -55.18
C MET D 1313 -55.04 16.92 -55.46
N LEU D 1314 -55.21 17.74 -54.41
CA LEU D 1314 -55.43 19.16 -54.59
C LEU D 1314 -54.27 19.82 -55.33
N LYS D 1315 -53.05 19.63 -54.85
CA LYS D 1315 -51.87 20.01 -55.61
C LYS D 1315 -51.64 18.95 -56.67
N ARG D 1316 -51.69 19.36 -57.94
CA ARG D 1316 -51.88 18.41 -59.04
C ARG D 1316 -50.90 17.24 -58.97
N LYS D 1317 -49.63 17.51 -58.72
CA LYS D 1317 -48.75 16.47 -58.20
C LYS D 1317 -48.29 16.83 -56.80
N ASP D 1318 -47.56 17.94 -56.64
CA ASP D 1318 -47.49 18.67 -55.39
C ASP D 1318 -47.44 20.17 -55.66
N LEU D 1319 -47.65 20.56 -56.93
CA LEU D 1319 -47.88 21.92 -57.40
C LEU D 1319 -46.62 22.79 -57.37
N LYS D 1320 -45.55 22.37 -56.72
CA LYS D 1320 -44.29 23.08 -56.91
C LYS D 1320 -43.10 22.16 -57.18
N ILE D 1321 -42.94 21.13 -56.35
CA ILE D 1321 -41.82 20.20 -56.38
C ILE D 1321 -42.34 18.90 -55.78
N VAL D 1322 -41.58 17.82 -55.89
CA VAL D 1322 -42.07 16.50 -55.52
C VAL D 1322 -42.21 16.38 -54.02
N LYS D 1323 -43.41 16.68 -53.51
CA LYS D 1323 -43.84 16.41 -52.14
C LYS D 1323 -43.03 17.16 -51.09
N VAL D 1324 -42.02 17.93 -51.51
CA VAL D 1324 -41.08 18.51 -50.55
C VAL D 1324 -40.90 20.01 -50.72
N ARG D 1325 -41.23 20.58 -51.89
CA ARG D 1325 -40.97 21.98 -52.25
C ARG D 1325 -39.48 22.16 -52.49
N ASP D 1326 -38.70 21.10 -52.26
CA ASP D 1326 -37.29 21.02 -52.60
C ASP D 1326 -36.97 19.62 -53.07
N ALA D 1327 -35.88 19.48 -53.83
CA ALA D 1327 -35.45 18.17 -54.30
C ALA D 1327 -35.12 17.22 -53.16
N LYS D 1328 -34.90 17.75 -51.96
CA LYS D 1328 -34.38 16.99 -50.81
C LYS D 1328 -33.01 16.40 -51.11
N SER D 1329 -32.04 17.30 -51.23
CA SER D 1329 -30.68 16.91 -50.91
C SER D 1329 -30.54 16.75 -49.39
N ALA D 1330 -29.46 16.12 -48.98
CA ALA D 1330 -29.15 16.02 -47.57
C ALA D 1330 -27.75 16.58 -47.35
N THR D 1331 -27.53 17.79 -47.88
CA THR D 1331 -26.20 18.37 -47.94
C THR D 1331 -25.59 18.50 -46.54
N ALA D 1332 -24.29 18.21 -46.44
CA ALA D 1332 -23.62 18.21 -45.15
C ALA D 1332 -22.12 18.38 -45.36
N SER D 1333 -21.44 18.78 -44.28
CA SER D 1333 -19.99 18.94 -44.27
C SER D 1333 -19.44 18.41 -42.96
N GLN D 1334 -18.42 17.56 -43.03
CA GLN D 1334 -17.89 16.95 -41.82
C GLN D 1334 -17.28 18.01 -40.91
N ILE D 1335 -17.55 17.90 -39.61
CA ILE D 1335 -17.09 18.87 -38.63
C ILE D 1335 -16.52 18.10 -37.45
N LEU D 1336 -15.36 18.53 -36.96
CA LEU D 1336 -14.70 17.87 -35.86
C LEU D 1336 -15.31 18.32 -34.54
N GLN D 1337 -15.05 17.54 -33.50
CA GLN D 1337 -15.64 17.80 -32.20
C GLN D 1337 -14.67 17.34 -31.11
N GLY D 1338 -15.06 17.62 -29.87
CA GLY D 1338 -14.25 17.18 -28.74
C GLY D 1338 -14.61 15.78 -28.27
N ILE D 1339 -13.65 15.14 -27.62
CA ILE D 1339 -13.83 13.74 -27.20
C ILE D 1339 -14.99 13.64 -26.21
N THR D 1340 -15.09 14.57 -25.26
CA THR D 1340 -16.16 14.49 -24.28
C THR D 1340 -17.52 14.53 -24.96
N ARG D 1341 -17.74 15.55 -25.79
CA ARG D 1341 -19.04 15.65 -26.46
C ARG D 1341 -19.21 14.50 -27.43
N ALA D 1342 -18.13 14.12 -28.13
CA ALA D 1342 -18.21 12.98 -29.04
C ALA D 1342 -18.72 11.75 -28.33
N ALA D 1343 -18.27 11.53 -27.10
CA ALA D 1343 -18.85 10.48 -26.28
C ALA D 1343 -20.30 10.79 -25.99
N LEU D 1344 -20.61 12.05 -25.71
CA LEU D 1344 -21.96 12.40 -25.31
C LEU D 1344 -22.97 12.07 -26.40
N GLN D 1345 -22.60 12.28 -27.66
CA GLN D 1345 -23.52 12.07 -28.76
C GLN D 1345 -23.64 10.61 -29.14
N THR D 1346 -23.23 9.69 -28.27
CA THR D 1346 -23.37 8.27 -28.54
C THR D 1346 -24.85 7.89 -28.54
N LYS D 1347 -25.22 6.98 -29.44
CA LYS D 1347 -26.62 6.60 -29.64
C LYS D 1347 -26.90 5.26 -28.98
N SER D 1348 -27.35 5.31 -27.74
CA SER D 1348 -27.86 4.15 -27.02
C SER D 1348 -28.43 4.65 -25.70
N PHE D 1349 -29.45 3.95 -25.21
CA PHE D 1349 -30.21 4.53 -24.11
C PHE D 1349 -29.62 4.16 -22.75
N MET D 1350 -29.21 2.92 -22.54
CA MET D 1350 -28.36 2.60 -21.40
C MET D 1350 -27.02 3.31 -21.46
N SER D 1351 -26.42 3.40 -22.65
CA SER D 1351 -25.11 4.02 -22.77
C SER D 1351 -25.14 5.46 -22.29
N ALA D 1352 -26.09 6.25 -22.79
CA ALA D 1352 -26.23 7.62 -22.33
C ALA D 1352 -26.76 7.67 -20.90
N ALA D 1353 -27.68 6.76 -20.56
CA ALA D 1353 -28.34 6.80 -19.26
C ALA D 1353 -27.35 6.64 -18.12
N SER D 1354 -26.36 5.77 -18.28
CA SER D 1354 -25.31 5.66 -17.30
C SER D 1354 -24.14 6.58 -17.62
N PHE D 1355 -24.32 7.52 -18.54
CA PHE D 1355 -23.31 8.53 -18.84
C PHE D 1355 -23.71 9.88 -18.27
N GLN D 1356 -24.85 10.42 -18.69
CA GLN D 1356 -25.27 11.77 -18.29
C GLN D 1356 -26.78 11.91 -18.51
N GLU D 1357 -27.41 12.73 -17.65
CA GLU D 1357 -28.79 13.20 -17.81
C GLU D 1357 -29.79 12.13 -18.23
N THR D 1358 -30.05 11.17 -17.33
CA THR D 1358 -30.99 10.09 -17.61
C THR D 1358 -32.35 10.62 -18.08
N THR D 1359 -32.75 11.77 -17.55
CA THR D 1359 -34.09 12.27 -17.80
C THR D 1359 -34.32 12.53 -19.28
N LYS D 1360 -33.42 13.27 -19.91
CA LYS D 1360 -33.58 13.61 -21.32
C LYS D 1360 -33.64 12.37 -22.19
N VAL D 1361 -32.73 11.42 -21.95
CA VAL D 1361 -32.65 10.26 -22.81
C VAL D 1361 -33.87 9.36 -22.62
N LEU D 1362 -34.30 9.16 -21.37
CA LEU D 1362 -35.50 8.36 -21.15
C LEU D 1362 -36.71 9.05 -21.74
N ASN D 1363 -36.74 10.38 -21.68
CA ASN D 1363 -37.80 11.13 -22.34
C ASN D 1363 -37.86 10.80 -23.82
N GLU D 1364 -36.79 11.10 -24.54
CA GLU D 1364 -36.76 10.85 -25.98
C GLU D 1364 -37.11 9.40 -26.29
N ALA D 1365 -36.61 8.47 -25.48
CA ALA D 1365 -36.80 7.05 -25.78
C ALA D 1365 -38.25 6.64 -25.58
N ALA D 1366 -38.79 6.83 -24.37
CA ALA D 1366 -40.17 6.44 -24.11
C ALA D 1366 -41.13 7.17 -25.05
N ILE D 1367 -40.76 8.37 -25.50
CA ILE D 1367 -41.52 9.01 -26.56
C ILE D 1367 -41.46 8.18 -27.82
N CYS D 1368 -40.26 7.79 -28.24
CA CYS D 1368 -40.09 7.08 -29.50
C CYS D 1368 -40.45 5.61 -29.39
N GLY D 1369 -40.59 5.07 -28.18
CA GLY D 1369 -40.89 3.65 -28.02
C GLY D 1369 -39.85 2.73 -28.60
N LYS D 1370 -38.58 3.13 -28.57
CA LYS D 1370 -37.53 2.42 -29.28
C LYS D 1370 -37.26 1.06 -28.63
N THR D 1371 -36.83 0.12 -29.47
CA THR D 1371 -36.29 -1.15 -29.02
C THR D 1371 -34.78 -1.09 -29.18
N ASP D 1372 -34.07 -1.75 -28.27
CA ASP D 1372 -32.62 -1.84 -28.35
C ASP D 1372 -32.21 -3.31 -28.25
N TYR D 1373 -31.41 -3.74 -29.22
CA TYR D 1373 -31.09 -5.15 -29.35
C TYR D 1373 -29.89 -5.58 -28.52
N LEU D 1374 -29.37 -4.69 -27.67
CA LEU D 1374 -28.29 -4.97 -26.72
C LEU D 1374 -26.95 -5.13 -27.44
N GLU D 1375 -26.87 -4.76 -28.71
CA GLU D 1375 -25.70 -5.06 -29.53
C GLU D 1375 -24.59 -4.03 -29.32
N GLY D 1376 -24.25 -3.75 -28.07
CA GLY D 1376 -23.21 -2.80 -27.76
C GLY D 1376 -22.28 -3.34 -26.69
N LEU D 1377 -21.14 -2.67 -26.54
CA LEU D 1377 -20.12 -3.17 -25.62
C LEU D 1377 -20.48 -2.80 -24.18
N LYS D 1378 -20.54 -1.49 -23.88
CA LYS D 1378 -20.84 -1.06 -22.53
C LYS D 1378 -22.22 -1.52 -22.09
N GLU D 1379 -23.19 -1.40 -23.00
CA GLU D 1379 -24.55 -1.85 -22.72
C GLU D 1379 -24.56 -3.29 -22.23
N ASN D 1380 -23.91 -4.18 -22.99
CA ASN D 1380 -23.95 -5.58 -22.62
C ASN D 1380 -23.06 -5.88 -21.43
N VAL D 1381 -22.08 -5.02 -21.15
CA VAL D 1381 -21.36 -5.11 -19.88
C VAL D 1381 -22.33 -4.91 -18.73
N ILE D 1382 -23.18 -3.87 -18.83
CA ILE D 1382 -24.12 -3.59 -17.77
C ILE D 1382 -25.14 -4.72 -17.63
N CYS D 1383 -25.64 -5.23 -18.76
CA CYS D 1383 -26.68 -6.24 -18.68
C CYS D 1383 -26.19 -7.55 -18.09
N GLY D 1384 -24.88 -7.72 -17.94
CA GLY D 1384 -24.34 -8.95 -17.39
C GLY D 1384 -24.44 -10.13 -18.34
N HIS D 1385 -24.10 -9.91 -19.61
CA HIS D 1385 -23.96 -10.98 -20.58
C HIS D 1385 -22.58 -10.87 -21.22
N LEU D 1386 -22.25 -11.84 -22.06
CA LEU D 1386 -20.93 -11.86 -22.69
C LEU D 1386 -20.83 -10.79 -23.75
N ILE D 1387 -19.74 -10.04 -23.73
CA ILE D 1387 -19.64 -8.79 -24.49
C ILE D 1387 -19.50 -9.06 -25.98
N PRO D 1388 -19.83 -8.08 -26.85
CA PRO D 1388 -19.73 -8.27 -28.30
C PRO D 1388 -18.32 -8.03 -28.85
N ALA D 1389 -17.33 -8.62 -28.21
CA ALA D 1389 -15.95 -8.55 -28.66
C ALA D 1389 -15.24 -9.73 -28.04
N GLY D 1390 -14.03 -10.02 -28.53
CA GLY D 1390 -13.50 -11.31 -28.17
C GLY D 1390 -14.52 -12.30 -28.70
N THR D 1391 -15.33 -12.87 -27.81
CA THR D 1391 -16.38 -13.78 -28.23
C THR D 1391 -17.32 -13.12 -29.24
N GLY D 1392 -17.73 -11.89 -28.95
CA GLY D 1392 -18.92 -11.38 -29.60
C GLY D 1392 -18.75 -10.84 -31.01
N LEU D 1393 -17.89 -11.44 -31.82
CA LEU D 1393 -18.02 -11.24 -33.25
C LEU D 1393 -18.24 -12.56 -33.97
N ARG D 1394 -17.33 -13.52 -33.78
CA ARG D 1394 -17.53 -14.90 -34.20
C ARG D 1394 -17.31 -15.78 -32.99
N ASP D 1395 -18.12 -16.83 -32.89
CA ASP D 1395 -18.51 -17.48 -31.63
C ASP D 1395 -19.49 -16.62 -30.85
N TYR D 1396 -19.99 -15.53 -31.44
CA TYR D 1396 -21.29 -15.03 -31.05
C TYR D 1396 -22.37 -15.76 -31.83
N GLU D 1397 -22.12 -15.97 -33.12
CA GLU D 1397 -22.65 -17.07 -33.89
C GLU D 1397 -21.80 -18.28 -33.52
N LYS D 1398 -21.78 -19.33 -34.33
CA LYS D 1398 -20.79 -20.38 -34.15
C LYS D 1398 -20.99 -21.10 -32.82
N LEU D 1399 -22.23 -21.49 -32.55
CA LEU D 1399 -22.58 -22.05 -31.25
C LEU D 1399 -23.38 -23.34 -31.34
N VAL D 1400 -23.69 -23.83 -32.54
CA VAL D 1400 -24.31 -25.14 -32.73
C VAL D 1400 -23.43 -25.93 -33.68
N VAL D 1401 -22.94 -27.08 -33.23
CA VAL D 1401 -23.22 -27.66 -31.91
C VAL D 1401 -22.50 -26.91 -30.78
N MET D 1402 -23.09 -26.98 -29.58
CA MET D 1402 -22.63 -26.29 -28.38
C MET D 1402 -21.12 -26.08 -28.27
N VAL E 8 -0.85 -40.15 -27.37
CA VAL E 8 0.49 -39.77 -26.98
C VAL E 8 0.48 -39.12 -25.61
N PRO E 9 1.39 -39.56 -24.73
CA PRO E 9 1.42 -39.01 -23.38
C PRO E 9 1.62 -37.51 -23.37
N MET E 10 1.01 -36.85 -22.39
CA MET E 10 1.15 -35.41 -22.22
C MET E 10 1.93 -35.03 -20.98
N ASP E 11 1.63 -35.62 -19.83
CA ASP E 11 2.33 -35.31 -18.57
C ASP E 11 2.30 -33.81 -18.30
N THR E 12 1.09 -33.34 -18.00
CA THR E 12 0.67 -31.95 -18.12
C THR E 12 1.72 -30.89 -17.81
N ILE E 13 1.86 -29.96 -18.73
CA ILE E 13 2.74 -28.80 -18.61
C ILE E 13 1.95 -27.58 -19.05
N THR E 14 2.63 -26.45 -19.17
CA THR E 14 2.06 -25.27 -19.80
C THR E 14 2.44 -25.22 -21.27
N ARG E 15 1.48 -24.83 -22.10
CA ARG E 15 1.57 -24.93 -23.54
C ARG E 15 2.02 -23.61 -24.15
N ASP E 16 2.79 -23.70 -25.24
CA ASP E 16 3.30 -22.53 -25.95
C ASP E 16 3.07 -22.73 -27.44
N MET E 17 2.30 -21.84 -28.06
CA MET E 17 1.68 -22.13 -29.35
C MET E 17 1.98 -21.09 -30.42
N VAL E 18 2.40 -21.57 -31.57
CA VAL E 18 2.16 -20.92 -32.84
C VAL E 18 1.54 -21.87 -33.86
N ARG E 19 1.67 -23.19 -33.64
CA ARG E 19 1.20 -24.19 -34.59
C ARG E 19 -0.29 -24.05 -34.87
N LEU E 20 -1.06 -23.61 -33.88
CA LEU E 20 -2.50 -23.46 -34.11
C LEU E 20 -2.81 -22.34 -35.09
N SER E 21 -1.86 -21.44 -35.36
CA SER E 21 -2.02 -20.49 -36.46
C SER E 21 -1.80 -21.13 -37.82
N GLU E 22 -1.19 -22.31 -37.87
CA GLU E 22 -1.05 -23.07 -39.11
C GLU E 22 -2.38 -23.69 -39.51
N ASP E 23 -2.88 -24.58 -38.66
CA ASP E 23 -4.06 -25.38 -39.00
C ASP E 23 -5.35 -24.62 -38.77
N THR E 24 -5.42 -23.80 -37.73
CA THR E 24 -6.63 -23.08 -37.38
C THR E 24 -6.46 -21.61 -37.75
N GLU E 25 -7.47 -21.05 -38.41
CA GLU E 25 -7.31 -19.74 -39.03
C GLU E 25 -7.10 -18.62 -38.02
N ASN E 26 -7.79 -18.68 -36.87
CA ASN E 26 -7.73 -17.60 -35.90
C ASN E 26 -7.48 -18.12 -34.50
N VAL E 27 -6.68 -17.37 -33.75
CA VAL E 27 -6.32 -17.77 -32.39
C VAL E 27 -7.55 -17.93 -31.53
N TYR E 28 -8.45 -16.95 -31.57
CA TYR E 28 -9.49 -16.89 -30.57
C TYR E 28 -10.55 -17.96 -30.85
N GLU E 29 -10.89 -18.13 -32.14
CA GLU E 29 -11.74 -19.23 -32.55
C GLU E 29 -11.10 -20.56 -32.16
N THR E 30 -9.78 -20.64 -32.28
CA THR E 30 -9.08 -21.84 -31.86
C THR E 30 -9.34 -22.10 -30.39
N VAL E 31 -9.23 -21.06 -29.56
CA VAL E 31 -9.46 -21.19 -28.14
C VAL E 31 -10.85 -21.75 -27.90
N MET E 32 -11.85 -21.18 -28.56
CA MET E 32 -13.21 -21.61 -28.30
C MET E 32 -13.46 -23.03 -28.75
N ILE E 33 -12.93 -23.43 -29.91
CA ILE E 33 -13.19 -24.79 -30.35
C ILE E 33 -12.49 -25.79 -29.45
N ILE E 34 -11.28 -25.45 -28.97
CA ILE E 34 -10.66 -26.28 -27.96
C ILE E 34 -11.57 -26.35 -26.74
N ALA E 35 -12.19 -25.23 -26.40
CA ALA E 35 -13.08 -25.21 -25.25
C ALA E 35 -14.23 -26.19 -25.44
N LYS E 36 -14.85 -26.17 -26.62
CA LYS E 36 -15.94 -27.10 -26.87
C LYS E 36 -15.48 -28.53 -26.77
N ARG E 37 -14.36 -28.85 -27.43
CA ARG E 37 -13.89 -30.22 -27.42
C ARG E 37 -13.59 -30.67 -26.00
N ALA E 38 -12.97 -29.79 -25.22
CA ALA E 38 -12.73 -30.08 -23.82
C ALA E 38 -14.03 -30.32 -23.09
N ASN E 39 -15.05 -29.53 -23.41
CA ASN E 39 -16.34 -29.71 -22.76
C ASN E 39 -16.86 -31.11 -23.01
N GLN E 40 -16.91 -31.52 -24.28
CA GLN E 40 -17.47 -32.83 -24.59
C GLN E 40 -16.64 -33.94 -23.96
N ILE E 41 -15.32 -33.80 -23.98
CA ILE E 41 -14.46 -34.82 -23.40
C ILE E 41 -14.73 -34.93 -21.91
N GLY E 42 -14.88 -33.79 -21.24
CA GLY E 42 -15.18 -33.81 -19.83
C GLY E 42 -16.53 -34.44 -19.53
N GLN E 43 -17.54 -34.11 -20.33
CA GLN E 43 -18.86 -34.69 -20.09
C GLN E 43 -18.82 -36.20 -20.25
N GLN E 44 -18.18 -36.68 -21.33
CA GLN E 44 -18.15 -38.12 -21.54
C GLN E 44 -17.37 -38.82 -20.42
N MET E 45 -16.25 -38.26 -20.00
CA MET E 45 -15.53 -38.93 -18.93
C MET E 45 -16.34 -38.90 -17.63
N LYS E 46 -16.98 -37.78 -17.33
CA LYS E 46 -17.68 -37.71 -16.06
C LYS E 46 -18.84 -38.68 -16.04
N GLN E 47 -19.58 -38.80 -17.14
CA GLN E 47 -20.68 -39.75 -17.16
C GLN E 47 -20.17 -41.18 -17.06
N ASP E 48 -19.08 -41.50 -17.77
CA ASP E 48 -18.54 -42.85 -17.72
C ASP E 48 -18.09 -43.21 -16.31
N LEU E 49 -17.29 -42.35 -15.70
CA LEU E 49 -16.86 -42.55 -14.32
C LEU E 49 -18.05 -42.71 -13.38
N GLU E 50 -19.02 -41.80 -13.45
CA GLU E 50 -20.10 -41.89 -12.47
C GLU E 50 -20.90 -43.17 -12.64
N LYS E 51 -21.24 -43.55 -13.87
CA LYS E 51 -22.01 -44.78 -14.06
C LYS E 51 -21.23 -45.99 -13.57
N LYS E 52 -19.98 -46.16 -14.02
CA LYS E 52 -19.28 -47.38 -13.66
C LYS E 52 -18.91 -47.41 -12.18
N LEU E 53 -18.63 -46.26 -11.57
CA LEU E 53 -18.32 -46.26 -10.14
C LEU E 53 -19.57 -46.53 -9.30
N GLN E 54 -20.72 -45.94 -9.66
CA GLN E 54 -21.92 -46.23 -8.88
C GLN E 54 -22.35 -47.67 -9.08
N ASP E 55 -22.04 -48.26 -10.24
CA ASP E 55 -22.24 -49.70 -10.41
C ASP E 55 -21.31 -50.48 -9.51
N PHE E 56 -20.05 -50.04 -9.41
CA PHE E 56 -19.06 -50.75 -8.59
C PHE E 56 -19.43 -50.72 -7.11
N SER E 57 -19.93 -49.58 -6.63
CA SER E 57 -20.23 -49.40 -5.22
C SER E 57 -21.73 -49.54 -4.93
N SER E 58 -22.49 -50.14 -5.83
CA SER E 58 -23.93 -50.29 -5.61
C SER E 58 -24.24 -51.14 -4.39
N SER E 59 -23.30 -52.00 -3.98
CA SER E 59 -23.57 -52.91 -2.86
C SER E 59 -23.72 -52.16 -1.54
N ASN E 60 -22.91 -51.11 -1.34
CA ASN E 60 -22.96 -50.37 -0.08
C ASN E 60 -22.33 -49.00 -0.28
N ASP E 61 -22.92 -47.99 0.37
CA ASP E 61 -22.47 -46.60 0.24
C ASP E 61 -22.05 -45.97 1.56
N ASN E 62 -21.75 -46.78 2.58
CA ASN E 62 -21.38 -46.22 3.87
C ASN E 62 -19.97 -45.62 3.83
N LEU E 63 -19.69 -44.78 4.82
CA LEU E 63 -18.39 -44.12 4.91
C LEU E 63 -17.27 -45.12 5.09
N GLU E 64 -17.46 -46.10 5.98
CA GLU E 64 -16.41 -47.06 6.31
C GLU E 64 -16.20 -48.10 5.21
N GLU E 65 -17.29 -48.55 4.58
CA GLU E 65 -17.24 -49.73 3.74
C GLU E 65 -16.50 -49.49 2.42
N VAL E 66 -16.36 -48.23 1.99
CA VAL E 66 -15.73 -47.95 0.71
C VAL E 66 -14.28 -48.41 0.71
N PHE E 67 -13.55 -48.15 1.79
CA PHE E 67 -12.21 -48.68 1.95
C PHE E 67 -12.32 -50.04 2.64
N GLU E 68 -12.32 -51.09 1.83
CA GLU E 68 -12.21 -52.45 2.32
C GLU E 68 -11.18 -53.25 1.53
N ASN E 69 -10.70 -52.72 0.41
CA ASN E 69 -9.77 -53.43 -0.46
C ASN E 69 -8.64 -52.55 -0.99
N ARG E 70 -8.77 -51.22 -0.98
CA ARG E 70 -7.74 -50.26 -1.36
C ARG E 70 -7.53 -50.23 -2.87
N GLU E 71 -8.19 -51.13 -3.60
CA GLU E 71 -8.00 -51.15 -5.05
C GLU E 71 -8.97 -50.20 -5.76
N GLN E 72 -10.19 -50.04 -5.24
CA GLN E 72 -11.07 -49.02 -5.80
C GLN E 72 -10.45 -47.64 -5.67
N ILE E 73 -9.84 -47.38 -4.51
CA ILE E 73 -9.12 -46.12 -4.31
C ILE E 73 -7.96 -46.03 -5.29
N GLU E 74 -7.26 -47.15 -5.52
CA GLU E 74 -6.11 -47.16 -6.41
C GLU E 74 -6.51 -46.82 -7.84
N ILE E 75 -7.60 -47.40 -8.34
CA ILE E 75 -8.06 -47.09 -9.68
C ILE E 75 -8.55 -45.64 -9.75
N SER E 76 -9.21 -45.19 -8.69
CA SER E 76 -9.67 -43.81 -8.66
C SER E 76 -8.50 -42.84 -8.76
N ARG E 77 -7.41 -43.09 -8.02
CA ARG E 77 -6.26 -42.19 -8.08
C ARG E 77 -5.45 -42.40 -9.34
N TYR E 78 -5.53 -43.57 -9.96
CA TYR E 78 -4.93 -43.73 -11.29
C TYR E 78 -5.61 -42.84 -12.31
N TYR E 79 -6.95 -42.87 -12.36
CA TYR E 79 -7.63 -41.98 -13.29
C TYR E 79 -7.44 -40.53 -12.89
N GLU E 80 -7.43 -40.27 -11.58
CA GLU E 80 -7.06 -38.97 -11.05
C GLU E 80 -5.65 -38.58 -11.47
N HIS E 81 -4.82 -39.55 -11.84
CA HIS E 81 -3.50 -39.29 -12.37
C HIS E 81 -3.53 -38.98 -13.85
N LEU E 82 -4.73 -38.91 -14.45
CA LEU E 82 -4.84 -38.62 -15.87
C LEU E 82 -5.10 -37.15 -16.11
N PRO E 83 -4.58 -36.61 -17.21
CA PRO E 83 -4.66 -35.18 -17.44
C PRO E 83 -6.10 -34.70 -17.59
N LYS E 84 -6.30 -33.43 -17.25
CA LYS E 84 -7.60 -32.81 -17.37
C LYS E 84 -7.98 -32.62 -18.84
N PRO E 85 -9.27 -32.48 -19.13
CA PRO E 85 -9.72 -32.51 -20.53
C PRO E 85 -9.03 -31.50 -21.45
N GLY E 86 -8.79 -30.28 -20.97
CA GLY E 86 -8.20 -29.27 -21.83
C GLY E 86 -6.86 -29.70 -22.40
N LEU E 87 -6.08 -30.39 -21.58
CA LEU E 87 -4.82 -30.95 -22.05
C LEU E 87 -5.05 -31.91 -23.20
N ILE E 88 -6.07 -32.76 -23.07
CA ILE E 88 -6.37 -33.73 -24.12
C ILE E 88 -6.73 -33.01 -25.41
N ALA E 89 -7.58 -32.00 -25.32
CA ALA E 89 -7.99 -31.28 -26.52
C ALA E 89 -6.80 -30.58 -27.17
N THR E 90 -5.97 -29.94 -26.37
CA THR E 90 -4.77 -29.32 -26.92
C THR E 90 -3.94 -30.34 -27.68
N ALA E 91 -3.64 -31.46 -27.01
CA ALA E 91 -2.87 -32.52 -27.65
C ALA E 91 -3.51 -32.97 -28.95
N GLU E 92 -4.84 -32.96 -28.99
CA GLU E 92 -5.52 -33.31 -30.23
C GLU E 92 -5.17 -32.31 -31.33
N TYR E 93 -5.03 -31.03 -30.98
CA TYR E 93 -4.59 -30.10 -32.02
C TYR E 93 -3.09 -30.12 -32.35
N GLU E 94 -2.19 -30.44 -31.44
CA GLU E 94 -0.83 -30.62 -31.97
C GLU E 94 -0.76 -31.84 -32.88
N GLN E 95 -1.46 -32.93 -32.52
CA GLN E 95 -1.65 -34.00 -33.49
C GLN E 95 -2.57 -33.60 -34.62
N ASP E 96 -3.39 -32.57 -34.40
CA ASP E 96 -4.24 -31.99 -35.45
C ASP E 96 -5.14 -33.03 -36.10
N LYS E 97 -5.61 -33.99 -35.31
CA LYS E 97 -6.54 -34.98 -35.85
C LYS E 97 -7.92 -34.38 -36.10
N LEU E 98 -8.22 -33.22 -35.53
CA LEU E 98 -9.53 -32.61 -35.69
C LEU E 98 -9.50 -31.60 -36.83
N TYR E 99 -10.69 -31.27 -37.35
CA TYR E 99 -10.82 -30.19 -38.31
C TYR E 99 -11.91 -29.24 -37.87
N HIS E 100 -11.68 -27.95 -38.06
CA HIS E 100 -12.64 -26.91 -37.68
C HIS E 100 -13.22 -26.29 -38.94
N ARG E 101 -14.52 -26.00 -38.89
CA ARG E 101 -15.18 -25.26 -39.95
C ARG E 101 -16.28 -24.42 -39.32
N MET E 102 -17.16 -23.88 -40.16
CA MET E 102 -18.25 -23.00 -39.73
C MET E 102 -19.16 -23.76 -38.76
N PRO E 103 -20.14 -23.08 -38.08
CA PRO E 103 -20.55 -23.51 -36.73
C PRO E 103 -20.69 -25.00 -36.46
N GLY E 104 -20.08 -25.44 -35.35
CA GLY E 104 -20.26 -26.79 -34.84
C GLY E 104 -19.27 -27.81 -35.34
N ALA E 105 -18.00 -27.42 -35.43
CA ALA E 105 -16.97 -28.34 -35.89
C ALA E 105 -16.77 -29.47 -34.89
N THR E 106 -16.50 -30.66 -35.40
CA THR E 106 -16.49 -31.87 -34.60
C THR E 106 -15.26 -32.69 -34.94
N SER E 107 -14.91 -33.59 -34.02
CA SER E 107 -13.76 -34.47 -34.18
C SER E 107 -13.88 -35.30 -35.45
N THR E 108 -12.75 -35.91 -35.83
CA THR E 108 -12.74 -36.90 -36.89
C THR E 108 -13.02 -38.30 -36.36
N ASN E 109 -14.08 -38.46 -35.58
CA ASN E 109 -14.47 -39.76 -35.08
C ASN E 109 -15.51 -40.43 -35.95
N ASP E 110 -16.32 -39.63 -36.66
CA ASP E 110 -17.32 -40.11 -37.60
C ASP E 110 -18.28 -41.10 -36.95
#